data_8DBD
#
_entry.id   8DBD
#
_cell.length_a   1.00
_cell.length_b   1.00
_cell.length_c   1.00
_cell.angle_alpha   90.00
_cell.angle_beta   90.00
_cell.angle_gamma   90.00
#
_symmetry.space_group_name_H-M   'P 1'
#
loop_
_entity.id
_entity.type
_entity.pdbx_description
1 polymer 'Ribose-phosphate pyrophosphokinase 1'
2 non-polymer 'PHOSPHATE ION'
#
_entity_poly.entity_id   1
_entity_poly.type   'polypeptide(L)'
_entity_poly.pdbx_seq_one_letter_code
;MPNIKIFSGSSHQDLSQKIADRLGLELGKVVTKKFSNQETCVEIGESVRGEDVYIVQSGCGEINDNLMELLIMINACKIA
SASRVTAVIPCFPYARQDKKDKSRAPISAKLVANMLSVAGADHIITMDLHASQIQGFFDIPVDNLYAEPAVLKWIRENIS
EWRNCTIVSPDAGGAKRVTSIADRLNVDFALIHKERKKANEVDRMVLVGDVKDRVAILVDDMADTCGTICHAADKLLSAG
ATRVYAILTHGIFSGPAISRINNACFEAVVVTNTIPQEDKMKHCSKIQVIDISMILAEAIRRTHNGESVSYLFSHVPL
;
_entity_poly.pdbx_strand_id   A,B,C,D,E,F,G,H,I,J,K,L
#
loop_
_chem_comp.id
_chem_comp.type
_chem_comp.name
_chem_comp.formula
PO4 non-polymer 'PHOSPHATE ION' 'O4 P -3'
#
# COMPACT_ATOMS: atom_id res chain seq x y z
N PRO A 2 4.38 4.71 -4.82
CA PRO A 2 4.46 5.37 -6.11
C PRO A 2 4.08 6.85 -6.03
N ASN A 3 5.02 7.71 -6.36
CA ASN A 3 4.84 9.15 -6.26
C ASN A 3 4.62 9.76 -7.64
N ILE A 4 4.10 10.98 -7.64
CA ILE A 4 3.92 11.71 -8.89
C ILE A 4 5.25 12.29 -9.34
N LYS A 5 5.59 12.06 -10.60
CA LYS A 5 6.71 12.73 -11.25
C LYS A 5 6.18 13.45 -12.47
N ILE A 6 6.40 14.75 -12.53
CA ILE A 6 5.95 15.57 -13.66
C ILE A 6 7.17 15.91 -14.50
N PHE A 7 7.12 15.59 -15.78
CA PHE A 7 8.18 15.93 -16.70
C PHE A 7 7.63 16.83 -17.79
N SER A 8 8.44 17.80 -18.20
CA SER A 8 8.05 18.76 -19.23
C SER A 8 8.77 18.45 -20.53
N GLY A 9 8.01 18.40 -21.61
CA GLY A 9 8.59 18.53 -22.92
C GLY A 9 8.93 19.97 -23.21
N SER A 10 9.61 20.19 -24.34
CA SER A 10 10.03 21.55 -24.67
C SER A 10 8.90 22.40 -25.22
N SER A 11 7.75 21.82 -25.55
CA SER A 11 6.69 22.58 -26.21
C SER A 11 6.12 23.67 -25.31
N HIS A 12 5.70 23.30 -24.09
CA HIS A 12 5.00 24.24 -23.23
C HIS A 12 5.55 24.11 -21.81
N GLN A 13 6.66 24.81 -21.55
CA GLN A 13 7.32 24.66 -20.26
C GLN A 13 6.64 25.48 -19.17
N ASP A 14 6.04 26.62 -19.54
CA ASP A 14 5.34 27.43 -18.56
C ASP A 14 4.13 26.68 -18.00
N LEU A 15 3.37 25.99 -18.86
CA LEU A 15 2.24 25.21 -18.39
C LEU A 15 2.69 24.09 -17.47
N SER A 16 3.77 23.40 -17.83
CA SER A 16 4.28 22.33 -16.98
C SER A 16 4.69 22.87 -15.62
N GLN A 17 5.34 24.03 -15.60
CA GLN A 17 5.72 24.63 -14.33
C GLN A 17 4.50 25.00 -13.49
N LYS A 18 3.49 25.59 -14.12
CA LYS A 18 2.27 25.92 -13.38
C LYS A 18 1.62 24.69 -12.78
N ILE A 19 1.56 23.60 -13.55
CA ILE A 19 0.99 22.36 -13.06
C ILE A 19 1.82 21.83 -11.89
N ALA A 20 3.14 21.88 -12.02
CA ALA A 20 4.01 21.38 -10.97
C ALA A 20 3.84 22.18 -9.68
N ASP A 21 3.74 23.50 -9.78
CA ASP A 21 3.49 24.32 -8.59
C ASP A 21 2.15 23.98 -7.96
N ARG A 22 1.11 23.81 -8.77
CA ARG A 22 -0.18 23.47 -8.19
C ARG A 22 -0.15 22.10 -7.52
N LEU A 23 0.70 21.20 -8.01
CA LEU A 23 0.84 19.91 -7.35
C LEU A 23 1.80 19.94 -6.17
N GLY A 24 2.48 21.06 -5.94
CA GLY A 24 3.47 21.12 -4.89
C GLY A 24 4.73 20.34 -5.19
N LEU A 25 5.09 20.19 -6.45
CA LEU A 25 6.22 19.38 -6.87
C LEU A 25 7.19 20.21 -7.70
N GLU A 26 8.41 19.72 -7.80
CA GLU A 26 9.36 20.26 -8.76
C GLU A 26 9.33 19.43 -10.03
N LEU A 27 9.35 20.15 -11.16
CA LEU A 27 9.26 19.50 -12.50
C LEU A 27 10.36 18.43 -12.57
N GLY A 28 10.02 17.24 -13.08
CA GLY A 28 11.06 16.23 -13.05
C GLY A 28 12.25 16.65 -13.89
N LYS A 29 13.43 16.24 -13.44
CA LYS A 29 14.66 16.57 -14.16
C LYS A 29 14.73 15.76 -15.45
N VAL A 30 14.69 16.45 -16.58
CA VAL A 30 14.83 15.82 -17.88
C VAL A 30 15.57 16.78 -18.80
N VAL A 31 16.46 16.24 -19.62
CA VAL A 31 17.12 16.99 -20.68
C VAL A 31 16.46 16.61 -22.00
N THR A 32 15.90 17.62 -22.66
CA THR A 32 15.17 17.40 -23.94
C THR A 32 15.66 18.43 -24.96
N LYS A 33 16.60 18.05 -25.82
CA LYS A 33 17.21 18.95 -26.79
C LYS A 33 17.34 18.20 -28.11
N LYS A 34 18.08 18.78 -29.04
CA LYS A 34 18.33 18.12 -30.31
C LYS A 34 19.82 17.94 -30.52
N PHE A 35 20.21 16.77 -30.99
CA PHE A 35 21.55 16.58 -31.50
C PHE A 35 21.78 17.47 -32.71
N SER A 36 23.04 17.53 -33.16
CA SER A 36 23.40 18.39 -34.29
C SER A 36 22.60 18.02 -35.54
N ASN A 37 22.46 16.72 -35.82
CA ASN A 37 21.71 16.26 -36.97
C ASN A 37 20.21 16.29 -36.77
N GLN A 38 19.73 16.96 -35.72
CA GLN A 38 18.33 17.22 -35.40
C GLN A 38 17.58 16.00 -34.88
N GLU A 39 18.29 14.96 -34.44
CA GLU A 39 17.62 13.88 -33.74
C GLU A 39 17.33 14.31 -32.31
N THR A 40 16.15 13.92 -31.81
CA THR A 40 15.73 14.32 -30.45
C THR A 40 16.53 13.57 -29.39
N CYS A 41 17.22 14.31 -28.53
CA CYS A 41 17.99 13.73 -27.44
C CYS A 41 17.21 13.90 -26.15
N VAL A 42 16.99 12.80 -25.44
CA VAL A 42 16.24 12.80 -24.20
C VAL A 42 17.06 12.05 -23.15
N GLU A 43 17.19 12.64 -21.98
CA GLU A 43 17.84 11.99 -20.84
C GLU A 43 17.03 12.27 -19.59
N ILE A 44 16.51 11.22 -18.96
CA ILE A 44 15.76 11.37 -17.71
C ILE A 44 16.78 11.54 -16.59
N GLY A 45 16.76 12.69 -15.94
CA GLY A 45 17.73 13.07 -14.95
C GLY A 45 17.47 12.58 -13.54
N GLU A 46 16.44 11.78 -13.34
CA GLU A 46 16.14 11.22 -12.03
C GLU A 46 15.49 9.86 -12.23
N SER A 47 15.55 9.04 -11.19
CA SER A 47 14.91 7.74 -11.24
C SER A 47 13.40 7.89 -11.25
N VAL A 48 12.74 7.19 -12.17
CA VAL A 48 11.28 7.13 -12.21
C VAL A 48 10.79 5.73 -11.87
N ARG A 49 11.56 4.92 -11.15
CA ARG A 49 11.14 3.51 -10.87
C ARG A 49 9.91 3.46 -9.94
N GLY A 50 8.91 2.67 -10.34
CA GLY A 50 7.71 2.51 -9.50
C GLY A 50 7.08 3.86 -9.24
N GLU A 51 7.25 4.82 -10.15
CA GLU A 51 6.57 6.09 -9.96
C GLU A 51 5.42 6.26 -10.94
N ASP A 52 4.52 7.16 -10.61
CA ASP A 52 3.41 7.55 -11.48
C ASP A 52 3.86 8.78 -12.25
N VAL A 53 4.21 8.58 -13.52
CA VAL A 53 4.87 9.60 -14.33
C VAL A 53 3.84 10.29 -15.20
N TYR A 54 3.88 11.63 -15.22
CA TYR A 54 3.04 12.43 -16.09
C TYR A 54 3.93 13.30 -16.95
N ILE A 55 3.80 13.18 -18.27
CA ILE A 55 4.60 13.92 -19.21
C ILE A 55 3.69 14.92 -19.91
N VAL A 56 3.99 16.21 -19.76
CA VAL A 56 3.16 17.27 -20.31
C VAL A 56 3.77 17.75 -21.62
N GLN A 57 2.99 17.66 -22.69
CA GLN A 57 3.44 18.06 -24.02
C GLN A 57 2.19 18.33 -24.86
N SER A 58 2.09 19.53 -25.41
CA SER A 58 0.95 19.86 -26.25
C SER A 58 1.31 19.78 -27.72
N GLY A 59 0.29 19.57 -28.55
CA GLY A 59 0.45 19.55 -29.99
C GLY A 59 0.47 20.94 -30.57
N CYS A 60 1.59 21.64 -30.39
CA CYS A 60 1.72 23.03 -30.78
C CYS A 60 3.13 23.28 -31.28
N GLY A 61 3.32 24.44 -31.88
CA GLY A 61 4.64 24.80 -32.39
C GLY A 61 5.09 23.82 -33.45
N GLU A 62 6.33 23.35 -33.33
CA GLU A 62 6.87 22.33 -34.22
C GLU A 62 6.26 20.98 -33.83
N ILE A 63 5.15 20.67 -34.48
CA ILE A 63 4.27 19.60 -33.99
C ILE A 63 4.95 18.25 -34.06
N ASN A 64 5.61 17.95 -35.19
CA ASN A 64 6.22 16.63 -35.32
C ASN A 64 7.41 16.46 -34.38
N ASP A 65 8.19 17.51 -34.18
CA ASP A 65 9.27 17.47 -33.19
C ASP A 65 8.73 17.23 -31.80
N ASN A 66 7.67 17.95 -31.41
CA ASN A 66 7.11 17.79 -30.07
C ASN A 66 6.51 16.40 -29.89
N LEU A 67 5.83 15.89 -30.91
CA LEU A 67 5.25 14.55 -30.83
C LEU A 67 6.32 13.49 -30.68
N MET A 68 7.40 13.61 -31.46
CA MET A 68 8.49 12.66 -31.31
C MET A 68 9.16 12.77 -29.95
N GLU A 69 9.35 13.99 -29.46
CA GLU A 69 9.85 14.18 -28.10
C GLU A 69 8.98 13.47 -27.09
N LEU A 70 7.66 13.63 -27.20
CA LEU A 70 6.76 12.97 -26.26
C LEU A 70 6.87 11.46 -26.33
N LEU A 71 6.90 10.90 -27.54
CA LEU A 71 7.00 9.46 -27.69
C LEU A 71 8.32 8.94 -27.11
N ILE A 72 9.41 9.65 -27.38
CA ILE A 72 10.71 9.24 -26.87
C ILE A 72 10.76 9.31 -25.35
N MET A 73 10.18 10.36 -24.77
CA MET A 73 10.15 10.47 -23.31
C MET A 73 9.30 9.38 -22.69
N ILE A 74 8.15 9.07 -23.30
CA ILE A 74 7.32 7.97 -22.81
C ILE A 74 8.10 6.67 -22.84
N ASN A 75 8.80 6.41 -23.95
CA ASN A 75 9.57 5.19 -24.06
C ASN A 75 10.66 5.12 -23.01
N ALA A 76 11.36 6.24 -22.80
CA ALA A 76 12.44 6.27 -21.82
C ALA A 76 11.91 5.99 -20.42
N CYS A 77 10.77 6.58 -20.06
CA CYS A 77 10.20 6.33 -18.75
C CYS A 77 9.70 4.89 -18.62
N LYS A 78 9.15 4.34 -19.69
CA LYS A 78 8.59 2.99 -19.63
C LYS A 78 9.69 1.95 -19.47
N ILE A 79 10.78 2.07 -20.23
CA ILE A 79 11.86 1.11 -20.07
C ILE A 79 12.71 1.41 -18.84
N ALA A 80 12.50 2.56 -18.20
CA ALA A 80 13.11 2.84 -16.90
C ALA A 80 12.26 2.34 -15.74
N SER A 81 11.24 1.51 -16.03
CA SER A 81 10.46 0.79 -15.01
C SER A 81 9.57 1.73 -14.20
N ALA A 82 9.03 2.76 -14.83
CA ALA A 82 7.99 3.54 -14.20
C ALA A 82 6.75 2.67 -14.00
N SER A 83 6.08 2.84 -12.85
CA SER A 83 4.90 2.02 -12.59
C SER A 83 3.78 2.34 -13.57
N ARG A 84 3.63 3.60 -13.93
CA ARG A 84 2.59 4.03 -14.83
C ARG A 84 3.04 5.31 -15.53
N VAL A 85 2.75 5.42 -16.82
CA VAL A 85 3.14 6.58 -17.61
C VAL A 85 1.87 7.17 -18.22
N THR A 86 1.66 8.46 -17.98
CA THR A 86 0.50 9.17 -18.49
C THR A 86 0.96 10.32 -19.38
N ALA A 87 0.35 10.44 -20.54
CA ALA A 87 0.62 11.56 -21.44
C ALA A 87 -0.43 12.64 -21.20
N VAL A 88 0.01 13.81 -20.79
CA VAL A 88 -0.86 14.96 -20.59
C VAL A 88 -0.70 15.83 -21.82
N ILE A 89 -1.67 15.77 -22.72
CA ILE A 89 -1.57 16.41 -24.03
C ILE A 89 -2.69 17.44 -24.14
N PRO A 90 -2.48 18.67 -23.68
CA PRO A 90 -3.58 19.65 -23.64
C PRO A 90 -4.24 19.88 -24.99
N CYS A 91 -3.46 19.97 -26.06
CA CYS A 91 -3.98 20.06 -27.41
C CYS A 91 -3.49 18.86 -28.19
N PHE A 92 -4.42 18.00 -28.61
CA PHE A 92 -4.05 16.73 -29.21
C PHE A 92 -3.63 16.92 -30.66
N PRO A 93 -2.42 16.51 -31.05
CA PRO A 93 -1.98 16.72 -32.42
C PRO A 93 -2.71 15.81 -33.40
N TYR A 94 -2.87 16.31 -34.62
CA TYR A 94 -3.54 15.62 -35.72
C TYR A 94 -5.00 15.29 -35.40
N ALA A 95 -5.59 15.98 -34.43
CA ALA A 95 -6.96 15.68 -34.04
C ALA A 95 -7.95 15.94 -35.17
N ARG A 96 -7.65 16.90 -36.04
CA ARG A 96 -8.55 17.22 -37.15
C ARG A 96 -8.49 16.21 -38.28
N GLN A 97 -7.50 15.30 -38.24
CA GLN A 97 -7.41 14.20 -39.24
C GLN A 97 -8.01 12.95 -38.59
N ASP A 98 -9.29 13.00 -38.23
CA ASP A 98 -9.96 11.93 -37.52
C ASP A 98 -10.81 11.04 -38.42
N LYS A 99 -10.75 11.24 -39.74
CA LYS A 99 -11.55 10.43 -40.67
C LYS A 99 -11.03 10.63 -42.07
N LYS A 100 -11.47 9.75 -42.98
CA LYS A 100 -11.05 9.79 -44.38
C LYS A 100 -12.00 10.61 -45.25
N ASP A 101 -13.30 10.26 -45.22
CA ASP A 101 -14.33 11.03 -45.90
C ASP A 101 -14.12 11.17 -47.40
N LYS A 102 -14.21 10.05 -48.13
CA LYS A 102 -14.16 10.04 -49.59
C LYS A 102 -12.82 10.51 -50.13
N SER A 103 -11.78 10.30 -49.34
CA SER A 103 -10.45 10.69 -49.76
C SER A 103 -9.48 9.57 -49.41
N ARG A 104 -8.47 9.37 -50.25
CA ARG A 104 -7.40 8.42 -49.94
C ARG A 104 -6.40 9.09 -49.01
N ALA A 105 -6.86 9.36 -47.82
CA ALA A 105 -6.14 10.10 -46.81
C ALA A 105 -5.83 9.20 -45.62
N PRO A 106 -4.82 9.53 -44.83
CA PRO A 106 -4.60 8.82 -43.58
C PRO A 106 -5.63 9.24 -42.54
N ILE A 107 -5.84 8.38 -41.55
CA ILE A 107 -6.49 8.80 -40.30
C ILE A 107 -5.34 9.05 -39.33
N SER A 108 -4.81 10.27 -39.38
CA SER A 108 -3.58 10.58 -38.65
C SER A 108 -3.80 10.55 -37.15
N ALA A 109 -4.98 10.93 -36.69
CA ALA A 109 -5.27 10.88 -35.26
C ALA A 109 -5.18 9.45 -34.74
N LYS A 110 -5.70 8.48 -35.50
CA LYS A 110 -5.59 7.09 -35.09
C LYS A 110 -4.13 6.64 -35.09
N LEU A 111 -3.34 7.08 -36.07
CA LEU A 111 -1.93 6.74 -36.10
C LEU A 111 -1.21 7.29 -34.87
N VAL A 112 -1.53 8.52 -34.48
CA VAL A 112 -0.92 9.12 -33.30
C VAL A 112 -1.32 8.33 -32.05
N ALA A 113 -2.60 7.95 -31.96
CA ALA A 113 -3.04 7.13 -30.83
C ALA A 113 -2.28 5.82 -30.75
N ASN A 114 -2.13 5.15 -31.90
CA ASN A 114 -1.39 3.89 -31.95
C ASN A 114 0.07 4.09 -31.54
N MET A 115 0.69 5.18 -31.99
CA MET A 115 2.08 5.44 -31.63
C MET A 115 2.22 5.70 -30.14
N LEU A 116 1.28 6.45 -29.56
CA LEU A 116 1.31 6.69 -28.12
C LEU A 116 1.16 5.39 -27.34
N SER A 117 0.27 4.51 -27.80
CA SER A 117 0.09 3.23 -27.13
C SER A 117 1.35 2.37 -27.24
N VAL A 118 1.96 2.34 -28.41
CA VAL A 118 3.11 1.46 -28.61
C VAL A 118 4.35 2.02 -27.93
N ALA A 119 4.41 3.34 -27.72
CA ALA A 119 5.51 3.90 -26.95
C ALA A 119 5.41 3.51 -25.48
N GLY A 120 4.22 3.19 -25.01
CA GLY A 120 4.05 2.69 -23.66
C GLY A 120 3.15 3.51 -22.77
N ALA A 121 2.38 4.42 -23.34
CA ALA A 121 1.46 5.21 -22.55
C ALA A 121 0.36 4.32 -21.98
N ASP A 122 0.11 4.47 -20.69
CA ASP A 122 -0.97 3.75 -20.02
C ASP A 122 -2.25 4.55 -19.93
N HIS A 123 -2.17 5.86 -20.11
CA HIS A 123 -3.28 6.77 -19.85
C HIS A 123 -3.03 8.07 -20.58
N ILE A 124 -4.12 8.69 -21.04
CA ILE A 124 -4.06 9.97 -21.74
C ILE A 124 -4.95 10.96 -21.03
N ILE A 125 -4.43 12.15 -20.76
CA ILE A 125 -5.23 13.28 -20.30
C ILE A 125 -5.12 14.37 -21.36
N THR A 126 -6.26 14.85 -21.84
CA THR A 126 -6.30 15.88 -22.87
C THR A 126 -7.49 16.79 -22.59
N MET A 127 -7.55 17.90 -23.32
CA MET A 127 -8.59 18.90 -23.15
C MET A 127 -9.27 19.19 -24.48
N ASP A 128 -10.59 19.09 -24.50
CA ASP A 128 -11.44 19.43 -25.66
C ASP A 128 -10.89 18.82 -26.95
N LEU A 129 -10.95 17.50 -27.01
CA LEU A 129 -10.64 16.80 -28.25
C LEU A 129 -11.52 17.33 -29.38
N HIS A 130 -10.91 17.49 -30.55
CA HIS A 130 -11.66 18.00 -31.70
C HIS A 130 -12.91 17.18 -31.96
N ALA A 131 -12.79 15.86 -31.91
CA ALA A 131 -13.92 14.95 -31.94
C ALA A 131 -13.75 13.96 -30.81
N SER A 132 -14.80 13.77 -30.01
CA SER A 132 -14.67 12.88 -28.86
C SER A 132 -14.55 11.42 -29.30
N GLN A 133 -14.89 11.12 -30.56
CA GLN A 133 -14.63 9.79 -31.10
C GLN A 133 -13.16 9.42 -31.05
N ILE A 134 -12.26 10.41 -30.95
CA ILE A 134 -10.83 10.11 -30.84
C ILE A 134 -10.56 9.29 -29.59
N GLN A 135 -11.42 9.40 -28.57
CA GLN A 135 -11.30 8.53 -27.41
C GLN A 135 -11.34 7.06 -27.79
N GLY A 136 -12.17 6.71 -28.78
CA GLY A 136 -12.24 5.34 -29.25
C GLY A 136 -11.06 4.90 -30.07
N PHE A 137 -10.21 5.83 -30.50
CA PHE A 137 -8.99 5.45 -31.20
C PHE A 137 -8.00 4.77 -30.26
N PHE A 138 -8.19 4.88 -28.96
CA PHE A 138 -7.30 4.28 -27.99
C PHE A 138 -7.93 3.01 -27.40
N ASP A 139 -7.07 2.15 -26.88
CA ASP A 139 -7.53 1.09 -25.99
C ASP A 139 -7.23 1.38 -24.53
N ILE A 140 -6.33 2.31 -24.24
CA ILE A 140 -6.06 2.77 -22.89
C ILE A 140 -7.10 3.82 -22.51
N PRO A 141 -7.35 4.06 -21.22
CA PRO A 141 -8.30 5.12 -20.83
C PRO A 141 -7.83 6.49 -21.30
N VAL A 142 -8.79 7.31 -21.70
CA VAL A 142 -8.52 8.70 -22.10
C VAL A 142 -9.48 9.59 -21.33
N ASP A 143 -8.94 10.54 -20.59
CA ASP A 143 -9.75 11.55 -19.91
C ASP A 143 -9.72 12.82 -20.74
N ASN A 144 -10.86 13.15 -21.34
CA ASN A 144 -11.00 14.35 -22.15
C ASN A 144 -11.64 15.42 -21.29
N LEU A 145 -10.83 16.34 -20.78
CA LEU A 145 -11.33 17.41 -19.95
C LEU A 145 -12.00 18.49 -20.79
N TYR A 146 -12.74 19.36 -20.12
CA TYR A 146 -13.48 20.43 -20.78
C TYR A 146 -13.07 21.77 -20.19
N ALA A 147 -12.82 22.72 -21.09
CA ALA A 147 -12.54 24.09 -20.66
C ALA A 147 -13.80 24.84 -20.30
N GLU A 148 -14.98 24.25 -20.50
CA GLU A 148 -16.25 24.95 -20.31
C GLU A 148 -16.43 25.57 -18.93
N PRO A 149 -16.17 24.86 -17.79
CA PRO A 149 -16.22 25.50 -16.46
C PRO A 149 -15.47 26.84 -16.51
N ALA A 150 -14.29 26.87 -17.14
CA ALA A 150 -13.47 28.11 -17.18
C ALA A 150 -14.02 29.09 -18.22
N VAL A 151 -14.55 28.61 -19.35
CA VAL A 151 -15.13 29.54 -20.31
C VAL A 151 -16.35 30.23 -19.72
N LEU A 152 -17.22 29.47 -19.05
CA LEU A 152 -18.39 30.03 -18.40
C LEU A 152 -17.99 31.03 -17.34
N LYS A 153 -16.99 30.68 -16.55
CA LYS A 153 -16.47 31.61 -15.55
C LYS A 153 -15.99 32.91 -16.20
N TRP A 154 -15.22 32.80 -17.27
CA TRP A 154 -14.72 34.00 -17.95
C TRP A 154 -15.88 34.84 -18.49
N ILE A 155 -16.87 34.19 -19.10
CA ILE A 155 -17.98 34.92 -19.67
C ILE A 155 -18.72 35.71 -18.59
N ARG A 156 -18.99 35.06 -17.47
CA ARG A 156 -19.72 35.74 -16.40
C ARG A 156 -18.91 36.90 -15.83
N GLU A 157 -17.60 36.72 -15.64
CA GLU A 157 -16.83 37.79 -15.00
C GLU A 157 -16.28 38.82 -15.97
N ASN A 158 -16.48 38.67 -17.28
CA ASN A 158 -15.90 39.63 -18.22
C ASN A 158 -16.91 40.27 -19.15
N ILE A 159 -18.05 39.66 -19.41
CA ILE A 159 -19.06 40.22 -20.30
C ILE A 159 -20.23 40.63 -19.41
N SER A 160 -20.42 41.95 -19.26
CA SER A 160 -21.43 42.46 -18.35
C SER A 160 -22.84 42.12 -18.81
N GLU A 161 -23.05 42.00 -20.12
CA GLU A 161 -24.36 41.70 -20.68
C GLU A 161 -24.57 40.23 -20.94
N TRP A 162 -23.89 39.35 -20.20
CA TRP A 162 -23.86 37.94 -20.57
C TRP A 162 -25.24 37.29 -20.46
N ARG A 163 -26.13 37.86 -19.66
CA ARG A 163 -27.46 37.27 -19.52
C ARG A 163 -28.32 37.52 -20.75
N ASN A 164 -27.99 38.53 -21.56
CA ASN A 164 -28.71 38.80 -22.79
C ASN A 164 -27.90 38.48 -24.04
N CYS A 165 -26.82 37.74 -23.91
CA CYS A 165 -25.96 37.45 -25.04
C CYS A 165 -26.49 36.28 -25.85
N THR A 166 -25.93 36.11 -27.04
CA THR A 166 -26.21 34.95 -27.88
C THR A 166 -24.92 34.18 -28.12
N ILE A 167 -24.93 32.90 -27.82
CA ILE A 167 -23.80 32.02 -28.10
C ILE A 167 -23.93 31.51 -29.51
N VAL A 168 -22.89 31.68 -30.33
CA VAL A 168 -22.96 31.43 -31.76
C VAL A 168 -21.93 30.37 -32.14
N SER A 169 -22.39 29.39 -32.88
CA SER A 169 -21.47 28.44 -33.49
C SER A 169 -20.98 28.98 -34.83
N PRO A 170 -19.68 28.94 -35.11
CA PRO A 170 -19.20 29.36 -36.43
C PRO A 170 -19.64 28.45 -37.56
N ASP A 171 -19.97 27.19 -37.26
CA ASP A 171 -20.35 26.22 -38.28
C ASP A 171 -21.37 25.26 -37.67
N ALA A 172 -21.91 24.38 -38.53
CA ALA A 172 -22.87 23.40 -38.04
C ALA A 172 -22.19 22.35 -37.16
N GLY A 173 -20.88 22.15 -37.33
CA GLY A 173 -20.19 21.13 -36.59
C GLY A 173 -20.11 21.38 -35.10
N GLY A 174 -19.91 22.63 -34.70
CA GLY A 174 -19.74 22.96 -33.31
C GLY A 174 -20.99 23.25 -32.53
N ALA A 175 -22.16 23.12 -33.15
CA ALA A 175 -23.41 23.54 -32.52
C ALA A 175 -23.60 22.90 -31.16
N LYS A 176 -23.35 21.59 -31.07
CA LYS A 176 -23.44 20.90 -29.78
C LYS A 176 -22.77 21.70 -28.69
N ARG A 177 -21.49 22.03 -28.90
CA ARG A 177 -20.73 22.77 -27.90
C ARG A 177 -21.47 24.04 -27.49
N VAL A 178 -21.88 24.84 -28.48
CA VAL A 178 -22.49 26.12 -28.10
C VAL A 178 -23.80 25.88 -27.37
N THR A 179 -24.55 24.85 -27.78
CA THR A 179 -25.80 24.58 -27.08
C THR A 179 -25.52 24.26 -25.62
N SER A 180 -24.48 23.45 -25.37
CA SER A 180 -24.10 23.18 -23.99
C SER A 180 -23.89 24.48 -23.23
N ILE A 181 -23.09 25.38 -23.80
CA ILE A 181 -22.83 26.64 -23.13
C ILE A 181 -24.13 27.42 -22.98
N ALA A 182 -24.95 27.45 -24.03
CA ALA A 182 -26.19 28.18 -23.97
C ALA A 182 -27.09 27.62 -22.88
N ASP A 183 -27.01 26.30 -22.65
CA ASP A 183 -27.80 25.71 -21.59
C ASP A 183 -27.30 26.14 -20.22
N ARG A 184 -25.98 26.26 -20.05
CA ARG A 184 -25.43 26.57 -18.74
C ARG A 184 -25.56 28.04 -18.38
N LEU A 185 -25.75 28.91 -19.37
CA LEU A 185 -25.92 30.33 -19.14
C LEU A 185 -27.36 30.80 -19.23
N ASN A 186 -28.27 29.98 -19.78
CA ASN A 186 -29.65 30.36 -20.04
C ASN A 186 -29.71 31.59 -20.95
N VAL A 187 -29.17 31.41 -22.15
CA VAL A 187 -29.14 32.43 -23.19
C VAL A 187 -29.50 31.78 -24.52
N ASP A 188 -29.69 32.62 -25.53
CA ASP A 188 -30.00 32.13 -26.86
C ASP A 188 -28.74 31.58 -27.52
N PHE A 189 -28.94 30.69 -28.49
CA PHE A 189 -27.84 30.15 -29.28
C PHE A 189 -28.20 30.25 -30.75
N ALA A 190 -27.24 30.69 -31.55
CA ALA A 190 -27.37 30.88 -32.98
C ALA A 190 -26.38 30.01 -33.73
N LEU A 191 -26.74 29.66 -34.95
CA LEU A 191 -25.87 28.93 -35.86
C LEU A 191 -25.57 29.78 -37.08
N ILE A 192 -24.40 29.51 -37.67
CA ILE A 192 -23.96 30.17 -38.89
C ILE A 192 -23.38 29.09 -39.79
N HIS A 193 -23.86 29.04 -41.05
CA HIS A 193 -23.31 28.06 -42.03
C HIS A 193 -23.15 28.74 -43.38
N LYS A 194 -22.15 28.34 -44.17
CA LYS A 194 -21.94 28.88 -45.51
C LYS A 194 -22.75 28.09 -46.52
N GLU A 195 -23.27 28.81 -47.51
CA GLU A 195 -24.11 28.21 -48.55
C GLU A 195 -23.26 27.66 -49.69
N ASP A 203 -19.62 31.45 -50.69
CA ASP A 203 -18.85 32.44 -49.96
C ASP A 203 -19.75 33.23 -49.01
N ARG A 204 -21.05 33.03 -49.13
CA ARG A 204 -22.02 33.68 -48.26
C ARG A 204 -22.32 32.80 -47.06
N MET A 205 -22.65 33.45 -45.95
CA MET A 205 -23.02 32.77 -44.72
C MET A 205 -24.46 33.13 -44.34
N VAL A 206 -25.17 32.16 -43.78
CA VAL A 206 -26.53 32.35 -43.31
C VAL A 206 -26.56 32.11 -41.81
N LEU A 207 -27.24 33.01 -41.10
CA LEU A 207 -27.35 33.05 -39.65
C LEU A 207 -28.79 32.86 -39.21
N VAL A 208 -28.98 31.97 -38.24
CA VAL A 208 -30.30 31.73 -37.67
C VAL A 208 -30.25 32.16 -36.22
N GLY A 209 -31.20 32.97 -35.80
CA GLY A 209 -31.23 33.47 -34.44
C GLY A 209 -31.03 34.96 -34.35
N ASP A 210 -31.89 35.63 -33.58
CA ASP A 210 -31.79 37.08 -33.42
C ASP A 210 -30.52 37.45 -32.68
N VAL A 211 -29.74 38.36 -33.26
CA VAL A 211 -28.52 38.85 -32.64
C VAL A 211 -28.48 40.37 -32.57
N LYS A 212 -29.53 41.07 -32.99
CA LYS A 212 -29.52 42.52 -33.00
C LYS A 212 -29.53 43.07 -31.58
N ASP A 213 -28.72 44.09 -31.34
CA ASP A 213 -28.60 44.80 -30.07
C ASP A 213 -28.13 43.89 -28.94
N ARG A 214 -27.62 42.70 -29.27
CA ARG A 214 -27.17 41.74 -28.28
C ARG A 214 -25.71 41.43 -28.51
N VAL A 215 -25.00 41.12 -27.42
CA VAL A 215 -23.61 40.68 -27.54
C VAL A 215 -23.59 39.26 -28.06
N ALA A 216 -22.77 39.00 -29.06
CA ALA A 216 -22.61 37.67 -29.62
C ALA A 216 -21.28 37.09 -29.20
N ILE A 217 -21.26 35.79 -28.90
CA ILE A 217 -20.06 35.09 -28.46
C ILE A 217 -19.89 33.87 -29.34
N LEU A 218 -19.00 33.94 -30.32
CA LEU A 218 -18.62 32.76 -31.08
C LEU A 218 -17.84 31.82 -30.17
N VAL A 219 -18.13 30.52 -30.26
CA VAL A 219 -17.44 29.54 -29.43
C VAL A 219 -16.89 28.43 -30.31
N ASP A 220 -15.66 28.00 -30.04
CA ASP A 220 -15.05 26.95 -30.84
C ASP A 220 -13.90 26.26 -30.11
N ASP A 221 -13.55 25.09 -30.64
CA ASP A 221 -12.46 24.32 -30.08
C ASP A 221 -11.11 24.90 -30.45
N MET A 222 -10.98 25.35 -31.71
CA MET A 222 -9.63 25.80 -32.16
C MET A 222 -9.67 26.86 -33.26
N ALA A 223 -8.75 27.83 -33.17
CA ALA A 223 -8.58 28.83 -34.20
C ALA A 223 -7.20 28.65 -34.81
N ASP A 224 -7.14 28.11 -36.03
CA ASP A 224 -5.87 27.92 -36.69
C ASP A 224 -5.51 29.11 -37.58
N THR A 225 -6.27 29.31 -38.64
CA THR A 225 -6.04 30.45 -39.51
C THR A 225 -7.07 31.54 -39.30
N CYS A 226 -8.12 31.24 -38.53
CA CYS A 226 -9.16 32.18 -38.11
C CYS A 226 -9.99 32.70 -39.27
N GLY A 227 -9.96 32.04 -40.43
CA GLY A 227 -10.87 32.41 -41.49
C GLY A 227 -12.31 32.18 -41.08
N THR A 228 -12.58 31.04 -40.45
CA THR A 228 -13.94 30.71 -40.03
C THR A 228 -14.51 31.75 -39.08
N ILE A 229 -13.78 32.05 -38.01
CA ILE A 229 -14.32 32.97 -37.02
C ILE A 229 -14.36 34.39 -37.54
N CYS A 230 -13.43 34.77 -38.41
CA CYS A 230 -13.47 36.12 -38.95
C CYS A 230 -14.66 36.31 -39.89
N HIS A 231 -14.94 35.32 -40.74
CA HIS A 231 -16.13 35.38 -41.57
C HIS A 231 -17.39 35.41 -40.72
N ALA A 232 -17.44 34.57 -39.69
CA ALA A 232 -18.60 34.55 -38.80
C ALA A 232 -18.78 35.90 -38.12
N ALA A 233 -17.70 36.53 -37.68
CA ALA A 233 -17.81 37.81 -37.01
C ALA A 233 -18.29 38.90 -37.97
N ASP A 234 -17.80 38.87 -39.21
CA ASP A 234 -18.30 39.82 -40.20
C ASP A 234 -19.81 39.64 -40.39
N LYS A 235 -20.26 38.41 -40.49
CA LYS A 235 -21.70 38.17 -40.63
C LYS A 235 -22.47 38.64 -39.41
N LEU A 236 -21.93 38.41 -38.21
CA LEU A 236 -22.62 38.83 -36.99
C LEU A 236 -22.75 40.34 -36.93
N LEU A 237 -21.70 41.07 -37.32
CA LEU A 237 -21.84 42.53 -37.37
C LEU A 237 -22.81 42.96 -38.46
N SER A 238 -22.88 42.21 -39.56
CA SER A 238 -23.88 42.52 -40.58
C SER A 238 -25.29 42.41 -40.02
N ALA A 239 -25.52 41.42 -39.16
CA ALA A 239 -26.85 41.17 -38.60
C ALA A 239 -27.13 42.00 -37.35
N GLY A 240 -26.44 43.11 -37.15
CA GLY A 240 -26.83 44.05 -36.12
C GLY A 240 -26.35 43.75 -34.72
N ALA A 241 -25.39 42.85 -34.56
CA ALA A 241 -24.85 42.55 -33.25
C ALA A 241 -24.12 43.77 -32.69
N THR A 242 -24.12 43.89 -31.36
CA THR A 242 -23.48 45.04 -30.73
C THR A 242 -21.98 44.85 -30.64
N ARG A 243 -21.55 43.77 -29.97
CA ARG A 243 -20.15 43.39 -29.93
C ARG A 243 -20.06 41.90 -30.21
N VAL A 244 -18.95 41.48 -30.80
CA VAL A 244 -18.71 40.07 -31.09
C VAL A 244 -17.44 39.64 -30.37
N TYR A 245 -17.55 38.59 -29.58
CA TYR A 245 -16.44 37.92 -28.93
C TYR A 245 -16.20 36.59 -29.61
N ALA A 246 -14.97 36.08 -29.48
CA ALA A 246 -14.65 34.73 -29.89
C ALA A 246 -13.95 34.04 -28.75
N ILE A 247 -14.39 32.84 -28.39
CA ILE A 247 -13.80 32.07 -27.32
C ILE A 247 -13.45 30.69 -27.86
N LEU A 248 -12.17 30.34 -27.80
CA LEU A 248 -11.66 29.09 -28.33
C LEU A 248 -10.80 28.41 -27.27
N THR A 249 -10.90 27.10 -27.21
CA THR A 249 -10.05 26.42 -26.24
C THR A 249 -8.60 26.32 -26.73
N HIS A 250 -8.39 26.18 -28.03
CA HIS A 250 -7.04 26.05 -28.58
C HIS A 250 -6.72 27.21 -29.53
N GLY A 251 -5.83 28.10 -29.10
CA GLY A 251 -5.37 29.19 -29.92
C GLY A 251 -4.13 28.90 -30.74
N ILE A 252 -4.26 28.15 -31.84
CA ILE A 252 -3.09 27.80 -32.63
C ILE A 252 -2.54 29.03 -33.35
N PHE A 253 -3.42 29.79 -34.02
CA PHE A 253 -3.07 31.08 -34.62
C PHE A 253 -1.92 30.98 -35.62
N SER A 254 -2.01 30.01 -36.52
CA SER A 254 -0.95 29.86 -37.51
C SER A 254 -1.29 30.64 -38.77
N GLY A 255 -0.28 30.82 -39.62
CA GLY A 255 -0.45 31.51 -40.88
C GLY A 255 -0.84 32.96 -40.72
N PRO A 256 -1.91 33.36 -41.41
CA PRO A 256 -2.35 34.77 -41.37
C PRO A 256 -3.32 35.09 -40.25
N ALA A 257 -3.44 34.24 -39.23
CA ALA A 257 -4.47 34.42 -38.23
C ALA A 257 -4.34 35.74 -37.49
N ILE A 258 -3.11 36.14 -37.16
CA ILE A 258 -2.92 37.35 -36.37
C ILE A 258 -3.33 38.58 -37.16
N SER A 259 -2.96 38.64 -38.43
CA SER A 259 -3.36 39.78 -39.26
C SER A 259 -4.87 39.84 -39.41
N ARG A 260 -5.51 38.69 -39.65
CA ARG A 260 -6.96 38.67 -39.82
C ARG A 260 -7.67 39.11 -38.54
N ILE A 261 -7.21 38.64 -37.39
CA ILE A 261 -7.81 39.04 -36.13
C ILE A 261 -7.61 40.54 -35.91
N ASN A 262 -6.41 41.05 -36.20
CA ASN A 262 -6.17 42.47 -36.07
C ASN A 262 -7.08 43.28 -36.96
N ASN A 263 -7.42 42.76 -38.15
CA ASN A 263 -8.33 43.47 -39.04
C ASN A 263 -9.79 43.12 -38.78
N ALA A 264 -10.07 42.23 -37.83
CA ALA A 264 -11.46 41.84 -37.56
C ALA A 264 -12.08 42.74 -36.50
N CYS A 265 -13.37 42.55 -36.29
CA CYS A 265 -14.16 43.40 -35.41
C CYS A 265 -14.30 42.85 -34.00
N PHE A 266 -13.59 41.78 -33.66
CA PHE A 266 -13.71 41.17 -32.36
C PHE A 266 -13.40 42.17 -31.25
N GLU A 267 -14.25 42.16 -30.22
CA GLU A 267 -13.89 42.87 -29.00
C GLU A 267 -12.72 42.18 -28.31
N ALA A 268 -12.73 40.86 -28.29
CA ALA A 268 -11.66 40.08 -27.69
C ALA A 268 -11.65 38.70 -28.35
N VAL A 269 -10.49 38.08 -28.37
CA VAL A 269 -10.34 36.69 -28.79
C VAL A 269 -9.76 35.95 -27.59
N VAL A 270 -10.61 35.27 -26.86
CA VAL A 270 -10.21 34.55 -25.66
C VAL A 270 -9.86 33.13 -26.04
N VAL A 271 -8.69 32.67 -25.60
CA VAL A 271 -8.27 31.29 -25.83
C VAL A 271 -7.76 30.74 -24.52
N THR A 272 -7.83 29.42 -24.38
CA THR A 272 -7.17 28.87 -23.20
C THR A 272 -5.66 28.79 -23.41
N ASN A 273 -4.93 28.52 -22.32
CA ASN A 273 -3.49 28.33 -22.47
C ASN A 273 -3.11 26.86 -22.60
N THR A 274 -3.81 26.11 -23.46
CA THR A 274 -3.32 24.78 -23.83
C THR A 274 -2.12 24.89 -24.74
N ILE A 275 -1.94 26.04 -25.37
CA ILE A 275 -0.86 26.33 -26.29
C ILE A 275 -0.25 27.64 -25.79
N PRO A 276 1.07 27.78 -25.73
CA PRO A 276 1.65 29.05 -25.27
C PRO A 276 1.23 30.20 -26.17
N GLN A 277 0.94 31.35 -25.56
CA GLN A 277 0.37 32.47 -26.28
C GLN A 277 1.17 33.76 -26.18
N GLU A 278 2.30 33.77 -25.48
CA GLU A 278 2.99 35.03 -25.20
C GLU A 278 3.41 35.73 -26.49
N ASP A 279 3.93 34.98 -27.45
CA ASP A 279 4.38 35.59 -28.71
C ASP A 279 3.22 36.20 -29.48
N LYS A 280 2.09 35.49 -29.53
CA LYS A 280 0.92 36.01 -30.25
C LYS A 280 0.34 37.24 -29.57
N MET A 281 0.34 37.27 -28.24
CA MET A 281 -0.16 38.44 -27.52
C MET A 281 0.66 39.68 -27.82
N LYS A 282 1.95 39.51 -28.13
CA LYS A 282 2.78 40.64 -28.48
C LYS A 282 2.27 41.35 -29.73
N HIS A 283 1.86 40.58 -30.74
CA HIS A 283 1.44 41.13 -32.01
C HIS A 283 -0.07 41.26 -32.14
N CYS A 284 -0.85 40.88 -31.13
CA CYS A 284 -2.30 40.97 -31.23
C CYS A 284 -2.83 41.42 -29.87
N SER A 285 -3.38 42.64 -29.83
CA SER A 285 -3.81 43.22 -28.58
C SER A 285 -5.04 42.54 -28.01
N LYS A 286 -5.93 42.04 -28.86
CA LYS A 286 -7.23 41.57 -28.41
C LYS A 286 -7.25 40.08 -28.04
N ILE A 287 -6.10 39.41 -28.06
CA ILE A 287 -6.04 38.05 -27.55
C ILE A 287 -5.97 38.07 -26.04
N GLN A 288 -6.79 37.26 -25.39
CA GLN A 288 -6.77 37.10 -23.94
C GLN A 288 -6.69 35.62 -23.62
N VAL A 289 -6.15 35.30 -22.44
CA VAL A 289 -5.92 33.85 -22.10
C VAL A 289 -6.70 33.41 -20.86
N ILE A 290 -7.37 32.25 -20.91
CA ILE A 290 -8.03 31.69 -19.70
C ILE A 290 -7.14 30.55 -19.18
N ASP A 291 -6.67 30.65 -17.95
CA ASP A 291 -5.85 29.59 -17.37
C ASP A 291 -6.70 28.35 -17.15
N ILE A 292 -6.24 27.21 -17.67
CA ILE A 292 -6.87 25.93 -17.38
C ILE A 292 -5.92 25.01 -16.65
N SER A 293 -4.80 25.54 -16.15
CA SER A 293 -3.85 24.71 -15.41
C SER A 293 -4.45 24.14 -14.13
N MET A 294 -5.44 24.81 -13.54
CA MET A 294 -6.09 24.23 -12.36
C MET A 294 -6.86 22.97 -12.73
N ILE A 295 -7.54 22.96 -13.88
CA ILE A 295 -8.27 21.78 -14.30
C ILE A 295 -7.31 20.62 -14.56
N LEU A 296 -6.21 20.90 -15.26
CA LEU A 296 -5.24 19.86 -15.55
C LEU A 296 -4.58 19.33 -14.28
N ALA A 297 -4.22 20.23 -13.37
CA ALA A 297 -3.61 19.81 -12.12
C ALA A 297 -4.56 18.97 -11.29
N GLU A 298 -5.83 19.39 -11.22
CA GLU A 298 -6.81 18.61 -10.47
C GLU A 298 -7.05 17.26 -11.12
N ALA A 299 -7.06 17.20 -12.45
CA ALA A 299 -7.21 15.91 -13.11
C ALA A 299 -6.04 14.98 -12.82
N ILE A 300 -4.82 15.52 -12.84
CA ILE A 300 -3.64 14.71 -12.51
C ILE A 300 -3.75 14.19 -11.09
N ARG A 301 -4.10 15.07 -10.17
CA ARG A 301 -4.15 14.71 -8.76
C ARG A 301 -5.26 13.71 -8.48
N ARG A 302 -6.38 13.82 -9.20
CA ARG A 302 -7.48 12.88 -9.00
C ARG A 302 -7.20 11.53 -9.63
N THR A 303 -6.55 11.50 -10.79
CA THR A 303 -6.14 10.21 -11.35
C THR A 303 -5.13 9.53 -10.44
N HIS A 304 -4.21 10.32 -9.86
CA HIS A 304 -3.24 9.72 -8.95
C HIS A 304 -3.89 9.17 -7.68
N ASN A 305 -4.83 9.91 -7.10
CA ASN A 305 -5.43 9.50 -5.84
C ASN A 305 -6.65 8.62 -6.02
N GLY A 306 -7.02 8.30 -7.25
CA GLY A 306 -8.21 7.50 -7.46
C GLY A 306 -9.51 8.20 -7.17
N GLU A 307 -9.54 9.53 -7.19
CA GLU A 307 -10.80 10.24 -7.05
C GLU A 307 -11.47 10.42 -8.41
N SER A 308 -12.71 10.89 -8.38
CA SER A 308 -13.47 11.06 -9.60
C SER A 308 -12.92 12.22 -10.43
N VAL A 309 -12.65 11.94 -11.71
CA VAL A 309 -12.22 12.99 -12.62
C VAL A 309 -13.42 13.70 -13.24
N SER A 310 -14.49 12.95 -13.50
CA SER A 310 -15.66 13.52 -14.17
C SER A 310 -16.33 14.60 -13.32
N TYR A 311 -16.00 14.64 -12.03
CA TYR A 311 -16.42 15.72 -11.14
C TYR A 311 -16.04 17.07 -11.73
N LEU A 312 -14.92 17.11 -12.45
CA LEU A 312 -14.41 18.34 -13.06
C LEU A 312 -15.20 18.77 -14.29
N PHE A 313 -16.05 17.91 -14.85
CA PHE A 313 -16.81 18.32 -16.04
C PHE A 313 -17.73 19.49 -15.74
N SER A 314 -18.12 19.67 -14.49
CA SER A 314 -19.07 20.70 -14.13
C SER A 314 -18.60 21.61 -12.99
N HIS A 315 -17.43 21.37 -12.40
CA HIS A 315 -16.99 22.10 -11.23
C HIS A 315 -15.63 22.73 -11.48
N VAL A 316 -15.54 24.04 -11.24
CA VAL A 316 -14.24 24.71 -11.29
C VAL A 316 -13.51 24.50 -9.96
N PRO A 317 -12.31 23.92 -9.95
CA PRO A 317 -11.57 23.69 -8.71
C PRO A 317 -10.73 24.90 -8.29
N PRO B 2 -7.85 -17.78 -56.00
CA PRO B 2 -8.80 -17.38 -54.95
C PRO B 2 -10.09 -16.82 -55.52
N ASN B 3 -11.20 -17.49 -55.25
CA ASN B 3 -12.50 -17.13 -55.78
C ASN B 3 -13.34 -16.44 -54.72
N ILE B 4 -14.38 -15.75 -55.18
CA ILE B 4 -15.32 -15.13 -54.26
C ILE B 4 -16.28 -16.17 -53.70
N LYS B 5 -16.43 -16.17 -52.39
CA LYS B 5 -17.45 -16.96 -51.71
C LYS B 5 -18.30 -16.00 -50.90
N ILE B 6 -19.60 -15.99 -51.15
CA ILE B 6 -20.54 -15.12 -50.45
C ILE B 6 -21.32 -15.99 -49.48
N PHE B 7 -21.30 -15.64 -48.21
CA PHE B 7 -22.07 -16.34 -47.19
C PHE B 7 -23.06 -15.37 -46.56
N SER B 8 -24.25 -15.87 -46.26
CA SER B 8 -25.30 -15.08 -45.67
C SER B 8 -25.47 -15.43 -44.20
N GLY B 9 -25.51 -14.43 -43.35
CA GLY B 9 -26.06 -14.59 -42.03
C GLY B 9 -27.58 -14.61 -42.09
N SER B 10 -28.19 -14.89 -40.95
CA SER B 10 -29.64 -14.99 -40.92
C SER B 10 -30.33 -13.63 -40.91
N SER B 11 -29.60 -12.55 -40.70
CA SER B 11 -30.24 -11.24 -40.54
C SER B 11 -30.94 -10.78 -41.82
N HIS B 12 -30.22 -10.79 -42.95
CA HIS B 12 -30.75 -10.22 -44.18
C HIS B 12 -30.42 -11.16 -45.34
N GLN B 13 -31.27 -12.17 -45.53
CA GLN B 13 -30.97 -13.18 -46.53
C GLN B 13 -31.35 -12.72 -47.93
N ASP B 14 -32.38 -11.88 -48.05
CA ASP B 14 -32.76 -11.34 -49.34
C ASP B 14 -31.66 -10.48 -49.94
N LEU B 15 -31.04 -9.63 -49.12
CA LEU B 15 -29.94 -8.81 -49.59
C LEU B 15 -28.76 -9.66 -50.04
N SER B 16 -28.44 -10.69 -49.25
CA SER B 16 -27.34 -11.58 -49.63
C SER B 16 -27.62 -12.26 -50.95
N GLN B 17 -28.86 -12.70 -51.16
CA GLN B 17 -29.22 -13.34 -52.42
C GLN B 17 -29.11 -12.35 -53.58
N LYS B 18 -29.58 -11.12 -53.39
CA LYS B 18 -29.47 -10.12 -54.46
C LYS B 18 -28.01 -9.87 -54.82
N ILE B 19 -27.15 -9.76 -53.80
CA ILE B 19 -25.73 -9.55 -54.04
C ILE B 19 -25.14 -10.74 -54.79
N ALA B 20 -25.50 -11.95 -54.38
CA ALA B 20 -24.98 -13.15 -55.03
C ALA B 20 -25.40 -13.23 -56.49
N ASP B 21 -26.66 -12.91 -56.79
CA ASP B 21 -27.10 -12.87 -58.18
C ASP B 21 -26.35 -11.83 -58.99
N ARG B 22 -26.14 -10.64 -58.42
CA ARG B 22 -25.40 -9.63 -59.17
C ARG B 22 -23.95 -10.06 -59.40
N LEU B 23 -23.39 -10.86 -58.50
CA LEU B 23 -22.05 -11.38 -58.71
C LEU B 23 -22.02 -12.62 -59.59
N GLY B 24 -23.18 -13.15 -59.98
CA GLY B 24 -23.21 -14.38 -60.74
C GLY B 24 -22.82 -15.61 -59.96
N LEU B 25 -23.06 -15.61 -58.65
CA LEU B 25 -22.63 -16.69 -57.77
C LEU B 25 -23.82 -17.25 -57.01
N GLU B 26 -23.65 -18.46 -56.49
CA GLU B 26 -24.60 -19.00 -55.54
C GLU B 26 -24.10 -18.75 -54.12
N LEU B 27 -25.05 -18.34 -53.27
CA LEU B 27 -24.72 -17.99 -51.87
C LEU B 27 -23.97 -19.16 -51.25
N GLY B 28 -22.88 -18.89 -50.52
CA GLY B 28 -22.15 -20.04 -50.02
C GLY B 28 -23.01 -20.87 -49.08
N LYS B 29 -22.78 -22.18 -49.12
CA LYS B 29 -23.53 -23.09 -48.25
C LYS B 29 -23.08 -22.91 -46.81
N VAL B 30 -23.98 -22.45 -45.96
CA VAL B 30 -23.71 -22.33 -44.53
C VAL B 30 -25.01 -22.62 -43.78
N VAL B 31 -24.88 -23.32 -42.66
CA VAL B 31 -25.98 -23.53 -41.74
C VAL B 31 -25.78 -22.61 -40.55
N THR B 32 -26.76 -21.72 -40.35
CA THR B 32 -26.68 -20.71 -39.26
C THR B 32 -28.01 -20.74 -38.49
N LYS B 33 -28.06 -21.45 -37.36
CA LYS B 33 -29.27 -21.61 -36.57
C LYS B 33 -28.89 -21.47 -35.10
N LYS B 34 -29.82 -21.83 -34.23
CA LYS B 34 -29.55 -21.82 -32.81
C LYS B 34 -29.76 -23.20 -32.21
N PHE B 35 -28.85 -23.61 -31.35
CA PHE B 35 -29.07 -24.77 -30.52
C PHE B 35 -30.25 -24.51 -29.59
N SER B 36 -30.69 -25.57 -28.90
CA SER B 36 -31.84 -25.46 -28.01
C SER B 36 -31.61 -24.43 -26.91
N ASN B 37 -30.41 -24.40 -26.34
CA ASN B 37 -30.07 -23.44 -25.29
C ASN B 37 -29.72 -22.07 -25.83
N GLN B 38 -30.00 -21.82 -27.11
CA GLN B 38 -29.87 -20.53 -27.80
C GLN B 38 -28.43 -20.16 -28.12
N GLU B 39 -27.50 -21.10 -28.07
CA GLU B 39 -26.17 -20.83 -28.58
C GLU B 39 -26.18 -20.89 -30.10
N THR B 40 -25.43 -19.98 -30.71
CA THR B 40 -25.40 -19.89 -32.19
C THR B 40 -24.62 -21.06 -32.79
N CYS B 41 -25.27 -21.84 -33.64
CA CYS B 41 -24.65 -22.97 -34.31
C CYS B 41 -24.34 -22.57 -35.75
N VAL B 42 -23.08 -22.71 -36.14
CA VAL B 42 -22.62 -22.36 -37.48
C VAL B 42 -21.86 -23.55 -38.05
N GLU B 43 -22.18 -23.90 -39.29
CA GLU B 43 -21.45 -24.94 -40.01
C GLU B 43 -21.23 -24.48 -41.44
N ILE B 44 -19.98 -24.32 -41.85
CA ILE B 44 -19.67 -23.94 -43.23
C ILE B 44 -19.79 -25.19 -44.09
N GLY B 45 -20.73 -25.18 -45.02
CA GLY B 45 -21.07 -26.32 -45.83
C GLY B 45 -20.23 -26.54 -47.06
N GLU B 46 -19.20 -25.73 -47.27
CA GLU B 46 -18.30 -25.90 -48.39
C GLU B 46 -16.92 -25.43 -47.98
N SER B 47 -15.91 -25.91 -48.70
CA SER B 47 -14.55 -25.50 -48.44
C SER B 47 -14.36 -24.04 -48.82
N VAL B 48 -13.76 -23.27 -47.92
CA VAL B 48 -13.38 -21.89 -48.19
C VAL B 48 -11.88 -21.71 -48.22
N ARG B 49 -11.11 -22.78 -48.49
CA ARG B 49 -9.61 -22.68 -48.46
C ARG B 49 -9.08 -21.78 -49.59
N GLY B 50 -8.20 -20.84 -49.23
CA GLY B 50 -7.60 -19.95 -50.24
C GLY B 50 -8.67 -19.23 -51.01
N GLU B 51 -9.83 -18.99 -50.39
CA GLU B 51 -10.83 -18.20 -51.08
C GLU B 51 -10.97 -16.82 -50.48
N ASP B 52 -11.55 -15.91 -51.25
CA ASP B 52 -11.87 -14.56 -50.80
C ASP B 52 -13.31 -14.58 -50.32
N VAL B 53 -13.50 -14.59 -49.01
CA VAL B 53 -14.80 -14.84 -48.39
C VAL B 53 -15.43 -13.51 -48.01
N TYR B 54 -16.69 -13.34 -48.35
CA TYR B 54 -17.47 -12.16 -47.96
C TYR B 54 -18.69 -12.64 -47.20
N ILE B 55 -18.85 -12.17 -45.97
CA ILE B 55 -19.97 -12.55 -45.11
C ILE B 55 -20.86 -11.34 -44.95
N VAL B 56 -22.11 -11.47 -45.38
CA VAL B 56 -23.07 -10.36 -45.37
C VAL B 56 -23.95 -10.50 -44.14
N GLN B 57 -23.95 -9.48 -43.29
CA GLN B 57 -24.73 -9.46 -42.06
C GLN B 57 -24.91 -8.02 -41.63
N SER B 58 -26.14 -7.58 -41.48
CA SER B 58 -26.40 -6.21 -41.06
C SER B 58 -26.74 -6.15 -39.58
N GLY B 59 -26.52 -4.98 -38.99
CA GLY B 59 -26.85 -4.74 -37.61
C GLY B 59 -28.31 -4.38 -37.44
N CYS B 60 -29.18 -5.38 -37.54
CA CYS B 60 -30.62 -5.19 -37.55
C CYS B 60 -31.28 -6.34 -36.83
N GLY B 61 -32.56 -6.18 -36.55
CA GLY B 61 -33.31 -7.23 -35.88
C GLY B 61 -32.74 -7.51 -34.51
N GLU B 62 -32.53 -8.79 -34.21
CA GLU B 62 -31.90 -9.21 -32.97
C GLU B 62 -30.40 -8.96 -33.09
N ILE B 63 -29.99 -7.77 -32.65
CA ILE B 63 -28.69 -7.23 -33.01
C ILE B 63 -27.56 -8.07 -32.40
N ASN B 64 -27.69 -8.42 -31.13
CA ASN B 64 -26.61 -9.16 -30.49
C ASN B 64 -26.49 -10.58 -31.04
N ASP B 65 -27.62 -11.21 -31.36
CA ASP B 65 -27.59 -12.52 -32.01
C ASP B 65 -26.91 -12.43 -33.37
N ASN B 66 -27.27 -11.43 -34.17
CA ASN B 66 -26.69 -11.29 -35.50
C ASN B 66 -25.20 -10.99 -35.42
N LEU B 67 -24.80 -10.15 -34.48
CA LEU B 67 -23.39 -9.81 -34.32
C LEU B 67 -22.59 -11.03 -33.90
N MET B 68 -23.10 -11.83 -32.96
CA MET B 68 -22.42 -13.05 -32.59
C MET B 68 -22.37 -14.05 -33.73
N GLU B 69 -23.45 -14.18 -34.49
CA GLU B 69 -23.43 -15.00 -35.69
C GLU B 69 -22.32 -14.57 -36.64
N LEU B 70 -22.20 -13.26 -36.88
CA LEU B 70 -21.18 -12.77 -37.78
C LEU B 70 -19.78 -13.09 -37.26
N LEU B 71 -19.54 -12.86 -35.97
CA LEU B 71 -18.23 -13.14 -35.41
C LEU B 71 -17.89 -14.63 -35.49
N ILE B 72 -18.86 -15.48 -35.20
CA ILE B 72 -18.64 -16.92 -35.25
C ILE B 72 -18.37 -17.37 -36.68
N MET B 73 -19.11 -16.83 -37.65
CA MET B 73 -18.87 -17.19 -39.05
C MET B 73 -17.50 -16.73 -39.51
N ILE B 74 -17.10 -15.51 -39.12
CA ILE B 74 -15.76 -15.04 -39.46
C ILE B 74 -14.70 -15.96 -38.89
N ASN B 75 -14.87 -16.36 -37.63
CA ASN B 75 -13.90 -17.24 -37.00
C ASN B 75 -13.84 -18.59 -37.71
N ALA B 76 -15.01 -19.13 -38.05
CA ALA B 76 -15.05 -20.42 -38.73
C ALA B 76 -14.35 -20.36 -40.07
N CYS B 77 -14.57 -19.28 -40.84
CA CYS B 77 -13.90 -19.16 -42.12
C CYS B 77 -12.40 -18.93 -41.96
N LYS B 78 -12.00 -18.19 -40.93
CA LYS B 78 -10.58 -17.90 -40.74
C LYS B 78 -9.80 -19.14 -40.33
N ILE B 79 -10.34 -19.95 -39.41
CA ILE B 79 -9.62 -21.16 -39.04
C ILE B 79 -9.82 -22.26 -40.08
N ALA B 80 -10.71 -22.07 -41.05
CA ALA B 80 -10.81 -22.95 -42.20
C ALA B 80 -9.88 -22.56 -43.33
N SER B 81 -8.94 -21.64 -43.07
CA SER B 81 -7.86 -21.29 -43.99
C SER B 81 -8.35 -20.54 -45.22
N ALA B 82 -9.35 -19.68 -45.04
CA ALA B 82 -9.71 -18.75 -46.09
C ALA B 82 -8.57 -17.77 -46.31
N SER B 83 -8.31 -17.43 -47.58
CA SER B 83 -7.22 -16.51 -47.86
C SER B 83 -7.50 -15.13 -47.30
N ARG B 84 -8.75 -14.69 -47.35
CA ARG B 84 -9.13 -13.38 -46.87
C ARG B 84 -10.60 -13.43 -46.47
N VAL B 85 -10.94 -12.77 -45.37
CA VAL B 85 -12.31 -12.73 -44.88
C VAL B 85 -12.73 -11.29 -44.76
N THR B 86 -13.84 -10.94 -45.40
CA THR B 86 -14.38 -9.59 -45.39
C THR B 86 -15.77 -9.61 -44.78
N ALA B 87 -16.03 -8.68 -43.86
CA ALA B 87 -17.35 -8.51 -43.29
C ALA B 87 -18.08 -7.42 -44.04
N VAL B 88 -19.20 -7.78 -44.66
CA VAL B 88 -20.05 -6.83 -45.36
C VAL B 88 -21.20 -6.50 -44.43
N ILE B 89 -21.13 -5.34 -43.79
CA ILE B 89 -22.06 -4.97 -42.74
C ILE B 89 -22.82 -3.73 -43.18
N PRO B 90 -23.92 -3.87 -43.91
CA PRO B 90 -24.58 -2.68 -44.47
C PRO B 90 -24.97 -1.64 -43.43
N CYS B 91 -25.49 -2.06 -42.28
CA CYS B 91 -25.77 -1.17 -41.17
C CYS B 91 -24.91 -1.61 -39.99
N PHE B 92 -24.00 -0.75 -39.57
CA PHE B 92 -23.01 -1.12 -38.56
C PHE B 92 -23.62 -1.09 -37.17
N PRO B 93 -23.59 -2.18 -36.43
CA PRO B 93 -24.20 -2.19 -35.10
C PRO B 93 -23.41 -1.36 -34.09
N TYR B 94 -24.13 -0.79 -33.14
CA TYR B 94 -23.58 0.05 -32.08
C TYR B 94 -22.87 1.28 -32.61
N ALA B 95 -23.16 1.68 -33.84
CA ALA B 95 -22.49 2.82 -34.44
C ALA B 95 -22.78 4.12 -33.68
N ARG B 96 -23.96 4.22 -33.07
CA ARG B 96 -24.31 5.44 -32.34
C ARG B 96 -23.62 5.54 -30.99
N GLN B 97 -22.99 4.45 -30.54
CA GLN B 97 -22.19 4.48 -29.27
C GLN B 97 -20.73 4.67 -29.67
N ASP B 98 -20.41 5.79 -30.31
CA ASP B 98 -19.08 6.05 -30.83
C ASP B 98 -18.25 6.98 -29.93
N LYS B 99 -18.75 7.33 -28.75
CA LYS B 99 -18.04 8.22 -27.85
C LYS B 99 -18.66 8.14 -26.46
N LYS B 100 -17.94 8.69 -25.47
CA LYS B 100 -18.39 8.68 -24.09
C LYS B 100 -19.15 9.95 -23.73
N ASP B 101 -18.54 11.12 -23.94
CA ASP B 101 -19.19 12.42 -23.77
C ASP B 101 -19.71 12.65 -22.36
N LYS B 102 -18.81 12.77 -21.39
CA LYS B 102 -19.14 13.14 -20.01
C LYS B 102 -20.02 12.08 -19.33
N SER B 103 -19.87 10.84 -19.78
CA SER B 103 -20.62 9.75 -19.18
C SER B 103 -19.70 8.57 -18.98
N ARG B 104 -19.92 7.82 -17.90
CA ARG B 104 -19.19 6.57 -17.68
C ARG B 104 -19.84 5.46 -18.50
N ALA B 105 -19.71 5.61 -19.79
CA ALA B 105 -20.33 4.76 -20.78
C ALA B 105 -19.28 4.00 -21.56
N PRO B 106 -19.64 2.86 -22.16
CA PRO B 106 -18.71 2.20 -23.08
C PRO B 106 -18.66 2.95 -24.40
N ILE B 107 -17.56 2.74 -25.13
CA ILE B 107 -17.53 3.07 -26.56
C ILE B 107 -17.79 1.76 -27.28
N SER B 108 -19.08 1.44 -27.45
CA SER B 108 -19.47 0.13 -27.93
C SER B 108 -19.05 -0.10 -29.37
N ALA B 109 -19.04 0.96 -30.18
CA ALA B 109 -18.59 0.82 -31.56
C ALA B 109 -17.14 0.37 -31.63
N LYS B 110 -16.29 0.93 -30.78
CA LYS B 110 -14.91 0.50 -30.72
C LYS B 110 -14.80 -0.95 -30.27
N LEU B 111 -15.62 -1.35 -29.30
CA LEU B 111 -15.62 -2.74 -28.85
C LEU B 111 -16.00 -3.68 -29.99
N VAL B 112 -17.02 -3.30 -30.76
CA VAL B 112 -17.44 -4.12 -31.90
C VAL B 112 -16.32 -4.20 -32.93
N ALA B 113 -15.65 -3.08 -33.20
CA ALA B 113 -14.52 -3.10 -34.13
C ALA B 113 -13.42 -4.03 -33.65
N ASN B 114 -13.09 -3.97 -32.36
CA ASN B 114 -12.08 -4.85 -31.79
C ASN B 114 -12.48 -6.31 -31.90
N MET B 115 -13.77 -6.61 -31.65
CA MET B 115 -14.23 -7.98 -31.72
C MET B 115 -14.17 -8.50 -33.16
N LEU B 116 -14.53 -7.66 -34.13
CA LEU B 116 -14.44 -8.05 -35.53
C LEU B 116 -12.99 -8.32 -35.92
N SER B 117 -12.07 -7.49 -35.46
CA SER B 117 -10.66 -7.71 -35.76
C SER B 117 -10.15 -8.99 -35.13
N VAL B 118 -10.53 -9.26 -33.89
CA VAL B 118 -9.99 -10.42 -33.18
C VAL B 118 -10.65 -11.70 -33.70
N ALA B 119 -11.85 -11.61 -34.26
CA ALA B 119 -12.45 -12.78 -34.88
C ALA B 119 -11.72 -13.17 -36.15
N GLY B 120 -11.05 -12.21 -36.78
CA GLY B 120 -10.22 -12.51 -37.93
C GLY B 120 -10.60 -11.78 -39.20
N ALA B 121 -11.42 -10.74 -39.10
CA ALA B 121 -11.78 -9.97 -40.28
C ALA B 121 -10.57 -9.23 -40.81
N ASP B 122 -10.35 -9.32 -42.11
CA ASP B 122 -9.28 -8.60 -42.78
C ASP B 122 -9.73 -7.29 -43.38
N HIS B 123 -11.03 -7.12 -43.56
CA HIS B 123 -11.58 -6.00 -44.31
C HIS B 123 -13.04 -5.83 -43.95
N ILE B 124 -13.50 -4.59 -43.93
CA ILE B 124 -14.88 -4.24 -43.63
C ILE B 124 -15.46 -3.44 -44.78
N ILE B 125 -16.64 -3.83 -45.24
CA ILE B 125 -17.44 -3.03 -46.16
C ILE B 125 -18.72 -2.67 -45.46
N THR B 126 -19.03 -1.38 -45.41
CA THR B 126 -20.24 -0.89 -44.75
C THR B 126 -20.78 0.30 -45.55
N MET B 127 -21.98 0.73 -45.18
CA MET B 127 -22.66 1.82 -45.87
C MET B 127 -23.10 2.88 -44.87
N ASP B 128 -22.70 4.13 -45.12
CA ASP B 128 -23.11 5.30 -44.34
C ASP B 128 -22.95 5.05 -42.83
N LEU B 129 -21.70 4.92 -42.41
CA LEU B 129 -21.39 4.86 -41.00
C LEU B 129 -21.95 6.09 -40.29
N HIS B 130 -22.52 5.87 -39.11
CA HIS B 130 -23.10 6.98 -38.35
C HIS B 130 -22.11 8.11 -38.16
N ALA B 131 -20.87 7.78 -37.81
CA ALA B 131 -19.77 8.72 -37.79
C ALA B 131 -18.60 8.09 -38.52
N SER B 132 -18.01 8.82 -39.46
CA SER B 132 -16.92 8.26 -40.25
C SER B 132 -15.67 8.04 -39.40
N GLN B 133 -15.61 8.66 -38.22
CA GLN B 133 -14.53 8.36 -37.28
C GLN B 133 -14.50 6.90 -36.88
N ILE B 134 -15.61 6.17 -37.05
CA ILE B 134 -15.61 4.74 -36.75
C ILE B 134 -14.60 4.01 -37.61
N GLN B 135 -14.28 4.56 -38.79
CA GLN B 135 -13.22 3.99 -39.60
C GLN B 135 -11.90 3.91 -38.83
N GLY B 136 -11.62 4.91 -38.02
CA GLY B 136 -10.42 4.91 -37.21
C GLY B 136 -10.45 3.94 -36.05
N PHE B 137 -11.62 3.40 -35.71
CA PHE B 137 -11.70 2.38 -34.68
C PHE B 137 -11.06 1.08 -35.13
N PHE B 138 -10.82 0.92 -36.43
CA PHE B 138 -10.21 -0.29 -36.95
C PHE B 138 -8.74 -0.06 -37.28
N ASP B 139 -7.98 -1.15 -37.34
CA ASP B 139 -6.68 -1.13 -37.96
C ASP B 139 -6.68 -1.78 -39.34
N ILE B 140 -7.70 -2.55 -39.66
CA ILE B 140 -7.89 -3.13 -41.00
C ILE B 140 -8.56 -2.09 -41.88
N PRO B 141 -8.43 -2.18 -43.21
CA PRO B 141 -9.14 -1.22 -44.08
C PRO B 141 -10.64 -1.33 -43.94
N VAL B 142 -11.31 -0.18 -44.00
CA VAL B 142 -12.76 -0.10 -43.95
C VAL B 142 -13.21 0.73 -45.15
N ASP B 143 -14.07 0.15 -45.98
CA ASP B 143 -14.69 0.89 -47.08
C ASP B 143 -16.09 1.28 -46.67
N ASN B 144 -16.29 2.58 -46.45
CA ASN B 144 -17.59 3.13 -46.07
C ASN B 144 -18.26 3.66 -47.32
N LEU B 145 -19.19 2.88 -47.86
CA LEU B 145 -19.91 3.28 -49.06
C LEU B 145 -20.97 4.32 -48.73
N TYR B 146 -21.47 4.98 -49.77
CA TYR B 146 -22.47 6.01 -49.62
C TYR B 146 -23.70 5.67 -50.45
N ALA B 147 -24.86 5.84 -49.83
CA ALA B 147 -26.12 5.66 -50.55
C ALA B 147 -26.47 6.88 -51.39
N GLU B 148 -25.69 7.95 -51.31
CA GLU B 148 -26.04 9.21 -51.97
C GLU B 148 -26.26 9.09 -53.47
N PRO B 149 -25.37 8.42 -54.28
CA PRO B 149 -25.67 8.19 -55.70
C PRO B 149 -27.12 7.71 -55.86
N ALA B 150 -27.55 6.76 -55.02
CA ALA B 150 -28.92 6.19 -55.14
C ALA B 150 -29.97 7.15 -54.57
N VAL B 151 -29.66 7.90 -53.50
CA VAL B 151 -30.63 8.86 -53.00
C VAL B 151 -30.88 9.95 -54.03
N LEU B 152 -29.81 10.47 -54.63
CA LEU B 152 -29.93 11.49 -55.67
C LEU B 152 -30.73 10.97 -56.85
N LYS B 153 -30.44 9.73 -57.26
CA LYS B 153 -31.21 9.12 -58.33
C LYS B 153 -32.68 9.05 -57.98
N TRP B 154 -33.01 8.59 -56.77
CA TRP B 154 -34.40 8.50 -56.36
C TRP B 154 -35.07 9.87 -56.36
N ILE B 155 -34.37 10.89 -55.84
CA ILE B 155 -34.95 12.22 -55.77
C ILE B 155 -35.28 12.73 -57.15
N ARG B 156 -34.35 12.57 -58.09
CA ARG B 156 -34.59 13.07 -59.45
C ARG B 156 -35.73 12.32 -60.11
N GLU B 157 -35.80 10.99 -59.94
CA GLU B 157 -36.84 10.26 -60.66
C GLU B 157 -38.16 10.16 -59.92
N ASN B 158 -38.28 10.69 -58.70
CA ASN B 158 -39.53 10.56 -57.96
C ASN B 158 -40.14 11.86 -57.51
N ILE B 159 -39.36 12.93 -57.36
CA ILE B 159 -39.87 14.22 -56.92
C ILE B 159 -39.81 15.14 -58.13
N SER B 160 -40.97 15.48 -58.68
CA SER B 160 -41.01 16.27 -59.91
C SER B 160 -40.49 17.68 -59.70
N GLU B 161 -40.63 18.22 -58.49
CA GLU B 161 -40.19 19.57 -58.19
C GLU B 161 -38.80 19.63 -57.59
N TRP B 162 -37.96 18.64 -57.88
CA TRP B 162 -36.72 18.50 -57.12
C TRP B 162 -35.76 19.66 -57.36
N ARG B 163 -35.92 20.38 -58.48
CA ARG B 163 -35.04 21.52 -58.73
C ARG B 163 -35.37 22.71 -57.86
N ASN B 164 -36.58 22.77 -57.31
CA ASN B 164 -36.97 23.85 -56.41
C ASN B 164 -37.13 23.38 -54.98
N CYS B 165 -36.63 22.19 -54.63
CA CYS B 165 -36.83 21.65 -53.30
C CYS B 165 -35.78 22.21 -52.34
N THR B 166 -36.01 21.98 -51.05
CA THR B 166 -35.05 22.31 -50.01
C THR B 166 -34.67 21.04 -49.27
N ILE B 167 -33.37 20.76 -49.20
CA ILE B 167 -32.86 19.63 -48.43
C ILE B 167 -32.67 20.08 -46.99
N VAL B 168 -33.26 19.34 -46.05
CA VAL B 168 -33.34 19.77 -44.66
C VAL B 168 -32.65 18.74 -43.78
N SER B 169 -31.79 19.22 -42.91
CA SER B 169 -31.23 18.39 -41.86
C SER B 169 -32.16 18.38 -40.66
N PRO B 170 -32.47 17.22 -40.09
CA PRO B 170 -33.29 17.19 -38.86
C PRO B 170 -32.58 17.78 -37.66
N ASP B 171 -31.25 17.82 -37.66
CA ASP B 171 -30.49 18.33 -36.53
C ASP B 171 -29.21 18.97 -37.05
N ALA B 172 -28.45 19.58 -36.13
CA ALA B 172 -27.20 20.20 -36.52
C ALA B 172 -26.16 19.15 -36.90
N GLY B 173 -26.30 17.94 -36.39
CA GLY B 173 -25.30 16.92 -36.63
C GLY B 173 -25.22 16.46 -38.07
N GLY B 174 -26.36 16.35 -38.74
CA GLY B 174 -26.38 15.84 -40.10
C GLY B 174 -26.20 16.86 -41.19
N ALA B 175 -25.97 18.12 -40.84
CA ALA B 175 -25.93 19.20 -41.83
C ALA B 175 -24.98 18.90 -42.96
N LYS B 176 -23.77 18.44 -42.63
CA LYS B 176 -22.79 18.07 -43.65
C LYS B 176 -23.45 17.23 -44.74
N ARG B 177 -24.09 16.13 -44.35
CA ARG B 177 -24.74 15.25 -45.31
C ARG B 177 -25.68 16.03 -46.22
N VAL B 178 -26.58 16.82 -45.63
CA VAL B 178 -27.56 17.49 -46.46
C VAL B 178 -26.88 18.48 -47.38
N THR B 179 -25.83 19.16 -46.89
CA THR B 179 -25.13 20.10 -47.76
C THR B 179 -24.56 19.37 -48.95
N SER B 180 -23.95 18.20 -48.72
CA SER B 180 -23.46 17.41 -49.84
C SER B 180 -24.57 17.20 -50.87
N ILE B 181 -25.73 16.74 -50.40
CA ILE B 181 -26.84 16.50 -51.33
C ILE B 181 -27.26 17.81 -51.98
N ALA B 182 -27.34 18.88 -51.19
CA ALA B 182 -27.74 20.16 -51.75
C ALA B 182 -26.75 20.62 -52.81
N ASP B 183 -25.47 20.27 -52.63
CA ASP B 183 -24.49 20.64 -53.64
C ASP B 183 -24.69 19.84 -54.92
N ARG B 184 -25.05 18.57 -54.81
CA ARG B 184 -25.17 17.73 -56.00
C ARG B 184 -26.45 17.98 -56.77
N LEU B 185 -27.46 18.56 -56.14
CA LEU B 185 -28.71 18.87 -56.79
C LEU B 185 -28.86 20.34 -57.17
N ASN B 186 -28.01 21.23 -56.64
CA ASN B 186 -28.13 22.67 -56.81
C ASN B 186 -29.49 23.18 -56.32
N VAL B 187 -29.71 22.97 -55.02
CA VAL B 187 -30.92 23.39 -54.34
C VAL B 187 -30.55 24.00 -53.01
N ASP B 188 -31.53 24.59 -52.35
CA ASP B 188 -31.30 25.18 -51.04
C ASP B 188 -31.22 24.09 -49.97
N PHE B 189 -30.55 24.41 -48.87
CA PHE B 189 -30.47 23.51 -47.73
C PHE B 189 -30.82 24.27 -46.46
N ALA B 190 -31.64 23.65 -45.63
CA ALA B 190 -32.12 24.21 -44.38
C ALA B 190 -31.68 23.35 -43.20
N LEU B 191 -31.56 23.98 -42.05
CA LEU B 191 -31.26 23.28 -40.81
C LEU B 191 -32.42 23.47 -39.83
N ILE B 192 -32.56 22.49 -38.95
CA ILE B 192 -33.56 22.51 -37.89
C ILE B 192 -32.89 22.06 -36.61
N HIS B 193 -33.02 22.85 -35.54
CA HIS B 193 -32.43 22.45 -34.23
C HIS B 193 -33.43 22.79 -33.10
N LYS B 194 -33.46 21.99 -32.04
CA LYS B 194 -34.33 22.26 -30.90
C LYS B 194 -33.64 23.18 -29.92
N GLU B 195 -34.42 24.07 -29.31
CA GLU B 195 -33.91 25.05 -28.37
C GLU B 195 -33.83 24.49 -26.96
N ASP B 203 -38.47 21.90 -26.26
CA ASP B 203 -39.41 21.12 -27.05
C ASP B 203 -39.74 21.83 -28.35
N ARG B 204 -39.29 23.07 -28.49
CA ARG B 204 -39.49 23.83 -29.69
C ARG B 204 -38.31 23.65 -30.65
N MET B 205 -38.59 23.75 -31.94
CA MET B 205 -37.58 23.66 -32.98
C MET B 205 -37.53 24.97 -33.75
N VAL B 206 -36.31 25.33 -34.18
CA VAL B 206 -36.08 26.53 -34.97
C VAL B 206 -35.51 26.09 -36.32
N LEU B 207 -36.04 26.68 -37.38
CA LEU B 207 -35.73 26.38 -38.76
C LEU B 207 -35.11 27.60 -39.46
N VAL B 208 -34.01 27.37 -40.15
CA VAL B 208 -33.36 28.43 -40.92
C VAL B 208 -33.44 28.03 -42.39
N GLY B 209 -33.91 28.95 -43.23
CA GLY B 209 -34.05 28.66 -44.63
C GLY B 209 -35.49 28.69 -45.09
N ASP B 210 -35.75 29.39 -46.19
CA ASP B 210 -37.10 29.47 -46.72
C ASP B 210 -37.57 28.11 -47.22
N VAL B 211 -38.75 27.68 -46.77
CA VAL B 211 -39.35 26.43 -47.20
C VAL B 211 -40.77 26.60 -47.69
N LYS B 212 -41.29 27.82 -47.73
CA LYS B 212 -42.67 28.04 -48.13
C LYS B 212 -42.87 27.75 -49.60
N ASP B 213 -43.96 27.06 -49.93
CA ASP B 213 -44.36 26.69 -51.28
C ASP B 213 -43.34 25.79 -51.97
N ARG B 214 -42.41 25.23 -51.22
CA ARG B 214 -41.36 24.38 -51.77
C ARG B 214 -41.44 23.00 -51.13
N VAL B 215 -41.05 21.98 -51.89
CA VAL B 215 -40.98 20.63 -51.34
C VAL B 215 -39.75 20.54 -50.45
N ALA B 216 -39.92 19.99 -49.25
CA ALA B 216 -38.82 19.80 -48.33
C ALA B 216 -38.47 18.32 -48.25
N ILE B 217 -37.18 18.04 -48.15
CA ILE B 217 -36.67 16.66 -48.11
C ILE B 217 -35.76 16.56 -46.89
N LEU B 218 -36.26 16.00 -45.80
CA LEU B 218 -35.41 15.66 -44.67
C LEU B 218 -34.46 14.54 -45.07
N VAL B 219 -33.20 14.64 -44.70
CA VAL B 219 -32.23 13.59 -45.03
C VAL B 219 -31.50 13.16 -43.78
N ASP B 220 -31.31 11.84 -43.63
CA ASP B 220 -30.63 11.33 -42.44
C ASP B 220 -30.07 9.93 -42.67
N ASP B 221 -29.16 9.57 -41.76
CA ASP B 221 -28.53 8.26 -41.82
C ASP B 221 -29.48 7.17 -41.32
N MET B 222 -30.22 7.48 -40.25
CA MET B 222 -31.05 6.39 -39.66
C MET B 222 -32.30 6.88 -38.93
N ALA B 223 -33.40 6.15 -39.08
CA ALA B 223 -34.63 6.42 -38.36
C ALA B 223 -34.90 5.25 -37.42
N ASP B 224 -34.68 5.47 -36.13
CA ASP B 224 -34.94 4.40 -35.15
C ASP B 224 -36.34 4.50 -34.59
N THR B 225 -36.61 5.54 -33.82
CA THR B 225 -37.95 5.75 -33.28
C THR B 225 -38.70 6.84 -34.03
N CYS B 226 -38.01 7.57 -34.90
CA CYS B 226 -38.57 8.58 -35.79
C CYS B 226 -39.15 9.77 -35.04
N GLY B 227 -38.80 9.95 -33.77
CA GLY B 227 -39.18 11.18 -33.10
C GLY B 227 -38.56 12.40 -33.74
N THR B 228 -37.28 12.30 -34.07
CA THR B 228 -36.56 13.42 -34.67
C THR B 228 -37.21 13.85 -35.98
N ILE B 229 -37.39 12.91 -36.91
CA ILE B 229 -37.92 13.29 -38.22
C ILE B 229 -39.38 13.70 -38.13
N CYS B 230 -40.16 13.10 -37.22
CA CYS B 230 -41.56 13.51 -37.10
C CYS B 230 -41.68 14.93 -36.55
N HIS B 231 -40.86 15.27 -35.55
CA HIS B 231 -40.87 16.64 -35.06
C HIS B 231 -40.41 17.61 -36.15
N ALA B 232 -39.36 17.24 -36.88
CA ALA B 232 -38.89 18.09 -37.97
C ALA B 232 -39.96 18.28 -39.03
N ALA B 233 -40.70 17.22 -39.37
CA ALA B 233 -41.74 17.33 -40.38
C ALA B 233 -42.88 18.22 -39.91
N ASP B 234 -43.25 18.11 -38.63
CA ASP B 234 -44.26 19.01 -38.09
C ASP B 234 -43.81 20.45 -38.20
N LYS B 235 -42.56 20.73 -37.87
CA LYS B 235 -42.05 22.09 -38.00
C LYS B 235 -42.04 22.55 -39.45
N LEU B 236 -41.67 21.66 -40.38
CA LEU B 236 -41.63 22.05 -41.78
C LEU B 236 -43.02 22.38 -42.30
N LEU B 237 -44.03 21.61 -41.90
CA LEU B 237 -45.39 21.98 -42.29
C LEU B 237 -45.84 23.27 -41.62
N SER B 238 -45.37 23.54 -40.40
CA SER B 238 -45.68 24.81 -39.76
C SER B 238 -45.13 25.97 -40.58
N ALA B 239 -43.94 25.81 -41.16
CA ALA B 239 -43.28 26.86 -41.91
C ALA B 239 -43.71 26.91 -43.37
N GLY B 240 -44.88 26.37 -43.72
CA GLY B 240 -45.44 26.60 -45.03
C GLY B 240 -44.94 25.70 -46.14
N ALA B 241 -44.26 24.61 -45.81
CA ALA B 241 -43.79 23.69 -46.83
C ALA B 241 -44.98 23.02 -47.53
N THR B 242 -44.79 22.68 -48.80
CA THR B 242 -45.87 22.08 -49.56
C THR B 242 -45.99 20.58 -49.26
N ARG B 243 -44.92 19.82 -49.47
CA ARG B 243 -44.86 18.43 -49.08
C ARG B 243 -43.54 18.21 -48.38
N VAL B 244 -43.52 17.25 -47.45
CA VAL B 244 -42.31 16.87 -46.73
C VAL B 244 -42.01 15.41 -47.00
N TYR B 245 -40.81 15.14 -47.46
CA TYR B 245 -40.27 13.80 -47.63
C TYR B 245 -39.23 13.55 -46.56
N ALA B 246 -38.99 12.28 -46.26
CA ALA B 246 -37.87 11.89 -45.42
C ALA B 246 -37.11 10.79 -46.14
N ILE B 247 -35.80 10.92 -46.23
CA ILE B 247 -34.94 9.94 -46.87
C ILE B 247 -33.84 9.55 -45.90
N LEU B 248 -33.79 8.26 -45.57
CA LEU B 248 -32.83 7.74 -44.62
C LEU B 248 -32.14 6.53 -45.21
N THR B 249 -30.85 6.40 -44.92
CA THR B 249 -30.18 5.22 -45.44
C THR B 249 -30.51 3.97 -44.62
N HIS B 250 -30.73 4.11 -43.32
CA HIS B 250 -31.04 2.96 -42.46
C HIS B 250 -32.42 3.10 -41.83
N GLY B 251 -33.35 2.27 -42.27
CA GLY B 251 -34.69 2.24 -41.71
C GLY B 251 -34.89 1.24 -40.59
N ILE B 252 -34.39 1.56 -39.39
CA ILE B 252 -34.50 0.62 -38.27
C ILE B 252 -35.96 0.50 -37.82
N PHE B 253 -36.64 1.63 -37.62
CA PHE B 253 -38.08 1.67 -37.34
C PHE B 253 -38.47 0.85 -36.11
N SER B 254 -37.73 1.02 -35.02
CA SER B 254 -38.06 0.28 -33.81
C SER B 254 -39.02 1.07 -32.93
N GLY B 255 -39.60 0.38 -31.96
CA GLY B 255 -40.51 1.00 -31.03
C GLY B 255 -41.77 1.55 -31.67
N PRO B 256 -42.07 2.81 -31.38
CA PRO B 256 -43.28 3.44 -31.91
C PRO B 256 -43.12 4.10 -33.28
N ALA B 257 -42.05 3.79 -34.01
CA ALA B 257 -41.75 4.51 -35.24
C ALA B 257 -42.87 4.39 -36.26
N ILE B 258 -43.44 3.19 -36.40
CA ILE B 258 -44.45 2.97 -37.44
C ILE B 258 -45.70 3.77 -37.14
N SER B 259 -46.15 3.79 -35.88
CA SER B 259 -47.32 4.57 -35.53
C SER B 259 -47.08 6.06 -35.75
N ARG B 260 -45.90 6.56 -35.34
CA ARG B 260 -45.61 7.97 -35.52
C ARG B 260 -45.57 8.36 -36.99
N ILE B 261 -44.96 7.52 -37.83
CA ILE B 261 -44.92 7.80 -39.25
C ILE B 261 -46.32 7.77 -39.84
N ASN B 262 -47.13 6.81 -39.43
CA ASN B 262 -48.52 6.75 -39.89
C ASN B 262 -49.28 8.01 -39.50
N ASN B 263 -48.99 8.56 -38.33
CA ASN B 263 -49.66 9.79 -37.90
C ASN B 263 -48.95 11.05 -38.39
N ALA B 264 -47.83 10.92 -39.08
CA ALA B 264 -47.10 12.09 -39.54
C ALA B 264 -47.56 12.51 -40.92
N CYS B 265 -47.05 13.65 -41.36
CA CYS B 265 -47.47 14.29 -42.60
C CYS B 265 -46.58 13.94 -43.79
N PHE B 266 -45.66 13.01 -43.64
CA PHE B 266 -44.74 12.67 -44.72
C PHE B 266 -45.50 12.23 -45.97
N GLU B 267 -45.08 12.73 -47.11
CA GLU B 267 -45.55 12.15 -48.37
C GLU B 267 -44.99 10.75 -48.55
N ALA B 268 -43.73 10.55 -48.21
CA ALA B 268 -43.09 9.26 -48.29
C ALA B 268 -41.94 9.22 -47.30
N VAL B 269 -41.62 8.03 -46.83
CA VAL B 269 -40.43 7.79 -46.02
C VAL B 269 -39.59 6.78 -46.79
N VAL B 270 -38.57 7.29 -47.47
CA VAL B 270 -37.71 6.46 -48.30
C VAL B 270 -36.52 6.02 -47.46
N VAL B 271 -36.25 4.72 -47.47
CA VAL B 271 -35.09 4.17 -46.78
C VAL B 271 -34.38 3.23 -47.73
N THR B 272 -33.09 3.05 -47.50
CA THR B 272 -32.44 2.02 -48.30
C THR B 272 -32.74 0.63 -47.73
N ASN B 273 -32.39 -0.40 -48.50
CA ASN B 273 -32.56 -1.76 -47.98
C ASN B 273 -31.29 -2.30 -47.35
N THR B 274 -30.62 -1.52 -46.51
CA THR B 274 -29.56 -2.09 -45.69
C THR B 274 -30.13 -2.95 -44.58
N ILE B 275 -31.40 -2.77 -44.27
CA ILE B 275 -32.15 -3.49 -43.25
C ILE B 275 -33.40 -4.00 -43.96
N PRO B 276 -33.81 -5.25 -43.75
CA PRO B 276 -35.04 -5.74 -44.40
C PRO B 276 -36.25 -4.91 -43.97
N GLN B 277 -37.12 -4.64 -44.93
CA GLN B 277 -38.22 -3.71 -44.71
C GLN B 277 -39.60 -4.29 -44.97
N GLU B 278 -39.70 -5.56 -45.38
CA GLU B 278 -40.98 -6.10 -45.83
C GLU B 278 -42.04 -6.04 -44.74
N ASP B 279 -41.67 -6.37 -43.50
CA ASP B 279 -42.63 -6.36 -42.41
C ASP B 279 -43.12 -4.95 -42.13
N LYS B 280 -42.22 -3.97 -42.13
CA LYS B 280 -42.61 -2.58 -41.87
C LYS B 280 -43.50 -2.04 -42.99
N MET B 281 -43.22 -2.41 -44.24
CA MET B 281 -44.05 -1.95 -45.36
C MET B 281 -45.48 -2.45 -45.23
N LYS B 282 -45.67 -3.61 -44.60
CA LYS B 282 -47.02 -4.13 -44.40
C LYS B 282 -47.85 -3.19 -43.55
N HIS B 283 -47.27 -2.64 -42.50
CA HIS B 283 -48.00 -1.80 -41.56
C HIS B 283 -47.82 -0.31 -41.82
N CYS B 284 -47.04 0.09 -42.83
CA CYS B 284 -46.83 1.51 -43.10
C CYS B 284 -46.82 1.71 -44.61
N SER B 285 -47.84 2.40 -45.12
CA SER B 285 -48.02 2.54 -46.55
C SER B 285 -46.95 3.44 -47.17
N LYS B 286 -46.49 4.45 -46.44
CA LYS B 286 -45.66 5.47 -47.03
C LYS B 286 -44.16 5.16 -46.96
N ILE B 287 -43.78 3.98 -46.48
CA ILE B 287 -42.38 3.57 -46.56
C ILE B 287 -42.07 3.09 -47.96
N GLN B 288 -40.96 3.56 -48.53
CA GLN B 288 -40.49 3.11 -49.82
C GLN B 288 -39.03 2.72 -49.69
N VAL B 289 -38.56 1.83 -50.58
CA VAL B 289 -37.18 1.29 -50.44
C VAL B 289 -36.29 1.62 -51.65
N ILE B 290 -35.06 2.08 -51.42
CA ILE B 290 -34.09 2.28 -52.54
C ILE B 290 -33.10 1.13 -52.49
N ASP B 291 -33.00 0.35 -53.58
CA ASP B 291 -32.06 -0.76 -53.63
C ASP B 291 -30.65 -0.20 -53.67
N ILE B 292 -29.79 -0.66 -52.77
CA ILE B 292 -28.37 -0.34 -52.83
C ILE B 292 -27.53 -1.60 -53.03
N SER B 293 -28.17 -2.71 -53.38
CA SER B 293 -27.43 -3.94 -53.63
C SER B 293 -26.46 -3.82 -54.79
N MET B 294 -26.73 -2.94 -55.75
CA MET B 294 -25.78 -2.74 -56.84
C MET B 294 -24.49 -2.11 -56.32
N ILE B 295 -24.60 -1.15 -55.40
CA ILE B 295 -23.41 -0.52 -54.85
C ILE B 295 -22.59 -1.53 -54.06
N LEU B 296 -23.26 -2.34 -53.23
CA LEU B 296 -22.55 -3.34 -52.44
C LEU B 296 -21.90 -4.39 -53.33
N ALA B 297 -22.63 -4.85 -54.35
CA ALA B 297 -22.08 -5.85 -55.26
C ALA B 297 -20.88 -5.29 -56.02
N GLU B 298 -20.98 -4.06 -56.49
CA GLU B 298 -19.85 -3.45 -57.19
C GLU B 298 -18.66 -3.25 -56.26
N ALA B 299 -18.91 -2.88 -55.01
CA ALA B 299 -17.82 -2.75 -54.06
C ALA B 299 -17.14 -4.09 -53.81
N ILE B 300 -17.91 -5.16 -53.66
CA ILE B 300 -17.33 -6.49 -53.46
C ILE B 300 -16.48 -6.86 -54.67
N ARG B 301 -17.02 -6.65 -55.86
CA ARG B 301 -16.34 -7.06 -57.08
C ARG B 301 -15.08 -6.23 -57.31
N ARG B 302 -15.11 -4.96 -56.94
CA ARG B 302 -13.93 -4.11 -57.10
C ARG B 302 -12.85 -4.41 -56.07
N THR B 303 -13.24 -4.71 -54.82
CA THR B 303 -12.23 -5.14 -53.86
C THR B 303 -11.61 -6.46 -54.28
N HIS B 304 -12.42 -7.36 -54.84
CA HIS B 304 -11.87 -8.63 -55.30
C HIS B 304 -10.91 -8.44 -56.47
N ASN B 305 -11.27 -7.61 -57.43
CA ASN B 305 -10.46 -7.45 -58.63
C ASN B 305 -9.39 -6.39 -58.49
N GLY B 306 -9.29 -5.74 -57.34
CA GLY B 306 -8.32 -4.68 -57.19
C GLY B 306 -8.62 -3.42 -57.96
N GLU B 307 -9.88 -3.18 -58.32
CA GLU B 307 -10.23 -1.92 -58.94
C GLU B 307 -10.59 -0.88 -57.88
N SER B 308 -10.75 0.37 -58.33
CA SER B 308 -11.01 1.45 -57.40
C SER B 308 -12.42 1.34 -56.83
N VAL B 309 -12.52 1.40 -55.50
CA VAL B 309 -13.83 1.40 -54.84
C VAL B 309 -14.37 2.83 -54.76
N SER B 310 -13.49 3.80 -54.53
CA SER B 310 -13.92 5.18 -54.35
C SER B 310 -14.60 5.74 -55.59
N TYR B 311 -14.41 5.09 -56.73
CA TYR B 311 -15.13 5.41 -57.95
C TYR B 311 -16.63 5.40 -57.70
N LEU B 312 -17.09 4.55 -56.79
CA LEU B 312 -18.50 4.43 -56.44
C LEU B 312 -19.02 5.58 -55.60
N PHE B 313 -18.14 6.42 -55.04
CA PHE B 313 -18.63 7.53 -54.21
C PHE B 313 -19.48 8.50 -55.02
N SER B 314 -19.26 8.55 -56.33
CA SER B 314 -19.96 9.50 -57.18
C SER B 314 -20.65 8.88 -58.39
N HIS B 315 -20.55 7.58 -58.59
CA HIS B 315 -21.07 6.95 -59.80
C HIS B 315 -22.03 5.82 -59.44
N VAL B 316 -23.23 5.86 -60.00
CA VAL B 316 -24.16 4.75 -59.84
C VAL B 316 -23.82 3.65 -60.86
N PRO B 317 -23.55 2.43 -60.43
CA PRO B 317 -23.20 1.34 -61.35
C PRO B 317 -24.43 0.61 -61.89
N PRO C 2 -7.35 0.11 -3.37
CA PRO C 2 -8.26 -0.54 -4.31
C PRO C 2 -9.28 -1.42 -3.60
N ASN C 3 -10.54 -1.09 -3.74
CA ASN C 3 -11.63 -1.79 -3.07
C ASN C 3 -12.36 -2.71 -4.04
N ILE C 4 -13.12 -3.65 -3.48
CA ILE C 4 -13.94 -4.53 -4.29
C ILE C 4 -15.19 -3.79 -4.72
N LYS C 5 -15.50 -3.86 -6.02
CA LYS C 5 -16.76 -3.40 -6.56
C LYS C 5 -17.41 -4.56 -7.29
N ILE C 6 -18.61 -4.93 -6.89
CA ILE C 6 -19.35 -6.03 -7.50
C ILE C 6 -20.44 -5.42 -8.35
N PHE C 7 -20.47 -5.78 -9.63
CA PHE C 7 -21.51 -5.35 -10.54
C PHE C 7 -22.26 -6.56 -11.08
N SER C 8 -23.57 -6.40 -11.23
CA SER C 8 -24.42 -7.47 -11.71
C SER C 8 -24.85 -7.19 -13.15
N GLY C 9 -24.69 -8.19 -14.00
CA GLY C 9 -25.42 -8.19 -15.25
C GLY C 9 -26.86 -8.61 -15.02
N SER C 10 -27.65 -8.51 -16.08
CA SER C 10 -29.07 -8.82 -15.94
C SER C 10 -29.36 -10.32 -15.90
N SER C 11 -28.38 -11.17 -16.21
CA SER C 11 -28.65 -12.60 -16.31
C SER C 11 -29.04 -13.21 -14.97
N HIS C 12 -28.23 -12.99 -13.93
CA HIS C 12 -28.44 -13.67 -12.66
C HIS C 12 -28.26 -12.66 -11.52
N GLN C 13 -29.32 -11.91 -11.23
CA GLN C 13 -29.21 -10.84 -10.25
C GLN C 13 -29.29 -11.37 -8.83
N ASP C 14 -30.03 -12.46 -8.61
CA ASP C 14 -30.10 -13.06 -7.28
C ASP C 14 -28.73 -13.57 -6.83
N LEU C 15 -28.00 -14.23 -7.73
CA LEU C 15 -26.67 -14.71 -7.38
C LEU C 15 -25.73 -13.56 -7.08
N SER C 16 -25.79 -12.49 -7.87
CA SER C 16 -24.95 -11.33 -7.60
C SER C 16 -25.26 -10.73 -6.24
N GLN C 17 -26.55 -10.65 -5.89
CA GLN C 17 -26.92 -10.12 -4.60
C GLN C 17 -26.41 -11.01 -3.46
N LYS C 18 -26.54 -12.33 -3.62
CA LYS C 18 -26.04 -13.24 -2.59
C LYS C 18 -24.53 -13.07 -2.40
N ILE C 19 -23.80 -12.96 -3.50
CA ILE C 19 -22.35 -12.76 -3.43
C ILE C 19 -22.03 -11.45 -2.73
N ALA C 20 -22.76 -10.39 -3.08
CA ALA C 20 -22.53 -9.08 -2.48
C ALA C 20 -22.79 -9.10 -0.98
N ASP C 21 -23.86 -9.76 -0.54
CA ASP C 21 -24.12 -9.89 0.88
C ASP C 21 -23.02 -10.66 1.59
N ARG C 22 -22.56 -11.77 0.99
CA ARG C 22 -21.48 -12.51 1.62
C ARG C 22 -20.20 -11.70 1.69
N LEU C 23 -19.99 -10.79 0.76
CA LEU C 23 -18.83 -9.92 0.82
C LEU C 23 -19.04 -8.71 1.72
N GLY C 24 -20.25 -8.51 2.23
CA GLY C 24 -20.53 -7.33 3.02
C GLY C 24 -20.59 -6.05 2.22
N LEU C 25 -20.97 -6.13 0.95
CA LEU C 25 -20.95 -4.99 0.04
C LEU C 25 -22.33 -4.80 -0.58
N GLU C 26 -22.57 -3.60 -1.08
CA GLU C 26 -23.72 -3.35 -1.92
C GLU C 26 -23.34 -3.47 -3.38
N LEU C 27 -24.23 -4.14 -4.14
CA LEU C 27 -23.97 -4.41 -5.57
C LEU C 27 -23.65 -3.08 -6.25
N GLY C 28 -22.63 -3.06 -7.10
CA GLY C 28 -22.30 -1.76 -7.66
C GLY C 28 -23.44 -1.21 -8.48
N LYS C 29 -23.59 0.10 -8.46
CA LYS C 29 -24.65 0.75 -9.22
C LYS C 29 -24.33 0.69 -10.71
N VAL C 30 -25.16 -0.01 -11.46
CA VAL C 30 -25.04 -0.08 -12.90
C VAL C 30 -26.43 -0.17 -13.49
N VAL C 31 -26.63 0.52 -14.62
CA VAL C 31 -27.84 0.40 -15.41
C VAL C 31 -27.53 -0.44 -16.62
N THR C 32 -28.25 -1.57 -16.73
CA THR C 32 -28.02 -2.53 -17.84
C THR C 32 -29.37 -2.89 -18.44
N LYS C 33 -29.74 -2.24 -19.55
CA LYS C 33 -31.03 -2.43 -20.20
C LYS C 33 -30.80 -2.48 -21.70
N LYS C 34 -31.88 -2.41 -22.46
CA LYS C 34 -31.78 -2.37 -23.91
C LYS C 34 -32.43 -1.10 -24.44
N PHE C 35 -31.77 -0.47 -25.40
CA PHE C 35 -32.39 0.56 -26.19
C PHE C 35 -33.56 -0.02 -26.98
N SER C 36 -34.35 0.86 -27.60
CA SER C 36 -35.51 0.42 -28.36
C SER C 36 -35.13 -0.53 -29.48
N ASN C 37 -34.05 -0.23 -30.20
CA ASN C 37 -33.58 -1.08 -31.29
C ASN C 37 -32.79 -2.29 -30.80
N GLN C 38 -32.86 -2.58 -29.51
CA GLN C 38 -32.30 -3.77 -28.87
C GLN C 38 -30.79 -3.73 -28.72
N GLU C 39 -30.16 -2.57 -28.85
CA GLU C 39 -28.75 -2.45 -28.50
C GLU C 39 -28.62 -2.36 -26.98
N THR C 40 -27.57 -3.03 -26.47
CA THR C 40 -27.36 -3.08 -25.00
C THR C 40 -26.88 -1.73 -24.49
N CYS C 41 -27.61 -1.15 -23.55
CA CYS C 41 -27.25 0.13 -22.94
C CYS C 41 -26.69 -0.15 -21.56
N VAL C 42 -25.48 0.34 -21.30
CA VAL C 42 -24.80 0.14 -20.03
C VAL C 42 -24.33 1.51 -19.53
N GLU C 43 -24.59 1.78 -18.25
CA GLU C 43 -24.09 2.99 -17.61
C GLU C 43 -23.61 2.62 -16.22
N ILE C 44 -22.32 2.82 -15.96
CA ILE C 44 -21.77 2.56 -14.63
C ILE C 44 -22.13 3.75 -13.74
N GLY C 45 -22.92 3.49 -12.71
CA GLY C 45 -23.47 4.51 -11.84
C GLY C 45 -22.59 4.97 -10.71
N GLU C 46 -21.36 4.49 -10.65
CA GLU C 46 -20.42 4.91 -9.62
C GLU C 46 -19.02 4.84 -10.19
N SER C 47 -18.11 5.59 -9.58
CA SER C 47 -16.72 5.56 -10.01
C SER C 47 -16.09 4.22 -9.67
N VAL C 48 -15.41 3.63 -10.64
CA VAL C 48 -14.64 2.40 -10.43
C VAL C 48 -13.15 2.66 -10.57
N ARG C 49 -12.69 3.91 -10.38
CA ARG C 49 -11.24 4.21 -10.58
C ARG C 49 -10.35 3.52 -9.53
N GLY C 50 -9.29 2.85 -10.00
CA GLY C 50 -8.35 2.19 -9.08
C GLY C 50 -9.09 1.21 -8.21
N GLU C 51 -10.20 0.64 -8.70
CA GLU C 51 -10.87 -0.38 -7.91
C GLU C 51 -10.67 -1.76 -8.52
N ASP C 52 -10.90 -2.78 -7.70
CA ASP C 52 -10.87 -4.17 -8.13
C ASP C 52 -12.32 -4.56 -8.44
N VAL C 53 -12.65 -4.62 -9.73
CA VAL C 53 -14.02 -4.75 -10.19
C VAL C 53 -14.30 -6.21 -10.53
N TYR C 54 -15.42 -6.72 -10.04
CA TYR C 54 -15.88 -8.06 -10.36
C TYR C 54 -17.26 -7.96 -10.97
N ILE C 55 -17.42 -8.48 -12.18
CA ILE C 55 -18.69 -8.43 -12.90
C ILE C 55 -19.23 -9.84 -12.98
N VAL C 56 -20.41 -10.06 -12.42
CA VAL C 56 -21.01 -11.38 -12.34
C VAL C 56 -22.04 -11.51 -13.46
N GLN C 57 -21.84 -12.51 -14.31
CA GLN C 57 -22.72 -12.77 -15.45
C GLN C 57 -22.55 -14.21 -15.88
N SER C 58 -23.62 -14.97 -15.89
CA SER C 58 -23.54 -16.36 -16.31
C SER C 58 -24.01 -16.54 -17.74
N GLY C 59 -23.54 -17.60 -18.37
CA GLY C 59 -23.96 -17.96 -19.72
C GLY C 59 -25.26 -18.71 -19.72
N CYS C 60 -26.36 -17.98 -19.50
CA CYS C 60 -27.66 -18.57 -19.34
C CYS C 60 -28.71 -17.65 -19.96
N GLY C 61 -29.91 -18.16 -20.09
CA GLY C 61 -31.00 -17.37 -20.66
C GLY C 61 -30.68 -16.97 -22.09
N GLU C 62 -30.87 -15.69 -22.38
CA GLU C 62 -30.52 -15.13 -23.68
C GLU C 62 -29.01 -14.95 -23.73
N ILE C 63 -28.34 -16.00 -24.23
CA ILE C 63 -26.90 -16.14 -24.03
C ILE C 63 -26.13 -15.04 -24.75
N ASN C 64 -26.49 -14.75 -25.99
CA ASN C 64 -25.74 -13.75 -26.74
C ASN C 64 -25.95 -12.35 -26.18
N ASP C 65 -27.17 -12.05 -25.74
CA ASP C 65 -27.43 -10.78 -25.07
C ASP C 65 -26.61 -10.65 -23.79
N ASN C 66 -26.58 -11.70 -22.97
CA ASN C 66 -25.84 -11.65 -21.72
C ASN C 66 -24.34 -11.53 -21.97
N LEU C 67 -23.83 -12.24 -22.97
CA LEU C 67 -22.41 -12.17 -23.30
C LEU C 67 -22.03 -10.78 -23.77
N MET C 68 -22.86 -10.18 -24.63
CA MET C 68 -22.58 -8.83 -25.07
C MET C 68 -22.67 -7.83 -23.91
N GLU C 69 -23.66 -8.00 -23.04
CA GLU C 69 -23.73 -7.18 -21.84
C GLU C 69 -22.44 -7.27 -21.03
N LEU C 70 -21.94 -8.49 -20.82
CA LEU C 70 -20.73 -8.67 -20.05
C LEU C 70 -19.55 -7.98 -20.72
N LEU C 71 -19.40 -8.15 -22.03
CA LEU C 71 -18.28 -7.54 -22.74
C LEU C 71 -18.36 -6.01 -22.67
N ILE C 72 -19.56 -5.47 -22.83
CA ILE C 72 -19.74 -4.03 -22.78
C ILE C 72 -19.44 -3.49 -21.38
N MET C 73 -19.89 -4.20 -20.34
CA MET C 73 -19.61 -3.76 -18.98
C MET C 73 -18.12 -3.83 -18.67
N ILE C 74 -17.44 -4.88 -19.13
CA ILE C 74 -16.00 -4.97 -18.95
C ILE C 74 -15.31 -3.79 -19.62
N ASN C 75 -15.72 -3.48 -20.85
CA ASN C 75 -15.11 -2.37 -21.57
C ASN C 75 -15.34 -1.05 -20.85
N ALA C 76 -16.57 -0.84 -20.36
CA ALA C 76 -16.89 0.40 -19.67
C ALA C 76 -16.05 0.55 -18.41
N CYS C 77 -15.88 -0.53 -17.65
CA CYS C 77 -15.06 -0.45 -16.45
C CYS C 77 -13.59 -0.25 -16.79
N LYS C 78 -13.11 -0.88 -17.87
CA LYS C 78 -11.71 -0.77 -18.22
C LYS C 78 -11.35 0.64 -18.70
N ILE C 79 -12.19 1.25 -19.54
CA ILE C 79 -11.88 2.61 -19.95
C ILE C 79 -12.26 3.63 -18.89
N ALA C 80 -12.94 3.21 -17.82
CA ALA C 80 -13.16 4.05 -16.66
C ALA C 80 -12.02 3.95 -15.65
N SER C 81 -10.91 3.32 -16.03
CA SER C 81 -9.67 3.30 -15.24
C SER C 81 -9.80 2.45 -13.98
N ALA C 82 -10.53 1.35 -14.06
CA ALA C 82 -10.50 0.38 -12.98
C ALA C 82 -9.12 -0.25 -12.91
N SER C 83 -8.64 -0.48 -11.69
CA SER C 83 -7.31 -1.05 -11.54
C SER C 83 -7.25 -2.47 -12.09
N ARG C 84 -8.32 -3.24 -11.89
CA ARG C 84 -8.37 -4.61 -12.36
C ARG C 84 -9.84 -4.97 -12.59
N VAL C 85 -10.11 -5.72 -13.66
CA VAL C 85 -11.46 -6.14 -13.99
C VAL C 85 -11.47 -7.66 -14.08
N THR C 86 -12.36 -8.28 -13.33
CA THR C 86 -12.51 -9.73 -13.30
C THR C 86 -13.91 -10.10 -13.75
N ALA C 87 -14.00 -11.07 -14.65
CA ALA C 87 -15.28 -11.61 -15.08
C ALA C 87 -15.59 -12.86 -14.26
N VAL C 88 -16.69 -12.82 -13.52
CA VAL C 88 -17.15 -13.95 -12.73
C VAL C 88 -18.27 -14.60 -13.54
N ILE C 89 -17.95 -15.71 -14.21
CA ILE C 89 -18.86 -16.33 -15.15
C ILE C 89 -19.19 -17.72 -14.65
N PRO C 90 -20.20 -17.88 -13.80
CA PRO C 90 -20.44 -19.21 -13.19
C PRO C 90 -20.64 -20.33 -14.19
N CYS C 91 -21.38 -20.08 -15.26
CA CYS C 91 -21.53 -21.02 -16.36
C CYS C 91 -20.97 -20.39 -17.62
N PHE C 92 -19.90 -20.97 -18.14
CA PHE C 92 -19.17 -20.36 -19.25
C PHE C 92 -19.91 -20.58 -20.56
N PRO C 93 -20.27 -19.53 -21.29
CA PRO C 93 -21.00 -19.71 -22.55
C PRO C 93 -20.12 -20.30 -23.65
N TYR C 94 -20.76 -21.07 -24.53
CA TYR C 94 -20.13 -21.75 -25.66
C TYR C 94 -19.04 -22.72 -25.22
N ALA C 95 -19.08 -23.17 -23.97
CA ALA C 95 -18.05 -24.07 -23.48
C ALA C 95 -18.06 -25.40 -24.22
N ARG C 96 -19.22 -25.84 -24.68
CA ARG C 96 -19.30 -27.11 -25.40
C ARG C 96 -18.77 -27.04 -26.81
N GLN C 97 -18.51 -25.83 -27.32
CA GLN C 97 -17.89 -25.66 -28.66
C GLN C 97 -16.40 -25.44 -28.43
N ASP C 98 -15.70 -26.42 -27.85
CA ASP C 98 -14.30 -26.29 -27.50
C ASP C 98 -13.37 -26.97 -28.49
N LYS C 99 -13.88 -27.45 -29.62
CA LYS C 99 -13.05 -28.12 -30.61
C LYS C 99 -13.82 -28.25 -31.91
N LYS C 100 -13.09 -28.59 -32.99
CA LYS C 100 -13.69 -28.73 -34.31
C LYS C 100 -14.10 -30.17 -34.61
N ASP C 101 -13.17 -31.11 -34.47
CA ASP C 101 -13.45 -32.55 -34.59
C ASP C 101 -14.04 -32.94 -35.94
N LYS C 102 -13.26 -32.81 -37.01
CA LYS C 102 -13.63 -33.28 -38.35
C LYS C 102 -14.83 -32.52 -38.90
N SER C 103 -14.98 -31.28 -38.47
CA SER C 103 -16.07 -30.45 -38.96
C SER C 103 -15.54 -29.07 -39.24
N ARG C 104 -16.08 -28.42 -40.27
CA ARG C 104 -15.75 -27.03 -40.56
C ARG C 104 -16.58 -26.12 -39.65
N ALA C 105 -16.28 -26.21 -38.38
CA ALA C 105 -16.99 -25.55 -37.32
C ALA C 105 -16.11 -24.51 -36.64
N PRO C 106 -16.69 -23.52 -35.98
CA PRO C 106 -15.89 -22.61 -35.18
C PRO C 106 -15.49 -23.28 -33.87
N ILE C 107 -14.41 -22.78 -33.27
CA ILE C 107 -14.13 -23.06 -31.86
C ILE C 107 -14.67 -21.85 -31.10
N SER C 108 -15.96 -21.92 -30.77
CA SER C 108 -16.64 -20.75 -30.24
C SER C 108 -16.14 -20.40 -28.84
N ALA C 109 -15.76 -21.39 -28.05
CA ALA C 109 -15.21 -21.11 -26.73
C ALA C 109 -13.94 -20.28 -26.82
N LYS C 110 -13.08 -20.60 -27.78
CA LYS C 110 -11.87 -19.79 -27.98
C LYS C 110 -12.22 -18.38 -28.42
N LEU C 111 -13.23 -18.23 -29.28
CA LEU C 111 -13.65 -16.91 -29.70
C LEU C 111 -14.16 -16.10 -28.52
N VAL C 112 -14.93 -16.73 -27.64
CA VAL C 112 -15.43 -16.05 -26.45
C VAL C 112 -14.28 -15.63 -25.55
N ALA C 113 -13.29 -16.52 -25.38
CA ALA C 113 -12.12 -16.18 -24.58
C ALA C 113 -11.38 -14.97 -25.16
N ASN C 114 -11.19 -14.97 -26.48
CA ASN C 114 -10.53 -13.85 -27.15
C ASN C 114 -11.32 -12.57 -26.97
N MET C 115 -12.64 -12.64 -27.07
CA MET C 115 -13.47 -11.45 -26.91
C MET C 115 -13.38 -10.91 -25.49
N LEU C 116 -13.39 -11.81 -24.50
CA LEU C 116 -13.25 -11.38 -23.12
C LEU C 116 -11.90 -10.71 -22.88
N SER C 117 -10.84 -11.26 -23.46
CA SER C 117 -9.52 -10.67 -23.32
C SER C 117 -9.46 -9.29 -23.98
N VAL C 118 -10.03 -9.16 -25.18
CA VAL C 118 -9.92 -7.91 -25.91
C VAL C 118 -10.84 -6.85 -25.31
N ALA C 119 -11.91 -7.26 -24.62
CA ALA C 119 -12.74 -6.29 -23.91
C ALA C 119 -12.00 -5.70 -22.73
N GLY C 120 -11.03 -6.42 -22.19
CA GLY C 120 -10.19 -5.88 -21.13
C GLY C 120 -10.21 -6.67 -19.84
N ALA C 121 -10.72 -7.90 -19.87
CA ALA C 121 -10.71 -8.72 -18.67
C ALA C 121 -9.28 -9.09 -18.29
N ASP C 122 -8.96 -8.92 -17.01
CA ASP C 122 -7.66 -9.31 -16.49
C ASP C 122 -7.67 -10.68 -15.86
N HIS C 123 -8.84 -11.21 -15.53
CA HIS C 123 -8.96 -12.42 -14.74
C HIS C 123 -10.35 -12.99 -14.94
N ILE C 124 -10.45 -14.32 -14.92
CA ILE C 124 -11.71 -15.03 -15.08
C ILE C 124 -11.90 -15.95 -13.89
N ILE C 125 -13.09 -15.89 -13.29
CA ILE C 125 -13.52 -16.87 -12.29
C ILE C 125 -14.74 -17.59 -12.85
N THR C 126 -14.67 -18.91 -12.90
CA THR C 126 -15.77 -19.71 -13.41
C THR C 126 -15.87 -20.98 -12.59
N MET C 127 -16.93 -21.75 -12.82
CA MET C 127 -17.21 -22.97 -12.08
C MET C 127 -17.44 -24.12 -13.05
N ASP C 128 -16.69 -25.22 -12.85
CA ASP C 128 -16.84 -26.46 -13.61
C ASP C 128 -16.93 -26.21 -15.12
N LEU C 129 -15.81 -25.74 -15.67
CA LEU C 129 -15.70 -25.62 -17.11
C LEU C 129 -15.98 -26.96 -17.77
N HIS C 130 -16.71 -26.94 -18.89
CA HIS C 130 -17.05 -28.16 -19.58
C HIS C 130 -15.81 -28.99 -19.90
N ALA C 131 -14.76 -28.33 -20.39
CA ALA C 131 -13.45 -28.94 -20.55
C ALA C 131 -12.43 -28.00 -19.94
N SER C 132 -11.55 -28.53 -19.08
CA SER C 132 -10.58 -27.66 -18.42
C SER C 132 -9.54 -27.12 -19.39
N GLN C 133 -9.44 -27.72 -20.58
CA GLN C 133 -8.60 -27.15 -21.63
C GLN C 133 -9.02 -25.74 -22.01
N ILE C 134 -10.26 -25.35 -21.71
CA ILE C 134 -10.70 -23.98 -21.98
C ILE C 134 -9.84 -22.98 -21.23
N GLN C 135 -9.25 -23.40 -20.10
CA GLN C 135 -8.30 -22.54 -19.40
C GLN C 135 -7.16 -22.12 -20.31
N GLY C 136 -6.70 -23.02 -21.18
CA GLY C 136 -5.64 -22.69 -22.11
C GLY C 136 -6.07 -21.79 -23.24
N PHE C 137 -7.37 -21.60 -23.43
CA PHE C 137 -7.84 -20.65 -24.43
C PHE C 137 -7.55 -19.22 -24.04
N PHE C 138 -7.21 -18.98 -22.79
CA PHE C 138 -6.90 -17.64 -22.31
C PHE C 138 -5.40 -17.46 -22.15
N ASP C 139 -4.99 -16.19 -22.16
CA ASP C 139 -3.66 -15.84 -21.69
C ASP C 139 -3.68 -15.20 -20.31
N ILE C 140 -4.84 -14.73 -19.85
CA ILE C 140 -5.02 -14.20 -18.50
C ILE C 140 -5.27 -15.38 -17.56
N PRO C 141 -5.03 -15.24 -16.25
CA PRO C 141 -5.34 -16.34 -15.33
C PRO C 141 -6.82 -16.65 -15.30
N VAL C 142 -7.13 -17.95 -15.18
CA VAL C 142 -8.51 -18.43 -15.07
C VAL C 142 -8.58 -19.33 -13.84
N ASP C 143 -9.46 -18.99 -12.90
CA ASP C 143 -9.71 -19.85 -11.75
C ASP C 143 -11.00 -20.63 -12.02
N ASN C 144 -10.85 -21.93 -12.23
CA ASN C 144 -11.98 -22.82 -12.48
C ASN C 144 -12.34 -23.50 -11.16
N LEU C 145 -13.38 -23.01 -10.51
CA LEU C 145 -13.81 -23.57 -9.24
C LEU C 145 -14.59 -24.86 -9.47
N TYR C 146 -14.76 -25.61 -8.39
CA TYR C 146 -15.43 -26.89 -8.43
C TYR C 146 -16.62 -26.89 -7.48
N ALA C 147 -17.75 -27.38 -7.95
CA ALA C 147 -18.92 -27.55 -7.10
C ALA C 147 -18.82 -28.80 -6.24
N GLU C 148 -17.80 -29.62 -6.44
CA GLU C 148 -17.69 -30.92 -5.76
C GLU C 148 -17.77 -30.83 -4.25
N PRO C 149 -17.02 -29.93 -3.52
CA PRO C 149 -17.22 -29.78 -2.08
C PRO C 149 -18.71 -29.71 -1.75
N ALA C 150 -19.48 -28.93 -2.52
CA ALA C 150 -20.93 -28.75 -2.24
C ALA C 150 -21.74 -29.98 -2.70
N VAL C 151 -21.35 -30.63 -3.81
CA VAL C 151 -22.07 -31.83 -4.21
C VAL C 151 -21.89 -32.93 -3.18
N LEU C 152 -20.65 -33.12 -2.70
CA LEU C 152 -20.38 -34.12 -1.68
C LEU C 152 -21.14 -33.82 -0.41
N LYS C 153 -21.16 -32.55 -0.02
CA LYS C 153 -21.95 -32.15 1.14
C LYS C 153 -23.41 -32.49 0.97
N TRP C 154 -23.98 -32.17 -0.20
CA TRP C 154 -25.39 -32.47 -0.44
C TRP C 154 -25.65 -33.97 -0.40
N ILE C 155 -24.76 -34.76 -1.00
CA ILE C 155 -24.94 -36.20 -1.04
C ILE C 155 -24.96 -36.76 0.38
N ARG C 156 -24.01 -36.34 1.21
CA ARG C 156 -23.96 -36.87 2.56
C ARG C 156 -25.18 -36.45 3.37
N GLU C 157 -25.63 -35.20 3.23
CA GLU C 157 -26.75 -34.75 4.07
C GLU C 157 -28.12 -35.05 3.49
N ASN C 158 -28.22 -35.61 2.28
CA ASN C 158 -29.53 -35.84 1.69
C ASN C 158 -29.80 -37.28 1.28
N ILE C 159 -28.78 -38.08 1.04
CA ILE C 159 -28.96 -39.47 0.64
C ILE C 159 -28.50 -40.32 1.81
N SER C 160 -29.47 -40.96 2.48
CA SER C 160 -29.16 -41.71 3.69
C SER C 160 -28.28 -42.92 3.41
N GLU C 161 -28.41 -43.50 2.22
CA GLU C 161 -27.65 -44.69 1.85
C GLU C 161 -26.37 -44.36 1.09
N TRP C 162 -25.81 -43.17 1.29
CA TRP C 162 -24.75 -42.70 0.41
C TRP C 162 -23.49 -43.56 0.52
N ARG C 163 -23.32 -44.27 1.63
CA ARG C 163 -22.14 -45.12 1.78
C ARG C 163 -22.21 -46.37 0.93
N ASN C 164 -23.42 -46.77 0.52
CA ASN C 164 -23.59 -47.93 -0.35
C ASN C 164 -24.04 -47.54 -1.75
N CYS C 165 -23.93 -46.28 -2.13
CA CYS C 165 -24.41 -45.83 -3.42
C CYS C 165 -23.36 -46.09 -4.50
N THR C 166 -23.79 -45.96 -5.75
CA THR C 166 -22.91 -46.01 -6.91
C THR C 166 -22.97 -44.69 -7.66
N ILE C 167 -21.82 -44.07 -7.87
CA ILE C 167 -21.73 -42.86 -8.67
C ILE C 167 -21.59 -43.26 -10.13
N VAL C 168 -22.46 -42.73 -10.99
CA VAL C 168 -22.57 -43.18 -12.37
C VAL C 168 -22.29 -42.03 -13.31
N SER C 169 -21.43 -42.27 -14.28
CA SER C 169 -21.26 -41.32 -15.37
C SER C 169 -22.29 -41.60 -16.45
N PRO C 170 -22.97 -40.57 -16.97
CA PRO C 170 -23.88 -40.79 -18.09
C PRO C 170 -23.18 -41.18 -19.38
N ASP C 171 -21.90 -40.85 -19.53
CA ASP C 171 -21.16 -41.14 -20.75
C ASP C 171 -19.71 -41.39 -20.39
N ALA C 172 -18.92 -41.79 -21.39
CA ALA C 172 -17.51 -42.04 -21.16
C ALA C 172 -16.76 -40.74 -20.88
N GLY C 173 -17.29 -39.61 -21.36
CA GLY C 173 -16.59 -38.35 -21.21
C GLY C 173 -16.47 -37.87 -19.77
N GLY C 174 -17.52 -38.07 -18.98
CA GLY C 174 -17.53 -37.57 -17.62
C GLY C 174 -16.96 -38.48 -16.57
N ALA C 175 -16.42 -39.63 -16.97
CA ALA C 175 -15.98 -40.65 -16.00
C ALA C 175 -15.02 -40.06 -14.98
N LYS C 176 -14.04 -39.29 -15.44
CA LYS C 176 -13.10 -38.65 -14.53
C LYS C 176 -13.83 -38.01 -13.36
N ARG C 177 -14.79 -37.14 -13.67
CA ARG C 177 -15.53 -36.46 -12.62
C ARG C 177 -16.12 -37.45 -11.63
N VAL C 178 -16.82 -38.47 -12.13
CA VAL C 178 -17.49 -39.37 -11.19
C VAL C 178 -16.45 -40.13 -10.37
N THR C 179 -15.33 -40.49 -10.99
CA THR C 179 -14.29 -41.18 -10.23
C THR C 179 -13.82 -40.31 -9.09
N SER C 180 -13.59 -39.03 -9.36
CA SER C 180 -13.22 -38.11 -8.29
C SER C 180 -14.21 -38.20 -7.15
N ILE C 181 -15.51 -38.08 -7.47
CA ILE C 181 -16.52 -38.15 -6.43
C ILE C 181 -16.48 -39.51 -5.74
N ALA C 182 -16.36 -40.57 -6.53
CA ALA C 182 -16.33 -41.91 -5.96
C ALA C 182 -15.13 -42.05 -5.03
N ASP C 183 -14.03 -41.37 -5.34
CA ASP C 183 -12.88 -41.44 -4.45
C ASP C 183 -13.14 -40.71 -3.15
N ARG C 184 -13.85 -39.59 -3.20
CA ARG C 184 -14.06 -38.79 -2.00
C ARG C 184 -15.13 -39.37 -1.09
N LEU C 185 -16.00 -40.23 -1.61
CA LEU C 185 -17.04 -40.86 -0.82
C LEU C 185 -16.73 -42.30 -0.45
N ASN C 186 -15.74 -42.93 -1.10
CA ASN C 186 -15.43 -44.35 -0.92
C ASN C 186 -16.65 -45.22 -1.27
N VAL C 187 -17.07 -45.09 -2.53
CA VAL C 187 -18.18 -45.86 -3.07
C VAL C 187 -17.80 -46.35 -4.46
N ASP C 188 -18.65 -47.20 -5.01
CA ASP C 188 -18.42 -47.72 -6.35
C ASP C 188 -18.76 -46.67 -7.39
N PHE C 189 -18.16 -46.82 -8.58
CA PHE C 189 -18.46 -45.95 -9.71
C PHE C 189 -18.72 -46.79 -10.94
N ALA C 190 -19.76 -46.44 -11.67
CA ALA C 190 -20.22 -47.13 -12.86
C ALA C 190 -20.17 -46.19 -14.06
N LEU C 191 -20.00 -46.78 -15.23
CA LEU C 191 -20.06 -46.05 -16.49
C LEU C 191 -21.21 -46.57 -17.33
N ILE C 192 -21.72 -45.68 -18.18
CA ILE C 192 -22.79 -46.00 -19.11
C ILE C 192 -22.41 -45.39 -20.45
N HIS C 193 -22.44 -46.20 -21.52
CA HIS C 193 -22.14 -45.68 -22.88
C HIS C 193 -23.12 -46.29 -23.89
N LYS C 194 -23.49 -45.56 -24.93
CA LYS C 194 -24.38 -46.07 -25.97
C LYS C 194 -23.56 -46.78 -27.05
N GLU C 195 -24.14 -47.86 -27.57
CA GLU C 195 -23.49 -48.68 -28.57
C GLU C 195 -23.74 -48.14 -29.98
N ASP C 203 -28.95 -46.95 -30.12
CA ASP C 203 -29.98 -46.44 -29.22
C ASP C 203 -29.95 -47.19 -27.88
N ARG C 204 -29.16 -48.26 -27.83
CA ARG C 204 -29.00 -49.03 -26.61
C ARG C 204 -27.82 -48.52 -25.80
N MET C 205 -27.92 -48.66 -24.49
CA MET C 205 -26.86 -48.28 -23.55
C MET C 205 -26.36 -49.51 -22.82
N VAL C 206 -25.05 -49.52 -22.54
CA VAL C 206 -24.41 -50.60 -21.80
C VAL C 206 -23.83 -50.00 -20.52
N LEU C 207 -24.06 -50.69 -19.40
CA LEU C 207 -23.69 -50.29 -18.06
C LEU C 207 -22.69 -51.28 -17.47
N VAL C 208 -21.62 -50.75 -16.90
CA VAL C 208 -20.62 -51.57 -16.23
C VAL C 208 -20.64 -51.19 -14.75
N GLY C 209 -20.74 -52.19 -13.88
CA GLY C 209 -20.80 -51.93 -12.46
C GLY C 209 -22.12 -52.35 -11.84
N ASP C 210 -22.05 -53.08 -10.73
CA ASP C 210 -23.26 -53.52 -10.05
C ASP C 210 -24.02 -52.33 -9.48
N VAL C 211 -25.30 -52.25 -9.79
CA VAL C 211 -26.17 -51.21 -9.28
C VAL C 211 -27.44 -51.76 -8.63
N LYS C 212 -27.59 -53.08 -8.56
CA LYS C 212 -28.81 -53.67 -8.02
C LYS C 212 -28.90 -53.41 -6.51
N ASP C 213 -30.10 -53.06 -6.06
CA ASP C 213 -30.44 -52.78 -4.66
C ASP C 213 -29.64 -51.63 -4.09
N ARG C 214 -28.98 -50.83 -4.92
CA ARG C 214 -28.15 -49.72 -4.48
C ARG C 214 -28.69 -48.43 -5.09
N VAL C 215 -28.52 -47.33 -4.35
CA VAL C 215 -28.88 -46.03 -4.88
C VAL C 215 -27.83 -45.60 -5.90
N ALA C 216 -28.28 -45.15 -7.07
CA ALA C 216 -27.38 -44.68 -8.11
C ALA C 216 -27.47 -43.17 -8.20
N ILE C 217 -26.33 -42.53 -8.43
CA ILE C 217 -26.23 -41.07 -8.52
C ILE C 217 -25.52 -40.75 -9.83
N LEU C 218 -26.28 -40.36 -10.85
CA LEU C 218 -25.67 -39.82 -12.06
C LEU C 218 -25.05 -38.46 -11.75
N VAL C 219 -23.84 -38.22 -12.26
CA VAL C 219 -23.18 -36.94 -12.02
C VAL C 219 -22.74 -36.34 -13.35
N ASP C 220 -22.94 -35.03 -13.50
CA ASP C 220 -22.57 -34.36 -14.74
C ASP C 220 -22.39 -32.86 -14.56
N ASP C 221 -21.73 -32.27 -15.55
CA ASP C 221 -21.48 -30.84 -15.55
C ASP C 221 -22.75 -30.07 -15.92
N MET C 222 -23.49 -30.58 -16.90
CA MET C 222 -24.65 -29.78 -17.39
C MET C 222 -25.78 -30.61 -17.97
N ALA C 223 -27.02 -30.20 -17.70
CA ALA C 223 -28.20 -30.82 -18.27
C ALA C 223 -28.89 -29.79 -19.15
N ASP C 224 -28.77 -29.94 -20.47
CA ASP C 224 -29.42 -29.02 -21.38
C ASP C 224 -30.80 -29.50 -21.80
N THR C 225 -30.85 -30.60 -22.54
CA THR C 225 -32.12 -31.17 -22.94
C THR C 225 -32.46 -32.41 -22.13
N CYS C 226 -31.51 -32.91 -21.35
CA CYS C 226 -31.66 -34.03 -20.42
C CYS C 226 -31.96 -35.33 -21.11
N GLY C 227 -31.72 -35.44 -22.42
CA GLY C 227 -31.83 -36.73 -23.06
C GLY C 227 -30.83 -37.72 -22.52
N THR C 228 -29.59 -37.27 -22.32
CA THR C 228 -28.53 -38.14 -21.83
C THR C 228 -28.88 -38.71 -20.46
N ILE C 229 -29.22 -37.84 -19.50
CA ILE C 229 -29.46 -38.33 -18.15
C ILE C 229 -30.75 -39.13 -18.08
N CYS C 230 -31.76 -38.78 -18.89
CA CYS C 230 -32.99 -39.56 -18.86
C CYS C 230 -32.78 -40.97 -19.41
N HIS C 231 -32.02 -41.09 -20.50
CA HIS C 231 -31.70 -42.42 -21.01
C HIS C 231 -30.87 -43.21 -20.00
N ALA C 232 -29.89 -42.55 -19.38
CA ALA C 232 -29.09 -43.21 -18.37
C ALA C 232 -29.94 -43.68 -17.19
N ALA C 233 -30.90 -42.86 -16.76
CA ALA C 233 -31.74 -43.24 -15.64
C ALA C 233 -32.64 -44.42 -16.00
N ASP C 234 -33.17 -44.42 -17.22
CA ASP C 234 -33.95 -45.57 -17.67
C ASP C 234 -33.11 -46.85 -17.62
N LYS C 235 -31.87 -46.77 -18.10
CA LYS C 235 -31.00 -47.93 -18.04
C LYS C 235 -30.69 -48.36 -16.62
N LEU C 236 -30.48 -47.38 -15.72
CA LEU C 236 -30.18 -47.71 -14.34
C LEU C 236 -31.36 -48.42 -13.67
N LEU C 237 -32.58 -47.96 -13.94
CA LEU C 237 -33.73 -48.67 -13.41
C LEU C 237 -33.88 -50.06 -14.03
N SER C 238 -33.50 -50.20 -15.31
CA SER C 238 -33.50 -51.52 -15.92
C SER C 238 -32.57 -52.47 -15.19
N ALA C 239 -31.42 -51.97 -14.76
CA ALA C 239 -30.41 -52.80 -14.09
C ALA C 239 -30.64 -52.94 -12.59
N GLY C 240 -31.87 -52.74 -12.12
CA GLY C 240 -32.20 -53.09 -10.75
C GLY C 240 -31.83 -52.08 -9.69
N ALA C 241 -31.53 -50.84 -10.08
CA ALA C 241 -31.22 -49.80 -9.09
C ALA C 241 -32.46 -49.49 -8.26
N THR C 242 -32.23 -49.08 -7.02
CA THR C 242 -33.35 -48.79 -6.13
C THR C 242 -33.91 -47.40 -6.39
N ARG C 243 -33.07 -46.37 -6.29
CA ARG C 243 -33.44 -45.02 -6.66
C ARG C 243 -32.32 -44.44 -7.50
N VAL C 244 -32.67 -43.53 -8.40
CA VAL C 244 -31.70 -42.86 -9.25
C VAL C 244 -31.80 -41.37 -9.01
N TYR C 245 -30.67 -40.76 -8.66
CA TYR C 245 -30.51 -39.33 -8.54
C TYR C 245 -29.70 -38.81 -9.72
N ALA C 246 -29.85 -37.53 -10.02
CA ALA C 246 -28.99 -36.85 -10.98
C ALA C 246 -28.49 -35.58 -10.33
N ILE C 247 -27.18 -35.34 -10.39
CA ILE C 247 -26.57 -34.14 -9.83
C ILE C 247 -25.74 -33.49 -10.92
N LEU C 248 -26.08 -32.24 -11.23
CA LEU C 248 -25.42 -31.49 -12.28
C LEU C 248 -25.02 -30.12 -11.75
N THR C 249 -23.86 -29.66 -12.18
CA THR C 249 -23.49 -28.32 -11.72
C THR C 249 -24.24 -27.23 -12.47
N HIS C 250 -24.56 -27.45 -13.75
CA HIS C 250 -25.27 -26.44 -14.54
C HIS C 250 -26.62 -26.96 -15.02
N GLY C 251 -27.68 -26.42 -14.46
CA GLY C 251 -29.03 -26.77 -14.87
C GLY C 251 -29.62 -25.88 -15.95
N ILE C 252 -29.20 -26.06 -17.20
CA ILE C 252 -29.70 -25.22 -18.27
C ILE C 252 -31.17 -25.50 -18.57
N PHE C 253 -31.52 -26.78 -18.71
CA PHE C 253 -32.92 -27.22 -18.83
C PHE C 253 -33.66 -26.55 -19.99
N SER C 254 -33.03 -26.54 -21.15
CA SER C 254 -33.68 -25.94 -22.31
C SER C 254 -34.48 -26.98 -23.08
N GLY C 255 -35.33 -26.49 -23.96
CA GLY C 255 -36.13 -27.35 -24.81
C GLY C 255 -37.11 -28.21 -24.03
N PRO C 256 -37.08 -29.52 -24.31
CA PRO C 256 -38.01 -30.45 -23.65
C PRO C 256 -37.52 -31.01 -22.32
N ALA C 257 -36.50 -30.41 -21.72
CA ALA C 257 -35.88 -31.01 -20.54
C ALA C 257 -36.86 -31.18 -19.40
N ILE C 258 -37.72 -30.18 -19.18
CA ILE C 258 -38.62 -30.24 -18.02
C ILE C 258 -39.65 -31.36 -18.20
N SER C 259 -40.20 -31.51 -19.39
CA SER C 259 -41.14 -32.59 -19.63
C SER C 259 -40.48 -33.95 -19.46
N ARG C 260 -39.26 -34.12 -20.00
CA ARG C 260 -38.57 -35.39 -19.88
C ARG C 260 -38.26 -35.72 -18.43
N ILE C 261 -37.81 -34.73 -17.66
CA ILE C 261 -37.54 -34.98 -16.25
C ILE C 261 -38.82 -35.33 -15.52
N ASN C 262 -39.91 -34.63 -15.81
CA ASN C 262 -41.20 -34.95 -15.19
C ASN C 262 -41.63 -36.38 -15.52
N ASN C 263 -41.32 -36.85 -16.73
CA ASN C 263 -41.66 -38.21 -17.09
C ASN C 263 -40.59 -39.23 -16.71
N ALA C 264 -39.47 -38.77 -16.14
CA ALA C 264 -38.40 -39.69 -15.80
C ALA C 264 -38.57 -40.21 -14.36
N CYS C 265 -37.71 -41.15 -14.00
CA CYS C 265 -37.80 -41.85 -12.73
C CYS C 265 -36.93 -41.26 -11.65
N PHE C 266 -36.31 -40.11 -11.89
CA PHE C 266 -35.42 -39.52 -10.91
C PHE C 266 -36.12 -39.28 -9.59
N GLU C 267 -35.45 -39.63 -8.50
CA GLU C 267 -35.91 -39.19 -7.20
C GLU C 267 -35.76 -37.69 -7.05
N ALA C 268 -34.64 -37.14 -7.53
CA ALA C 268 -34.38 -35.72 -7.50
C ALA C 268 -33.40 -35.38 -8.62
N VAL C 269 -33.48 -34.16 -9.09
CA VAL C 269 -32.50 -33.61 -10.03
C VAL C 269 -31.88 -32.41 -9.34
N VAL C 270 -30.70 -32.59 -8.78
CA VAL C 270 -30.01 -31.55 -8.05
C VAL C 270 -29.09 -30.81 -9.01
N VAL C 271 -29.19 -29.49 -9.01
CA VAL C 271 -28.31 -28.66 -9.82
C VAL C 271 -27.79 -27.54 -8.94
N THR C 272 -26.63 -27.01 -9.31
CA THR C 272 -26.21 -25.83 -8.57
C THR C 272 -26.94 -24.58 -9.08
N ASN C 273 -26.82 -23.48 -8.34
CA ASN C 273 -27.40 -22.24 -8.81
C ASN C 273 -26.42 -21.37 -9.57
N THR C 274 -25.65 -21.95 -10.49
CA THR C 274 -24.89 -21.13 -11.43
C THR C 274 -25.80 -20.47 -12.45
N ILE C 275 -27.00 -21.00 -12.61
CA ILE C 275 -28.02 -20.52 -13.53
C ILE C 275 -29.28 -20.37 -12.68
N PRO C 276 -30.05 -19.29 -12.82
CA PRO C 276 -31.27 -19.16 -12.02
C PRO C 276 -32.24 -20.28 -12.33
N GLN C 277 -32.90 -20.78 -11.29
CA GLN C 277 -33.72 -21.97 -11.39
C GLN C 277 -35.16 -21.79 -10.97
N GLU C 278 -35.57 -20.60 -10.53
CA GLU C 278 -36.88 -20.43 -9.93
C GLU C 278 -38.00 -20.80 -10.91
N ASP C 279 -37.88 -20.39 -12.16
CA ASP C 279 -38.91 -20.69 -13.15
C ASP C 279 -39.03 -22.18 -13.40
N LYS C 280 -37.89 -22.87 -13.50
CA LYS C 280 -37.92 -24.32 -13.73
C LYS C 280 -38.48 -25.07 -12.53
N MET C 281 -38.17 -24.62 -11.31
CA MET C 281 -38.71 -25.27 -10.12
C MET C 281 -40.23 -25.18 -10.08
N LYS C 282 -40.81 -24.13 -10.67
CA LYS C 282 -42.26 -24.01 -10.71
C LYS C 282 -42.89 -25.16 -11.47
N HIS C 283 -42.30 -25.54 -12.59
CA HIS C 283 -42.87 -26.57 -13.45
C HIS C 283 -42.26 -27.94 -13.24
N CYS C 284 -41.30 -28.09 -12.32
CA CYS C 284 -40.67 -29.39 -12.11
C CYS C 284 -40.44 -29.56 -10.62
N SER C 285 -41.17 -30.49 -10.00
CA SER C 285 -41.13 -30.66 -8.57
C SER C 285 -39.79 -31.23 -8.09
N LYS C 286 -39.16 -32.07 -8.87
CA LYS C 286 -38.01 -32.82 -8.40
C LYS C 286 -36.68 -32.11 -8.64
N ILE C 287 -36.70 -30.87 -9.13
CA ILE C 287 -35.47 -30.09 -9.20
C ILE C 287 -35.15 -29.52 -7.84
N GLN C 288 -33.90 -29.66 -7.41
CA GLN C 288 -33.42 -29.08 -6.17
C GLN C 288 -32.15 -28.30 -6.45
N VAL C 289 -31.84 -27.30 -5.61
CA VAL C 289 -30.69 -26.40 -5.90
C VAL C 289 -29.63 -26.45 -4.81
N ILE C 290 -28.34 -26.57 -5.18
CA ILE C 290 -27.24 -26.47 -4.17
C ILE C 290 -26.61 -25.09 -4.31
N ASP C 291 -26.62 -24.30 -3.23
CA ASP C 291 -26.02 -22.97 -3.27
C ASP C 291 -24.50 -23.12 -3.39
N ILE C 292 -23.92 -22.45 -4.39
CA ILE C 292 -22.47 -22.36 -4.49
C ILE C 292 -21.99 -20.92 -4.36
N SER C 293 -22.87 -20.02 -3.92
CA SER C 293 -22.48 -18.63 -3.74
C SER C 293 -21.39 -18.47 -2.70
N MET C 294 -21.30 -19.37 -1.72
CA MET C 294 -20.20 -19.27 -0.76
C MET C 294 -18.86 -19.54 -1.42
N ILE C 295 -18.80 -20.51 -2.34
CA ILE C 295 -17.55 -20.79 -3.04
C ILE C 295 -17.15 -19.61 -3.90
N LEU C 296 -18.10 -19.03 -4.63
CA LEU C 296 -17.79 -17.89 -5.48
C LEU C 296 -17.36 -16.67 -4.65
N ALA C 297 -18.06 -16.41 -3.56
CA ALA C 297 -17.72 -15.30 -2.69
C ALA C 297 -16.33 -15.48 -2.09
N GLU C 298 -16.02 -16.69 -1.62
CA GLU C 298 -14.71 -16.95 -1.07
C GLU C 298 -13.62 -16.82 -2.13
N ALA C 299 -13.90 -17.27 -3.35
CA ALA C 299 -12.92 -17.11 -4.42
C ALA C 299 -12.66 -15.64 -4.72
N ILE C 300 -13.73 -14.83 -4.76
CA ILE C 300 -13.56 -13.40 -5.00
C ILE C 300 -12.72 -12.78 -3.89
N ARG C 301 -13.05 -13.12 -2.65
CA ARG C 301 -12.37 -12.52 -1.51
C ARG C 301 -10.91 -12.96 -1.44
N ARG C 302 -10.63 -14.20 -1.83
CA ARG C 302 -9.25 -14.68 -1.80
C ARG C 302 -8.42 -14.12 -2.94
N THR C 303 -9.01 -13.96 -4.14
CA THR C 303 -8.28 -13.28 -5.20
C THR C 303 -8.01 -11.83 -4.83
N HIS C 304 -8.96 -11.17 -4.17
CA HIS C 304 -8.73 -9.79 -3.76
C HIS C 304 -7.63 -9.69 -2.70
N ASN C 305 -7.64 -10.58 -1.72
CA ASN C 305 -6.69 -10.49 -0.63
C ASN C 305 -5.39 -11.22 -0.90
N GLY C 306 -5.24 -11.83 -2.07
CA GLY C 306 -4.04 -12.58 -2.34
C GLY C 306 -3.89 -13.87 -1.56
N GLU C 307 -4.99 -14.44 -1.07
CA GLU C 307 -4.91 -15.74 -0.44
C GLU C 307 -5.07 -16.85 -1.46
N SER C 308 -4.83 -18.08 -1.02
CA SER C 308 -4.90 -19.22 -1.93
C SER C 308 -6.34 -19.51 -2.34
N VAL C 309 -6.56 -19.61 -3.64
CA VAL C 309 -7.87 -19.99 -4.15
C VAL C 309 -8.02 -21.51 -4.21
N SER C 310 -6.93 -22.20 -4.54
CA SER C 310 -6.98 -23.66 -4.69
C SER C 310 -7.34 -24.36 -3.40
N TYR C 311 -7.21 -23.67 -2.27
CA TYR C 311 -7.67 -24.14 -0.98
C TYR C 311 -9.14 -24.56 -1.06
N LEU C 312 -9.91 -23.88 -1.90
CA LEU C 312 -11.33 -24.16 -2.09
C LEU C 312 -11.59 -25.43 -2.88
N PHE C 313 -10.59 -26.00 -3.56
CA PHE C 313 -10.85 -27.21 -4.33
C PHE C 313 -11.29 -28.37 -3.45
N SER C 314 -10.93 -28.33 -2.17
CA SER C 314 -11.23 -29.42 -1.27
C SER C 314 -11.93 -29.00 0.02
N HIS C 315 -12.17 -27.72 0.23
CA HIS C 315 -12.71 -27.23 1.50
C HIS C 315 -13.97 -26.42 1.27
N VAL C 316 -15.04 -26.79 1.96
CA VAL C 316 -16.26 -25.98 1.93
C VAL C 316 -16.13 -24.83 2.91
N PRO C 317 -16.24 -23.58 2.47
CA PRO C 317 -16.11 -22.42 3.37
C PRO C 317 -17.43 -22.05 4.05
N PRO D 2 4.74 -18.92 -55.95
CA PRO D 2 5.14 -19.51 -54.68
C PRO D 2 5.18 -21.04 -54.75
N ASN D 3 6.36 -21.61 -54.55
CA ASN D 3 6.57 -23.03 -54.64
C ASN D 3 6.69 -23.66 -53.25
N ILE D 4 6.52 -24.97 -53.21
CA ILE D 4 6.69 -25.71 -51.96
C ILE D 4 8.17 -25.90 -51.68
N LYS D 5 8.58 -25.57 -50.46
CA LYS D 5 9.91 -25.88 -49.96
C LYS D 5 9.74 -26.70 -48.70
N ILE D 6 10.32 -27.89 -48.68
CA ILE D 6 10.24 -28.78 -47.52
C ILE D 6 11.60 -28.76 -46.84
N PHE D 7 11.61 -28.44 -45.56
CA PHE D 7 12.82 -28.45 -44.75
C PHE D 7 12.67 -29.46 -43.63
N SER D 8 13.76 -30.15 -43.33
CA SER D 8 13.77 -31.17 -42.29
C SER D 8 14.52 -30.66 -41.06
N GLY D 9 13.91 -30.80 -39.91
CA GLY D 9 14.65 -30.73 -38.67
C GLY D 9 15.40 -32.03 -38.44
N SER D 10 16.23 -32.04 -37.40
CA SER D 10 17.04 -33.22 -37.15
C SER D 10 16.26 -34.35 -36.48
N SER D 11 15.05 -34.10 -36.01
CA SER D 11 14.32 -35.11 -35.25
C SER D 11 13.97 -36.33 -36.10
N HIS D 12 13.34 -36.11 -37.26
CA HIS D 12 12.82 -37.22 -38.04
C HIS D 12 13.16 -36.97 -39.52
N GLN D 13 14.38 -37.34 -39.92
CA GLN D 13 14.82 -37.03 -41.27
C GLN D 13 14.27 -38.03 -42.28
N ASP D 14 14.06 -39.28 -41.87
CA ASP D 14 13.49 -40.27 -42.77
C ASP D 14 12.07 -39.88 -43.19
N LEU D 15 11.26 -39.42 -42.23
CA LEU D 15 9.91 -39.00 -42.56
C LEU D 15 9.92 -37.81 -43.51
N SER D 16 10.81 -36.84 -43.26
CA SER D 16 10.90 -35.68 -44.14
C SER D 16 11.29 -36.11 -45.55
N GLN D 17 12.23 -37.05 -45.66
CA GLN D 17 12.61 -37.54 -46.98
C GLN D 17 11.45 -38.25 -47.68
N LYS D 18 10.71 -39.08 -46.95
CA LYS D 18 9.56 -39.76 -47.55
C LYS D 18 8.54 -38.75 -48.05
N ILE D 19 8.26 -37.72 -47.26
CA ILE D 19 7.32 -36.68 -47.66
C ILE D 19 7.82 -35.96 -48.90
N ALA D 20 9.12 -35.63 -48.93
CA ALA D 20 9.69 -34.94 -50.07
C ALA D 20 9.61 -35.77 -51.34
N ASP D 21 9.90 -37.07 -51.25
CA ASP D 21 9.75 -37.94 -52.41
C ASP D 21 8.30 -38.01 -52.89
N ARG D 22 7.35 -38.12 -51.96
CA ARG D 22 5.96 -38.16 -52.38
C ARG D 22 5.53 -36.84 -53.03
N LEU D 23 6.14 -35.73 -52.64
CA LEU D 23 5.84 -34.46 -53.27
C LEU D 23 6.63 -34.24 -54.56
N GLY D 24 7.57 -35.14 -54.88
CA GLY D 24 8.42 -34.93 -56.04
C GLY D 24 9.43 -33.84 -55.88
N LEU D 25 9.88 -33.58 -54.66
CA LEU D 25 10.77 -32.48 -54.35
C LEU D 25 12.03 -32.99 -53.65
N GLU D 26 13.07 -32.18 -53.69
CA GLU D 26 14.23 -32.42 -52.85
C GLU D 26 14.12 -31.62 -51.57
N LEU D 27 14.47 -32.28 -50.46
CA LEU D 27 14.37 -31.65 -49.12
C LEU D 27 15.11 -30.33 -49.15
N GLY D 28 14.52 -29.27 -48.59
CA GLY D 28 15.23 -28.02 -48.71
C GLY D 28 16.58 -28.06 -48.03
N LYS D 29 17.55 -27.36 -48.60
CA LYS D 29 18.88 -27.32 -48.03
C LYS D 29 18.88 -26.51 -46.74
N VAL D 30 19.15 -27.17 -45.62
CA VAL D 30 19.27 -26.50 -44.34
C VAL D 30 20.35 -27.21 -43.53
N VAL D 31 21.14 -26.42 -42.80
CA VAL D 31 22.10 -26.95 -41.84
C VAL D 31 21.52 -26.74 -40.46
N THR D 32 21.33 -27.86 -39.75
CA THR D 32 20.73 -27.82 -38.39
C THR D 32 21.59 -28.66 -37.46
N LYS D 33 22.49 -28.03 -36.70
CA LYS D 33 23.42 -28.70 -35.82
C LYS D 33 23.49 -27.93 -34.52
N LYS D 34 24.46 -28.26 -33.68
CA LYS D 34 24.67 -27.55 -32.44
C LYS D 34 26.06 -26.96 -32.40
N PHE D 35 26.16 -25.71 -31.94
CA PHE D 35 27.45 -25.14 -31.59
C PHE D 35 28.05 -25.93 -30.43
N SER D 36 29.32 -25.63 -30.13
CA SER D 36 30.02 -26.33 -29.06
C SER D 36 29.31 -26.17 -27.72
N ASN D 37 28.85 -24.97 -27.42
CA ASN D 37 28.14 -24.72 -26.16
C ASN D 37 26.68 -25.16 -26.20
N GLN D 38 26.30 -25.95 -27.21
CA GLN D 38 25.00 -26.59 -27.36
C GLN D 38 23.89 -25.64 -27.77
N GLU D 39 24.22 -24.46 -28.27
CA GLU D 39 23.20 -23.62 -28.88
C GLU D 39 22.89 -24.13 -30.28
N THR D 40 21.60 -24.08 -30.63
CA THR D 40 21.14 -24.60 -31.94
C THR D 40 21.58 -23.68 -33.07
N CYS D 41 22.35 -24.21 -34.02
CA CYS D 41 22.81 -23.46 -35.18
C CYS D 41 21.96 -23.86 -36.38
N VAL D 42 21.35 -22.87 -37.02
CA VAL D 42 20.50 -23.10 -38.19
C VAL D 42 20.96 -22.17 -39.31
N GLU D 43 21.11 -22.73 -40.50
CA GLU D 43 21.42 -21.94 -41.68
C GLU D 43 20.58 -22.45 -42.84
N ILE D 44 19.72 -21.60 -43.39
CA ILE D 44 18.91 -21.97 -44.54
C ILE D 44 19.80 -21.86 -45.77
N GLY D 45 20.03 -22.99 -46.44
CA GLY D 45 20.95 -23.10 -47.55
C GLY D 45 20.40 -22.72 -48.90
N GLU D 46 19.17 -22.25 -48.97
CA GLU D 46 18.57 -21.81 -50.22
C GLU D 46 17.60 -20.69 -49.93
N SER D 47 17.33 -19.90 -50.96
CA SER D 47 16.36 -18.82 -50.82
C SER D 47 14.96 -19.38 -50.64
N VAL D 48 14.24 -18.88 -49.64
CA VAL D 48 12.84 -19.21 -49.43
C VAL D 48 11.94 -18.02 -49.68
N ARG D 49 12.37 -17.03 -50.48
CA ARG D 49 11.55 -15.79 -50.69
C ARG D 49 10.25 -16.10 -51.48
N GLY D 50 9.12 -15.62 -50.95
CA GLY D 50 7.84 -15.82 -51.64
C GLY D 50 7.59 -17.29 -51.85
N GLU D 51 8.11 -18.15 -50.98
CA GLU D 51 7.80 -19.56 -51.12
C GLU D 51 6.86 -20.02 -50.01
N ASP D 52 6.21 -21.15 -50.26
CA ASP D 52 5.36 -21.81 -49.27
C ASP D 52 6.21 -22.86 -48.57
N VAL D 53 6.64 -22.55 -47.35
CA VAL D 53 7.64 -23.33 -46.64
C VAL D 53 6.95 -24.27 -45.67
N TYR D 54 7.36 -25.54 -45.68
CA TYR D 54 6.87 -26.52 -44.73
C TYR D 54 8.07 -27.10 -43.98
N ILE D 55 8.05 -26.99 -42.67
CA ILE D 55 9.14 -27.49 -41.83
C ILE D 55 8.62 -28.69 -41.05
N VAL D 56 9.25 -29.83 -41.24
CA VAL D 56 8.81 -31.08 -40.63
C VAL D 56 9.68 -31.34 -39.41
N GLN D 57 9.03 -31.46 -38.25
CA GLN D 57 9.71 -31.71 -36.98
C GLN D 57 8.70 -32.29 -36.01
N SER D 58 9.00 -33.46 -35.46
CA SER D 58 8.10 -34.08 -34.52
C SER D 58 8.59 -33.87 -33.09
N GLY D 59 7.64 -33.96 -32.15
CA GLY D 59 7.96 -33.85 -30.74
C GLY D 59 8.43 -35.18 -30.19
N CYS D 60 9.66 -35.54 -30.49
CA CYS D 60 10.22 -36.84 -30.16
C CYS D 60 11.70 -36.68 -29.82
N GLY D 61 12.27 -37.73 -29.27
CA GLY D 61 13.68 -37.71 -28.91
C GLY D 61 13.96 -36.63 -27.90
N GLU D 62 14.99 -35.84 -28.16
CA GLU D 62 15.33 -34.69 -27.32
C GLU D 62 14.35 -33.57 -27.61
N ILE D 63 13.26 -33.56 -26.83
CA ILE D 63 12.08 -32.79 -27.20
C ILE D 63 12.36 -31.30 -27.18
N ASN D 64 13.04 -30.82 -26.14
CA ASN D 64 13.27 -29.38 -26.05
C ASN D 64 14.25 -28.90 -27.12
N ASP D 65 15.26 -29.70 -27.43
CA ASP D 65 16.16 -29.38 -28.52
C ASP D 65 15.43 -29.32 -29.85
N ASN D 66 14.57 -30.30 -30.12
CA ASN D 66 13.83 -30.33 -31.38
C ASN D 66 12.86 -29.16 -31.47
N LEU D 67 12.19 -28.83 -30.38
CA LEU D 67 11.25 -27.73 -30.37
C LEU D 67 11.97 -26.40 -30.62
N MET D 68 13.11 -26.21 -29.97
CA MET D 68 13.88 -24.99 -30.23
C MET D 68 14.39 -24.94 -31.66
N GLU D 69 14.86 -26.07 -32.19
CA GLU D 69 15.23 -26.13 -33.60
C GLU D 69 14.08 -25.70 -34.49
N LEU D 70 12.88 -26.21 -34.24
CA LEU D 70 11.73 -25.87 -35.06
C LEU D 70 11.44 -24.37 -34.97
N LEU D 71 11.45 -23.81 -33.76
CA LEU D 71 11.16 -22.40 -33.61
C LEU D 71 12.20 -21.54 -34.31
N ILE D 72 13.47 -21.91 -34.19
CA ILE D 72 14.55 -21.16 -34.84
C ILE D 72 14.43 -21.24 -36.35
N MET D 73 14.11 -22.43 -36.88
CA MET D 73 13.94 -22.57 -38.33
C MET D 73 12.76 -21.76 -38.84
N ILE D 74 11.65 -21.77 -38.09
CA ILE D 74 10.50 -20.95 -38.47
C ILE D 74 10.88 -19.49 -38.51
N ASN D 75 11.61 -19.03 -37.49
CA ASN D 75 12.01 -17.63 -37.43
C ASN D 75 12.92 -17.28 -38.60
N ALA D 76 13.88 -18.17 -38.91
CA ALA D 76 14.80 -17.92 -40.01
C ALA D 76 14.06 -17.81 -41.33
N CYS D 77 13.10 -18.71 -41.56
CA CYS D 77 12.33 -18.64 -42.80
C CYS D 77 11.44 -17.41 -42.85
N LYS D 78 10.87 -17.01 -41.70
CA LYS D 78 9.97 -15.87 -41.69
C LYS D 78 10.72 -14.57 -41.95
N ILE D 79 11.88 -14.37 -41.32
CA ILE D 79 12.63 -13.14 -41.60
C ILE D 79 13.38 -13.23 -42.92
N ALA D 80 13.42 -14.40 -43.55
CA ALA D 80 13.93 -14.52 -44.91
C ALA D 80 12.84 -14.28 -45.96
N SER D 81 11.68 -13.78 -45.55
CA SER D 81 10.62 -13.31 -46.46
C SER D 81 9.94 -14.47 -47.18
N ALA D 82 9.78 -15.59 -46.49
CA ALA D 82 8.92 -16.65 -47.03
C ALA D 82 7.48 -16.16 -47.07
N SER D 83 6.76 -16.52 -48.13
CA SER D 83 5.38 -16.07 -48.25
C SER D 83 4.51 -16.66 -47.15
N ARG D 84 4.75 -17.93 -46.80
CA ARG D 84 3.98 -18.61 -45.78
C ARG D 84 4.85 -19.69 -45.17
N VAL D 85 4.75 -19.86 -43.85
CA VAL D 85 5.52 -20.86 -43.13
C VAL D 85 4.56 -21.77 -42.39
N THR D 86 4.67 -23.06 -42.63
CA THR D 86 3.82 -24.06 -42.00
C THR D 86 4.68 -25.02 -41.19
N ALA D 87 4.27 -25.29 -39.96
CA ALA D 87 4.93 -26.28 -39.12
C ALA D 87 4.20 -27.60 -39.26
N VAL D 88 4.91 -28.62 -39.73
CA VAL D 88 4.36 -29.96 -39.85
C VAL D 88 4.90 -30.73 -38.66
N ILE D 89 4.06 -30.93 -37.65
CA ILE D 89 4.49 -31.50 -36.38
C ILE D 89 3.71 -32.80 -36.16
N PRO D 90 4.21 -33.94 -36.66
CA PRO D 90 3.41 -35.17 -36.59
C PRO D 90 3.01 -35.55 -35.18
N CYS D 91 3.90 -35.41 -34.20
CA CYS D 91 3.58 -35.62 -32.80
C CYS D 91 3.80 -34.31 -32.07
N PHE D 92 2.74 -33.74 -31.53
CA PHE D 92 2.79 -32.41 -30.96
C PHE D 92 3.41 -32.45 -29.56
N PRO D 93 4.50 -31.72 -29.31
CA PRO D 93 5.14 -31.76 -27.99
C PRO D 93 4.30 -31.09 -26.92
N TYR D 94 4.43 -31.59 -25.70
CA TYR D 94 3.71 -31.10 -24.53
C TYR D 94 2.21 -31.18 -24.67
N ALA D 95 1.72 -32.03 -25.57
CA ALA D 95 0.28 -32.13 -25.80
C ALA D 95 -0.46 -32.63 -24.57
N ARG D 96 0.19 -33.46 -23.75
CA ARG D 96 -0.46 -34.00 -22.56
C ARG D 96 -0.55 -32.99 -21.43
N GLN D 97 0.14 -31.85 -21.56
CA GLN D 97 0.03 -30.75 -20.56
C GLN D 97 -0.95 -29.73 -21.12
N ASP D 98 -2.20 -30.13 -21.33
CA ASP D 98 -3.22 -29.29 -21.95
C ASP D 98 -4.17 -28.66 -20.94
N LYS D 99 -3.92 -28.80 -19.64
CA LYS D 99 -4.79 -28.25 -18.62
C LYS D 99 -4.08 -28.27 -17.27
N LYS D 100 -4.64 -27.54 -16.32
CA LYS D 100 -4.07 -27.44 -14.98
C LYS D 100 -4.66 -28.46 -14.02
N ASP D 101 -5.98 -28.49 -13.89
CA ASP D 101 -6.69 -29.51 -13.11
C ASP D 101 -6.28 -29.55 -11.65
N LYS D 102 -6.59 -28.49 -10.90
CA LYS D 102 -6.38 -28.45 -9.44
C LYS D 102 -4.90 -28.52 -9.08
N SER D 103 -4.06 -28.04 -9.97
CA SER D 103 -2.63 -28.04 -9.71
C SER D 103 -2.06 -26.71 -10.16
N ARG D 104 -1.06 -26.22 -9.43
CA ARG D 104 -0.33 -25.01 -9.84
C ARG D 104 0.71 -25.40 -10.88
N ALA D 105 0.20 -25.80 -12.03
CA ALA D 105 0.98 -26.33 -13.13
C ALA D 105 0.89 -25.40 -14.33
N PRO D 106 1.86 -25.46 -15.23
CA PRO D 106 1.72 -24.73 -16.49
C PRO D 106 0.75 -25.44 -17.42
N ILE D 107 0.19 -24.68 -18.36
CA ILE D 107 -0.46 -25.29 -19.53
C ILE D 107 0.59 -25.23 -20.63
N SER D 108 1.45 -26.25 -20.66
CA SER D 108 2.62 -26.21 -21.53
C SER D 108 2.23 -26.27 -22.99
N ALA D 109 1.16 -26.97 -23.33
CA ALA D 109 0.70 -27.03 -24.71
C ALA D 109 0.34 -25.64 -25.22
N LYS D 110 -0.34 -24.84 -24.39
CA LYS D 110 -0.66 -23.48 -24.78
C LYS D 110 0.60 -22.64 -24.94
N LEU D 111 1.59 -22.84 -24.06
CA LEU D 111 2.85 -22.12 -24.19
C LEU D 111 3.54 -22.46 -25.50
N VAL D 112 3.54 -23.74 -25.86
CA VAL D 112 4.14 -24.16 -27.12
C VAL D 112 3.41 -23.54 -28.30
N ALA D 113 2.08 -23.52 -28.24
CA ALA D 113 1.30 -22.89 -29.31
C ALA D 113 1.64 -21.41 -29.44
N ASN D 114 1.73 -20.70 -28.32
CA ASN D 114 2.10 -19.29 -28.33
C ASN D 114 3.49 -19.09 -28.91
N MET D 115 4.44 -19.96 -28.55
CA MET D 115 5.80 -19.83 -29.06
C MET D 115 5.84 -20.06 -30.56
N LEU D 116 5.09 -21.05 -31.05
CA LEU D 116 5.01 -21.30 -32.49
C LEU D 116 4.42 -20.10 -33.22
N SER D 117 3.38 -19.50 -32.65
CA SER D 117 2.78 -18.33 -33.28
C SER D 117 3.75 -17.15 -33.30
N VAL D 118 4.47 -16.93 -32.20
CA VAL D 118 5.34 -15.77 -32.11
C VAL D 118 6.60 -15.98 -32.95
N ALA D 119 6.99 -17.23 -33.19
CA ALA D 119 8.10 -17.48 -34.08
C ALA D 119 7.74 -17.15 -35.52
N GLY D 120 6.46 -17.18 -35.85
CA GLY D 120 6.02 -16.76 -37.16
C GLY D 120 5.28 -17.82 -37.96
N ALA D 121 4.86 -18.90 -37.31
CA ALA D 121 4.11 -19.93 -38.01
C ALA D 121 2.75 -19.38 -38.44
N ASP D 122 2.40 -19.62 -39.70
CA ASP D 122 1.09 -19.23 -40.22
C ASP D 122 0.09 -20.36 -40.18
N HIS D 123 0.55 -21.60 -40.03
CA HIS D 123 -0.29 -22.77 -40.19
C HIS D 123 0.39 -23.95 -39.51
N ILE D 124 -0.42 -24.83 -38.94
CA ILE D 124 0.08 -26.04 -38.26
C ILE D 124 -0.60 -27.25 -38.89
N ILE D 125 0.20 -28.25 -39.23
CA ILE D 125 -0.29 -29.56 -39.61
C ILE D 125 0.23 -30.56 -38.59
N THR D 126 -0.67 -31.32 -37.98
CA THR D 126 -0.31 -32.32 -36.99
C THR D 126 -1.22 -33.52 -37.14
N MET D 127 -0.89 -34.59 -36.42
CA MET D 127 -1.62 -35.85 -36.49
C MET D 127 -2.04 -36.29 -35.10
N ASP D 128 -3.34 -36.56 -34.92
CA ASP D 128 -3.92 -37.10 -33.69
C ASP D 128 -3.41 -36.34 -32.46
N LEU D 129 -3.82 -35.08 -32.36
CA LEU D 129 -3.59 -34.31 -31.16
C LEU D 129 -4.15 -35.04 -29.95
N HIS D 130 -3.39 -35.01 -28.86
CA HIS D 130 -3.82 -35.69 -27.64
C HIS D 130 -5.22 -35.25 -27.21
N ALA D 131 -5.48 -33.94 -27.26
CA ALA D 131 -6.80 -33.38 -27.09
C ALA D 131 -7.05 -32.40 -28.21
N SER D 132 -8.18 -32.52 -28.89
CA SER D 132 -8.45 -31.64 -30.02
C SER D 132 -8.68 -30.21 -29.59
N GLN D 133 -8.94 -29.99 -28.29
CA GLN D 133 -9.00 -28.63 -27.76
C GLN D 133 -7.70 -27.87 -27.96
N ILE D 134 -6.58 -28.57 -28.19
CA ILE D 134 -5.32 -27.90 -28.45
C ILE D 134 -5.43 -27.05 -29.71
N GLN D 135 -6.34 -27.41 -30.63
CA GLN D 135 -6.59 -26.57 -31.78
C GLN D 135 -7.00 -25.16 -31.37
N GLY D 136 -7.77 -25.04 -30.29
CA GLY D 136 -8.17 -23.73 -29.80
C GLY D 136 -7.06 -22.96 -29.11
N PHE D 137 -5.94 -23.62 -28.79
CA PHE D 137 -4.81 -22.90 -28.24
C PHE D 137 -4.15 -22.00 -29.26
N PHE D 138 -4.46 -22.17 -30.53
CA PHE D 138 -3.90 -21.36 -31.60
C PHE D 138 -4.90 -20.33 -32.08
N ASP D 139 -4.39 -19.27 -32.69
CA ASP D 139 -5.21 -18.39 -33.50
C ASP D 139 -5.02 -18.61 -35.00
N ILE D 140 -3.93 -19.27 -35.40
CA ILE D 140 -3.70 -19.66 -36.78
C ILE D 140 -4.45 -20.96 -37.06
N PRO D 141 -4.76 -21.28 -38.32
CA PRO D 141 -5.42 -22.56 -38.60
C PRO D 141 -4.55 -23.75 -38.23
N VAL D 142 -5.18 -24.79 -37.71
CA VAL D 142 -4.51 -26.04 -37.37
C VAL D 142 -5.27 -27.17 -38.05
N ASP D 143 -4.57 -27.95 -38.86
CA ASP D 143 -5.14 -29.16 -39.46
C ASP D 143 -4.66 -30.35 -38.66
N ASN D 144 -5.58 -30.98 -37.94
CA ASN D 144 -5.30 -32.15 -37.13
C ASN D 144 -5.72 -33.38 -37.93
N LEU D 145 -4.74 -34.05 -38.55
CA LEU D 145 -5.02 -35.22 -39.34
C LEU D 145 -5.25 -36.44 -38.44
N TYR D 146 -5.81 -37.47 -39.03
CA TYR D 146 -6.14 -38.70 -38.31
C TYR D 146 -5.44 -39.89 -38.96
N ALA D 147 -4.84 -40.72 -38.12
CA ALA D 147 -4.25 -41.96 -38.59
C ALA D 147 -5.29 -43.05 -38.82
N GLU D 148 -6.54 -42.79 -38.48
CA GLU D 148 -7.59 -43.82 -38.54
C GLU D 148 -7.74 -44.48 -39.90
N PRO D 149 -7.83 -43.75 -41.05
CA PRO D 149 -7.84 -44.41 -42.36
C PRO D 149 -6.76 -45.48 -42.42
N ALA D 150 -5.55 -45.18 -41.94
CA ALA D 150 -4.42 -46.14 -42.01
C ALA D 150 -4.55 -47.23 -40.94
N VAL D 151 -5.06 -46.88 -39.74
CA VAL D 151 -5.25 -47.93 -38.73
C VAL D 151 -6.29 -48.94 -39.20
N LEU D 152 -7.40 -48.44 -39.75
CA LEU D 152 -8.44 -49.33 -40.27
C LEU D 152 -7.91 -50.20 -41.39
N LYS D 153 -7.13 -49.59 -42.29
CA LYS D 153 -6.50 -50.36 -43.35
C LYS D 153 -5.61 -51.46 -42.77
N TRP D 154 -4.77 -51.13 -41.79
CA TRP D 154 -3.90 -52.13 -41.20
C TRP D 154 -4.70 -53.25 -40.55
N ILE D 155 -5.77 -52.89 -39.82
CA ILE D 155 -6.56 -53.89 -39.13
C ILE D 155 -7.17 -54.87 -40.14
N ARG D 156 -7.74 -54.34 -41.21
CA ARG D 156 -8.36 -55.21 -42.20
C ARG D 156 -7.33 -56.12 -42.88
N GLU D 157 -6.15 -55.58 -43.22
CA GLU D 157 -5.20 -56.40 -43.96
C GLU D 157 -4.27 -57.23 -43.06
N ASN D 158 -4.36 -57.12 -41.74
CA ASN D 158 -3.44 -57.86 -40.89
C ASN D 158 -4.12 -58.75 -39.85
N ILE D 159 -5.34 -58.46 -39.47
CA ILE D 159 -6.05 -59.27 -38.48
C ILE D 159 -7.15 -60.01 -39.23
N SER D 160 -6.99 -61.33 -39.38
CA SER D 160 -7.92 -62.11 -40.18
C SER D 160 -9.30 -62.16 -39.54
N GLU D 161 -9.38 -62.08 -38.23
CA GLU D 161 -10.65 -62.16 -37.52
C GLU D 161 -11.24 -60.79 -37.21
N TRP D 162 -10.91 -59.78 -38.01
CA TRP D 162 -11.23 -58.40 -37.61
C TRP D 162 -12.74 -58.15 -37.56
N ARG D 163 -13.53 -58.97 -38.27
CA ARG D 163 -14.97 -58.77 -38.24
C ARG D 163 -15.57 -59.23 -36.92
N ASN D 164 -14.90 -60.09 -36.18
CA ASN D 164 -15.37 -60.54 -34.88
C ASN D 164 -14.54 -59.99 -33.72
N CYS D 165 -13.72 -58.97 -33.97
CA CYS D 165 -12.85 -58.45 -32.93
C CYS D 165 -13.60 -57.45 -32.05
N THR D 166 -12.97 -57.11 -30.92
CA THR D 166 -13.47 -56.06 -30.04
C THR D 166 -12.42 -54.96 -29.94
N ILE D 167 -12.82 -53.74 -30.23
CA ILE D 167 -11.95 -52.58 -30.06
C ILE D 167 -12.05 -52.11 -28.62
N VAL D 168 -10.93 -51.97 -27.94
CA VAL D 168 -10.89 -51.72 -26.50
C VAL D 168 -10.17 -50.41 -26.23
N SER D 169 -10.79 -49.58 -25.42
CA SER D 169 -10.11 -48.41 -24.90
C SER D 169 -9.34 -48.77 -23.64
N PRO D 170 -8.07 -48.37 -23.51
CA PRO D 170 -7.34 -48.61 -22.26
C PRO D 170 -7.89 -47.84 -21.08
N ASP D 171 -8.58 -46.73 -21.31
CA ASP D 171 -9.10 -45.90 -20.25
C ASP D 171 -10.40 -45.25 -20.71
N ALA D 172 -11.06 -44.55 -19.79
CA ALA D 172 -12.31 -43.87 -20.14
C ALA D 172 -12.05 -42.70 -21.08
N GLY D 173 -10.84 -42.14 -21.05
CA GLY D 173 -10.55 -40.97 -21.86
C GLY D 173 -10.57 -41.22 -23.34
N GLY D 174 -10.07 -42.37 -23.79
CA GLY D 174 -9.98 -42.66 -25.21
C GLY D 174 -11.19 -43.31 -25.84
N ALA D 175 -12.27 -43.49 -25.07
CA ALA D 175 -13.42 -44.25 -25.56
C ALA D 175 -13.92 -43.71 -26.88
N LYS D 176 -14.06 -42.38 -26.98
CA LYS D 176 -14.49 -41.77 -28.24
C LYS D 176 -13.75 -42.36 -29.41
N ARG D 177 -12.41 -42.32 -29.36
CA ARG D 177 -11.61 -42.85 -30.45
C ARG D 177 -12.01 -44.27 -30.79
N VAL D 178 -12.05 -45.15 -29.78
CA VAL D 178 -12.33 -46.55 -30.10
C VAL D 178 -13.73 -46.69 -30.68
N THR D 179 -14.69 -45.90 -30.17
CA THR D 179 -16.03 -45.99 -30.72
C THR D 179 -16.01 -45.63 -32.20
N SER D 180 -15.28 -44.57 -32.56
CA SER D 180 -15.15 -44.23 -33.96
C SER D 180 -14.68 -45.43 -34.75
N ILE D 181 -13.60 -46.07 -34.29
CA ILE D 181 -13.08 -47.23 -35.01
C ILE D 181 -14.11 -48.34 -35.02
N ALA D 182 -14.76 -48.57 -33.88
CA ALA D 182 -15.76 -49.62 -33.82
C ALA D 182 -16.91 -49.33 -34.78
N ASP D 183 -17.21 -48.06 -35.00
CA ASP D 183 -18.26 -47.73 -35.97
C ASP D 183 -17.82 -48.02 -37.39
N ARG D 184 -16.54 -47.78 -37.71
CA ARG D 184 -16.09 -47.93 -39.07
C ARG D 184 -15.84 -49.39 -39.43
N LEU D 185 -15.67 -50.27 -38.45
CA LEU D 185 -15.46 -51.69 -38.69
C LEU D 185 -16.70 -52.53 -38.44
N ASN D 186 -17.73 -51.99 -37.77
CA ASN D 186 -18.91 -52.73 -37.37
C ASN D 186 -18.53 -53.91 -36.47
N VAL D 187 -17.92 -53.56 -35.33
CA VAL D 187 -17.50 -54.53 -34.33
C VAL D 187 -17.87 -53.99 -32.96
N ASP D 188 -17.70 -54.83 -31.95
CA ASP D 188 -17.98 -54.42 -30.58
C ASP D 188 -16.85 -53.53 -30.05
N PHE D 189 -17.18 -52.72 -29.06
CA PHE D 189 -16.20 -51.89 -28.39
C PHE D 189 -16.34 -52.05 -26.88
N ALA D 190 -15.20 -52.20 -26.21
CA ALA D 190 -15.12 -52.40 -24.77
C ALA D 190 -14.33 -51.26 -24.13
N LEU D 191 -14.63 -51.01 -22.86
CA LEU D 191 -13.89 -50.06 -22.06
C LEU D 191 -13.22 -50.76 -20.89
N ILE D 192 -12.13 -50.17 -20.44
CA ILE D 192 -11.39 -50.67 -19.28
C ILE D 192 -11.03 -49.46 -18.44
N HIS D 193 -11.35 -49.52 -17.13
CA HIS D 193 -10.99 -48.41 -16.21
C HIS D 193 -10.49 -49.00 -14.88
N LYS D 194 -9.55 -48.33 -14.22
CA LYS D 194 -9.06 -48.78 -12.92
C LYS D 194 -9.93 -48.21 -11.80
N GLU D 195 -10.13 -49.03 -10.77
CA GLU D 195 -10.96 -48.67 -9.64
C GLU D 195 -10.18 -47.89 -8.59
N ASP D 203 -5.54 -50.51 -8.08
CA ASP D 203 -4.61 -51.26 -8.90
C ASP D 203 -5.36 -52.29 -9.76
N ARG D 204 -6.66 -52.45 -9.49
CA ARG D 204 -7.50 -53.36 -10.25
C ARG D 204 -8.16 -52.61 -11.40
N MET D 205 -8.42 -53.34 -12.48
CA MET D 205 -9.11 -52.82 -13.65
C MET D 205 -10.42 -53.57 -13.86
N VAL D 206 -11.43 -52.84 -14.33
CA VAL D 206 -12.73 -53.41 -14.63
C VAL D 206 -12.99 -53.21 -16.13
N LEU D 207 -13.48 -54.27 -16.76
CA LEU D 207 -13.73 -54.36 -18.20
C LEU D 207 -15.22 -54.58 -18.46
N VAL D 208 -15.75 -53.80 -19.38
CA VAL D 208 -17.14 -53.94 -19.80
C VAL D 208 -17.14 -54.36 -21.26
N GLY D 209 -17.88 -55.42 -21.58
CA GLY D 209 -17.91 -55.91 -22.94
C GLY D 209 -17.32 -57.30 -23.06
N ASP D 210 -18.05 -58.19 -23.75
CA ASP D 210 -17.57 -59.56 -23.93
C ASP D 210 -16.34 -59.57 -24.82
N VAL D 211 -15.28 -60.23 -24.35
CA VAL D 211 -14.05 -60.38 -25.12
C VAL D 211 -13.59 -61.83 -25.22
N LYS D 212 -14.36 -62.78 -24.68
CA LYS D 212 -13.95 -64.17 -24.69
C LYS D 212 -13.97 -64.73 -26.11
N ASP D 213 -12.95 -65.49 -26.46
CA ASP D 213 -12.76 -66.15 -27.75
C ASP D 213 -12.70 -65.17 -28.90
N ARG D 214 -12.51 -63.89 -28.63
CA ARG D 214 -12.47 -62.85 -29.65
C ARG D 214 -11.12 -62.13 -29.58
N VAL D 215 -10.66 -61.66 -30.73
CA VAL D 215 -9.43 -60.87 -30.77
C VAL D 215 -9.76 -59.47 -30.23
N ALA D 216 -8.93 -58.98 -29.33
CA ALA D 216 -9.08 -57.65 -28.76
C ALA D 216 -8.01 -56.73 -29.33
N ILE D 217 -8.40 -55.49 -29.60
CA ILE D 217 -7.50 -54.49 -30.18
C ILE D 217 -7.57 -53.26 -29.29
N LEU D 218 -6.58 -53.07 -28.42
CA LEU D 218 -6.46 -51.80 -27.70
C LEU D 218 -6.09 -50.70 -28.67
N VAL D 219 -6.72 -49.54 -28.53
CA VAL D 219 -6.41 -48.42 -29.42
C VAL D 219 -6.11 -47.18 -28.58
N ASP D 220 -5.07 -46.43 -28.99
CA ASP D 220 -4.69 -45.24 -28.24
C ASP D 220 -3.87 -44.28 -29.09
N ASP D 221 -3.79 -43.05 -28.58
CA ASP D 221 -3.03 -42.01 -29.25
C ASP D 221 -1.54 -42.19 -29.04
N MET D 222 -1.14 -42.57 -27.82
CA MET D 222 0.31 -42.62 -27.54
C MET D 222 0.70 -43.63 -26.46
N ALA D 223 1.82 -44.31 -26.66
CA ALA D 223 2.39 -45.21 -25.67
C ALA D 223 3.72 -44.64 -25.23
N ASP D 224 3.76 -44.09 -24.02
CA ASP D 224 5.02 -43.54 -23.50
C ASP D 224 5.78 -44.57 -22.68
N THR D 225 5.24 -44.96 -21.54
CA THR D 225 5.86 -45.97 -20.71
C THR D 225 5.15 -47.31 -20.82
N CYS D 226 3.98 -47.33 -21.46
CA CYS D 226 3.21 -48.52 -21.78
C CYS D 226 2.69 -49.24 -20.54
N GLY D 227 2.68 -48.57 -19.38
CA GLY D 227 2.03 -49.16 -18.23
C GLY D 227 0.54 -49.34 -18.46
N THR D 228 -0.11 -48.34 -19.05
CA THR D 228 -1.54 -48.40 -19.29
C THR D 228 -1.90 -49.57 -20.20
N ILE D 229 -1.26 -49.67 -21.35
CA ILE D 229 -1.63 -50.72 -22.29
C ILE D 229 -1.22 -52.09 -21.78
N CYS D 230 -0.11 -52.19 -21.04
CA CYS D 230 0.28 -53.50 -20.52
C CYS D 230 -0.69 -53.98 -19.46
N HIS D 231 -1.14 -53.09 -18.57
CA HIS D 231 -2.16 -53.47 -17.59
C HIS D 231 -3.46 -53.86 -18.29
N ALA D 232 -3.85 -53.08 -19.30
CA ALA D 232 -5.06 -53.40 -20.05
C ALA D 232 -4.95 -54.76 -20.73
N ALA D 233 -3.79 -55.07 -21.31
CA ALA D 233 -3.61 -56.35 -21.98
C ALA D 233 -3.66 -57.50 -20.99
N ASP D 234 -3.06 -57.32 -19.81
CA ASP D 234 -3.17 -58.35 -18.78
C ASP D 234 -4.62 -58.61 -18.42
N LYS D 235 -5.40 -57.54 -18.25
CA LYS D 235 -6.82 -57.70 -17.94
C LYS D 235 -7.57 -58.39 -19.07
N LEU D 236 -7.24 -58.04 -20.32
CA LEU D 236 -7.93 -58.65 -21.46
C LEU D 236 -7.64 -60.15 -21.54
N LEU D 237 -6.39 -60.55 -21.28
CA LEU D 237 -6.11 -61.98 -21.23
C LEU D 237 -6.79 -62.65 -20.05
N SER D 238 -6.95 -61.94 -18.93
CA SER D 238 -7.70 -62.49 -17.81
C SER D 238 -9.15 -62.78 -18.20
N ALA D 239 -9.74 -61.91 -19.02
CA ALA D 239 -11.12 -62.05 -19.42
C ALA D 239 -11.31 -62.93 -20.64
N GLY D 240 -10.37 -63.82 -20.93
CA GLY D 240 -10.60 -64.84 -21.93
C GLY D 240 -10.39 -64.45 -23.38
N ALA D 241 -9.73 -63.31 -23.62
CA ALA D 241 -9.45 -62.91 -24.99
C ALA D 241 -8.48 -63.88 -25.64
N THR D 242 -8.61 -64.02 -26.96
CA THR D 242 -7.75 -64.96 -27.67
C THR D 242 -6.38 -64.35 -27.95
N ARG D 243 -6.34 -63.22 -28.64
CA ARG D 243 -5.12 -62.46 -28.83
C ARG D 243 -5.42 -61.00 -28.54
N VAL D 244 -4.40 -60.28 -28.07
CA VAL D 244 -4.53 -58.86 -27.79
C VAL D 244 -3.52 -58.11 -28.63
N TYR D 245 -4.01 -57.14 -29.40
CA TYR D 245 -3.21 -56.20 -30.16
C TYR D 245 -3.25 -54.85 -29.49
N ALA D 246 -2.25 -54.02 -29.75
CA ALA D 246 -2.27 -52.63 -29.36
C ALA D 246 -1.92 -51.79 -30.57
N ILE D 247 -2.71 -50.77 -30.85
CA ILE D 247 -2.48 -49.87 -31.97
C ILE D 247 -2.46 -48.44 -31.45
N LEU D 248 -1.34 -47.76 -31.65
CA LEU D 248 -1.14 -46.41 -31.17
C LEU D 248 -0.63 -45.53 -32.31
N THR D 249 -1.10 -44.30 -32.33
CA THR D 249 -0.59 -43.43 -33.38
C THR D 249 0.82 -42.92 -33.05
N HIS D 250 1.13 -42.71 -31.78
CA HIS D 250 2.45 -42.20 -31.39
C HIS D 250 3.18 -43.20 -30.51
N GLY D 251 4.22 -43.82 -31.04
CA GLY D 251 5.06 -44.73 -30.30
C GLY D 251 6.27 -44.10 -29.62
N ILE D 252 6.06 -43.40 -28.51
CA ILE D 252 7.17 -42.73 -27.84
C ILE D 252 8.11 -43.75 -27.20
N PHE D 253 7.56 -44.71 -26.46
CA PHE D 253 8.32 -45.85 -25.92
C PHE D 253 9.49 -45.41 -25.06
N SER D 254 9.25 -44.48 -24.14
CA SER D 254 10.33 -44.03 -23.27
C SER D 254 10.37 -44.87 -21.99
N GLY D 255 11.47 -44.74 -21.27
CA GLY D 255 11.65 -45.43 -20.01
C GLY D 255 11.66 -46.94 -20.15
N PRO D 256 10.83 -47.61 -19.34
CA PRO D 256 10.79 -49.07 -19.35
C PRO D 256 9.82 -49.67 -20.37
N ALA D 257 9.36 -48.90 -21.35
CA ALA D 257 8.30 -49.37 -22.24
C ALA D 257 8.72 -50.62 -23.00
N ILE D 258 9.96 -50.67 -23.48
CA ILE D 258 10.38 -51.79 -24.31
C ILE D 258 10.42 -53.08 -23.49
N SER D 259 10.94 -53.01 -22.27
CA SER D 259 10.97 -54.20 -21.42
C SER D 259 9.56 -54.68 -21.09
N ARG D 260 8.66 -53.75 -20.76
CA ARG D 260 7.29 -54.12 -20.44
C ARG D 260 6.59 -54.76 -21.63
N ILE D 261 6.78 -54.19 -22.82
CA ILE D 261 6.17 -54.77 -24.01
C ILE D 261 6.74 -56.16 -24.28
N ASN D 262 8.07 -56.31 -24.14
CA ASN D 262 8.68 -57.62 -24.31
C ASN D 262 8.12 -58.64 -23.32
N ASN D 263 7.80 -58.22 -22.10
CA ASN D 263 7.22 -59.12 -21.13
C ASN D 263 5.70 -59.20 -21.22
N ALA D 264 5.08 -58.44 -22.11
CA ALA D 264 3.63 -58.45 -22.22
C ALA D 264 3.16 -59.50 -23.21
N CYS D 265 1.85 -59.68 -23.27
CA CYS D 265 1.23 -60.73 -24.07
C CYS D 265 0.78 -60.26 -25.45
N PHE D 266 1.13 -59.04 -25.84
CA PHE D 266 0.69 -58.51 -27.13
C PHE D 266 1.13 -59.40 -28.27
N GLU D 267 0.21 -59.66 -29.19
CA GLU D 267 0.62 -60.26 -30.46
C GLU D 267 1.46 -59.28 -31.26
N ALA D 268 1.07 -58.01 -31.28
CA ALA D 268 1.82 -56.97 -31.97
C ALA D 268 1.51 -55.64 -31.30
N VAL D 269 2.45 -54.72 -31.40
CA VAL D 269 2.27 -53.34 -30.98
C VAL D 269 2.48 -52.49 -32.22
N VAL D 270 1.39 -52.07 -32.84
CA VAL D 270 1.44 -51.30 -34.07
C VAL D 270 1.43 -49.82 -33.71
N VAL D 271 2.35 -49.07 -34.26
CA VAL D 271 2.41 -47.62 -34.06
C VAL D 271 2.60 -46.98 -35.42
N THR D 272 2.15 -45.73 -35.52
CA THR D 272 2.49 -45.04 -36.77
C THR D 272 3.93 -44.54 -36.73
N ASN D 273 4.43 -44.10 -37.88
CA ASN D 273 5.76 -43.50 -37.90
C ASN D 273 5.74 -41.99 -37.79
N THR D 274 4.97 -41.45 -36.85
CA THR D 274 5.11 -40.03 -36.52
C THR D 274 6.39 -39.78 -35.74
N ILE D 275 6.94 -40.82 -35.15
CA ILE D 275 8.17 -40.80 -34.37
C ILE D 275 9.04 -41.90 -34.96
N PRO D 276 10.34 -41.67 -35.17
CA PRO D 276 11.19 -42.74 -35.72
C PRO D 276 11.22 -43.94 -34.79
N GLN D 277 11.19 -45.14 -35.38
CA GLN D 277 11.03 -46.36 -34.62
C GLN D 277 12.14 -47.38 -34.82
N GLU D 278 13.14 -47.10 -35.65
CA GLU D 278 14.11 -48.11 -36.03
C GLU D 278 14.86 -48.65 -34.81
N ASP D 279 15.26 -47.77 -33.90
CA ASP D 279 15.99 -48.20 -32.72
C ASP D 279 15.14 -49.10 -31.83
N LYS D 280 13.87 -48.73 -31.64
CA LYS D 280 12.99 -49.54 -30.80
C LYS D 280 12.70 -50.90 -31.43
N MET D 281 12.55 -50.94 -32.76
CA MET D 281 12.31 -52.22 -33.43
C MET D 281 13.48 -53.18 -33.24
N LYS D 282 14.70 -52.65 -33.07
CA LYS D 282 15.85 -53.52 -32.84
C LYS D 282 15.69 -54.31 -31.56
N HIS D 283 15.21 -53.66 -30.50
CA HIS D 283 15.10 -54.30 -29.19
C HIS D 283 13.72 -54.84 -28.89
N CYS D 284 12.75 -54.71 -29.81
CA CYS D 284 11.40 -55.19 -29.54
C CYS D 284 10.86 -55.78 -30.84
N SER D 285 10.67 -57.10 -30.83
CA SER D 285 10.27 -57.82 -32.04
C SER D 285 8.84 -57.49 -32.45
N LYS D 286 7.97 -57.25 -31.50
CA LYS D 286 6.54 -57.16 -31.79
C LYS D 286 6.08 -55.76 -32.13
N ILE D 287 6.97 -54.79 -32.23
CA ILE D 287 6.61 -53.47 -32.71
C ILE D 287 6.51 -53.50 -34.23
N GLN D 288 5.42 -52.95 -34.77
CA GLN D 288 5.23 -52.83 -36.20
C GLN D 288 4.86 -51.38 -36.51
N VAL D 289 5.15 -50.93 -37.74
CA VAL D 289 4.93 -49.49 -38.08
C VAL D 289 3.93 -49.30 -39.22
N ILE D 290 2.97 -48.37 -39.06
CA ILE D 290 2.05 -48.03 -40.18
C ILE D 290 2.52 -46.70 -40.78
N ASP D 291 2.85 -46.69 -42.07
CA ASP D 291 3.28 -45.46 -42.71
C ASP D 291 2.10 -44.50 -42.81
N ILE D 292 2.29 -43.27 -42.33
CA ILE D 292 1.30 -42.22 -42.53
C ILE D 292 1.87 -41.08 -43.36
N SER D 293 3.03 -41.28 -43.99
CA SER D 293 3.62 -40.24 -44.81
C SER D 293 2.74 -39.89 -46.00
N MET D 294 1.91 -40.81 -46.49
CA MET D 294 1.00 -40.45 -47.57
C MET D 294 -0.04 -39.45 -47.11
N ILE D 295 -0.56 -39.62 -45.88
CA ILE D 295 -1.53 -38.66 -45.36
C ILE D 295 -0.91 -37.29 -45.19
N LEU D 296 0.30 -37.24 -44.63
CA LEU D 296 0.98 -35.96 -44.43
C LEU D 296 1.31 -35.29 -45.76
N ALA D 297 1.80 -36.07 -46.72
CA ALA D 297 2.13 -35.52 -48.03
C ALA D 297 0.88 -34.99 -48.73
N GLU D 298 -0.22 -35.74 -48.67
CA GLU D 298 -1.46 -35.28 -49.29
C GLU D 298 -1.99 -34.04 -48.58
N ALA D 299 -1.85 -33.96 -47.26
CA ALA D 299 -2.28 -32.76 -46.57
C ALA D 299 -1.46 -31.55 -46.98
N ILE D 300 -0.14 -31.72 -47.11
CA ILE D 300 0.72 -30.63 -47.55
C ILE D 300 0.32 -30.18 -48.94
N ARG D 301 0.12 -31.14 -49.84
CA ARG D 301 -0.18 -30.82 -51.22
C ARG D 301 -1.56 -30.17 -51.36
N ARG D 302 -2.51 -30.58 -50.52
CA ARG D 302 -3.85 -29.99 -50.58
C ARG D 302 -3.88 -28.59 -49.96
N THR D 303 -3.13 -28.37 -48.88
CA THR D 303 -3.04 -27.00 -48.36
C THR D 303 -2.36 -26.09 -49.37
N HIS D 304 -1.34 -26.59 -50.06
CA HIS D 304 -0.67 -25.78 -51.06
C HIS D 304 -1.60 -25.45 -52.23
N ASN D 305 -2.35 -26.43 -52.72
CA ASN D 305 -3.18 -26.21 -53.89
C ASN D 305 -4.58 -25.70 -53.56
N GLY D 306 -4.88 -25.48 -52.29
CA GLY D 306 -6.20 -25.04 -51.93
C GLY D 306 -7.29 -26.07 -52.09
N GLU D 307 -6.94 -27.36 -52.08
CA GLU D 307 -7.97 -28.39 -52.09
C GLU D 307 -8.40 -28.73 -50.67
N SER D 308 -9.45 -29.53 -50.56
CA SER D 308 -10.00 -29.88 -49.26
C SER D 308 -9.06 -30.82 -48.52
N VAL D 309 -8.72 -30.47 -47.28
CA VAL D 309 -7.92 -31.34 -46.43
C VAL D 309 -8.81 -32.34 -45.71
N SER D 310 -10.00 -31.92 -45.31
CA SER D 310 -10.88 -32.78 -44.52
C SER D 310 -11.32 -34.01 -45.30
N TYR D 311 -11.15 -33.99 -46.62
CA TYR D 311 -11.35 -35.15 -47.47
C TYR D 311 -10.54 -36.33 -46.96
N LEU D 312 -9.38 -36.06 -46.37
CA LEU D 312 -8.49 -37.08 -45.85
C LEU D 312 -8.97 -37.69 -44.54
N PHE D 313 -9.97 -37.10 -43.87
CA PHE D 313 -10.44 -37.67 -42.61
C PHE D 313 -11.03 -39.05 -42.82
N SER D 314 -11.50 -39.35 -44.02
CA SER D 314 -12.15 -40.62 -44.29
C SER D 314 -11.59 -41.38 -45.48
N HIS D 315 -10.61 -40.83 -46.20
CA HIS D 315 -10.12 -41.44 -47.42
C HIS D 315 -8.62 -41.66 -47.35
N VAL D 316 -8.19 -42.89 -47.62
CA VAL D 316 -6.75 -43.18 -47.72
C VAL D 316 -6.28 -42.81 -49.12
N PRO D 317 -5.30 -41.92 -49.26
CA PRO D 317 -4.79 -41.51 -50.57
C PRO D 317 -3.70 -42.44 -51.11
N PRO E 2 2.64 -7.42 -1.62
CA PRO E 2 3.42 -8.25 -2.55
C PRO E 2 4.84 -8.50 -2.05
N ASN E 3 5.16 -9.76 -1.81
CA ASN E 3 6.45 -10.16 -1.27
C ASN E 3 7.33 -10.75 -2.36
N ILE E 4 8.62 -10.81 -2.07
CA ILE E 4 9.57 -11.43 -2.98
C ILE E 4 9.48 -12.94 -2.86
N LYS E 5 9.36 -13.62 -3.99
CA LYS E 5 9.48 -15.06 -4.06
C LYS E 5 10.59 -15.39 -5.06
N ILE E 6 11.60 -16.12 -4.60
CA ILE E 6 12.72 -16.50 -5.43
C ILE E 6 12.55 -17.98 -5.78
N PHE E 7 12.56 -18.30 -7.06
CA PHE E 7 12.48 -19.68 -7.51
C PHE E 7 13.73 -20.01 -8.32
N SER E 8 14.21 -21.23 -8.15
CA SER E 8 15.41 -21.68 -8.84
C SER E 8 15.04 -22.65 -9.95
N GLY E 9 15.59 -22.42 -11.13
CA GLY E 9 15.64 -23.46 -12.12
C GLY E 9 16.76 -24.44 -11.80
N SER E 10 16.82 -25.51 -12.57
CA SER E 10 17.82 -26.54 -12.30
C SER E 10 19.21 -26.16 -12.78
N SER E 11 19.36 -25.09 -13.57
CA SER E 11 20.65 -24.77 -14.16
C SER E 11 21.68 -24.39 -13.10
N HIS E 12 21.35 -23.43 -12.24
CA HIS E 12 22.34 -22.90 -11.30
C HIS E 12 21.68 -22.77 -9.93
N GLN E 13 21.67 -23.86 -9.18
CA GLN E 13 20.97 -23.86 -7.90
C GLN E 13 21.80 -23.20 -6.80
N ASP E 14 23.13 -23.32 -6.88
CA ASP E 14 23.99 -22.67 -5.89
C ASP E 14 23.84 -21.15 -5.94
N LEU E 15 23.80 -20.58 -7.14
CA LEU E 15 23.62 -19.14 -7.28
C LEU E 15 22.27 -18.70 -6.72
N SER E 16 21.22 -19.47 -7.02
CA SER E 16 19.90 -19.13 -6.50
C SER E 16 19.89 -19.17 -4.98
N GLN E 17 20.55 -20.16 -4.40
CA GLN E 17 20.62 -20.23 -2.94
C GLN E 17 21.39 -19.06 -2.36
N LYS E 18 22.51 -18.69 -2.98
CA LYS E 18 23.27 -17.53 -2.49
C LYS E 18 22.42 -16.27 -2.54
N ILE E 19 21.69 -16.07 -3.64
CA ILE E 19 20.83 -14.90 -3.77
C ILE E 19 19.74 -14.93 -2.69
N ALA E 20 19.14 -16.09 -2.47
CA ALA E 20 18.09 -16.21 -1.47
C ALA E 20 18.60 -15.91 -0.07
N ASP E 21 19.79 -16.39 0.28
CA ASP E 21 20.39 -16.06 1.58
C ASP E 21 20.65 -14.57 1.70
N ARG E 22 21.19 -13.95 0.65
CA ARG E 22 21.43 -12.52 0.73
C ARG E 22 20.13 -11.73 0.87
N LEU E 23 19.03 -12.25 0.32
CA LEU E 23 17.75 -11.60 0.50
C LEU E 23 17.07 -11.95 1.81
N GLY E 24 17.63 -12.89 2.59
CA GLY E 24 17.00 -13.32 3.80
C GLY E 24 15.76 -14.16 3.57
N LEU E 25 15.70 -14.90 2.46
CA LEU E 25 14.53 -15.67 2.09
C LEU E 25 14.91 -17.12 1.86
N GLU E 26 13.89 -17.97 1.90
CA GLU E 26 14.06 -19.34 1.47
C GLU E 26 13.61 -19.48 0.01
N LEU E 27 14.43 -20.23 -0.75
CA LEU E 27 14.17 -20.40 -2.20
C LEU E 27 12.74 -20.90 -2.37
N GLY E 28 12.00 -20.34 -3.32
CA GLY E 28 10.61 -20.79 -3.39
C GLY E 28 10.53 -22.27 -3.71
N LYS E 29 9.51 -22.91 -3.15
CA LYS E 29 9.31 -24.33 -3.39
C LYS E 29 8.84 -24.56 -4.82
N VAL E 30 9.66 -25.24 -5.61
CA VAL E 30 9.30 -25.61 -6.96
C VAL E 30 9.92 -26.96 -7.28
N VAL E 31 9.18 -27.79 -7.98
CA VAL E 31 9.68 -29.05 -8.51
C VAL E 31 9.92 -28.86 -10.00
N THR E 32 11.19 -29.05 -10.39
CA THR E 32 11.60 -28.86 -11.80
C THR E 32 12.42 -30.07 -12.24
N LYS E 33 11.79 -31.02 -12.92
CA LYS E 33 12.43 -32.27 -13.33
C LYS E 33 12.00 -32.57 -14.75
N LYS E 34 12.29 -33.79 -15.21
CA LYS E 34 11.84 -34.21 -16.52
C LYS E 34 10.99 -35.47 -16.40
N PHE E 35 9.89 -35.49 -17.15
CA PHE E 35 9.15 -36.72 -17.34
C PHE E 35 10.03 -37.74 -18.06
N SER E 36 9.54 -38.98 -18.13
CA SER E 36 10.30 -40.05 -18.77
C SER E 36 10.61 -39.74 -20.22
N ASN E 37 9.64 -39.19 -20.96
CA ASN E 37 9.85 -38.83 -22.35
C ASN E 37 10.58 -37.51 -22.53
N GLN E 38 11.18 -36.99 -21.47
CA GLN E 38 12.04 -35.81 -21.44
C GLN E 38 11.29 -34.50 -21.58
N GLU E 39 9.98 -34.50 -21.37
CA GLU E 39 9.26 -33.23 -21.28
C GLU E 39 9.50 -32.62 -19.90
N THR E 40 9.66 -31.29 -19.89
CA THR E 40 9.96 -30.57 -18.63
C THR E 40 8.72 -30.53 -17.73
N CYS E 41 8.83 -31.06 -16.52
CA CYS E 41 7.76 -31.06 -15.54
C CYS E 41 8.04 -29.99 -14.51
N VAL E 42 7.10 -29.08 -14.32
CA VAL E 42 7.23 -27.98 -13.37
C VAL E 42 5.99 -27.97 -12.49
N GLU E 43 6.20 -27.85 -11.18
CA GLU E 43 5.11 -27.70 -10.22
C GLU E 43 5.52 -26.65 -9.20
N ILE E 44 4.77 -25.55 -9.13
CA ILE E 44 5.04 -24.51 -8.13
C ILE E 44 4.45 -25.00 -6.80
N GLY E 45 5.32 -25.20 -5.82
CA GLY E 45 4.97 -25.78 -4.55
C GLY E 45 4.42 -24.83 -3.51
N GLU E 46 4.22 -23.56 -3.88
CA GLU E 46 3.66 -22.59 -2.96
C GLU E 46 2.87 -21.57 -3.76
N SER E 47 1.94 -20.90 -3.10
CA SER E 47 1.17 -19.86 -3.76
C SER E 47 2.06 -18.67 -4.09
N VAL E 48 1.97 -18.19 -5.32
CA VAL E 48 2.64 -16.97 -5.74
C VAL E 48 1.66 -15.86 -6.05
N ARG E 49 0.44 -15.90 -5.50
CA ARG E 49 -0.60 -14.88 -5.83
C ARG E 49 -0.20 -13.48 -5.32
N GLY E 50 -0.30 -12.48 -6.20
CA GLY E 50 0.01 -11.10 -5.80
C GLY E 50 1.42 -11.02 -5.25
N GLU E 51 2.32 -11.90 -5.69
CA GLU E 51 3.69 -11.77 -5.24
C GLU E 51 4.60 -11.26 -6.37
N ASP E 52 5.75 -10.75 -5.97
CA ASP E 52 6.79 -10.32 -6.90
C ASP E 52 7.75 -11.49 -7.06
N VAL E 53 7.65 -12.19 -8.18
CA VAL E 53 8.33 -13.46 -8.39
C VAL E 53 9.60 -13.22 -9.19
N TYR E 54 10.71 -13.79 -8.74
CA TYR E 54 11.97 -13.75 -9.46
C TYR E 54 12.43 -15.18 -9.71
N ILE E 55 12.63 -15.52 -10.97
CA ILE E 55 13.05 -16.86 -11.36
C ILE E 55 14.48 -16.77 -11.87
N VAL E 56 15.39 -17.48 -11.22
CA VAL E 56 16.80 -17.43 -11.55
C VAL E 56 17.14 -18.64 -12.41
N GLN E 57 17.67 -18.37 -13.61
CA GLN E 57 18.04 -19.41 -14.57
C GLN E 57 19.04 -18.81 -15.54
N SER E 58 20.21 -19.42 -15.64
CA SER E 58 21.22 -18.93 -16.56
C SER E 58 21.24 -19.76 -17.84
N GLY E 59 21.75 -19.15 -18.91
CA GLY E 59 21.91 -19.82 -20.18
C GLY E 59 23.19 -20.63 -20.22
N CYS E 60 23.18 -21.77 -19.54
CA CYS E 60 24.38 -22.58 -19.37
C CYS E 60 23.97 -24.05 -19.38
N GLY E 61 24.97 -24.91 -19.47
CA GLY E 61 24.71 -26.34 -19.48
C GLY E 61 23.87 -26.73 -20.66
N GLU E 62 22.82 -27.51 -20.41
CA GLU E 62 21.86 -27.91 -21.44
C GLU E 62 20.94 -26.70 -21.71
N ILE E 63 21.36 -25.90 -22.68
CA ILE E 63 20.81 -24.56 -22.82
C ILE E 63 19.33 -24.60 -23.21
N ASN E 64 18.96 -25.46 -24.15
CA ASN E 64 17.57 -25.49 -24.59
C ASN E 64 16.66 -26.03 -23.49
N ASP E 65 17.12 -27.03 -22.75
CA ASP E 65 16.36 -27.53 -21.61
C ASP E 65 16.16 -26.45 -20.56
N ASN E 66 17.22 -25.72 -20.23
CA ASN E 66 17.12 -24.67 -19.22
C ASN E 66 16.21 -23.54 -19.68
N LEU E 67 16.30 -23.18 -20.95
CA LEU E 67 15.46 -22.11 -21.48
C LEU E 67 13.99 -22.52 -21.46
N MET E 68 13.70 -23.76 -21.85
CA MET E 68 12.32 -24.23 -21.78
C MET E 68 11.83 -24.30 -20.34
N GLU E 69 12.67 -24.76 -19.43
CA GLU E 69 12.32 -24.74 -18.01
C GLU E 69 11.97 -23.34 -17.56
N LEU E 70 12.78 -22.35 -17.94
CA LEU E 70 12.51 -20.97 -17.54
C LEU E 70 11.18 -20.48 -18.10
N LEU E 71 10.92 -20.74 -19.38
CA LEU E 71 9.67 -20.31 -19.99
C LEU E 71 8.48 -20.96 -19.33
N ILE E 72 8.58 -22.26 -19.04
CA ILE E 72 7.48 -22.97 -18.41
C ILE E 72 7.23 -22.45 -17.00
N MET E 73 8.31 -22.18 -16.25
CA MET E 73 8.14 -21.64 -14.89
C MET E 73 7.52 -20.26 -14.93
N ILE E 74 7.94 -19.42 -15.87
CA ILE E 74 7.34 -18.10 -16.02
C ILE E 74 5.86 -18.22 -16.30
N ASN E 75 5.50 -19.13 -17.22
CA ASN E 75 4.10 -19.31 -17.56
C ASN E 75 3.29 -19.79 -16.36
N ALA E 76 3.84 -20.75 -15.61
CA ALA E 76 3.16 -21.27 -14.44
C ALA E 76 2.91 -20.19 -13.41
N CYS E 77 3.92 -19.35 -13.16
CA CYS E 77 3.74 -18.27 -12.20
C CYS E 77 2.76 -17.22 -12.71
N LYS E 78 2.77 -16.94 -14.01
CA LYS E 78 1.89 -15.91 -14.56
C LYS E 78 0.43 -16.35 -14.52
N ILE E 79 0.14 -17.60 -14.89
CA ILE E 79 -1.26 -18.04 -14.80
C ILE E 79 -1.64 -18.40 -13.38
N ALA E 80 -0.70 -18.44 -12.45
CA ALA E 80 -1.01 -18.55 -11.03
C ALA E 80 -1.23 -17.20 -10.36
N SER E 81 -1.36 -16.13 -11.16
CA SER E 81 -1.77 -14.80 -10.68
C SER E 81 -0.70 -14.14 -9.85
N ALA E 82 0.57 -14.34 -10.21
CA ALA E 82 1.63 -13.54 -9.61
C ALA E 82 1.48 -12.09 -10.05
N SER E 83 1.73 -11.17 -9.13
CA SER E 83 1.58 -9.75 -9.46
C SER E 83 2.60 -9.33 -10.51
N ARG E 84 3.81 -9.85 -10.43
CA ARG E 84 4.86 -9.50 -11.36
C ARG E 84 5.84 -10.67 -11.43
N VAL E 85 6.33 -10.97 -12.63
CA VAL E 85 7.27 -12.06 -12.85
C VAL E 85 8.52 -11.48 -13.50
N THR E 86 9.66 -11.73 -12.89
CA THR E 86 10.94 -11.25 -13.39
C THR E 86 11.84 -12.44 -13.68
N ALA E 87 12.47 -12.44 -14.84
CA ALA E 87 13.45 -13.45 -15.20
C ALA E 87 14.85 -12.92 -14.87
N VAL E 88 15.54 -13.60 -13.98
CA VAL E 88 16.90 -13.27 -13.62
C VAL E 88 17.80 -14.24 -14.38
N ILE E 89 18.40 -13.74 -15.46
CA ILE E 89 19.14 -14.60 -16.39
C ILE E 89 20.59 -14.12 -16.40
N PRO E 90 21.44 -14.62 -15.51
CA PRO E 90 22.81 -14.07 -15.41
C PRO E 90 23.58 -14.15 -16.71
N CYS E 91 23.48 -15.24 -17.45
CA CYS E 91 24.07 -15.37 -18.77
C CYS E 91 22.95 -15.58 -19.78
N PHE E 92 22.77 -14.63 -20.68
CA PHE E 92 21.63 -14.65 -21.58
C PHE E 92 21.85 -15.63 -22.71
N PRO E 93 20.98 -16.62 -22.90
CA PRO E 93 21.19 -17.60 -23.98
C PRO E 93 20.96 -17.01 -25.36
N TYR E 94 21.70 -17.54 -26.33
CA TYR E 94 21.67 -17.12 -27.73
C TYR E 94 22.05 -15.66 -27.91
N ALA E 95 22.75 -15.08 -26.94
CA ALA E 95 23.10 -13.67 -27.04
C ALA E 95 24.03 -13.39 -28.21
N ARG E 96 24.86 -14.36 -28.59
CA ARG E 96 25.79 -14.16 -29.70
C ARG E 96 25.11 -14.23 -31.06
N GLN E 97 23.86 -14.68 -31.10
CA GLN E 97 23.07 -14.69 -32.36
C GLN E 97 22.18 -13.45 -32.36
N ASP E 98 22.79 -12.26 -32.34
CA ASP E 98 22.08 -11.01 -32.23
C ASP E 98 21.93 -10.28 -33.57
N LYS E 99 22.31 -10.91 -34.68
CA LYS E 99 22.21 -10.28 -35.98
C LYS E 99 22.38 -11.34 -37.07
N LYS E 100 22.02 -10.96 -38.30
CA LYS E 100 22.11 -11.87 -39.44
C LYS E 100 23.45 -11.74 -40.18
N ASP E 101 23.79 -10.52 -40.60
CA ASP E 101 25.09 -10.22 -41.20
C ASP E 101 25.38 -11.03 -42.47
N LYS E 102 24.63 -10.78 -43.53
CA LYS E 102 24.86 -11.38 -44.84
C LYS E 102 24.70 -12.89 -44.83
N SER E 103 23.85 -13.38 -43.93
CA SER E 103 23.60 -14.80 -43.85
C SER E 103 22.10 -15.01 -43.67
N ARG E 104 21.57 -16.09 -44.25
CA ARG E 104 20.18 -16.47 -44.05
C ARG E 104 20.08 -17.23 -42.72
N ALA E 105 20.31 -16.49 -41.66
CA ALA E 105 20.38 -17.00 -40.31
C ALA E 105 19.24 -16.43 -39.47
N PRO E 106 18.87 -17.11 -38.40
CA PRO E 106 17.93 -16.51 -37.46
C PRO E 106 18.60 -15.44 -36.62
N ILE E 107 17.78 -14.53 -36.09
CA ILE E 107 18.24 -13.69 -34.97
C ILE E 107 17.69 -14.36 -33.72
N SER E 108 18.46 -15.32 -33.21
CA SER E 108 17.97 -16.18 -32.14
C SER E 108 17.77 -15.42 -30.84
N ALA E 109 18.61 -14.41 -30.59
CA ALA E 109 18.43 -13.60 -29.38
C ALA E 109 17.09 -12.89 -29.39
N LYS E 110 16.67 -12.37 -30.54
CA LYS E 110 15.35 -11.74 -30.64
C LYS E 110 14.24 -12.77 -30.43
N LEU E 111 14.41 -13.98 -30.97
CA LEU E 111 13.42 -15.03 -30.75
C LEU E 111 13.29 -15.36 -29.28
N VAL E 112 14.42 -15.46 -28.57
CA VAL E 112 14.40 -15.74 -27.15
C VAL E 112 13.70 -14.62 -26.39
N ALA E 113 13.99 -13.37 -26.76
CA ALA E 113 13.32 -12.24 -26.13
C ALA E 113 11.81 -12.30 -26.34
N ASN E 114 11.39 -12.60 -27.57
CA ASN E 114 9.95 -12.73 -27.86
C ASN E 114 9.32 -13.85 -27.06
N MET E 115 10.02 -14.98 -26.94
CA MET E 115 9.49 -16.11 -26.18
C MET E 115 9.35 -15.77 -24.70
N LEU E 116 10.34 -15.06 -24.14
CA LEU E 116 10.26 -14.63 -22.76
C LEU E 116 9.08 -13.68 -22.54
N SER E 117 8.87 -12.75 -23.48
CA SER E 117 7.75 -11.84 -23.36
C SER E 117 6.42 -12.57 -23.45
N VAL E 118 6.31 -13.52 -24.38
CA VAL E 118 5.03 -14.19 -24.58
C VAL E 118 4.76 -15.18 -23.46
N ALA E 119 5.79 -15.68 -22.79
CA ALA E 119 5.59 -16.53 -21.63
C ALA E 119 5.01 -15.74 -20.47
N GLY E 120 5.26 -14.43 -20.44
CA GLY E 120 4.66 -13.58 -19.44
C GLY E 120 5.64 -12.82 -18.57
N ALA E 121 6.90 -12.76 -18.97
CA ALA E 121 7.88 -12.01 -18.20
C ALA E 121 7.57 -10.52 -18.27
N ASP E 122 7.58 -9.87 -17.11
CA ASP E 122 7.38 -8.43 -17.04
C ASP E 122 8.68 -7.66 -16.99
N HIS E 123 9.78 -8.33 -16.68
CA HIS E 123 11.05 -7.67 -16.39
C HIS E 123 12.17 -8.68 -16.53
N ILE E 124 13.32 -8.21 -17.00
CA ILE E 124 14.50 -9.05 -17.18
C ILE E 124 15.66 -8.43 -16.42
N ILE E 125 16.35 -9.24 -15.64
CA ILE E 125 17.63 -8.86 -15.02
C ILE E 125 18.69 -9.80 -15.57
N THR E 126 19.74 -9.23 -16.13
CA THR E 126 20.83 -9.99 -16.70
C THR E 126 22.14 -9.28 -16.43
N MET E 127 23.25 -9.96 -16.72
CA MET E 127 24.58 -9.43 -16.47
C MET E 127 25.41 -9.49 -17.74
N ASP E 128 26.01 -8.36 -18.13
CA ASP E 128 26.92 -8.24 -19.26
C ASP E 128 26.38 -8.94 -20.51
N LEU E 129 25.30 -8.39 -21.04
CA LEU E 129 24.79 -8.84 -22.32
C LEU E 129 25.88 -8.75 -23.38
N HIS E 130 25.95 -9.77 -24.23
CA HIS E 130 26.96 -9.81 -25.28
C HIS E 130 26.95 -8.54 -26.12
N ALA E 131 25.76 -8.09 -26.50
CA ALA E 131 25.56 -6.79 -27.12
C ALA E 131 24.42 -6.09 -26.40
N SER E 132 24.63 -4.84 -26.00
CA SER E 132 23.60 -4.14 -25.25
C SER E 132 22.39 -3.82 -26.12
N GLN E 133 22.54 -3.90 -27.44
CA GLN E 133 21.39 -3.79 -28.33
C GLN E 133 20.33 -4.85 -28.05
N ILE E 134 20.70 -5.95 -27.39
CA ILE E 134 19.72 -6.97 -27.04
C ILE E 134 18.65 -6.38 -26.14
N GLN E 135 18.99 -5.32 -25.40
CA GLN E 135 17.97 -4.63 -24.60
C GLN E 135 16.82 -4.15 -25.48
N GLY E 136 17.12 -3.70 -26.70
CA GLY E 136 16.10 -3.26 -27.62
C GLY E 136 15.28 -4.39 -28.21
N PHE E 137 15.73 -5.63 -28.08
CA PHE E 137 14.93 -6.76 -28.53
C PHE E 137 13.68 -6.95 -27.68
N PHE E 138 13.63 -6.33 -26.51
CA PHE E 138 12.48 -6.44 -25.62
C PHE E 138 11.62 -5.19 -25.69
N ASP E 139 10.36 -5.36 -25.30
CA ASP E 139 9.53 -4.21 -24.99
C ASP E 139 9.35 -4.00 -23.49
N ILE E 140 9.64 -5.02 -22.68
CA ILE E 140 9.63 -4.91 -21.22
C ILE E 140 10.97 -4.33 -20.77
N PRO E 141 11.05 -3.73 -19.59
CA PRO E 141 12.35 -3.22 -19.11
C PRO E 141 13.36 -4.33 -18.92
N VAL E 142 14.61 -4.03 -19.26
CA VAL E 142 15.72 -4.96 -19.07
C VAL E 142 16.81 -4.22 -18.30
N ASP E 143 17.20 -4.77 -17.16
CA ASP E 143 18.34 -4.25 -16.40
C ASP E 143 19.55 -5.11 -16.69
N ASN E 144 20.51 -4.53 -17.40
CA ASN E 144 21.75 -5.20 -17.76
C ASN E 144 22.82 -4.77 -16.76
N LEU E 145 23.09 -5.64 -15.79
CA LEU E 145 24.09 -5.33 -14.77
C LEU E 145 25.50 -5.53 -15.33
N TYR E 146 26.46 -5.01 -14.61
CA TYR E 146 27.86 -5.08 -15.01
C TYR E 146 28.69 -5.74 -13.92
N ALA E 147 29.54 -6.66 -14.33
CA ALA E 147 30.47 -7.29 -13.39
C ALA E 147 31.67 -6.40 -13.11
N GLU E 148 31.80 -5.27 -13.81
CA GLU E 148 32.98 -4.42 -13.70
C GLU E 148 33.34 -3.99 -12.28
N PRO E 149 32.39 -3.48 -11.43
CA PRO E 149 32.71 -3.20 -10.04
C PRO E 149 33.49 -4.38 -9.42
N ALA E 150 33.04 -5.61 -9.68
CA ALA E 150 33.68 -6.81 -9.09
C ALA E 150 34.98 -7.15 -9.81
N VAL E 151 35.06 -6.95 -11.14
CA VAL E 151 36.31 -7.21 -11.83
C VAL E 151 37.39 -6.24 -11.35
N LEU E 152 37.05 -4.96 -11.23
CA LEU E 152 38.00 -3.97 -10.74
C LEU E 152 38.45 -4.29 -9.33
N LYS E 153 37.49 -4.69 -8.48
CA LYS E 153 37.83 -5.10 -7.13
C LYS E 153 38.82 -6.27 -7.15
N TRP E 154 38.54 -7.29 -7.96
CA TRP E 154 39.43 -8.44 -8.03
C TRP E 154 40.82 -8.03 -8.51
N ILE E 155 40.88 -7.18 -9.53
CA ILE E 155 42.16 -6.76 -10.08
C ILE E 155 42.99 -6.06 -9.03
N ARG E 156 42.36 -5.14 -8.29
CA ARG E 156 43.11 -4.40 -7.27
C ARG E 156 43.58 -5.32 -6.15
N GLU E 157 42.73 -6.26 -5.71
CA GLU E 157 43.13 -7.09 -4.57
C GLU E 157 43.92 -8.34 -4.96
N ASN E 158 44.13 -8.62 -6.24
CA ASN E 158 44.83 -9.84 -6.61
C ASN E 158 46.06 -9.63 -7.47
N ILE E 159 46.15 -8.53 -8.21
CA ILE E 159 47.29 -8.25 -9.07
C ILE E 159 48.06 -7.11 -8.41
N SER E 160 49.24 -7.43 -7.87
CA SER E 160 50.01 -6.44 -7.12
C SER E 160 50.51 -5.32 -8.01
N GLU E 161 50.76 -5.60 -9.28
CA GLU E 161 51.28 -4.60 -10.21
C GLU E 161 50.18 -3.92 -11.02
N TRP E 162 48.96 -3.86 -10.49
CA TRP E 162 47.82 -3.45 -11.30
C TRP E 162 47.93 -2.01 -11.77
N ARG E 163 48.70 -1.18 -11.07
CA ARG E 163 48.85 0.21 -11.48
C ARG E 163 49.72 0.34 -12.73
N ASN E 164 50.56 -0.64 -13.02
CA ASN E 164 51.39 -0.63 -14.22
C ASN E 164 50.95 -1.65 -15.26
N CYS E 165 49.75 -2.21 -15.12
CA CYS E 165 49.30 -3.24 -16.03
C CYS E 165 48.73 -2.63 -17.31
N THR E 166 48.53 -3.48 -18.31
CA THR E 166 47.84 -3.11 -19.54
C THR E 166 46.59 -3.96 -19.70
N ILE E 167 45.45 -3.31 -19.87
CA ILE E 167 44.20 -4.01 -20.15
C ILE E 167 44.11 -4.23 -21.65
N VAL E 168 43.88 -5.48 -22.06
CA VAL E 168 43.98 -5.88 -23.45
C VAL E 168 42.64 -6.44 -23.91
N SER E 169 42.18 -5.95 -25.05
CA SER E 169 41.04 -6.56 -25.70
C SER E 169 41.51 -7.70 -26.60
N PRO E 170 40.87 -8.88 -26.54
CA PRO E 170 41.22 -9.95 -27.47
C PRO E 170 40.89 -9.65 -28.91
N ASP E 171 39.94 -8.76 -29.16
CA ASP E 171 39.50 -8.43 -30.51
C ASP E 171 39.08 -6.97 -30.56
N ALA E 172 38.77 -6.49 -31.76
CA ALA E 172 38.32 -5.12 -31.92
C ALA E 172 36.94 -4.92 -31.32
N GLY E 173 36.15 -5.99 -31.22
CA GLY E 173 34.79 -5.85 -30.72
C GLY E 173 34.68 -5.46 -29.27
N GLY E 174 35.57 -5.98 -28.42
CA GLY E 174 35.49 -5.72 -27.00
C GLY E 174 36.22 -4.50 -26.51
N ALA E 175 36.82 -3.72 -27.42
CA ALA E 175 37.67 -2.60 -27.02
C ALA E 175 36.97 -1.67 -26.05
N LYS E 176 35.72 -1.30 -26.36
CA LYS E 176 34.94 -0.45 -25.47
C LYS E 176 35.07 -0.92 -24.03
N ARG E 177 34.75 -2.19 -23.79
CA ARG E 177 34.81 -2.74 -22.44
C ARG E 177 36.18 -2.49 -21.81
N VAL E 178 37.25 -2.85 -22.52
CA VAL E 178 38.56 -2.71 -21.89
C VAL E 178 38.87 -1.25 -21.64
N THR E 179 38.46 -0.36 -22.55
CA THR E 179 38.71 1.06 -22.32
C THR E 179 38.02 1.51 -21.05
N SER E 180 36.78 1.08 -20.84
CA SER E 180 36.10 1.39 -19.60
C SER E 180 36.95 0.99 -18.42
N ILE E 181 37.42 -0.27 -18.41
CA ILE E 181 38.24 -0.73 -17.29
C ILE E 181 39.51 0.09 -17.22
N ALA E 182 40.15 0.35 -18.36
CA ALA E 182 41.37 1.12 -18.35
C ALA E 182 41.14 2.52 -17.79
N ASP E 183 39.94 3.06 -18.02
CA ASP E 183 39.64 4.37 -17.47
C ASP E 183 39.48 4.30 -15.95
N ARG E 184 38.90 3.23 -15.44
CA ARG E 184 38.64 3.15 -14.00
C ARG E 184 39.88 2.80 -13.21
N LEU E 185 40.90 2.23 -13.83
CA LEU E 185 42.15 1.88 -13.17
C LEU E 185 43.27 2.85 -13.45
N ASN E 186 43.14 3.72 -14.46
CA ASN E 186 44.21 4.62 -14.90
C ASN E 186 45.43 3.82 -15.31
N VAL E 187 45.24 2.97 -16.33
CA VAL E 187 46.29 2.16 -16.91
C VAL E 187 46.18 2.19 -18.42
N ASP E 188 47.17 1.63 -19.08
CA ASP E 188 47.15 1.57 -20.54
C ASP E 188 46.19 0.49 -21.02
N PHE E 189 45.72 0.65 -22.25
CA PHE E 189 44.87 -0.35 -22.88
C PHE E 189 45.40 -0.65 -24.27
N ALA E 190 45.45 -1.95 -24.59
CA ALA E 190 45.95 -2.46 -25.86
C ALA E 190 44.85 -3.22 -26.59
N LEU E 191 44.98 -3.24 -27.91
CA LEU E 191 44.08 -4.02 -28.76
C LEU E 191 44.88 -5.09 -29.50
N ILE E 192 44.18 -6.17 -29.83
CA ILE E 192 44.75 -7.26 -30.59
C ILE E 192 43.72 -7.67 -31.64
N HIS E 193 44.15 -7.72 -32.91
CA HIS E 193 43.24 -8.16 -34.00
C HIS E 193 43.99 -9.09 -34.96
N LYS E 194 43.30 -10.07 -35.55
CA LYS E 194 43.91 -10.97 -36.51
C LYS E 194 43.84 -10.37 -37.92
N GLU E 195 44.89 -10.60 -38.70
CA GLU E 195 44.99 -10.06 -40.04
C GLU E 195 44.33 -10.98 -41.06
N ASP E 203 45.90 -15.92 -39.74
CA ASP E 203 46.22 -16.68 -38.54
C ASP E 203 47.16 -15.89 -37.63
N ARG E 204 47.66 -14.77 -38.13
CA ARG E 204 48.53 -13.90 -37.36
C ARG E 204 47.70 -12.83 -36.65
N MET E 205 48.21 -12.39 -35.50
CA MET E 205 47.59 -11.33 -34.71
C MET E 205 48.55 -10.15 -34.62
N VAL E 206 47.97 -8.95 -34.61
CA VAL E 206 48.72 -7.72 -34.47
C VAL E 206 48.25 -7.02 -33.20
N LEU E 207 49.21 -6.54 -32.41
CA LEU E 207 49.03 -5.91 -31.11
C LEU E 207 49.51 -4.47 -31.15
N VAL E 208 48.66 -3.59 -30.64
CA VAL E 208 49.01 -2.17 -30.53
C VAL E 208 49.07 -1.83 -29.05
N GLY E 209 50.16 -1.20 -28.62
CA GLY E 209 50.33 -0.87 -27.23
C GLY E 209 51.48 -1.60 -26.58
N ASP E 210 52.33 -0.86 -25.87
CA ASP E 210 53.47 -1.46 -25.20
C ASP E 210 53.01 -2.38 -24.07
N VAL E 211 53.51 -3.62 -24.08
CA VAL E 211 53.20 -4.60 -23.05
C VAL E 211 54.44 -5.21 -22.45
N LYS E 212 55.64 -4.78 -22.85
CA LYS E 212 56.87 -5.38 -22.36
C LYS E 212 57.08 -5.04 -20.89
N ASP E 213 57.49 -6.05 -20.11
CA ASP E 213 57.78 -5.95 -18.67
C ASP E 213 56.56 -5.53 -17.86
N ARG E 214 55.37 -5.59 -18.44
CA ARG E 214 54.15 -5.20 -17.77
C ARG E 214 53.19 -6.38 -17.72
N VAL E 215 52.36 -6.43 -16.68
CA VAL E 215 51.33 -7.45 -16.58
C VAL E 215 50.21 -7.09 -17.55
N ALA E 216 49.77 -8.06 -18.33
CA ALA E 216 48.67 -7.86 -19.27
C ALA E 216 47.43 -8.57 -18.76
N ILE E 217 46.28 -7.95 -18.93
CA ILE E 217 45.01 -8.48 -18.48
C ILE E 217 44.05 -8.47 -19.67
N LEU E 218 43.86 -9.62 -20.30
CA LEU E 218 42.81 -9.75 -21.30
C LEU E 218 41.45 -9.67 -20.62
N VAL E 219 40.52 -8.93 -21.21
CA VAL E 219 39.19 -8.80 -20.64
C VAL E 219 38.14 -9.13 -21.69
N ASP E 220 37.11 -9.89 -21.29
CA ASP E 220 36.07 -10.27 -22.22
C ASP E 220 34.77 -10.68 -21.52
N ASP E 221 33.71 -10.69 -22.32
CA ASP E 221 32.41 -11.07 -21.81
C ASP E 221 32.29 -12.57 -21.61
N MET E 222 32.85 -13.34 -22.56
CA MET E 222 32.64 -14.82 -22.47
C MET E 222 33.76 -15.64 -23.10
N ALA E 223 34.10 -16.75 -22.46
CA ALA E 223 35.07 -17.70 -23.00
C ALA E 223 34.33 -19.00 -23.27
N ASP E 224 34.09 -19.30 -24.54
CA ASP E 224 33.41 -20.55 -24.88
C ASP E 224 34.40 -21.65 -25.18
N THR E 225 35.16 -21.52 -26.27
CA THR E 225 36.17 -22.50 -26.60
C THR E 225 37.56 -22.00 -26.28
N CYS E 226 37.70 -20.72 -25.96
CA CYS E 226 38.92 -20.08 -25.51
C CYS E 226 39.99 -20.04 -26.58
N GLY E 227 39.64 -20.25 -27.85
CA GLY E 227 40.61 -20.04 -28.91
C GLY E 227 41.06 -18.60 -28.98
N THR E 228 40.11 -17.67 -28.87
CA THR E 228 40.42 -16.25 -28.95
C THR E 228 41.41 -15.84 -27.87
N ILE E 229 41.10 -16.14 -26.61
CA ILE E 229 41.96 -15.67 -25.53
C ILE E 229 43.28 -16.43 -25.52
N CYS E 230 43.30 -17.69 -25.93
CA CYS E 230 44.57 -18.41 -25.97
C CYS E 230 45.50 -17.85 -27.04
N HIS E 231 44.95 -17.55 -28.22
CA HIS E 231 45.76 -16.91 -29.25
C HIS E 231 46.26 -15.54 -28.80
N ALA E 232 45.38 -14.77 -28.17
CA ALA E 232 45.77 -13.46 -27.66
C ALA E 232 46.87 -13.58 -26.62
N ALA E 233 46.78 -14.57 -25.73
CA ALA E 233 47.80 -14.74 -24.70
C ALA E 233 49.14 -15.15 -25.31
N ASP E 234 49.10 -16.02 -26.32
CA ASP E 234 50.34 -16.37 -27.01
C ASP E 234 50.98 -15.12 -27.61
N LYS E 235 50.18 -14.28 -28.25
CA LYS E 235 50.72 -13.05 -28.82
C LYS E 235 51.27 -12.13 -27.74
N LEU E 236 50.58 -12.03 -26.60
CA LEU E 236 51.06 -11.15 -25.53
C LEU E 236 52.39 -11.63 -24.98
N LEU E 237 52.56 -12.94 -24.81
CA LEU E 237 53.86 -13.45 -24.39
C LEU E 237 54.92 -13.23 -25.47
N SER E 238 54.53 -13.29 -26.73
CA SER E 238 55.48 -12.98 -27.80
C SER E 238 55.99 -11.54 -27.67
N ALA E 239 55.11 -10.62 -27.31
CA ALA E 239 55.44 -9.21 -27.22
C ALA E 239 56.06 -8.83 -25.87
N GLY E 240 56.62 -9.78 -25.13
CA GLY E 240 57.41 -9.43 -23.97
C GLY E 240 56.65 -9.17 -22.69
N ALA E 241 55.37 -9.55 -22.62
CA ALA E 241 54.61 -9.37 -21.40
C ALA E 241 55.17 -10.26 -20.29
N THR E 242 55.02 -9.79 -19.05
CA THR E 242 55.56 -10.54 -17.92
C THR E 242 54.62 -11.67 -17.52
N ARG E 243 53.37 -11.34 -17.20
CA ARG E 243 52.34 -12.33 -16.95
C ARG E 243 51.09 -11.91 -17.70
N VAL E 244 50.30 -12.89 -18.10
CA VAL E 244 49.04 -12.64 -18.79
C VAL E 244 47.90 -13.24 -17.98
N TYR E 245 46.92 -12.40 -17.65
CA TYR E 245 45.69 -12.81 -17.01
C TYR E 245 44.56 -12.75 -18.04
N ALA E 246 43.50 -13.50 -17.80
CA ALA E 246 42.27 -13.38 -18.57
C ALA E 246 41.12 -13.25 -17.58
N ILE E 247 40.26 -12.27 -17.80
CA ILE E 247 39.10 -12.03 -16.94
C ILE E 247 37.87 -11.98 -17.83
N LEU E 248 36.93 -12.87 -17.57
CA LEU E 248 35.71 -12.99 -18.36
C LEU E 248 34.51 -13.02 -17.43
N THR E 249 33.43 -12.38 -17.86
CA THR E 249 32.25 -12.44 -17.00
C THR E 249 31.54 -13.79 -17.13
N HIS E 250 31.56 -14.42 -18.30
CA HIS E 250 30.88 -15.70 -18.50
C HIS E 250 31.88 -16.78 -18.87
N GLY E 251 32.10 -17.72 -17.96
CA GLY E 251 32.96 -18.87 -18.21
C GLY E 251 32.25 -20.09 -18.74
N ILE E 252 31.89 -20.10 -20.02
CA ILE E 252 31.16 -21.24 -20.58
C ILE E 252 32.06 -22.46 -20.66
N PHE E 253 33.26 -22.30 -21.22
CA PHE E 253 34.30 -23.34 -21.23
C PHE E 253 33.84 -24.63 -21.88
N SER E 254 33.22 -24.52 -23.06
CA SER E 254 32.75 -25.71 -23.74
C SER E 254 33.83 -26.24 -24.69
N GLY E 255 33.64 -27.47 -25.14
CA GLY E 255 34.54 -28.09 -26.07
C GLY E 255 35.93 -28.30 -25.52
N PRO E 256 36.94 -27.84 -26.27
CA PRO E 256 38.34 -28.02 -25.87
C PRO E 256 38.88 -26.92 -24.98
N ALA E 257 38.02 -26.08 -24.38
CA ALA E 257 38.50 -24.91 -23.67
C ALA E 257 39.41 -25.27 -22.51
N ILE E 258 39.07 -26.33 -21.77
CA ILE E 258 39.86 -26.66 -20.58
C ILE E 258 41.25 -27.12 -20.97
N SER E 259 41.35 -27.95 -22.00
CA SER E 259 42.67 -28.39 -22.46
C SER E 259 43.50 -27.22 -22.96
N ARG E 260 42.90 -26.32 -23.73
CA ARG E 260 43.64 -25.16 -24.24
C ARG E 260 44.12 -24.27 -23.12
N ILE E 261 43.26 -24.02 -22.12
CA ILE E 261 43.68 -23.20 -20.99
C ILE E 261 44.81 -23.88 -20.22
N ASN E 262 44.69 -25.20 -20.01
CA ASN E 262 45.75 -25.93 -19.33
C ASN E 262 47.07 -25.84 -20.09
N ASN E 263 47.02 -25.80 -21.42
CA ASN E 263 48.23 -25.67 -22.22
C ASN E 263 48.62 -24.22 -22.46
N ALA E 264 47.83 -23.26 -21.99
CA ALA E 264 48.13 -21.86 -22.21
C ALA E 264 49.00 -21.30 -21.10
N CYS E 265 49.45 -20.06 -21.30
CA CYS E 265 50.40 -19.42 -20.40
C CYS E 265 49.74 -18.53 -19.36
N PHE E 266 48.41 -18.57 -19.24
CA PHE E 266 47.71 -17.71 -18.30
C PHE E 266 48.20 -17.94 -16.89
N GLU E 267 48.42 -16.86 -16.17
CA GLU E 267 48.61 -16.97 -14.72
C GLU E 267 47.31 -17.40 -14.06
N ALA E 268 46.19 -16.83 -14.49
CA ALA E 268 44.89 -17.18 -13.97
C ALA E 268 43.84 -16.88 -15.03
N VAL E 269 42.74 -17.61 -14.97
CA VAL E 269 41.57 -17.33 -15.80
C VAL E 269 40.43 -17.06 -14.84
N VAL E 270 40.13 -15.79 -14.62
CA VAL E 270 39.11 -15.38 -13.69
C VAL E 270 37.79 -15.23 -14.45
N VAL E 271 36.74 -15.84 -13.92
CA VAL E 271 35.41 -15.73 -14.50
C VAL E 271 34.44 -15.43 -13.38
N THR E 272 33.34 -14.80 -13.73
CA THR E 272 32.32 -14.65 -12.69
C THR E 272 31.54 -15.96 -12.53
N ASN E 273 30.74 -16.03 -11.46
CA ASN E 273 29.88 -17.21 -11.30
C ASN E 273 28.47 -16.99 -11.84
N THR E 274 28.36 -16.43 -13.05
CA THR E 274 27.06 -16.45 -13.72
C THR E 274 26.72 -17.84 -14.22
N ILE E 275 27.72 -18.69 -14.34
CA ILE E 275 27.61 -20.07 -14.80
C ILE E 275 28.31 -20.90 -13.74
N PRO E 276 27.77 -22.04 -13.31
CA PRO E 276 28.46 -22.85 -12.30
C PRO E 276 29.81 -23.32 -12.82
N GLN E 277 30.81 -23.30 -11.95
CA GLN E 277 32.18 -23.55 -12.35
C GLN E 277 32.86 -24.70 -11.62
N GLU E 278 32.17 -25.37 -10.69
CA GLU E 278 32.84 -26.35 -9.84
C GLU E 278 33.47 -27.48 -10.64
N ASP E 279 32.75 -27.98 -11.65
CA ASP E 279 33.27 -29.08 -12.45
C ASP E 279 34.51 -28.65 -13.23
N LYS E 280 34.50 -27.44 -13.80
CA LYS E 280 35.64 -26.96 -14.57
C LYS E 280 36.85 -26.72 -13.67
N MET E 281 36.62 -26.22 -12.45
CA MET E 281 37.73 -26.00 -11.52
C MET E 281 38.42 -27.30 -11.15
N LYS E 282 37.69 -28.41 -11.17
CA LYS E 282 38.31 -29.71 -10.88
C LYS E 282 39.40 -30.04 -11.90
N HIS E 283 39.13 -29.78 -13.18
CA HIS E 283 40.06 -30.14 -14.24
C HIS E 283 40.95 -28.99 -14.68
N CYS E 284 40.81 -27.81 -14.10
CA CYS E 284 41.64 -26.67 -14.52
C CYS E 284 42.03 -25.89 -13.28
N SER E 285 43.32 -25.91 -12.95
CA SER E 285 43.79 -25.30 -11.71
C SER E 285 43.72 -23.78 -11.74
N LYS E 286 43.90 -23.18 -12.91
CA LYS E 286 44.07 -21.74 -12.99
C LYS E 286 42.75 -20.99 -13.17
N ILE E 287 41.62 -21.67 -13.14
CA ILE E 287 40.34 -20.98 -13.15
C ILE E 287 40.04 -20.47 -11.75
N GLN E 288 39.64 -19.21 -11.65
CA GLN E 288 39.22 -18.60 -10.40
C GLN E 288 37.86 -17.94 -10.60
N VAL E 289 37.10 -17.80 -9.51
CA VAL E 289 35.70 -17.29 -9.66
C VAL E 289 35.48 -15.98 -8.87
N ILE E 290 34.84 -14.98 -9.50
CA ILE E 290 34.46 -13.74 -8.77
C ILE E 290 32.96 -13.82 -8.47
N ASP E 291 32.57 -13.77 -7.20
CA ASP E 291 31.17 -13.81 -6.84
C ASP E 291 30.51 -12.51 -7.30
N ILE E 292 29.41 -12.63 -8.05
CA ILE E 292 28.58 -11.49 -8.38
C ILE E 292 27.18 -11.62 -7.81
N SER E 293 26.98 -12.57 -6.89
CA SER E 293 25.68 -12.74 -6.27
C SER E 293 25.25 -11.53 -5.47
N MET E 294 26.20 -10.73 -4.95
CA MET E 294 25.81 -9.52 -4.25
C MET E 294 25.20 -8.50 -5.21
N ILE E 295 25.74 -8.38 -6.42
CA ILE E 295 25.19 -7.46 -7.39
C ILE E 295 23.78 -7.89 -7.79
N LEU E 296 23.59 -9.19 -8.05
CA LEU E 296 22.29 -9.68 -8.45
C LEU E 296 21.27 -9.53 -7.31
N ALA E 297 21.67 -9.84 -6.09
CA ALA E 297 20.79 -9.70 -4.95
C ALA E 297 20.39 -8.25 -4.73
N GLU E 298 21.37 -7.34 -4.83
CA GLU E 298 21.05 -5.92 -4.68
C GLU E 298 20.16 -5.42 -5.79
N ALA E 299 20.36 -5.91 -7.01
CA ALA E 299 19.47 -5.51 -8.11
C ALA E 299 18.05 -5.99 -7.87
N ILE E 300 17.90 -7.23 -7.40
CA ILE E 300 16.57 -7.75 -7.10
C ILE E 300 15.91 -6.91 -6.02
N ARG E 301 16.66 -6.62 -4.95
CA ARG E 301 16.10 -5.90 -3.83
C ARG E 301 15.76 -4.46 -4.20
N ARG E 302 16.55 -3.85 -5.08
CA ARG E 302 16.28 -2.49 -5.51
C ARG E 302 15.10 -2.41 -6.48
N THR E 303 14.97 -3.40 -7.38
CA THR E 303 13.78 -3.41 -8.23
C THR E 303 12.53 -3.64 -7.38
N HIS E 304 12.62 -4.49 -6.36
CA HIS E 304 11.47 -4.71 -5.50
C HIS E 304 11.09 -3.46 -4.72
N ASN E 305 12.08 -2.76 -4.16
CA ASN E 305 11.79 -1.61 -3.32
C ASN E 305 11.69 -0.30 -4.09
N GLY E 306 11.84 -0.34 -5.41
CA GLY E 306 11.79 0.88 -6.18
C GLY E 306 12.97 1.80 -5.99
N GLU E 307 14.11 1.28 -5.56
CA GLU E 307 15.32 2.09 -5.49
C GLU E 307 16.07 2.04 -6.82
N SER E 308 17.07 2.90 -6.94
CA SER E 308 17.83 2.99 -8.18
C SER E 308 18.68 1.75 -8.39
N VAL E 309 18.56 1.15 -9.56
CA VAL E 309 19.41 0.01 -9.92
C VAL E 309 20.72 0.49 -10.53
N SER E 310 20.68 1.58 -11.29
CA SER E 310 21.87 2.06 -11.98
C SER E 310 22.95 2.51 -11.01
N TYR E 311 22.58 2.71 -9.75
CA TYR E 311 23.54 2.97 -8.68
C TYR E 311 24.60 1.87 -8.64
N LEU E 312 24.21 0.65 -8.99
CA LEU E 312 25.10 -0.49 -9.00
C LEU E 312 26.09 -0.49 -10.16
N PHE E 313 25.91 0.36 -11.17
CA PHE E 313 26.84 0.35 -12.29
C PHE E 313 28.25 0.76 -11.84
N SER E 314 28.35 1.51 -10.75
CA SER E 314 29.63 2.01 -10.29
C SER E 314 29.95 1.69 -8.84
N HIS E 315 29.06 1.04 -8.10
CA HIS E 315 29.24 0.83 -6.68
C HIS E 315 29.13 -0.65 -6.34
N VAL E 316 30.14 -1.17 -5.65
CA VAL E 316 30.07 -2.54 -5.13
C VAL E 316 29.29 -2.54 -3.82
N PRO E 317 28.19 -3.30 -3.72
CA PRO E 317 27.40 -3.34 -2.50
C PRO E 317 27.92 -4.37 -1.49
N PRO F 2 -1.01 -7.57 -58.60
CA PRO F 2 -0.38 -6.54 -57.77
C PRO F 2 0.84 -5.93 -58.43
N ASN F 3 0.77 -4.63 -58.69
CA ASN F 3 1.83 -3.91 -59.37
C ASN F 3 2.64 -3.08 -58.40
N ILE F 4 3.83 -2.68 -58.85
CA ILE F 4 4.69 -1.81 -58.05
C ILE F 4 4.18 -0.39 -58.13
N LYS F 5 4.03 0.25 -56.97
CA LYS F 5 3.77 1.67 -56.88
C LYS F 5 4.87 2.29 -56.03
N ILE F 6 5.57 3.26 -56.60
CA ILE F 6 6.65 3.95 -55.91
C ILE F 6 6.14 5.33 -55.51
N PHE F 7 6.22 5.65 -54.23
CA PHE F 7 5.84 6.97 -53.74
C PHE F 7 7.05 7.64 -53.09
N SER F 8 7.16 8.93 -53.29
CA SER F 8 8.27 9.70 -52.76
C SER F 8 7.80 10.55 -51.58
N GLY F 9 8.54 10.49 -50.49
CA GLY F 9 8.45 11.52 -49.49
C GLY F 9 9.20 12.75 -49.93
N SER F 10 9.07 13.81 -49.15
CA SER F 10 9.71 15.07 -49.52
C SER F 10 11.20 15.08 -49.24
N SER F 11 11.73 14.11 -48.50
CA SER F 11 13.13 14.16 -48.09
C SER F 11 14.09 14.05 -49.28
N HIS F 12 13.91 13.03 -50.12
CA HIS F 12 14.87 12.78 -51.18
C HIS F 12 14.11 12.45 -52.47
N GLN F 13 13.69 13.49 -53.18
CA GLN F 13 12.86 13.29 -54.36
C GLN F 13 13.68 12.87 -55.57
N ASP F 14 14.93 13.33 -55.66
CA ASP F 14 15.79 12.94 -56.76
C ASP F 14 16.07 11.44 -56.74
N LEU F 15 16.35 10.89 -55.55
CA LEU F 15 16.57 9.46 -55.44
C LEU F 15 15.34 8.66 -55.81
N SER F 16 14.16 9.11 -55.37
CA SER F 16 12.92 8.43 -55.72
C SER F 16 12.71 8.44 -57.22
N GLN F 17 12.99 9.57 -57.87
CA GLN F 17 12.85 9.65 -59.31
C GLN F 17 13.83 8.71 -60.02
N LYS F 18 15.08 8.67 -59.56
CA LYS F 18 16.04 7.75 -60.17
C LYS F 18 15.58 6.31 -60.04
N ILE F 19 15.09 5.93 -58.87
CA ILE F 19 14.59 4.58 -58.66
C ILE F 19 13.41 4.29 -59.58
N ALA F 20 12.49 5.26 -59.70
CA ALA F 20 11.33 5.08 -60.54
C ALA F 20 11.71 4.90 -62.01
N ASP F 21 12.67 5.69 -62.49
CA ASP F 21 13.16 5.52 -63.86
C ASP F 21 13.80 4.15 -64.06
N ARG F 22 14.61 3.70 -63.10
CA ARG F 22 15.22 2.39 -63.25
C ARG F 22 14.17 1.28 -63.24
N LEU F 23 13.06 1.49 -62.54
CA LEU F 23 11.99 0.51 -62.56
C LEU F 23 11.07 0.66 -63.77
N GLY F 24 11.25 1.69 -64.58
CA GLY F 24 10.36 1.93 -65.70
C GLY F 24 8.99 2.42 -65.29
N LEU F 25 8.89 3.11 -64.16
CA LEU F 25 7.61 3.54 -63.62
C LEU F 25 7.60 5.05 -63.41
N GLU F 26 6.40 5.60 -63.30
CA GLU F 26 6.25 6.97 -62.85
C GLU F 26 5.97 6.99 -61.36
N LEU F 27 6.66 7.94 -60.69
CA LEU F 27 6.55 8.06 -59.21
C LEU F 27 5.07 8.15 -58.85
N GLY F 28 4.65 7.42 -57.81
CA GLY F 28 3.22 7.48 -57.55
C GLY F 28 2.78 8.89 -57.19
N LYS F 29 1.56 9.22 -57.59
CA LYS F 29 1.02 10.54 -57.30
C LYS F 29 0.69 10.65 -55.81
N VAL F 30 1.40 11.53 -55.12
CA VAL F 30 1.14 11.81 -53.72
C VAL F 30 1.40 13.28 -53.46
N VAL F 31 0.56 13.89 -52.64
CA VAL F 31 0.77 15.25 -52.15
C VAL F 31 1.25 15.14 -50.71
N THR F 32 2.46 15.67 -50.48
CA THR F 32 3.09 15.61 -49.15
C THR F 32 3.61 17.01 -48.79
N LYS F 33 2.84 17.77 -48.02
CA LYS F 33 3.17 19.14 -47.65
C LYS F 33 2.85 19.34 -46.19
N LYS F 34 2.87 20.57 -45.73
CA LYS F 34 2.50 20.88 -44.37
C LYS F 34 1.33 21.86 -44.35
N PHE F 35 0.38 21.60 -43.46
CA PHE F 35 -0.64 22.59 -43.14
C PHE F 35 0.02 23.81 -42.51
N SER F 36 -0.78 24.87 -42.36
CA SER F 36 -0.25 26.12 -41.79
C SER F 36 0.32 25.91 -40.40
N ASN F 37 -0.36 25.13 -39.56
CA ASN F 37 0.12 24.87 -38.21
C ASN F 37 1.20 23.79 -38.16
N GLN F 38 1.77 23.44 -39.31
CA GLN F 38 2.90 22.54 -39.48
C GLN F 38 2.56 21.07 -39.28
N GLU F 39 1.29 20.70 -39.31
CA GLU F 39 0.93 19.30 -39.35
C GLU F 39 1.14 18.76 -40.76
N THR F 40 1.64 17.52 -40.82
CA THR F 40 1.96 16.90 -42.13
C THR F 40 0.67 16.51 -42.86
N CYS F 41 0.48 17.04 -44.06
CA CYS F 41 -0.68 16.73 -44.88
C CYS F 41 -0.26 15.77 -45.97
N VAL F 42 -0.94 14.63 -46.06
CA VAL F 42 -0.64 13.60 -47.05
C VAL F 42 -1.93 13.24 -47.77
N GLU F 43 -1.87 13.18 -49.08
CA GLU F 43 -2.99 12.72 -49.89
C GLU F 43 -2.46 11.81 -50.99
N ILE F 44 -2.89 10.55 -50.99
CA ILE F 44 -2.49 9.62 -52.04
C ILE F 44 -3.35 9.91 -53.26
N GLY F 45 -2.70 10.32 -54.35
CA GLY F 45 -3.37 10.77 -55.55
C GLY F 45 -3.77 9.69 -56.53
N GLU F 46 -3.58 8.43 -56.18
CA GLU F 46 -3.97 7.32 -57.03
C GLU F 46 -4.34 6.15 -56.16
N SER F 47 -5.12 5.24 -56.72
CA SER F 47 -5.49 4.04 -55.99
C SER F 47 -4.28 3.13 -55.81
N VAL F 48 -4.08 2.66 -54.58
CA VAL F 48 -3.05 1.68 -54.28
C VAL F 48 -3.66 0.35 -53.87
N ARG F 49 -4.90 0.05 -54.27
CA ARG F 49 -5.56 -1.21 -53.83
C ARG F 49 -4.88 -2.46 -54.42
N GLY F 50 -4.58 -3.44 -53.56
CA GLY F 50 -3.97 -4.69 -54.03
C GLY F 50 -2.68 -4.39 -54.76
N GLU F 51 -2.00 -3.29 -54.40
CA GLU F 51 -0.72 -3.05 -55.04
C GLU F 51 0.43 -3.29 -54.06
N ASP F 52 1.63 -3.47 -54.62
CA ASP F 52 2.85 -3.59 -53.85
C ASP F 52 3.48 -2.20 -53.78
N VAL F 53 3.33 -1.54 -52.63
CA VAL F 53 3.67 -0.13 -52.48
C VAL F 53 5.05 -0.01 -51.85
N TYR F 54 5.89 0.83 -52.43
CA TYR F 54 7.20 1.14 -51.89
C TYR F 54 7.28 2.64 -51.66
N ILE F 55 7.56 3.04 -50.43
CA ILE F 55 7.65 4.45 -50.06
C ILE F 55 9.10 4.75 -49.74
N VAL F 56 9.69 5.68 -50.49
CA VAL F 56 11.11 6.02 -50.36
C VAL F 56 11.21 7.28 -49.51
N GLN F 57 11.94 7.18 -48.40
CA GLN F 57 12.15 8.28 -47.48
C GLN F 57 13.39 7.99 -46.65
N SER F 58 14.35 8.90 -46.68
CA SER F 58 15.57 8.71 -45.92
C SER F 58 15.54 9.53 -44.64
N GLY F 59 16.32 9.09 -43.66
CA GLY F 59 16.47 9.79 -42.41
C GLY F 59 17.47 10.92 -42.51
N CYS F 60 17.07 12.01 -43.15
CA CYS F 60 17.96 13.12 -43.46
C CYS F 60 17.19 14.42 -43.36
N GLY F 61 17.92 15.52 -43.38
CA GLY F 61 17.29 16.82 -43.31
C GLY F 61 16.54 16.99 -42.00
N GLU F 62 15.29 17.46 -42.10
CA GLU F 62 14.40 17.58 -40.96
C GLU F 62 13.88 16.19 -40.59
N ILE F 63 14.63 15.53 -39.70
CA ILE F 63 14.49 14.09 -39.52
C ILE F 63 13.11 13.74 -38.95
N ASN F 64 12.66 14.47 -37.95
CA ASN F 64 11.38 14.13 -37.33
C ASN F 64 10.22 14.39 -38.27
N ASP F 65 10.29 15.48 -39.05
CA ASP F 65 9.28 15.74 -40.07
C ASP F 65 9.24 14.63 -41.11
N ASN F 66 10.41 14.20 -41.60
CA ASN F 66 10.46 13.16 -42.62
C ASN F 66 9.96 11.83 -42.07
N LEU F 67 10.31 11.51 -40.82
CA LEU F 67 9.86 10.28 -40.21
C LEU F 67 8.35 10.27 -40.04
N MET F 68 7.78 11.39 -39.59
CA MET F 68 6.34 11.46 -39.46
C MET F 68 5.66 11.39 -40.82
N GLU F 69 6.22 12.05 -41.83
CA GLU F 69 5.71 11.91 -43.19
C GLU F 69 5.69 10.46 -43.63
N LEU F 70 6.77 9.74 -43.38
CA LEU F 70 6.83 8.34 -43.77
C LEU F 70 5.77 7.51 -43.06
N LEU F 71 5.63 7.72 -41.74
CA LEU F 71 4.63 6.95 -40.99
C LEU F 71 3.23 7.26 -41.48
N ILE F 72 2.93 8.52 -41.74
CA ILE F 72 1.62 8.92 -42.20
C ILE F 72 1.33 8.33 -43.58
N MET F 73 2.33 8.34 -44.48
CA MET F 73 2.14 7.77 -45.80
C MET F 73 1.92 6.27 -45.73
N ILE F 74 2.68 5.58 -44.87
CA ILE F 74 2.48 4.15 -44.68
C ILE F 74 1.07 3.88 -44.20
N ASN F 75 0.61 4.66 -43.23
CA ASN F 75 -0.74 4.45 -42.69
C ASN F 75 -1.79 4.69 -43.77
N ALA F 76 -1.61 5.75 -44.56
CA ALA F 76 -2.57 6.06 -45.62
C ALA F 76 -2.65 4.93 -46.64
N CYS F 77 -1.50 4.39 -47.03
CA CYS F 77 -1.50 3.29 -47.98
C CYS F 77 -2.09 2.03 -47.38
N LYS F 78 -1.83 1.77 -46.09
CA LYS F 78 -2.32 0.56 -45.48
C LYS F 78 -3.84 0.58 -45.31
N ILE F 79 -4.40 1.71 -44.87
CA ILE F 79 -5.86 1.76 -44.77
C ILE F 79 -6.52 1.98 -46.12
N ALA F 80 -5.75 2.26 -47.17
CA ALA F 80 -6.26 2.28 -48.53
C ALA F 80 -6.20 0.91 -49.19
N SER F 81 -5.93 -0.15 -48.41
CA SER F 81 -6.03 -1.54 -48.86
C SER F 81 -4.92 -1.91 -49.85
N ALA F 82 -3.73 -1.37 -49.66
CA ALA F 82 -2.58 -1.85 -50.39
C ALA F 82 -2.28 -3.29 -49.98
N SER F 83 -1.91 -4.12 -50.95
CA SER F 83 -1.63 -5.51 -50.64
C SER F 83 -0.41 -5.64 -49.73
N ARG F 84 0.60 -4.81 -49.96
CA ARG F 84 1.82 -4.85 -49.18
C ARG F 84 2.44 -3.45 -49.21
N VAL F 85 2.99 -3.02 -48.08
CA VAL F 85 3.62 -1.72 -47.96
C VAL F 85 5.05 -1.92 -47.49
N THR F 86 6.00 -1.39 -48.24
CA THR F 86 7.41 -1.50 -47.92
C THR F 86 8.00 -0.10 -47.72
N ALA F 87 8.75 0.08 -46.65
CA ALA F 87 9.46 1.32 -46.41
C ALA F 87 10.88 1.18 -46.92
N VAL F 88 11.25 2.03 -47.87
CA VAL F 88 12.59 2.06 -48.42
C VAL F 88 13.29 3.23 -47.76
N ILE F 89 14.12 2.94 -46.77
CA ILE F 89 14.74 3.97 -45.94
C ILE F 89 16.24 3.91 -46.11
N PRO F 90 16.81 4.61 -47.10
CA PRO F 90 18.24 4.45 -47.39
C PRO F 90 19.14 4.74 -46.20
N CYS F 91 18.84 5.79 -45.43
CA CYS F 91 19.55 6.08 -44.18
C CYS F 91 18.54 5.99 -43.04
N PHE F 92 18.75 5.04 -42.15
CA PHE F 92 17.77 4.75 -41.11
C PHE F 92 17.87 5.78 -39.99
N PRO F 93 16.80 6.50 -39.66
CA PRO F 93 16.87 7.51 -38.61
C PRO F 93 17.00 6.89 -37.22
N TYR F 94 17.70 7.62 -36.35
CA TYR F 94 17.96 7.22 -34.96
C TYR F 94 18.73 5.92 -34.86
N ALA F 95 19.43 5.54 -35.93
CA ALA F 95 20.16 4.27 -35.91
C ALA F 95 21.28 4.27 -34.87
N ARG F 96 21.86 5.43 -34.58
CA ARG F 96 22.93 5.50 -33.61
C ARG F 96 22.46 5.41 -32.17
N GLN F 97 21.13 5.50 -31.97
CA GLN F 97 20.55 5.31 -30.60
C GLN F 97 20.04 3.88 -30.53
N ASP F 98 20.95 2.90 -30.65
CA ASP F 98 20.59 1.49 -30.70
C ASP F 98 20.81 0.78 -29.38
N LYS F 99 21.16 1.50 -28.31
CA LYS F 99 21.40 0.88 -27.02
C LYS F 99 21.41 1.95 -25.93
N LYS F 100 21.34 1.51 -24.68
CA LYS F 100 21.35 2.41 -23.54
C LYS F 100 22.74 2.66 -22.97
N ASP F 101 23.46 1.58 -22.64
CA ASP F 101 24.85 1.65 -22.22
C ASP F 101 25.08 2.53 -20.99
N LYS F 102 24.56 2.10 -19.84
CA LYS F 102 24.80 2.76 -18.55
C LYS F 102 24.23 4.17 -18.50
N SER F 103 23.18 4.39 -19.28
CA SER F 103 22.54 5.69 -19.28
C SER F 103 21.03 5.48 -19.26
N ARG F 104 20.32 6.39 -18.59
CA ARG F 104 18.86 6.38 -18.60
C ARG F 104 18.39 7.07 -19.89
N ALA F 105 18.66 6.41 -20.98
CA ALA F 105 18.41 6.89 -22.31
C ALA F 105 17.37 6.04 -23.02
N PRO F 106 16.70 6.57 -24.02
CA PRO F 106 15.83 5.73 -24.85
C PRO F 106 16.65 4.87 -25.79
N ILE F 107 16.05 3.77 -26.23
CA ILE F 107 16.56 3.06 -27.41
C ILE F 107 15.69 3.56 -28.57
N SER F 108 16.11 4.68 -29.15
CA SER F 108 15.26 5.37 -30.13
C SER F 108 15.11 4.56 -31.41
N ALA F 109 16.14 3.82 -31.80
CA ALA F 109 16.03 2.97 -32.98
C ALA F 109 14.93 1.93 -32.82
N LYS F 110 14.83 1.33 -31.64
CA LYS F 110 13.76 0.37 -31.39
C LYS F 110 12.40 1.05 -31.43
N LEU F 111 12.31 2.27 -30.88
CA LEU F 111 11.05 3.00 -30.93
C LEU F 111 10.64 3.28 -32.38
N VAL F 112 11.61 3.67 -33.22
CA VAL F 112 11.32 3.92 -34.62
C VAL F 112 10.85 2.64 -35.31
N ALA F 113 11.51 1.52 -35.00
CA ALA F 113 11.09 0.24 -35.58
C ALA F 113 9.67 -0.10 -35.17
N ASN F 114 9.34 0.08 -33.90
CA ASN F 114 7.98 -0.18 -33.41
C ASN F 114 6.97 0.73 -34.09
N MET F 115 7.31 2.00 -34.29
CA MET F 115 6.40 2.93 -34.93
C MET F 115 6.17 2.55 -36.39
N LEU F 116 7.23 2.13 -37.08
CA LEU F 116 7.09 1.67 -38.47
C LEU F 116 6.20 0.44 -38.55
N SER F 117 6.36 -0.49 -37.61
CA SER F 117 5.53 -1.68 -37.60
C SER F 117 4.07 -1.34 -37.32
N VAL F 118 3.82 -0.44 -36.36
CA VAL F 118 2.46 -0.14 -35.99
C VAL F 118 1.78 0.73 -37.04
N ALA F 119 2.56 1.49 -37.83
CA ALA F 119 1.97 2.23 -38.93
C ALA F 119 1.49 1.29 -40.03
N GLY F 120 2.06 0.10 -40.11
CA GLY F 120 1.59 -0.89 -41.05
C GLY F 120 2.61 -1.36 -42.06
N ALA F 121 3.89 -1.07 -41.82
CA ALA F 121 4.92 -1.54 -42.74
C ALA F 121 5.03 -3.06 -42.67
N ASP F 122 5.07 -3.69 -43.83
CA ASP F 122 5.26 -5.13 -43.92
C ASP F 122 6.70 -5.53 -44.15
N HIS F 123 7.54 -4.58 -44.59
CA HIS F 123 8.88 -4.88 -45.05
C HIS F 123 9.70 -3.61 -45.03
N ILE F 124 10.99 -3.74 -44.72
CA ILE F 124 11.90 -2.61 -44.68
C ILE F 124 13.07 -2.91 -45.60
N ILE F 125 13.42 -1.94 -46.45
CA ILE F 125 14.65 -1.96 -47.23
C ILE F 125 15.48 -0.78 -46.80
N THR F 126 16.72 -1.04 -46.40
CA THR F 126 17.62 0.01 -45.96
C THR F 126 19.04 -0.33 -46.41
N MET F 127 19.94 0.63 -46.25
CA MET F 127 21.33 0.47 -46.68
C MET F 127 22.27 0.78 -45.53
N ASP F 128 23.19 -0.16 -45.26
CA ASP F 128 24.25 -0.01 -44.26
C ASP F 128 23.71 0.54 -42.93
N LEU F 129 22.89 -0.28 -42.27
CA LEU F 129 22.46 0.02 -40.93
C LEU F 129 23.66 0.25 -40.02
N HIS F 130 23.55 1.27 -39.16
CA HIS F 130 24.65 1.58 -38.26
C HIS F 130 25.09 0.36 -37.46
N ALA F 131 24.13 -0.39 -36.93
CA ALA F 131 24.38 -1.69 -36.33
C ALA F 131 23.38 -2.68 -36.91
N SER F 132 23.87 -3.82 -37.36
CA SER F 132 22.97 -4.78 -37.98
C SER F 132 22.02 -5.41 -36.97
N GLN F 133 22.31 -5.27 -35.68
CA GLN F 133 21.37 -5.68 -34.65
C GLN F 133 20.04 -4.95 -34.76
N ILE F 134 20.00 -3.80 -35.43
CA ILE F 134 18.74 -3.09 -35.63
C ILE F 134 17.76 -3.95 -36.41
N GLN F 135 18.27 -4.89 -37.22
CA GLN F 135 17.38 -5.84 -37.88
C GLN F 135 16.53 -6.61 -36.87
N GLY F 136 17.11 -6.94 -35.71
CA GLY F 136 16.36 -7.63 -34.68
C GLY F 136 15.35 -6.77 -33.96
N PHE F 137 15.43 -5.45 -34.12
CA PHE F 137 14.42 -4.57 -33.54
C PHE F 137 13.07 -4.73 -34.22
N PHE F 138 13.03 -5.35 -35.38
CA PHE F 138 11.80 -5.57 -36.12
C PHE F 138 11.31 -7.00 -35.97
N ASP F 139 10.02 -7.19 -36.18
CA ASP F 139 9.49 -8.52 -36.41
C ASP F 139 9.18 -8.78 -37.88
N ILE F 140 9.07 -7.74 -38.69
CA ILE F 140 8.90 -7.86 -40.14
C ILE F 140 10.28 -8.07 -40.77
N PRO F 141 10.36 -8.65 -41.98
CA PRO F 141 11.67 -8.78 -42.63
C PRO F 141 12.31 -7.44 -42.92
N VAL F 142 13.63 -7.39 -42.76
CA VAL F 142 14.42 -6.19 -43.06
C VAL F 142 15.55 -6.62 -43.99
N ASP F 143 15.63 -5.99 -45.16
CA ASP F 143 16.75 -6.21 -46.07
C ASP F 143 17.72 -5.04 -45.92
N ASN F 144 18.88 -5.34 -45.35
CA ASN F 144 19.93 -4.35 -45.14
C ASN F 144 20.93 -4.48 -46.28
N LEU F 145 20.84 -3.59 -47.27
CA LEU F 145 21.74 -3.63 -48.40
C LEU F 145 23.09 -3.04 -48.03
N TYR F 146 24.07 -3.30 -48.88
CA TYR F 146 25.44 -2.85 -48.66
C TYR F 146 25.89 -2.00 -49.84
N ALA F 147 26.52 -0.87 -49.52
CA ALA F 147 27.11 -0.03 -50.55
C ALA F 147 28.46 -0.56 -51.00
N GLU F 148 28.97 -1.62 -50.37
CA GLU F 148 30.33 -2.11 -50.64
C GLU F 148 30.58 -2.45 -52.11
N PRO F 149 29.71 -3.20 -52.84
CA PRO F 149 29.91 -3.40 -54.27
C PRO F 149 30.25 -2.07 -54.96
N ALA F 150 29.52 -1.00 -54.61
CA ALA F 150 29.74 0.31 -55.26
C ALA F 150 30.98 1.01 -54.69
N VAL F 151 31.28 0.85 -53.39
CA VAL F 151 32.50 1.45 -52.87
C VAL F 151 33.73 0.82 -53.50
N LEU F 152 33.73 -0.52 -53.61
CA LEU F 152 34.84 -1.23 -54.24
C LEU F 152 34.99 -0.81 -55.69
N LYS F 153 33.86 -0.70 -56.40
CA LYS F 153 33.90 -0.22 -57.76
C LYS F 153 34.52 1.18 -57.85
N TRP F 154 34.09 2.09 -56.97
CA TRP F 154 34.64 3.44 -57.00
C TRP F 154 36.14 3.43 -56.71
N ILE F 155 36.57 2.63 -55.73
CA ILE F 155 37.98 2.59 -55.36
C ILE F 155 38.81 2.12 -56.54
N ARG F 156 38.37 1.05 -57.22
CA ARG F 156 39.14 0.54 -58.34
C ARG F 156 39.19 1.54 -59.49
N GLU F 157 38.08 2.21 -59.78
CA GLU F 157 38.08 3.10 -60.95
C GLU F 157 38.55 4.52 -60.63
N ASN F 158 38.85 4.85 -59.38
CA ASN F 158 39.23 6.23 -59.07
C ASN F 158 40.58 6.37 -58.38
N ILE F 159 41.05 5.34 -57.70
CA ILE F 159 42.34 5.40 -57.00
C ILE F 159 43.29 4.50 -57.78
N SER F 160 44.26 5.12 -58.46
CA SER F 160 45.15 4.37 -59.33
C SER F 160 46.05 3.43 -58.55
N GLU F 161 46.38 3.77 -57.31
CA GLU F 161 47.26 2.97 -56.48
C GLU F 161 46.51 2.03 -55.56
N TRP F 162 45.30 1.63 -55.92
CA TRP F 162 44.43 0.94 -54.97
C TRP F 162 44.98 -0.41 -54.56
N ARG F 163 45.85 -1.01 -55.38
CA ARG F 163 46.42 -2.30 -55.01
C ARG F 163 47.45 -2.19 -53.91
N ASN F 164 48.02 -1.00 -53.69
CA ASN F 164 48.97 -0.78 -52.62
C ASN F 164 48.42 0.09 -51.51
N CYS F 165 47.10 0.30 -51.47
CA CYS F 165 46.51 1.19 -50.48
C CYS F 165 46.30 0.46 -49.16
N THR F 166 46.01 1.23 -48.12
CA THR F 166 45.62 0.71 -46.82
C THR F 166 44.22 1.19 -46.48
N ILE F 167 43.33 0.27 -46.18
CA ILE F 167 41.99 0.60 -45.72
C ILE F 167 42.03 0.81 -44.21
N VAL F 168 41.54 1.96 -43.75
CA VAL F 168 41.71 2.38 -42.37
C VAL F 168 40.34 2.57 -41.73
N SER F 169 40.18 1.98 -40.56
CA SER F 169 39.01 2.27 -39.75
C SER F 169 39.27 3.50 -38.89
N PRO F 170 38.34 4.46 -38.83
CA PRO F 170 38.52 5.60 -37.94
C PRO F 170 38.46 5.23 -36.46
N ASP F 171 37.83 4.12 -36.11
CA ASP F 171 37.67 3.71 -34.73
C ASP F 171 37.67 2.19 -34.66
N ALA F 172 37.67 1.66 -33.44
CA ALA F 172 37.62 0.21 -33.27
C ALA F 172 36.28 -0.36 -33.69
N GLY F 173 35.23 0.46 -33.66
CA GLY F 173 33.90 -0.05 -33.96
C GLY F 173 33.72 -0.47 -35.41
N GLY F 174 34.31 0.26 -36.35
CA GLY F 174 34.12 -0.03 -37.76
C GLY F 174 35.09 -1.01 -38.37
N ALA F 175 35.98 -1.59 -37.57
CA ALA F 175 37.04 -2.43 -38.10
C ALA F 175 36.50 -3.54 -38.98
N LYS F 176 35.44 -4.23 -38.53
CA LYS F 176 34.81 -5.27 -39.33
C LYS F 176 34.62 -4.79 -40.76
N ARG F 177 33.93 -3.66 -40.93
CA ARG F 177 33.68 -3.13 -42.27
C ARG F 177 34.96 -3.02 -43.06
N VAL F 178 35.98 -2.37 -42.50
CA VAL F 178 37.18 -2.15 -43.29
C VAL F 178 37.84 -3.48 -43.62
N THR F 179 37.81 -4.43 -42.69
CA THR F 179 38.40 -5.73 -42.98
C THR F 179 37.70 -6.37 -44.17
N SER F 180 36.37 -6.30 -44.20
CA SER F 180 35.63 -6.80 -45.35
C SER F 180 36.19 -6.19 -46.63
N ILE F 181 36.30 -4.85 -46.66
CA ILE F 181 36.81 -4.20 -47.85
C ILE F 181 38.23 -4.65 -48.12
N ALA F 182 39.05 -4.71 -47.08
CA ALA F 182 40.43 -5.12 -47.26
C ALA F 182 40.50 -6.53 -47.81
N ASP F 183 39.55 -7.38 -47.45
CA ASP F 183 39.53 -8.73 -48.00
C ASP F 183 39.17 -8.72 -49.48
N ARG F 184 38.25 -7.85 -49.89
CA ARG F 184 37.80 -7.86 -51.26
C ARG F 184 38.78 -7.20 -52.21
N LEU F 185 39.68 -6.37 -51.70
CA LEU F 185 40.69 -5.71 -52.52
C LEU F 185 42.06 -6.34 -52.41
N ASN F 186 42.31 -7.20 -51.41
CA ASN F 186 43.62 -7.76 -51.13
C ASN F 186 44.64 -6.65 -50.86
N VAL F 187 44.36 -5.89 -49.82
CA VAL F 187 45.21 -4.81 -49.36
C VAL F 187 45.31 -4.86 -47.84
N ASP F 188 46.20 -4.04 -47.30
CA ASP F 188 46.36 -3.97 -45.85
C ASP F 188 45.21 -3.18 -45.23
N PHE F 189 44.97 -3.45 -43.95
CA PHE F 189 43.97 -2.71 -43.19
C PHE F 189 44.57 -2.25 -41.88
N ALA F 190 44.31 -1.00 -41.53
CA ALA F 190 44.82 -0.35 -40.33
C ALA F 190 43.68 0.09 -39.44
N LEU F 191 43.95 0.15 -38.15
CA LEU F 191 43.01 0.68 -37.18
C LEU F 191 43.58 1.93 -36.52
N ILE F 192 42.67 2.79 -36.07
CA ILE F 192 43.00 4.00 -35.36
C ILE F 192 42.06 4.13 -34.18
N HIS F 193 42.62 4.31 -32.97
CA HIS F 193 41.77 4.50 -31.76
C HIS F 193 42.36 5.61 -30.89
N LYS F 194 41.53 6.37 -30.20
CA LYS F 194 41.99 7.41 -29.29
C LYS F 194 42.26 6.83 -27.90
N GLU F 195 43.31 7.35 -27.27
CA GLU F 195 43.72 6.88 -25.95
C GLU F 195 42.98 7.59 -24.84
N ASP F 203 42.97 12.76 -26.23
CA ASP F 203 42.92 13.56 -27.45
C ASP F 203 43.91 13.04 -28.48
N ARG F 204 44.75 12.11 -28.08
CA ARG F 204 45.71 11.49 -28.98
C ARG F 204 45.13 10.24 -29.61
N MET F 205 45.58 9.93 -30.82
CA MET F 205 45.17 8.74 -31.55
C MET F 205 46.38 7.85 -31.80
N VAL F 206 46.15 6.54 -31.75
CA VAL F 206 47.19 5.55 -32.02
C VAL F 206 46.75 4.74 -33.24
N LEU F 207 47.70 4.53 -34.15
CA LEU F 207 47.52 3.87 -35.43
C LEU F 207 48.36 2.60 -35.50
N VAL F 208 47.74 1.52 -35.92
CA VAL F 208 48.44 0.25 -36.11
C VAL F 208 48.40 -0.07 -37.59
N GLY F 209 49.54 -0.39 -38.17
CA GLY F 209 49.62 -0.69 -39.58
C GLY F 209 50.43 0.32 -40.36
N ASP F 210 51.34 -0.17 -41.19
CA ASP F 210 52.18 0.71 -41.99
C ASP F 210 51.34 1.46 -43.02
N VAL F 211 51.49 2.79 -43.04
CA VAL F 211 50.79 3.63 -44.00
C VAL F 211 51.74 4.56 -44.75
N LYS F 212 53.05 4.48 -44.51
CA LYS F 212 53.99 5.38 -45.15
C LYS F 212 54.08 5.09 -46.64
N ASP F 213 54.11 6.15 -47.44
CA ASP F 213 54.22 6.12 -48.90
C ASP F 213 53.06 5.39 -49.55
N ARG F 214 51.99 5.13 -48.83
CA ARG F 214 50.84 4.41 -49.34
C ARG F 214 49.60 5.28 -49.24
N VAL F 215 48.66 5.10 -50.16
CA VAL F 215 47.39 5.80 -50.10
C VAL F 215 46.54 5.16 -49.00
N ALA F 216 45.97 5.99 -48.14
CA ALA F 216 45.10 5.51 -47.08
C ALA F 216 43.66 5.85 -47.41
N ILE F 217 42.74 4.94 -47.09
CA ILE F 217 41.33 5.10 -47.37
C ILE F 217 40.57 4.85 -46.07
N LEU F 218 40.17 5.92 -45.39
CA LEU F 218 39.25 5.77 -44.26
C LEU F 218 37.90 5.31 -44.76
N VAL F 219 37.29 4.35 -44.07
CA VAL F 219 35.98 3.86 -44.47
C VAL F 219 35.03 3.91 -43.28
N ASP F 220 33.79 4.36 -43.52
CA ASP F 220 32.82 4.46 -42.45
C ASP F 220 31.37 4.48 -42.97
N ASP F 221 30.46 4.23 -42.04
CA ASP F 221 29.05 4.23 -42.37
C ASP F 221 28.51 5.64 -42.52
N MET F 222 28.96 6.55 -41.63
CA MET F 222 28.35 7.91 -41.66
C MET F 222 29.28 9.01 -41.16
N ALA F 223 29.23 10.17 -41.80
CA ALA F 223 29.96 11.34 -41.37
C ALA F 223 28.94 12.41 -40.98
N ASP F 224 28.79 12.64 -39.68
CA ASP F 224 27.86 13.65 -39.22
C ASP F 224 28.55 14.99 -39.02
N THR F 225 29.44 15.08 -38.05
CA THR F 225 30.19 16.30 -37.82
C THR F 225 31.62 16.20 -38.33
N CYS F 226 32.04 14.99 -38.71
CA CYS F 226 33.33 14.70 -39.32
C CYS F 226 34.50 14.97 -38.41
N GLY F 227 34.27 15.09 -37.10
CA GLY F 227 35.39 15.16 -36.18
C GLY F 227 36.22 13.90 -36.19
N THR F 228 35.55 12.75 -36.21
CA THR F 228 36.24 11.46 -36.21
C THR F 228 37.16 11.33 -37.41
N ILE F 229 36.61 11.51 -38.62
CA ILE F 229 37.42 11.29 -39.81
C ILE F 229 38.47 12.37 -39.97
N CYS F 230 38.20 13.59 -39.54
CA CYS F 230 39.22 14.64 -39.65
C CYS F 230 40.39 14.37 -38.71
N HIS F 231 40.12 13.93 -37.49
CA HIS F 231 41.20 13.56 -36.59
C HIS F 231 41.98 12.36 -37.13
N ALA F 232 41.26 11.37 -37.66
CA ALA F 232 41.93 10.20 -38.25
C ALA F 232 42.80 10.62 -39.42
N ALA F 233 42.33 11.53 -40.26
CA ALA F 233 43.13 11.97 -41.42
C ALA F 233 44.36 12.72 -40.98
N ASP F 234 44.24 13.57 -39.95
CA ASP F 234 45.42 14.24 -39.41
C ASP F 234 46.45 13.23 -38.94
N LYS F 235 45.99 12.20 -38.21
CA LYS F 235 46.91 11.17 -37.75
C LYS F 235 47.55 10.41 -38.92
N LEU F 236 46.76 10.12 -39.95
CA LEU F 236 47.30 9.40 -41.10
C LEU F 236 48.38 10.21 -41.81
N LEU F 237 48.16 11.52 -41.96
CA LEU F 237 49.21 12.35 -42.54
C LEU F 237 50.43 12.44 -41.62
N SER F 238 50.21 12.41 -40.31
CA SER F 238 51.34 12.38 -39.38
C SER F 238 52.20 11.13 -39.61
N ALA F 239 51.55 10.00 -39.88
CA ALA F 239 52.24 8.73 -40.06
C ALA F 239 52.75 8.51 -41.48
N GLY F 240 52.93 9.57 -42.25
CA GLY F 240 53.62 9.44 -43.52
C GLY F 240 52.80 8.97 -44.70
N ALA F 241 51.48 8.98 -44.58
CA ALA F 241 50.63 8.59 -45.70
C ALA F 241 50.78 9.58 -46.85
N THR F 242 50.60 9.08 -48.07
CA THR F 242 50.77 9.93 -49.24
C THR F 242 49.52 10.77 -49.49
N ARG F 243 48.37 10.10 -49.66
CA ARG F 243 47.08 10.78 -49.74
C ARG F 243 46.11 10.04 -48.85
N VAL F 244 45.13 10.77 -48.32
CA VAL F 244 44.10 10.20 -47.48
C VAL F 244 42.74 10.47 -48.13
N TYR F 245 41.99 9.40 -48.34
CA TYR F 245 40.61 9.44 -48.80
C TYR F 245 39.69 9.08 -47.65
N ALA F 246 38.45 9.53 -47.73
CA ALA F 246 37.40 9.09 -46.81
C ALA F 246 36.22 8.64 -47.64
N ILE F 247 35.69 7.46 -47.34
CA ILE F 247 34.54 6.91 -48.04
C ILE F 247 33.49 6.53 -47.00
N LEU F 248 32.32 7.14 -47.11
CA LEU F 248 31.23 6.93 -46.17
C LEU F 248 29.96 6.63 -46.94
N THR F 249 29.16 5.72 -46.39
CA THR F 249 27.90 5.46 -47.08
C THR F 249 26.87 6.56 -46.83
N HIS F 250 26.88 7.18 -45.65
CA HIS F 250 25.91 8.23 -45.33
C HIS F 250 26.62 9.56 -45.07
N GLY F 251 26.46 10.51 -45.98
CA GLY F 251 27.00 11.84 -45.82
C GLY F 251 26.06 12.83 -45.17
N ILE F 252 25.89 12.76 -43.86
CA ILE F 252 24.96 13.66 -43.18
C ILE F 252 25.50 15.09 -43.17
N PHE F 253 26.76 15.26 -42.79
CA PHE F 253 27.47 16.55 -42.90
C PHE F 253 26.76 17.68 -42.15
N SER F 254 26.36 17.41 -40.91
CA SER F 254 25.68 18.44 -40.14
C SER F 254 26.69 19.25 -39.32
N GLY F 255 26.24 20.38 -38.82
CA GLY F 255 27.05 21.24 -38.00
C GLY F 255 28.26 21.81 -38.72
N PRO F 256 29.44 21.65 -38.12
CA PRO F 256 30.67 22.19 -38.70
C PRO F 256 31.37 21.27 -39.69
N ALA F 257 30.70 20.23 -40.18
CA ALA F 257 31.37 19.22 -40.97
C ALA F 257 32.00 19.81 -42.23
N ILE F 258 31.30 20.72 -42.90
CA ILE F 258 31.79 21.24 -44.17
C ILE F 258 33.05 22.07 -43.95
N SER F 259 33.07 22.90 -42.92
CA SER F 259 34.26 23.69 -42.63
C SER F 259 35.44 22.80 -42.28
N ARG F 260 35.21 21.77 -41.45
CA ARG F 260 36.29 20.87 -41.07
C ARG F 260 36.84 20.12 -42.27
N ILE F 261 35.96 19.65 -43.15
CA ILE F 261 36.43 18.95 -44.35
C ILE F 261 37.21 19.90 -45.24
N ASN F 262 36.72 21.13 -45.41
CA ASN F 262 37.45 22.12 -46.19
C ASN F 262 38.83 22.39 -45.62
N ASN F 263 38.97 22.36 -44.29
CA ASN F 263 40.27 22.57 -43.66
C ASN F 263 41.05 21.28 -43.51
N ALA F 264 40.50 20.14 -43.90
CA ALA F 264 41.21 18.88 -43.74
C ALA F 264 42.04 18.56 -44.98
N CYS F 265 42.82 17.49 -44.87
CA CYS F 265 43.78 17.12 -45.89
C CYS F 265 43.24 16.08 -46.87
N PHE F 266 41.96 15.75 -46.80
CA PHE F 266 41.40 14.72 -47.67
C PHE F 266 41.61 15.06 -49.13
N GLU F 267 42.02 14.06 -49.91
CA GLU F 267 41.98 14.20 -51.35
C GLU F 267 40.54 14.26 -51.84
N ALA F 268 39.69 13.42 -51.28
CA ALA F 268 38.27 13.40 -51.61
C ALA F 268 37.50 12.84 -50.43
N VAL F 269 36.24 13.24 -50.33
CA VAL F 269 35.32 12.67 -49.36
C VAL F 269 34.17 12.09 -50.18
N VAL F 270 34.20 10.78 -50.37
CA VAL F 270 33.22 10.09 -51.18
C VAL F 270 32.10 9.61 -50.27
N VAL F 271 30.87 9.91 -50.63
CA VAL F 271 29.71 9.45 -49.88
C VAL F 271 28.71 8.88 -50.88
N THR F 272 27.87 7.97 -50.41
CA THR F 272 26.80 7.56 -51.31
C THR F 272 25.68 8.59 -51.34
N ASN F 273 24.76 8.44 -52.28
CA ASN F 273 23.60 9.34 -52.30
C ASN F 273 22.39 8.75 -51.59
N THR F 274 22.58 8.20 -50.39
CA THR F 274 21.43 7.87 -49.56
C THR F 274 20.79 9.11 -48.98
N ILE F 275 21.54 10.21 -48.97
CA ILE F 275 21.12 11.51 -48.47
C ILE F 275 21.44 12.49 -49.59
N PRO F 276 20.55 13.43 -49.92
CA PRO F 276 20.86 14.39 -50.99
C PRO F 276 22.09 15.22 -50.63
N GLN F 277 22.93 15.46 -51.64
CA GLN F 277 24.23 16.08 -51.41
C GLN F 277 24.46 17.36 -52.20
N GLU F 278 23.51 17.80 -53.00
CA GLU F 278 23.77 18.92 -53.92
C GLU F 278 24.16 20.18 -53.17
N ASP F 279 23.48 20.48 -52.07
CA ASP F 279 23.79 21.69 -51.30
C ASP F 279 25.20 21.62 -50.71
N LYS F 280 25.57 20.47 -50.17
CA LYS F 280 26.90 20.32 -49.58
C LYS F 280 27.99 20.41 -50.63
N MET F 281 27.75 19.85 -51.82
CA MET F 281 28.75 19.92 -52.90
C MET F 281 29.01 21.36 -53.31
N LYS F 282 28.01 22.24 -53.17
CA LYS F 282 28.22 23.64 -53.51
C LYS F 282 29.30 24.27 -52.64
N HIS F 283 29.29 23.97 -51.34
CA HIS F 283 30.21 24.57 -50.40
C HIS F 283 31.43 23.72 -50.09
N CYS F 284 31.54 22.53 -50.70
CA CYS F 284 32.68 21.66 -50.41
C CYS F 284 33.10 21.00 -51.72
N SER F 285 34.29 21.37 -52.20
CA SER F 285 34.75 20.90 -53.51
C SER F 285 35.08 19.42 -53.50
N LYS F 286 35.58 18.90 -52.38
CA LYS F 286 36.14 17.56 -52.36
C LYS F 286 35.11 16.47 -52.03
N ILE F 287 33.84 16.82 -51.89
CA ILE F 287 32.80 15.81 -51.74
C ILE F 287 32.48 15.22 -53.10
N GLN F 288 32.42 13.89 -53.18
CA GLN F 288 32.01 13.19 -54.38
C GLN F 288 30.93 12.19 -54.02
N VAL F 289 30.09 11.84 -55.00
CA VAL F 289 28.91 10.96 -54.69
C VAL F 289 28.95 9.64 -55.47
N ILE F 290 28.69 8.51 -54.78
CA ILE F 290 28.58 7.21 -55.51
C ILE F 290 27.08 6.87 -55.59
N ASP F 291 26.56 6.70 -56.81
CA ASP F 291 25.16 6.36 -56.98
C ASP F 291 24.94 4.94 -56.48
N ILE F 292 23.96 4.76 -55.58
CA ILE F 292 23.52 3.44 -55.17
C ILE F 292 22.07 3.18 -55.55
N SER F 293 21.51 4.04 -56.41
CA SER F 293 20.13 3.83 -56.85
C SER F 293 19.95 2.54 -57.62
N MET F 294 20.99 2.04 -58.29
CA MET F 294 20.86 0.76 -58.95
C MET F 294 20.67 -0.37 -57.95
N ILE F 295 21.39 -0.34 -56.83
CA ILE F 295 21.24 -1.37 -55.81
C ILE F 295 19.83 -1.32 -55.21
N LEU F 296 19.34 -0.12 -54.91
CA LEU F 296 18.01 0.00 -54.33
C LEU F 296 16.93 -0.43 -55.33
N ALA F 297 17.07 -0.04 -56.59
CA ALA F 297 16.10 -0.43 -57.61
C ALA F 297 16.10 -1.94 -57.80
N GLU F 298 17.28 -2.55 -57.86
CA GLU F 298 17.35 -4.00 -58.01
C GLU F 298 16.78 -4.71 -56.80
N ALA F 299 17.00 -4.17 -55.60
CA ALA F 299 16.40 -4.78 -54.41
C ALA F 299 14.89 -4.70 -54.45
N ILE F 300 14.35 -3.55 -54.86
CA ILE F 300 12.89 -3.41 -54.98
C ILE F 300 12.35 -4.42 -55.99
N ARG F 301 13.00 -4.51 -57.13
CA ARG F 301 12.51 -5.36 -58.20
C ARG F 301 12.63 -6.84 -57.82
N ARG F 302 13.67 -7.20 -57.07
CA ARG F 302 13.82 -8.59 -56.65
C ARG F 302 12.86 -8.96 -55.53
N THR F 303 12.59 -8.04 -54.59
CA THR F 303 11.56 -8.33 -53.60
C THR F 303 10.19 -8.46 -54.26
N HIS F 304 9.92 -7.64 -55.28
CA HIS F 304 8.64 -7.74 -55.97
C HIS F 304 8.52 -9.06 -56.73
N ASN F 305 9.57 -9.47 -57.42
CA ASN F 305 9.50 -10.67 -58.25
C ASN F 305 9.85 -11.94 -57.50
N GLY F 306 10.16 -11.86 -56.21
CA GLY F 306 10.55 -13.04 -55.48
C GLY F 306 11.90 -13.59 -55.85
N GLU F 307 12.79 -12.79 -56.41
CA GLU F 307 14.15 -13.24 -56.64
C GLU F 307 15.02 -12.98 -55.43
N SER F 308 16.23 -13.53 -55.47
CA SER F 308 17.14 -13.40 -54.33
C SER F 308 17.65 -11.98 -54.21
N VAL F 309 17.52 -11.42 -53.01
CA VAL F 309 18.07 -10.09 -52.74
C VAL F 309 19.53 -10.19 -52.32
N SER F 310 19.88 -11.24 -51.58
CA SER F 310 21.24 -11.38 -51.06
C SER F 310 22.27 -11.52 -52.18
N TYR F 311 21.80 -11.83 -53.38
CA TYR F 311 22.65 -11.83 -54.58
C TYR F 311 23.35 -10.50 -54.72
N LEU F 312 22.71 -9.42 -54.29
CA LEU F 312 23.25 -8.08 -54.38
C LEU F 312 24.34 -7.79 -53.36
N PHE F 313 24.52 -8.65 -52.35
CA PHE F 313 25.57 -8.39 -51.36
C PHE F 313 26.95 -8.40 -51.99
N SER F 314 27.11 -9.10 -53.12
CA SER F 314 28.41 -9.25 -53.75
C SER F 314 28.44 -8.87 -55.22
N HIS F 315 27.31 -8.49 -55.82
CA HIS F 315 27.24 -8.26 -57.25
C HIS F 315 26.70 -6.87 -57.53
N VAL F 316 27.43 -6.11 -58.34
CA VAL F 316 26.93 -4.81 -58.81
C VAL F 316 26.00 -5.03 -60.00
N PRO F 317 24.74 -4.59 -59.94
CA PRO F 317 23.81 -4.78 -61.05
C PRO F 317 23.90 -3.67 -62.09
N PRO G 2 8.15 17.20 56.23
CA PRO G 2 8.73 17.67 54.96
C PRO G 2 9.16 19.12 55.03
N ASN G 3 10.45 19.35 54.86
CA ASN G 3 11.04 20.68 54.97
C ASN G 3 11.35 21.24 53.59
N ILE G 4 11.54 22.56 53.54
CA ILE G 4 11.94 23.21 52.30
C ILE G 4 13.42 23.00 52.06
N LYS G 5 13.75 22.57 50.85
CA LYS G 5 15.13 22.52 50.39
C LYS G 5 15.22 23.35 49.12
N ILE G 6 16.09 24.34 49.12
CA ILE G 6 16.29 25.21 47.97
C ILE G 6 17.60 24.83 47.32
N PHE G 7 17.57 24.52 46.04
CA PHE G 7 18.77 24.21 45.27
C PHE G 7 18.92 25.21 44.14
N SER G 8 20.16 25.59 43.88
CA SER G 8 20.46 26.56 42.83
C SER G 8 21.08 25.86 41.63
N GLY G 9 20.56 26.16 40.46
CA GLY G 9 21.29 25.90 39.25
C GLY G 9 22.37 26.95 39.04
N SER G 10 23.19 26.72 38.03
CA SER G 10 24.30 27.65 37.79
C SER G 10 23.87 28.94 37.11
N SER G 11 22.64 29.01 36.60
CA SER G 11 22.22 30.19 35.82
C SER G 11 22.18 31.45 36.67
N HIS G 12 21.49 31.42 37.81
CA HIS G 12 21.27 32.63 38.59
C HIS G 12 21.48 32.31 40.07
N GLN G 13 22.74 32.34 40.50
CA GLN G 13 23.05 31.93 41.86
C GLN G 13 22.76 33.04 42.86
N ASP G 14 22.90 34.30 42.45
CA ASP G 14 22.59 35.41 43.34
C ASP G 14 21.12 35.42 43.71
N LEU G 15 20.24 35.18 42.73
CA LEU G 15 18.81 35.13 43.03
C LEU G 15 18.48 33.98 43.97
N SER G 16 19.08 32.82 43.75
CA SER G 16 18.85 31.68 44.63
C SER G 16 19.29 32.00 46.04
N GLN G 17 20.43 32.66 46.19
CA GLN G 17 20.91 33.03 47.52
C GLN G 17 19.96 34.02 48.18
N LYS G 18 19.48 35.02 47.43
CA LYS G 18 18.54 35.98 48.01
C LYS G 18 17.27 35.28 48.48
N ILE G 19 16.76 34.36 47.67
CA ILE G 19 15.56 33.61 48.05
C ILE G 19 15.83 32.79 49.30
N ALA G 20 16.99 32.13 49.36
CA ALA G 20 17.32 31.31 50.52
C ALA G 20 17.42 32.14 51.78
N ASP G 21 18.05 33.33 51.71
CA ASP G 21 18.10 34.21 52.86
C ASP G 21 16.72 34.65 53.31
N ARG G 22 15.85 35.01 52.34
CA ARG G 22 14.51 35.41 52.74
C ARG G 22 13.74 34.26 53.36
N LEU G 23 14.04 33.03 52.98
CA LEU G 23 13.40 31.88 53.62
C LEU G 23 14.07 31.48 54.92
N GLY G 24 15.19 32.08 55.27
CA GLY G 24 15.93 31.68 56.45
C GLY G 24 16.62 30.34 56.31
N LEU G 25 17.01 29.97 55.10
CA LEU G 25 17.60 28.67 54.82
C LEU G 25 18.96 28.83 54.16
N GLU G 26 19.75 27.77 54.22
CA GLU G 26 20.95 27.70 53.41
C GLU G 26 20.67 26.93 52.13
N LEU G 27 21.22 27.49 51.03
CA LEU G 27 20.99 26.90 49.68
C LEU G 27 21.35 25.43 49.73
N GLY G 28 20.52 24.56 49.15
CA GLY G 28 20.87 23.16 49.29
C GLY G 28 22.20 22.85 48.64
N LYS G 29 22.92 21.92 49.24
CA LYS G 29 24.22 21.53 48.70
C LYS G 29 24.03 20.73 47.41
N VAL G 30 24.50 21.29 46.31
CA VAL G 30 24.47 20.61 45.03
C VAL G 30 25.72 21.01 44.24
N VAL G 31 26.30 20.04 43.54
CA VAL G 31 27.38 20.28 42.61
C VAL G 31 26.81 20.23 41.21
N THR G 32 26.94 21.35 40.49
CA THR G 32 26.38 21.47 39.13
C THR G 32 27.47 22.05 38.22
N LYS G 33 28.19 21.19 37.48
CA LYS G 33 29.28 21.60 36.63
C LYS G 33 29.18 20.83 35.32
N LYS G 34 30.23 20.89 34.51
CA LYS G 34 30.26 20.13 33.28
C LYS G 34 31.47 19.20 33.28
N PHE G 35 31.25 17.97 32.82
CA PHE G 35 32.34 17.08 32.50
C PHE G 35 33.17 17.67 31.35
N SER G 36 34.31 17.05 31.10
CA SER G 36 35.20 17.54 30.05
C SER G 36 34.52 17.56 28.68
N ASN G 37 33.76 16.52 28.36
CA ASN G 37 33.03 16.46 27.09
C ASN G 37 31.75 17.27 27.09
N GLN G 38 31.56 18.15 28.09
CA GLN G 38 30.47 19.10 28.21
C GLN G 38 29.14 18.48 28.59
N GLU G 39 29.13 17.26 29.09
CA GLU G 39 27.92 16.72 29.67
C GLU G 39 27.72 17.30 31.05
N THR G 40 26.44 17.60 31.37
CA THR G 40 26.12 18.23 32.67
C THR G 40 26.26 17.23 33.81
N CYS G 41 27.11 17.54 34.79
CA CYS G 41 27.32 16.71 35.95
C CYS G 41 26.59 17.32 37.13
N VAL G 42 25.71 16.53 37.76
CA VAL G 42 24.93 16.98 38.90
C VAL G 42 25.10 15.97 40.02
N GLU G 43 25.36 16.47 41.23
CA GLU G 43 25.41 15.63 42.42
C GLU G 43 24.71 16.35 43.55
N ILE G 44 23.63 15.75 44.07
CA ILE G 44 22.93 16.34 45.20
C ILE G 44 23.72 16.00 46.46
N GLY G 45 24.22 17.03 47.13
CA GLY G 45 25.11 16.90 48.26
C GLY G 45 24.44 16.69 49.60
N GLU G 46 23.13 16.55 49.64
CA GLU G 46 22.41 16.30 50.88
C GLU G 46 21.19 15.47 50.55
N SER G 47 20.67 14.79 51.57
CA SER G 47 19.46 14.01 51.40
C SER G 47 18.26 14.92 51.19
N VAL G 48 17.46 14.62 50.17
CA VAL G 48 16.21 15.32 49.92
C VAL G 48 15.02 14.40 50.14
N ARG G 49 15.15 13.34 50.95
CA ARG G 49 14.03 12.36 51.13
C ARG G 49 12.84 13.01 51.88
N GLY G 50 11.64 12.84 51.33
CA GLY G 50 10.43 13.37 51.99
C GLY G 50 10.57 14.86 52.19
N GLU G 51 11.33 15.54 51.34
CA GLU G 51 11.39 16.99 51.47
C GLU G 51 10.63 17.67 50.34
N ASP G 52 10.31 18.94 50.57
CA ASP G 52 9.69 19.80 49.56
C ASP G 52 10.81 20.57 48.89
N VAL G 53 11.18 20.15 47.68
CA VAL G 53 12.36 20.64 47.00
C VAL G 53 11.97 21.72 46.01
N TYR G 54 12.70 22.84 46.03
CA TYR G 54 12.52 23.92 45.08
C TYR G 54 13.85 24.16 44.37
N ILE G 55 13.84 24.05 43.05
CA ILE G 55 15.04 24.23 42.24
C ILE G 55 14.87 25.53 41.45
N VAL G 56 15.78 26.46 41.67
CA VAL G 56 15.70 27.78 41.04
C VAL G 56 16.64 27.80 39.85
N GLN G 57 16.08 28.08 38.67
CA GLN G 57 16.84 28.12 37.42
C GLN G 57 16.04 28.95 36.43
N SER G 58 16.66 30.00 35.89
CA SER G 58 15.98 30.84 34.93
C SER G 58 16.44 30.50 33.51
N GLY G 59 15.57 30.81 32.54
CA GLY G 59 15.88 30.64 31.14
C GLY G 59 16.70 31.78 30.60
N CYS G 60 17.99 31.81 30.95
CA CYS G 60 18.87 32.91 30.63
C CYS G 60 20.25 32.37 30.34
N GLY G 61 21.11 33.23 29.79
CA GLY G 61 22.46 32.83 29.49
C GLY G 61 22.48 31.71 28.47
N GLU G 62 23.25 30.67 28.76
CA GLU G 62 23.31 29.48 27.92
C GLU G 62 22.05 28.65 28.19
N ILE G 63 21.02 28.93 27.38
CA ILE G 63 19.66 28.51 27.72
C ILE G 63 19.54 26.99 27.69
N ASN G 64 20.10 26.34 26.67
CA ASN G 64 19.94 24.90 26.59
C ASN G 64 20.72 24.18 27.68
N ASP G 65 21.90 24.68 28.01
CA ASP G 65 22.66 24.14 29.14
C ASP G 65 21.90 24.28 30.44
N ASN G 66 21.33 25.46 30.70
CA ASN G 66 20.60 25.68 31.94
C ASN G 66 19.35 24.82 32.00
N LEU G 67 18.65 24.67 30.88
CA LEU G 67 17.45 23.85 30.84
C LEU G 67 17.78 22.39 31.11
N MET G 68 18.85 21.89 30.49
CA MET G 68 19.26 20.52 30.77
C MET G 68 19.70 20.34 32.21
N GLU G 69 20.43 21.31 32.76
CA GLU G 69 20.78 21.27 34.18
C GLU G 69 19.53 21.17 35.04
N LEU G 70 18.51 21.98 34.75
CA LEU G 70 17.29 21.95 35.54
C LEU G 70 16.61 20.59 35.44
N LEU G 71 16.51 20.04 34.23
CA LEU G 71 15.86 18.75 34.07
C LEU G 71 16.61 17.66 34.80
N ILE G 72 17.94 17.67 34.71
CA ILE G 72 18.75 16.67 35.38
C ILE G 72 18.63 16.79 36.89
N MET G 73 18.62 18.02 37.42
CA MET G 73 18.46 18.21 38.86
C MET G 73 17.09 17.74 39.33
N ILE G 74 16.04 18.03 38.56
CA ILE G 74 14.71 17.56 38.90
C ILE G 74 14.69 16.04 38.94
N ASN G 75 15.29 15.41 37.94
CA ASN G 75 15.32 13.95 37.90
C ASN G 75 16.07 13.38 39.09
N ALA G 76 17.21 13.98 39.43
CA ALA G 76 18.01 13.50 40.54
C ALA G 76 17.23 13.60 41.85
N CYS G 77 16.53 14.71 42.06
CA CYS G 77 15.74 14.86 43.28
C CYS G 77 14.56 13.91 43.30
N LYS G 78 13.94 13.67 42.14
CA LYS G 78 12.77 12.81 42.11
C LYS G 78 13.14 11.36 42.37
N ILE G 79 14.21 10.85 41.77
CA ILE G 79 14.61 9.48 42.07
C ILE G 79 15.32 9.37 43.41
N ALA G 80 15.65 10.48 44.05
CA ALA G 80 16.14 10.47 45.42
C ALA G 80 15.00 10.54 46.44
N SER G 81 13.75 10.35 46.00
CA SER G 81 12.59 10.20 46.87
C SER G 81 12.22 11.50 47.58
N ALA G 82 12.37 12.62 46.90
CA ALA G 82 11.82 13.87 47.40
C ALA G 82 10.29 13.77 47.40
N SER G 83 9.66 14.32 48.45
CA SER G 83 8.22 14.24 48.52
C SER G 83 7.57 15.05 47.41
N ARG G 84 8.14 16.19 47.06
CA ARG G 84 7.61 17.06 46.03
C ARG G 84 8.74 17.86 45.45
N VAL G 85 8.73 18.05 44.13
CA VAL G 85 9.76 18.80 43.43
C VAL G 85 9.08 19.93 42.67
N THR G 86 9.53 21.16 42.91
CA THR G 86 9.00 22.33 42.26
C THR G 86 10.10 23.03 41.48
N ALA G 87 9.81 23.39 40.24
CA ALA G 87 10.73 24.17 39.42
C ALA G 87 10.38 25.64 39.54
N VAL G 88 11.31 26.44 40.03
CA VAL G 88 11.15 27.88 40.14
C VAL G 88 11.90 28.48 38.96
N ILE G 89 11.16 28.87 37.94
CA ILE G 89 11.76 29.31 36.68
C ILE G 89 11.37 30.77 36.43
N PRO G 90 12.13 31.73 36.96
CA PRO G 90 11.69 33.13 36.87
C PRO G 90 11.44 33.61 35.45
N CYS G 91 12.29 33.23 34.50
CA CYS G 91 12.07 33.50 33.09
C CYS G 91 11.96 32.18 32.35
N PHE G 92 10.80 31.91 31.79
CA PHE G 92 10.51 30.61 31.21
C PHE G 92 11.17 30.48 29.84
N PRO G 93 12.02 29.49 29.62
CA PRO G 93 12.69 29.36 28.32
C PRO G 93 11.73 28.91 27.23
N TYR G 94 12.01 29.37 26.00
CA TYR G 94 11.23 29.08 24.80
C TYR G 94 9.79 29.55 24.91
N ALA G 95 9.51 30.51 25.81
CA ALA G 95 8.16 30.97 25.99
C ALA G 95 7.61 31.66 24.74
N ARG G 96 8.48 32.28 23.95
CA ARG G 96 8.03 32.96 22.74
C ARG G 96 7.69 32.01 21.61
N GLN G 97 8.06 30.73 21.75
CA GLN G 97 7.70 29.69 20.74
C GLN G 97 6.46 28.97 21.27
N ASP G 98 5.35 29.69 21.45
CA ASP G 98 4.14 29.15 22.04
C ASP G 98 3.08 28.80 21.00
N LYS G 99 3.40 28.86 19.72
CA LYS G 99 2.44 28.55 18.66
C LYS G 99 3.17 28.37 17.34
N LYS G 100 2.45 27.80 16.36
CA LYS G 100 3.01 27.55 15.04
C LYS G 100 2.74 28.70 14.07
N ASP G 101 1.48 29.08 13.90
CA ASP G 101 1.09 30.24 13.11
C ASP G 101 1.54 30.17 11.65
N LYS G 102 0.97 29.23 10.90
CA LYS G 102 1.20 29.12 9.45
C LYS G 102 2.66 28.80 9.12
N SER G 103 3.32 28.12 10.04
CA SER G 103 4.71 27.73 9.82
C SER G 103 4.89 26.30 10.27
N ARG G 104 5.74 25.56 9.58
CA ARG G 104 6.11 24.21 10.00
C ARG G 104 7.18 24.31 11.08
N ALA G 105 6.78 24.84 12.20
CA ALA G 105 7.63 25.14 13.32
C ALA G 105 7.27 24.28 14.53
N PRO G 106 8.19 24.08 15.46
CA PRO G 106 7.84 23.42 16.70
C PRO G 106 7.06 24.36 17.61
N ILE G 107 6.30 23.79 18.52
CA ILE G 107 5.81 24.55 19.69
C ILE G 107 6.77 24.22 20.82
N SER G 108 7.86 24.98 20.86
CA SER G 108 8.97 24.64 21.76
C SER G 108 8.57 24.80 23.23
N ALA G 109 7.71 25.78 23.53
CA ALA G 109 7.25 25.95 24.90
C ALA G 109 6.51 24.71 25.40
N LYS G 110 5.68 24.12 24.55
CA LYS G 110 4.99 22.88 24.92
C LYS G 110 5.98 21.74 25.12
N LEU G 111 7.01 21.67 24.27
CA LEU G 111 8.02 20.64 24.43
C LEU G 111 8.75 20.80 25.76
N VAL G 112 9.08 22.03 26.12
CA VAL G 112 9.74 22.28 27.41
C VAL G 112 8.83 21.89 28.55
N ALA G 113 7.54 22.21 28.46
CA ALA G 113 6.59 21.82 29.50
C ALA G 113 6.53 20.30 29.64
N ASN G 114 6.47 19.59 28.51
CA ASN G 114 6.45 18.13 28.54
C ASN G 114 7.72 17.57 29.15
N MET G 115 8.87 18.16 28.82
CA MET G 115 10.14 17.68 29.37
C MET G 115 10.20 17.90 30.87
N LEU G 116 9.71 19.05 31.34
CA LEU G 116 9.67 19.31 32.77
C LEU G 116 8.77 18.32 33.49
N SER G 117 7.62 18.01 32.90
CA SER G 117 6.71 17.05 33.50
C SER G 117 7.34 15.65 33.54
N VAL G 118 7.99 15.25 32.46
CA VAL G 118 8.54 13.89 32.40
C VAL G 118 9.78 13.77 33.26
N ALA G 119 10.48 14.87 33.52
CA ALA G 119 11.61 14.82 34.44
C ALA G 119 11.13 14.60 35.88
N GLY G 120 9.89 14.98 36.17
CA GLY G 120 9.31 14.70 37.46
C GLY G 120 8.86 15.91 38.24
N ALA G 121 8.76 17.07 37.59
CA ALA G 121 8.29 18.26 38.27
C ALA G 121 6.82 18.09 38.66
N ASP G 122 6.51 18.43 39.90
CA ASP G 122 5.14 18.40 40.40
C ASP G 122 4.47 19.76 40.33
N HIS G 123 5.25 20.83 40.20
CA HIS G 123 4.75 22.17 40.33
C HIS G 123 5.73 23.13 39.68
N ILE G 124 5.20 24.19 39.08
CA ILE G 124 6.01 25.22 38.43
C ILE G 124 5.67 26.56 39.03
N ILE G 125 6.69 27.32 39.40
CA ILE G 125 6.56 28.73 39.77
C ILE G 125 7.35 29.55 38.77
N THR G 126 6.69 30.51 38.15
CA THR G 126 7.34 31.37 37.15
C THR G 126 6.77 32.78 37.29
N MET G 127 7.39 33.71 36.58
CA MET G 127 7.01 35.12 36.64
C MET G 127 6.77 35.65 35.24
N ASP G 128 5.60 36.26 35.02
CA ASP G 128 5.21 36.92 33.77
C ASP G 128 5.54 36.06 32.55
N LEU G 129 4.81 34.95 32.45
CA LEU G 129 4.87 34.13 31.25
C LEU G 129 4.55 34.98 30.02
N HIS G 130 5.30 34.75 28.95
CA HIS G 130 5.09 35.52 27.72
C HIS G 130 3.64 35.45 27.27
N ALA G 131 3.05 34.26 27.30
CA ALA G 131 1.63 34.07 27.09
C ALA G 131 1.10 33.19 28.21
N SER G 132 0.03 33.62 28.85
CA SER G 132 -0.50 32.84 29.98
C SER G 132 -1.10 31.52 29.52
N GLN G 133 -1.36 31.37 28.22
CA GLN G 133 -1.77 30.08 27.69
C GLN G 133 -0.72 29.00 27.93
N ILE G 134 0.53 29.38 28.18
CA ILE G 134 1.56 28.40 28.48
C ILE G 134 1.19 27.61 29.73
N GLN G 135 0.40 28.20 30.62
CA GLN G 135 -0.10 27.46 31.77
C GLN G 135 -0.85 26.21 31.34
N GLY G 136 -1.60 26.29 30.25
CA GLY G 136 -2.32 25.14 29.74
C GLY G 136 -1.43 24.10 29.08
N PHE G 137 -0.18 24.44 28.79
CA PHE G 137 0.75 23.45 28.27
C PHE G 137 1.11 22.40 29.31
N PHE G 138 0.83 22.66 30.58
CA PHE G 138 1.13 21.73 31.65
C PHE G 138 -0.14 21.00 32.10
N ASP G 139 0.07 19.84 32.72
CA ASP G 139 -0.98 19.22 33.50
C ASP G 139 -0.78 19.39 35.00
N ILE G 140 0.44 19.74 35.43
CA ILE G 140 0.72 20.06 36.83
C ILE G 140 0.34 21.51 37.09
N PRO G 141 0.08 21.91 38.34
CA PRO G 141 -0.21 23.32 38.61
C PRO G 141 0.96 24.23 38.26
N VAL G 142 0.63 25.41 37.73
CA VAL G 142 1.62 26.43 37.41
C VAL G 142 1.17 27.72 38.07
N ASP G 143 2.03 28.29 38.90
CA ASP G 143 1.78 29.61 39.49
C ASP G 143 2.58 30.64 38.70
N ASN G 144 1.87 31.47 37.96
CA ASN G 144 2.48 32.53 37.17
C ASN G 144 2.38 33.83 37.96
N LEU G 145 3.48 34.21 38.60
CA LEU G 145 3.51 35.43 39.39
C LEU G 145 3.62 36.66 38.48
N TYR G 146 3.35 37.81 39.07
CA TYR G 146 3.38 39.07 38.35
C TYR G 146 4.34 40.04 39.02
N ALA G 147 5.17 40.68 38.19
CA ALA G 147 6.05 41.72 38.69
C ALA G 147 5.33 43.04 38.89
N GLU G 148 4.06 43.13 38.52
CA GLU G 148 3.33 44.40 38.54
C GLU G 148 3.32 45.09 39.90
N PRO G 149 3.01 44.40 41.05
CA PRO G 149 3.13 45.04 42.36
C PRO G 149 4.46 45.80 42.45
N ALA G 150 5.56 45.17 42.00
CA ALA G 150 6.90 45.81 42.11
C ALA G 150 7.08 46.88 41.03
N VAL G 151 6.54 46.69 39.82
CA VAL G 151 6.66 47.74 38.82
C VAL G 151 5.91 48.99 39.25
N LEU G 152 4.69 48.82 39.77
CA LEU G 152 3.91 49.95 40.26
C LEU G 152 4.63 50.65 41.40
N LYS G 153 5.20 49.86 42.32
CA LYS G 153 5.98 50.44 43.40
C LYS G 153 7.15 51.27 42.86
N TRP G 154 7.88 50.71 41.89
CA TRP G 154 9.01 51.45 41.32
C TRP G 154 8.55 52.73 40.66
N ILE G 155 7.45 52.67 39.90
CA ILE G 155 6.96 53.84 39.19
C ILE G 155 6.61 54.95 40.18
N ARG G 156 5.89 54.59 41.25
CA ARG G 156 5.51 55.61 42.21
C ARG G 156 6.71 56.21 42.93
N GLU G 157 7.70 55.38 43.29
CA GLU G 157 8.82 55.93 44.06
C GLU G 157 9.95 56.47 43.20
N ASN G 158 9.88 56.37 41.87
CA ASN G 158 10.98 56.85 41.04
C ASN G 158 10.60 57.88 40.00
N ILE G 159 9.34 57.93 39.57
CA ILE G 159 8.90 58.88 38.57
C ILE G 159 8.02 59.89 39.29
N SER G 160 8.52 61.12 39.44
CA SER G 160 7.80 62.13 40.22
C SER G 160 6.51 62.55 39.55
N GLU G 161 6.44 62.48 38.23
CA GLU G 161 5.25 62.89 37.48
C GLU G 161 4.33 61.73 37.16
N TRP G 162 4.36 60.66 37.96
CA TRP G 162 3.69 59.42 37.57
C TRP G 162 2.19 59.58 37.47
N ARG G 163 1.63 60.57 38.15
CA ARG G 163 0.18 60.78 38.08
C ARG G 163 -0.26 61.37 36.76
N ASN G 164 0.65 62.01 36.03
CA ASN G 164 0.36 62.56 34.72
C ASN G 164 1.03 61.80 33.59
N CYS G 165 1.54 60.61 33.84
CA CYS G 165 2.27 59.87 32.83
C CYS G 165 1.31 59.10 31.93
N THR G 166 1.86 58.60 30.82
CA THR G 166 1.14 57.72 29.92
C THR G 166 1.85 56.38 29.84
N ILE G 167 1.13 55.31 30.12
CA ILE G 167 1.67 53.96 29.97
C ILE G 167 1.48 53.52 28.53
N VAL G 168 2.56 53.09 27.88
CA VAL G 168 2.56 52.84 26.45
C VAL G 168 2.92 51.38 26.19
N SER G 169 2.12 50.74 25.36
CA SER G 169 2.47 49.42 24.85
C SER G 169 3.35 49.57 23.61
N PRO G 170 4.46 48.84 23.52
CA PRO G 170 5.27 48.88 22.29
C PRO G 170 4.57 48.27 21.09
N ASP G 171 3.61 47.39 21.30
CA ASP G 171 2.91 46.71 20.22
C ASP G 171 1.47 46.45 20.65
N ALA G 172 0.67 45.94 19.71
CA ALA G 172 -0.72 45.61 20.02
C ALA G 172 -0.80 44.42 20.97
N GLY G 173 0.22 43.56 20.97
CA GLY G 173 0.16 42.36 21.78
C GLY G 173 0.17 42.61 23.28
N GLY G 174 0.94 43.59 23.73
CA GLY G 174 1.07 43.86 25.14
C GLY G 174 0.06 44.80 25.75
N ALA G 175 -0.91 45.26 24.96
CA ALA G 175 -1.83 46.30 25.41
C ALA G 175 -2.50 45.92 26.72
N LYS G 176 -2.98 44.68 26.82
CA LYS G 176 -3.59 44.20 28.05
C LYS G 176 -2.75 44.59 29.26
N ARG G 177 -1.47 44.18 29.23
CA ARG G 177 -0.59 44.48 30.34
C ARG G 177 -0.60 45.97 30.68
N VAL G 178 -0.40 46.83 29.67
CA VAL G 178 -0.29 48.25 29.98
C VAL G 178 -1.62 48.75 30.52
N THR G 179 -2.74 48.25 29.99
CA THR G 179 -4.03 48.69 30.51
C THR G 179 -4.15 48.35 31.98
N SER G 180 -3.73 47.14 32.36
CA SER G 180 -3.74 46.77 33.76
C SER G 180 -2.98 47.82 34.57
N ILE G 181 -1.75 48.13 34.14
CA ILE G 181 -0.96 49.12 34.88
C ILE G 181 -1.67 50.46 34.87
N ALA G 182 -2.21 50.86 33.71
CA ALA G 182 -2.89 52.13 33.62
C ALA G 182 -4.09 52.16 34.56
N ASP G 183 -4.73 51.02 34.76
CA ASP G 183 -5.86 50.98 35.69
C ASP G 183 -5.39 51.15 37.13
N ARG G 184 -4.24 50.58 37.48
CA ARG G 184 -3.79 50.62 38.86
C ARG G 184 -3.18 51.96 39.23
N LEU G 185 -2.76 52.75 38.25
CA LEU G 185 -2.19 54.07 38.49
C LEU G 185 -3.15 55.21 38.22
N ASN G 186 -4.26 54.96 37.53
CA ASN G 186 -5.19 55.99 37.08
C ASN G 186 -4.49 57.02 36.21
N VAL G 187 -3.97 56.52 35.09
CA VAL G 187 -3.28 57.33 34.09
C VAL G 187 -3.74 56.89 32.71
N ASP G 188 -3.33 57.66 31.70
CA ASP G 188 -3.67 57.33 30.33
C ASP G 188 -2.80 56.18 29.84
N PHE G 189 -3.31 55.47 28.82
CA PHE G 189 -2.55 54.41 28.18
C PHE G 189 -2.61 54.59 26.68
N ALA G 190 -1.47 54.43 26.03
CA ALA G 190 -1.28 54.60 24.60
C ALA G 190 -0.81 53.30 23.98
N LEU G 191 -1.14 53.13 22.71
CA LEU G 191 -0.66 52.00 21.92
C LEU G 191 0.20 52.50 20.77
N ILE G 192 1.12 51.65 20.34
CA ILE G 192 2.00 51.91 19.21
C ILE G 192 2.05 50.66 18.37
N HIS G 193 1.78 50.79 17.07
CA HIS G 193 1.87 49.62 16.14
C HIS G 193 2.53 50.05 14.84
N LYS G 194 3.28 49.15 14.19
CA LYS G 194 3.91 49.44 12.91
C LYS G 194 2.95 49.13 11.77
N GLU G 195 3.01 49.96 10.73
CA GLU G 195 2.13 49.83 9.58
C GLU G 195 2.71 48.87 8.54
N ASP G 203 7.89 50.17 8.16
CA ASP G 203 8.96 50.65 9.02
C ASP G 203 8.49 51.84 9.86
N ARG G 204 7.30 52.34 9.55
CA ARG G 204 6.71 53.44 10.29
C ARG G 204 5.83 52.90 11.42
N MET G 205 5.75 53.68 12.50
CA MET G 205 4.91 53.37 13.65
C MET G 205 3.84 54.43 13.82
N VAL G 206 2.67 54.00 14.27
CA VAL G 206 1.55 54.89 14.54
C VAL G 206 1.21 54.78 16.01
N LEU G 207 1.00 55.93 16.65
CA LEU G 207 0.74 56.10 18.07
C LEU G 207 -0.64 56.70 18.29
N VAL G 208 -1.38 56.10 19.20
CA VAL G 208 -2.70 56.60 19.57
C VAL G 208 -2.62 57.02 21.04
N GLY G 209 -3.06 58.23 21.34
CA GLY G 209 -3.00 58.73 22.69
C GLY G 209 -2.07 59.90 22.85
N ASP G 210 -2.55 60.97 23.51
CA ASP G 210 -1.74 62.14 23.71
C ASP G 210 -0.56 61.84 24.64
N VAL G 211 0.64 62.20 24.20
CA VAL G 211 1.85 62.02 24.99
C VAL G 211 2.66 63.28 25.11
N LYS G 212 2.19 64.40 24.56
CA LYS G 212 2.96 65.64 24.58
C LYS G 212 3.04 66.19 26.01
N ASP G 213 4.23 66.66 26.38
CA ASP G 213 4.54 67.25 27.68
C ASP G 213 4.31 66.30 28.83
N ARG G 214 4.15 65.01 28.56
CA ARG G 214 3.90 64.00 29.57
C ARG G 214 5.01 62.96 29.54
N VAL G 215 5.31 62.38 30.70
CA VAL G 215 6.27 61.29 30.77
C VAL G 215 5.61 60.03 30.22
N ALA G 216 6.30 59.33 29.34
CA ALA G 216 5.81 58.08 28.77
C ALA G 216 6.58 56.91 29.36
N ILE G 217 5.88 55.81 29.62
CA ILE G 217 6.46 54.62 30.22
C ILE G 217 6.08 53.44 29.32
N LEU G 218 7.01 53.00 28.48
CA LEU G 218 6.82 51.75 27.76
C LEU G 218 6.86 50.59 28.74
N VAL G 219 5.95 49.64 28.58
CA VAL G 219 5.93 48.48 29.47
C VAL G 219 5.91 47.19 28.64
N ASP G 220 6.70 46.21 29.06
CA ASP G 220 6.77 44.96 28.34
C ASP G 220 7.29 43.81 29.20
N ASP G 221 7.04 42.60 28.69
CA ASP G 221 7.49 41.40 29.38
C ASP G 221 8.99 41.18 29.21
N MET G 222 9.50 41.44 28.00
CA MET G 222 10.92 41.10 27.76
C MET G 222 11.59 41.96 26.69
N ALA G 223 12.85 42.32 26.93
CA ALA G 223 13.66 43.03 25.95
C ALA G 223 14.81 42.13 25.54
N ASP G 224 14.73 41.58 24.34
CA ASP G 224 15.81 40.72 23.85
C ASP G 224 16.84 41.51 23.06
N THR G 225 16.45 42.02 21.90
CA THR G 225 17.34 42.83 21.09
C THR G 225 17.01 44.31 21.19
N CYS G 226 15.87 44.64 21.80
CA CYS G 226 15.43 45.99 22.09
C CYS G 226 15.15 46.81 20.85
N GLY G 227 14.99 46.17 19.69
CA GLY G 227 14.55 46.91 18.52
C GLY G 227 13.17 47.49 18.70
N THR G 228 12.26 46.68 19.28
CA THR G 228 10.89 47.12 19.48
C THR G 228 10.83 48.35 20.37
N ILE G 229 11.44 48.28 21.55
CA ILE G 229 11.34 49.40 22.48
C ILE G 229 12.11 50.61 21.99
N CYS G 230 13.22 50.42 21.28
CA CYS G 230 13.96 51.55 20.77
C CYS G 230 13.17 52.29 19.68
N HIS G 231 12.53 51.54 18.78
CA HIS G 231 11.67 52.17 17.79
C HIS G 231 10.51 52.89 18.44
N ALA G 232 9.89 52.25 19.44
CA ALA G 232 8.79 52.88 20.16
C ALA G 232 9.24 54.17 20.85
N ALA G 233 10.43 54.16 21.45
CA ALA G 233 10.92 55.35 22.13
C ALA G 233 11.20 56.47 21.14
N ASP G 234 11.77 56.14 19.98
CA ASP G 234 11.96 57.15 18.95
C ASP G 234 10.64 57.79 18.56
N LYS G 235 9.61 56.95 18.35
CA LYS G 235 8.30 57.49 18.02
C LYS G 235 7.73 58.35 19.13
N LEU G 236 7.91 57.94 20.38
CA LEU G 236 7.39 58.71 21.50
C LEU G 236 8.06 60.07 21.59
N LEU G 237 9.37 60.13 21.37
CA LEU G 237 10.02 61.44 21.33
C LEU G 237 9.57 62.26 20.14
N SER G 238 9.27 61.61 19.01
CA SER G 238 8.72 62.34 17.87
C SER G 238 7.40 62.99 18.23
N ALA G 239 6.57 62.32 19.02
CA ALA G 239 5.26 62.83 19.38
C ALA G 239 5.28 63.74 20.60
N GLY G 240 6.42 64.35 20.92
CA GLY G 240 6.43 65.40 21.92
C GLY G 240 6.50 64.96 23.36
N ALA G 241 6.81 63.70 23.63
CA ALA G 241 6.95 63.23 25.00
C ALA G 241 8.12 63.92 25.68
N THR G 242 8.00 64.09 27.00
CA THR G 242 9.06 64.78 27.74
C THR G 242 10.22 63.83 28.04
N ARG G 243 9.93 62.73 28.73
CA ARG G 243 10.90 61.67 28.95
C ARG G 243 10.24 60.34 28.65
N VAL G 244 11.04 59.38 28.21
CA VAL G 244 10.55 58.04 27.92
C VAL G 244 11.31 57.05 28.80
N TYR G 245 10.55 56.25 29.54
CA TYR G 245 11.06 55.14 30.33
C TYR G 245 10.67 53.84 29.64
N ALA G 246 11.41 52.78 29.93
CA ALA G 246 11.03 51.44 29.53
C ALA G 246 11.12 50.54 30.75
N ILE G 247 10.08 49.77 31.01
CA ILE G 247 10.03 48.84 32.13
C ILE G 247 9.68 47.46 31.61
N LEU G 248 10.57 46.51 31.83
CA LEU G 248 10.41 45.15 31.35
C LEU G 248 10.65 44.18 32.50
N THR G 249 9.87 43.11 32.51
CA THR G 249 10.10 42.14 33.57
C THR G 249 11.34 41.28 33.29
N HIS G 250 11.63 40.99 32.02
CA HIS G 250 12.77 40.14 31.66
C HIS G 250 13.75 40.92 30.81
N GLY G 251 14.92 41.23 31.37
CA GLY G 251 15.99 41.89 30.65
C GLY G 251 16.99 40.96 30.01
N ILE G 252 16.64 40.33 28.89
CA ILE G 252 17.54 39.39 28.25
C ILE G 252 18.74 40.12 27.64
N PHE G 253 18.49 41.19 26.88
CA PHE G 253 19.54 42.08 26.37
C PHE G 253 20.58 41.34 25.53
N SER G 254 20.12 40.51 24.61
CA SER G 254 21.06 39.79 23.77
C SER G 254 21.35 40.57 22.49
N GLY G 255 22.41 40.16 21.80
CA GLY G 255 22.79 40.77 20.56
C GLY G 255 23.20 42.22 20.70
N PRO G 256 22.60 43.08 19.86
CA PRO G 256 22.95 44.51 19.88
C PRO G 256 22.15 45.35 20.87
N ALA G 257 21.48 44.73 21.84
CA ALA G 257 20.56 45.47 22.69
C ALA G 257 21.27 46.57 23.47
N ILE G 258 22.46 46.28 23.98
CA ILE G 258 23.14 47.26 24.83
C ILE G 258 23.54 48.48 24.02
N SER G 259 24.06 48.28 22.81
CA SER G 259 24.42 49.41 21.97
C SER G 259 23.20 50.25 21.60
N ARG G 260 22.10 49.59 21.25
CA ARG G 260 20.88 50.32 20.88
C ARG G 260 20.34 51.12 22.06
N ILE G 261 20.34 50.52 23.25
CA ILE G 261 19.88 51.25 24.42
C ILE G 261 20.79 52.43 24.72
N ASN G 262 22.10 52.23 24.60
CA ASN G 262 23.04 53.33 24.80
C ASN G 262 22.80 54.46 23.80
N ASN G 263 22.41 54.13 22.57
CA ASN G 263 22.12 55.15 21.59
C ASN G 263 20.67 55.63 21.63
N ALA G 264 19.84 55.06 22.50
CA ALA G 264 18.45 55.46 22.57
C ALA G 264 18.25 56.60 23.56
N CYS G 265 17.04 57.13 23.59
CA CYS G 265 16.69 58.30 24.36
C CYS G 265 16.10 57.97 25.74
N PHE G 266 16.10 56.70 26.13
CA PHE G 266 15.50 56.32 27.40
C PHE G 266 16.13 57.07 28.55
N GLU G 267 15.29 57.56 29.46
CA GLU G 267 15.80 58.04 30.74
C GLU G 267 16.34 56.87 31.56
N ALA G 268 15.63 55.76 31.55
CA ALA G 268 16.04 54.56 32.26
C ALA G 268 15.43 53.34 31.59
N VAL G 269 16.08 52.21 31.71
CA VAL G 269 15.54 50.94 31.28
C VAL G 269 15.50 50.06 32.52
N VAL G 270 14.32 49.95 33.12
CA VAL G 270 14.13 49.20 34.34
C VAL G 270 13.73 47.78 33.96
N VAL G 271 14.42 46.80 34.55
CA VAL G 271 14.08 45.40 34.35
C VAL G 271 14.06 44.73 35.71
N THR G 272 13.31 43.64 35.80
CA THR G 272 13.41 42.89 37.05
C THR G 272 14.67 42.03 37.05
N ASN G 273 15.00 41.47 38.21
CA ASN G 273 16.13 40.56 38.27
C ASN G 273 15.71 39.09 38.15
N THR G 274 14.84 38.77 37.18
CA THR G 274 14.62 37.38 36.86
C THR G 274 15.81 36.79 36.12
N ILE G 275 16.63 37.65 35.55
CA ILE G 275 17.83 37.29 34.79
C ILE G 275 18.95 38.12 35.41
N PRO G 276 20.13 37.56 35.65
CA PRO G 276 21.21 38.37 36.24
C PRO G 276 21.58 39.52 35.31
N GLN G 277 21.86 40.68 35.90
CA GLN G 277 22.05 41.90 35.14
C GLN G 277 23.38 42.59 35.38
N GLU G 278 24.25 42.05 36.24
CA GLU G 278 25.45 42.78 36.63
C GLU G 278 26.34 43.10 35.45
N ASP G 279 26.52 42.13 34.54
CA ASP G 279 27.38 42.35 33.38
C ASP G 279 26.81 43.44 32.46
N LYS G 280 25.50 43.42 32.24
CA LYS G 280 24.89 44.43 31.38
C LYS G 280 24.95 45.81 32.01
N MET G 281 24.78 45.91 33.33
CA MET G 281 24.87 47.20 34.00
C MET G 281 26.25 47.82 33.84
N LYS G 282 27.29 47.00 33.71
CA LYS G 282 28.63 47.52 33.51
C LYS G 282 28.72 48.32 32.22
N HIS G 283 28.12 47.82 31.15
CA HIS G 283 28.22 48.45 29.84
C HIS G 283 27.04 49.34 29.51
N CYS G 284 26.05 49.46 30.39
CA CYS G 284 24.88 50.29 30.09
C CYS G 284 24.47 51.02 31.38
N SER G 285 24.65 52.33 31.37
CA SER G 285 24.42 53.13 32.58
C SER G 285 22.95 53.21 32.94
N LYS G 286 22.06 53.20 31.96
CA LYS G 286 20.66 53.49 32.22
C LYS G 286 19.82 52.26 32.54
N ILE G 287 20.44 51.09 32.66
CA ILE G 287 19.72 49.91 33.13
C ILE G 287 19.59 49.98 34.65
N GLN G 288 18.38 49.75 35.15
CA GLN G 288 18.13 49.67 36.58
C GLN G 288 17.38 48.38 36.88
N VAL G 289 17.50 47.88 38.11
CA VAL G 289 16.91 46.55 38.44
C VAL G 289 15.86 46.64 39.55
N ILE G 290 14.70 45.99 39.37
CA ILE G 290 13.69 45.91 40.47
C ILE G 290 13.77 44.51 41.07
N ASP G 291 14.06 44.40 42.36
CA ASP G 291 14.13 43.12 43.02
C ASP G 291 12.73 42.51 43.08
N ILE G 292 12.60 41.27 42.60
CA ILE G 292 11.36 40.52 42.77
C ILE G 292 11.59 39.27 43.60
N SER G 293 12.74 39.17 44.27
CA SER G 293 13.01 38.01 45.11
C SER G 293 12.04 37.90 46.27
N MET G 294 11.48 39.01 46.74
CA MET G 294 10.47 38.92 47.80
C MET G 294 9.22 38.22 47.30
N ILE G 295 8.79 38.51 46.06
CA ILE G 295 7.61 37.86 45.51
C ILE G 295 7.85 36.36 45.36
N LEU G 296 9.03 35.99 44.83
CA LEU G 296 9.34 34.57 44.65
C LEU G 296 9.45 33.85 45.98
N ALA G 297 10.10 34.48 46.96
CA ALA G 297 10.24 33.87 48.27
C ALA G 297 8.88 33.69 48.94
N GLU G 298 8.01 34.71 48.85
CA GLU G 298 6.69 34.59 49.43
C GLU G 298 5.87 33.53 48.72
N ALA G 299 6.01 33.41 47.39
CA ALA G 299 5.29 32.36 46.68
C ALA G 299 5.77 30.98 47.12
N ILE G 300 7.08 30.80 47.27
CA ILE G 300 7.59 29.52 47.74
C ILE G 300 7.05 29.20 49.12
N ARG G 301 7.09 30.19 50.02
CA ARG G 301 6.68 29.95 51.39
C ARG G 301 5.18 29.70 51.48
N ARG G 302 4.39 30.34 50.63
CA ARG G 302 2.95 30.12 50.64
C ARG G 302 2.56 28.79 50.02
N THR G 303 3.25 28.37 48.95
CA THR G 303 3.00 27.02 48.43
C THR G 303 3.38 25.97 49.46
N HIS G 304 4.48 26.19 50.19
CA HIS G 304 4.88 25.22 51.20
C HIS G 304 3.86 25.16 52.34
N ASN G 305 3.39 26.32 52.81
CA ASN G 305 2.49 26.33 53.97
C ASN G 305 1.03 26.20 53.59
N GLY G 306 0.72 26.06 52.31
CA GLY G 306 -0.67 25.98 51.92
C GLY G 306 -1.45 27.27 52.05
N GLU G 307 -0.78 28.41 52.05
CA GLU G 307 -1.49 29.68 52.04
C GLU G 307 -1.77 30.12 50.61
N SER G 308 -2.58 31.16 50.48
CA SER G 308 -2.98 31.64 49.16
C SER G 308 -1.80 32.30 48.45
N VAL G 309 -1.54 31.86 47.21
CA VAL G 309 -0.51 32.49 46.39
C VAL G 309 -1.08 33.68 45.64
N SER G 310 -2.33 33.59 45.21
CA SER G 310 -2.94 34.65 44.40
C SER G 310 -3.05 35.96 45.18
N TYR G 311 -2.93 35.89 46.50
CA TYR G 311 -2.84 37.07 47.34
C TYR G 311 -1.73 38.00 46.86
N LEU G 312 -0.66 37.42 46.30
CA LEU G 312 0.47 38.17 45.80
C LEU G 312 0.20 38.88 44.49
N PHE G 313 -0.90 38.57 43.79
CA PHE G 313 -1.16 39.24 42.52
C PHE G 313 -1.36 40.73 42.71
N SER G 314 -1.77 41.15 43.90
CA SER G 314 -2.08 42.54 44.16
C SER G 314 -1.37 43.13 45.37
N HIS G 315 -0.58 42.35 46.10
CA HIS G 315 0.02 42.81 47.35
C HIS G 315 1.52 42.62 47.32
N VAL G 316 2.25 43.71 47.60
CA VAL G 316 3.71 43.60 47.75
C VAL G 316 4.03 43.12 49.15
N PRO G 317 4.74 42.01 49.32
CA PRO G 317 5.08 41.49 50.64
C PRO G 317 6.36 42.09 51.21
N PRO H 2 -7.10 1.78 3.27
CA PRO H 2 -7.84 2.66 4.18
C PRO H 2 -8.56 3.78 3.44
N ASN H 3 -9.87 3.79 3.54
CA ASN H 3 -10.71 4.75 2.84
C ASN H 3 -11.20 5.83 3.79
N ILE H 4 -11.67 6.93 3.22
CA ILE H 4 -12.25 8.01 4.00
C ILE H 4 -13.67 7.63 4.40
N LYS H 5 -13.98 7.78 5.68
CA LYS H 5 -15.34 7.68 6.18
C LYS H 5 -15.66 8.98 6.90
N ILE H 6 -16.72 9.65 6.47
CA ILE H 6 -17.15 10.90 7.06
C ILE H 6 -18.40 10.61 7.89
N PHE H 7 -18.37 10.98 9.16
CA PHE H 7 -19.51 10.83 10.04
C PHE H 7 -19.93 12.20 10.55
N SER H 8 -21.24 12.40 10.67
CA SER H 8 -21.78 13.66 11.13
C SER H 8 -22.30 13.51 12.54
N GLY H 9 -21.93 14.45 13.41
CA GLY H 9 -22.65 14.65 14.63
C GLY H 9 -23.93 15.41 14.36
N SER H 10 -24.75 15.54 15.40
CA SER H 10 -26.04 16.22 15.22
C SER H 10 -25.91 17.74 15.17
N SER H 11 -24.75 18.30 15.51
CA SER H 11 -24.63 19.75 15.61
C SER H 11 -24.81 20.43 14.26
N HIS H 12 -24.06 20.00 13.25
CA HIS H 12 -24.05 20.71 11.97
C HIS H 12 -24.11 19.68 10.84
N GLN H 13 -25.32 19.23 10.51
CA GLN H 13 -25.47 18.16 9.53
C GLN H 13 -25.35 18.70 8.11
N ASP H 14 -25.78 19.94 7.88
CA ASP H 14 -25.65 20.53 6.54
C ASP H 14 -24.18 20.66 6.14
N LEU H 15 -23.34 21.11 7.06
CA LEU H 15 -21.91 21.22 6.76
C LEU H 15 -21.30 19.85 6.47
N SER H 16 -21.67 18.84 7.26
CA SER H 16 -21.15 17.50 7.01
C SER H 16 -21.57 16.99 5.65
N GLN H 17 -22.83 17.25 5.27
CA GLN H 17 -23.29 16.83 3.95
C GLN H 17 -22.53 17.55 2.83
N LYS H 18 -22.31 18.86 2.99
CA LYS H 18 -21.56 19.60 1.98
C LYS H 18 -20.14 19.04 1.82
N ILE H 19 -19.49 18.74 2.95
CA ILE H 19 -18.15 18.18 2.91
C ILE H 19 -18.18 16.81 2.23
N ALA H 20 -19.17 15.98 2.56
CA ALA H 20 -19.28 14.67 1.96
C ALA H 20 -19.48 14.74 0.45
N ASP H 21 -20.33 15.65 -0.01
CA ASP H 21 -20.50 15.85 -1.45
C ASP H 21 -19.21 16.30 -2.11
N ARG H 22 -18.49 17.23 -1.49
CA ARG H 22 -17.24 17.67 -2.10
C ARG H 22 -16.21 16.55 -2.14
N LEU H 23 -16.29 15.62 -1.20
CA LEU H 23 -15.39 14.47 -1.24
C LEU H 23 -15.89 13.36 -2.14
N GLY H 24 -17.09 13.48 -2.69
CA GLY H 24 -17.66 12.41 -3.48
C GLY H 24 -18.07 11.19 -2.69
N LEU H 25 -18.45 11.39 -1.43
CA LEU H 25 -18.77 10.29 -0.53
C LEU H 25 -20.16 10.47 0.05
N GLU H 26 -20.72 9.38 0.55
CA GLU H 26 -21.93 9.45 1.35
C GLU H 26 -21.56 9.47 2.83
N LEU H 27 -22.27 10.36 3.55
CA LEU H 27 -21.99 10.56 5.00
C LEU H 27 -22.05 9.19 5.68
N GLY H 28 -21.09 8.91 6.56
CA GLY H 28 -21.13 7.57 7.13
C GLY H 28 -22.40 7.35 7.92
N LYS H 29 -22.90 6.11 7.88
CA LYS H 29 -24.11 5.78 8.61
C LYS H 29 -23.83 5.76 10.10
N VAL H 30 -24.46 6.66 10.83
CA VAL H 30 -24.37 6.70 12.29
C VAL H 30 -25.71 7.16 12.84
N VAL H 31 -26.11 6.56 13.95
CA VAL H 31 -27.28 6.99 14.71
C VAL H 31 -26.78 7.74 15.93
N THR H 32 -27.18 9.01 16.02
CA THR H 32 -26.73 9.88 17.14
C THR H 32 -27.96 10.59 17.71
N LYS H 33 -28.52 10.07 18.79
CA LYS H 33 -29.73 10.59 19.41
C LYS H 33 -29.54 10.59 20.92
N LYS H 34 -30.62 10.82 21.65
CA LYS H 34 -30.57 10.75 23.10
C LYS H 34 -31.55 9.71 23.62
N PHE H 35 -31.11 8.93 24.58
CA PHE H 35 -32.02 8.10 25.35
C PHE H 35 -33.00 8.98 26.11
N SER H 36 -34.01 8.34 26.70
CA SER H 36 -35.04 9.08 27.43
C SER H 36 -34.45 9.89 28.56
N ASN H 37 -33.50 9.32 29.31
CA ASN H 37 -32.86 10.02 30.42
C ASN H 37 -31.77 10.98 29.96
N GLN H 38 -31.71 11.28 28.66
CA GLN H 38 -30.84 12.27 28.04
C GLN H 38 -29.39 11.83 27.94
N GLU H 39 -29.10 10.54 28.08
CA GLU H 39 -27.78 10.05 27.77
C GLU H 39 -27.62 9.92 26.26
N THR H 40 -26.42 10.29 25.79
CA THR H 40 -26.15 10.28 24.32
C THR H 40 -26.03 8.85 23.82
N CYS H 41 -26.87 8.47 22.85
CA CYS H 41 -26.84 7.15 22.25
C CYS H 41 -26.19 7.25 20.88
N VAL H 42 -25.15 6.47 20.67
CA VAL H 42 -24.40 6.46 19.41
C VAL H 42 -24.30 5.03 18.92
N GLU H 43 -24.58 4.82 17.64
CA GLU H 43 -24.41 3.52 17.00
C GLU H 43 -23.80 3.74 15.63
N ILE H 44 -22.61 3.21 15.40
CA ILE H 44 -21.97 3.30 14.09
C ILE H 44 -22.60 2.25 13.19
N GLY H 45 -23.27 2.70 12.14
CA GLY H 45 -24.05 1.86 11.26
C GLY H 45 -23.29 1.17 10.15
N GLU H 46 -21.97 1.31 10.12
CA GLU H 46 -21.16 0.65 9.12
C GLU H 46 -19.80 0.35 9.74
N SER H 47 -19.11 -0.62 9.14
CA SER H 47 -17.77 -0.95 9.61
C SER H 47 -16.80 0.18 9.30
N VAL H 48 -16.00 0.56 10.29
CA VAL H 48 -14.94 1.54 10.10
C VAL H 48 -13.57 0.90 10.29
N ARG H 49 -13.44 -0.42 10.11
CA ARG H 49 -12.13 -1.11 10.35
C ARG H 49 -11.07 -0.67 9.33
N GLY H 50 -9.89 -0.31 9.83
CA GLY H 50 -8.78 0.07 8.94
C GLY H 50 -9.21 1.22 8.05
N GLU H 51 -10.15 2.06 8.51
CA GLU H 51 -10.49 3.21 7.69
C GLU H 51 -9.96 4.50 8.32
N ASP H 52 -9.88 5.53 7.49
CA ASP H 52 -9.51 6.87 7.93
C ASP H 52 -10.80 7.63 8.20
N VAL H 53 -11.13 7.78 9.49
CA VAL H 53 -12.44 8.27 9.90
C VAL H 53 -12.33 9.75 10.23
N TYR H 54 -13.26 10.54 9.71
CA TYR H 54 -13.36 11.96 10.03
C TYR H 54 -14.74 12.23 10.60
N ILE H 55 -14.79 12.77 11.80
CA ILE H 55 -16.03 13.07 12.49
C ILE H 55 -16.18 14.58 12.55
N VAL H 56 -17.25 15.10 11.95
CA VAL H 56 -17.48 16.53 11.87
C VAL H 56 -18.46 16.94 12.95
N GLN H 57 -18.04 17.85 13.82
CA GLN H 57 -18.85 18.34 14.93
C GLN H 57 -18.31 19.68 15.36
N SER H 58 -19.15 20.71 15.35
CA SER H 58 -18.70 22.02 15.76
C SER H 58 -19.16 22.33 17.18
N GLY H 59 -18.44 23.24 17.83
CA GLY H 59 -18.78 23.69 19.17
C GLY H 59 -19.85 24.77 19.13
N CYS H 60 -21.08 24.35 18.88
CA CYS H 60 -22.19 25.27 18.68
C CYS H 60 -23.45 24.66 19.27
N GLY H 61 -24.49 25.47 19.37
CA GLY H 61 -25.75 25.00 19.90
C GLY H 61 -25.59 24.54 21.33
N GLU H 62 -26.13 23.35 21.62
CA GLU H 62 -25.97 22.72 22.93
C GLU H 62 -24.56 22.15 23.04
N ILE H 63 -23.66 23.00 23.55
CA ILE H 63 -22.23 22.74 23.39
C ILE H 63 -21.80 21.49 24.13
N ASN H 64 -22.26 21.31 25.37
CA ASN H 64 -21.82 20.14 26.12
C ASN H 64 -22.38 18.85 25.55
N ASP H 65 -23.62 18.88 25.08
CA ASP H 65 -24.19 17.72 24.40
C ASP H 65 -23.40 17.37 23.15
N ASN H 66 -23.07 18.37 22.33
CA ASN H 66 -22.33 18.12 21.10
C ASN H 66 -20.93 17.60 21.39
N LEU H 67 -20.28 18.16 22.41
CA LEU H 67 -18.93 17.73 22.77
C LEU H 67 -18.94 16.28 23.25
N MET H 68 -19.92 15.93 24.09
CA MET H 68 -20.03 14.55 24.53
C MET H 68 -20.35 13.62 23.38
N GLU H 69 -21.23 14.03 22.47
CA GLU H 69 -21.48 13.25 21.27
C GLU H 69 -20.20 13.00 20.50
N LEU H 70 -19.39 14.04 20.31
CA LEU H 70 -18.14 13.88 19.57
C LEU H 70 -17.20 12.91 20.28
N LEU H 71 -17.06 13.05 21.59
CA LEU H 71 -16.16 12.15 22.32
C LEU H 71 -16.64 10.71 22.24
N ILE H 72 -17.94 10.50 22.38
CA ILE H 72 -18.50 9.16 22.32
C ILE H 72 -18.32 8.55 20.93
N MET H 73 -18.53 9.35 19.88
CA MET H 73 -18.34 8.85 18.52
C MET H 73 -16.87 8.51 18.26
N ILE H 74 -15.96 9.35 18.74
CA ILE H 74 -14.54 9.06 18.59
C ILE H 74 -14.21 7.74 19.29
N ASN H 75 -14.72 7.56 20.51
CA ASN H 75 -14.44 6.34 21.24
C ASN H 75 -14.99 5.12 20.51
N ALA H 76 -16.22 5.24 19.99
CA ALA H 76 -16.84 4.13 19.28
C ALA H 76 -16.03 3.74 18.05
N CYS H 77 -15.56 4.74 17.29
CA CYS H 77 -14.76 4.44 16.12
C CYS H 77 -13.40 3.87 16.50
N LYS H 78 -12.80 4.34 17.59
CA LYS H 78 -11.49 3.86 17.99
C LYS H 78 -11.53 2.42 18.47
N ILE H 79 -12.52 2.06 19.29
CA ILE H 79 -12.61 0.67 19.70
C ILE H 79 -13.21 -0.23 18.63
N ALA H 80 -13.72 0.35 17.55
CA ALA H 80 -14.12 -0.41 16.37
C ALA H 80 -12.98 -0.62 15.39
N SER H 81 -11.74 -0.30 15.80
CA SER H 81 -10.52 -0.62 15.05
C SER H 81 -10.39 0.22 13.79
N ALA H 82 -10.81 1.48 13.86
CA ALA H 82 -10.49 2.42 12.78
C ALA H 82 -8.98 2.65 12.75
N SER H 83 -8.42 2.74 11.54
CA SER H 83 -6.98 2.94 11.43
C SER H 83 -6.58 4.30 11.98
N ARG H 84 -7.39 5.32 11.77
CA ARG H 84 -7.10 6.65 12.23
C ARG H 84 -8.42 7.40 12.42
N VAL H 85 -8.50 8.19 13.47
CA VAL H 85 -9.71 8.96 13.77
C VAL H 85 -9.32 10.42 13.87
N THR H 86 -10.00 11.26 13.09
CA THR H 86 -9.75 12.69 13.06
C THR H 86 -11.02 13.42 13.48
N ALA H 87 -10.87 14.39 14.37
CA ALA H 87 -11.97 15.25 14.76
C ALA H 87 -11.92 16.53 13.94
N VAL H 88 -12.97 16.77 13.17
CA VAL H 88 -13.09 17.98 12.37
C VAL H 88 -14.02 18.91 13.15
N ILE H 89 -13.44 19.90 13.82
CA ILE H 89 -14.18 20.75 14.74
C ILE H 89 -14.10 22.18 14.23
N PRO H 90 -15.02 22.60 13.36
CA PRO H 90 -14.89 23.94 12.74
C PRO H 90 -14.81 25.06 13.75
N CYS H 91 -15.62 25.03 14.80
CA CYS H 91 -15.54 25.99 15.89
C CYS H 91 -15.20 25.23 17.16
N PHE H 92 -14.04 25.51 17.73
CA PHE H 92 -13.53 24.73 18.84
C PHE H 92 -14.21 25.15 20.14
N PRO H 93 -14.85 24.23 20.86
CA PRO H 93 -15.55 24.62 22.09
C PRO H 93 -14.58 24.96 23.21
N TYR H 94 -15.01 25.87 24.07
CA TYR H 94 -14.25 26.36 25.22
C TYR H 94 -12.95 27.01 24.83
N ALA H 95 -12.83 27.44 23.57
CA ALA H 95 -11.58 28.04 23.11
C ALA H 95 -11.25 29.33 23.85
N ARG H 96 -12.27 30.07 24.29
CA ARG H 96 -12.04 31.32 24.99
C ARG H 96 -11.58 31.12 26.43
N GLN H 97 -11.67 29.88 26.94
CA GLN H 97 -11.16 29.56 28.30
C GLN H 97 -9.77 28.94 28.12
N ASP H 98 -8.82 29.70 27.56
CA ASP H 98 -7.50 29.21 27.24
C ASP H 98 -6.44 29.63 28.27
N LYS H 99 -6.84 30.23 29.38
CA LYS H 99 -5.89 30.67 30.39
C LYS H 99 -6.63 31.00 31.68
N LYS H 100 -5.88 31.14 32.77
CA LYS H 100 -6.45 31.44 34.08
C LYS H 100 -6.48 32.94 34.36
N ASP H 101 -5.32 33.59 34.26
CA ASP H 101 -5.22 35.05 34.37
C ASP H 101 -5.72 35.60 35.71
N LYS H 102 -5.03 35.27 36.80
CA LYS H 102 -5.30 35.84 38.13
C LYS H 102 -6.68 35.42 38.64
N SER H 103 -7.14 34.25 38.20
CA SER H 103 -8.42 33.76 38.65
C SER H 103 -8.28 32.28 38.95
N ARG H 104 -9.01 31.80 39.97
CA ARG H 104 -9.06 30.37 40.26
C ARG H 104 -10.08 29.72 39.32
N ALA H 105 -9.73 29.71 38.07
CA ALA H 105 -10.56 29.26 36.98
C ALA H 105 -9.97 28.02 36.32
N PRO H 106 -10.78 27.22 35.65
CA PRO H 106 -10.23 26.12 34.86
C PRO H 106 -9.62 26.66 33.58
N ILE H 107 -8.70 25.88 33.00
CA ILE H 107 -8.31 26.07 31.60
C ILE H 107 -9.12 25.05 30.82
N SER H 108 -10.35 25.45 30.47
CA SER H 108 -11.30 24.50 29.90
C SER H 108 -10.87 24.02 28.52
N ALA H 109 -10.21 24.88 27.75
CA ALA H 109 -9.72 24.46 26.44
C ALA H 109 -8.72 23.32 26.56
N LYS H 110 -7.83 23.40 27.54
CA LYS H 110 -6.88 22.31 27.78
C LYS H 110 -7.61 21.04 28.20
N LEU H 111 -8.64 21.17 29.04
CA LEU H 111 -9.42 20.00 29.45
C LEU H 111 -10.09 19.35 28.25
N VAL H 112 -10.64 20.16 27.34
CA VAL H 112 -11.27 19.63 26.14
C VAL H 112 -10.24 18.92 25.27
N ALA H 113 -9.05 19.51 25.13
CA ALA H 113 -7.99 18.87 24.36
C ALA H 113 -7.61 17.52 24.97
N ASN H 114 -7.47 17.47 26.29
CA ASN H 114 -7.14 16.22 26.97
C ASN H 114 -8.23 15.18 26.77
N MET H 115 -9.50 15.61 26.83
CA MET H 115 -10.60 14.67 26.66
C MET H 115 -10.63 14.12 25.23
N LEU H 116 -10.37 14.99 24.24
CA LEU H 116 -10.31 14.53 22.86
C LEU H 116 -9.18 13.53 22.66
N SER H 117 -8.02 13.78 23.27
CA SER H 117 -6.91 12.85 23.16
C SER H 117 -7.23 11.52 23.82
N VAL H 118 -7.84 11.56 25.00
CA VAL H 118 -8.11 10.32 25.74
C VAL H 118 -9.25 9.54 25.11
N ALA H 119 -10.14 10.21 24.39
CA ALA H 119 -11.18 9.50 23.65
C ALA H 119 -10.59 8.72 22.49
N GLY H 120 -9.44 9.15 21.98
CA GLY H 120 -8.76 8.41 20.95
C GLY H 120 -8.52 9.17 19.66
N ALA H 121 -8.69 10.49 19.68
CA ALA H 121 -8.43 11.27 18.48
C ALA H 121 -6.95 11.25 18.14
N ASP H 122 -6.65 10.99 16.88
CA ASP H 122 -5.28 11.01 16.40
C ASP H 122 -4.90 12.34 15.76
N HIS H 123 -5.88 13.16 15.41
CA HIS H 123 -5.66 14.35 14.62
C HIS H 123 -6.86 15.27 14.77
N ILE H 124 -6.60 16.58 14.76
CA ILE H 124 -7.63 17.60 14.88
C ILE H 124 -7.53 18.53 13.68
N ILE H 125 -8.67 18.78 13.05
CA ILE H 125 -8.81 19.83 12.05
C ILE H 125 -9.80 20.85 12.57
N THR H 126 -9.40 22.11 12.62
CA THR H 126 -10.25 23.18 13.11
C THR H 126 -9.98 24.43 12.28
N MET H 127 -10.82 25.45 12.48
CA MET H 127 -10.74 26.69 11.74
C MET H 127 -10.68 27.87 12.71
N ASP H 128 -9.67 28.73 12.53
CA ASP H 128 -9.50 29.98 13.29
C ASP H 128 -9.71 29.76 14.80
N LEU H 129 -8.77 29.02 15.37
CA LEU H 129 -8.72 28.88 16.82
C LEU H 129 -8.66 30.26 17.46
N HIS H 130 -9.40 30.43 18.56
CA HIS H 130 -9.42 31.71 19.25
C HIS H 130 -8.02 32.16 19.61
N ALA H 131 -7.19 31.27 20.12
CA ALA H 131 -5.77 31.50 20.32
C ALA H 131 -5.02 30.31 19.73
N SER H 132 -4.01 30.59 18.92
CA SER H 132 -3.30 29.50 18.27
C SER H 132 -2.46 28.71 19.28
N GLN H 133 -2.24 29.26 20.47
CA GLN H 133 -1.61 28.50 21.55
C GLN H 133 -2.39 27.25 21.91
N ILE H 134 -3.69 27.20 21.57
CA ILE H 134 -4.47 25.99 21.83
C ILE H 134 -3.89 24.80 21.09
N GLN H 135 -3.18 25.05 19.99
CA GLN H 135 -2.48 23.96 19.32
C GLN H 135 -1.51 23.25 20.25
N GLY H 136 -0.86 24.01 21.14
CA GLY H 136 0.05 23.42 22.10
C GLY H 136 -0.63 22.67 23.22
N PHE H 137 -1.95 22.83 23.37
CA PHE H 137 -2.67 22.05 24.36
C PHE H 137 -2.76 20.58 23.97
N PHE H 138 -2.46 20.26 22.72
CA PHE H 138 -2.51 18.89 22.24
C PHE H 138 -1.11 18.30 22.12
N ASP H 139 -1.03 16.98 22.15
CA ASP H 139 0.17 16.29 21.71
C ASP H 139 0.01 15.67 20.34
N ILE H 140 -1.22 15.52 19.84
CA ILE H 140 -1.49 15.05 18.48
C ILE H 140 -1.40 16.25 17.54
N PRO H 141 -1.17 16.04 16.24
CA PRO H 141 -1.14 17.18 15.32
C PRO H 141 -2.50 17.88 15.25
N VAL H 142 -2.44 19.20 15.12
CA VAL H 142 -3.64 20.02 14.96
C VAL H 142 -3.43 20.90 13.74
N ASP H 143 -4.35 20.82 12.78
CA ASP H 143 -4.34 21.71 11.63
C ASP H 143 -5.37 22.79 11.85
N ASN H 144 -4.89 24.01 12.06
CA ASN H 144 -5.75 25.17 12.28
C ASN H 144 -5.88 25.91 10.97
N LEU H 145 -6.99 25.71 10.28
CA LEU H 145 -7.22 26.36 9.00
C LEU H 145 -7.63 27.82 9.21
N TYR H 146 -7.57 28.58 8.13
CA TYR H 146 -7.89 30.00 8.15
C TYR H 146 -9.00 30.29 7.17
N ALA H 147 -9.98 31.07 7.62
CA ALA H 147 -11.03 31.53 6.73
C ALA H 147 -10.59 32.71 5.87
N GLU H 148 -9.38 33.24 6.10
CA GLU H 148 -8.92 34.45 5.42
C GLU H 148 -8.98 34.39 3.90
N PRO H 149 -8.48 33.32 3.21
CA PRO H 149 -8.66 33.21 1.76
C PRO H 149 -10.11 33.54 1.39
N ALA H 150 -11.08 33.00 2.14
CA ALA H 150 -12.51 33.21 1.82
C ALA H 150 -12.98 34.60 2.25
N VAL H 151 -12.47 35.13 3.37
CA VAL H 151 -12.86 36.49 3.75
C VAL H 151 -12.36 37.49 2.73
N LEU H 152 -11.10 37.35 2.30
CA LEU H 152 -10.54 38.23 1.28
C LEU H 152 -11.32 38.14 -0.01
N LYS H 153 -11.67 36.91 -0.41
CA LYS H 153 -12.50 36.73 -1.59
C LYS H 153 -13.83 37.45 -1.45
N TRP H 154 -14.49 37.29 -0.31
CA TRP H 154 -15.77 37.97 -0.10
C TRP H 154 -15.62 39.47 -0.16
N ILE H 155 -14.58 40.00 0.48
CA ILE H 155 -14.38 41.45 0.51
C ILE H 155 -14.21 41.98 -0.91
N ARG H 156 -13.37 41.32 -1.70
CA ARG H 156 -13.14 41.80 -3.06
C ARG H 156 -14.41 41.72 -3.90
N GLU H 157 -15.19 40.64 -3.78
CA GLU H 157 -16.35 40.50 -4.65
C GLU H 157 -17.61 41.15 -4.11
N ASN H 158 -17.60 41.72 -2.90
CA ASN H 158 -18.82 42.29 -2.35
C ASN H 158 -18.71 43.76 -1.95
N ILE H 159 -17.52 44.26 -1.66
CA ILE H 159 -17.34 45.65 -1.27
C ILE H 159 -16.64 46.34 -2.43
N SER H 160 -17.38 47.21 -3.13
CA SER H 160 -16.84 47.85 -4.33
C SER H 160 -15.70 48.79 -4.01
N GLU H 161 -15.68 49.38 -2.83
CA GLU H 161 -14.66 50.33 -2.44
C GLU H 161 -13.53 49.68 -1.64
N TRP H 162 -13.30 48.38 -1.83
CA TRP H 162 -12.43 47.65 -0.92
C TRP H 162 -10.98 48.14 -0.99
N ARG H 163 -10.59 48.78 -2.10
CA ARG H 163 -9.22 49.28 -2.21
C ARG H 163 -9.00 50.52 -1.35
N ASN H 164 -10.06 51.22 -0.98
CA ASN H 164 -9.96 52.39 -0.11
C ASN H 164 -10.51 52.15 1.28
N CYS H 165 -10.76 50.89 1.65
CA CYS H 165 -11.37 50.60 2.93
C CYS H 165 -10.33 50.58 4.04
N THR H 166 -10.82 50.57 5.28
CA THR H 166 -9.98 50.40 6.46
C THR H 166 -10.41 49.15 7.21
N ILE H 167 -9.48 48.24 7.44
CA ILE H 167 -9.73 47.06 8.25
C ILE H 167 -9.53 47.42 9.72
N VAL H 168 -10.53 47.14 10.54
CA VAL H 168 -10.56 47.61 11.92
C VAL H 168 -10.63 46.42 12.86
N SER H 169 -9.77 46.44 13.85
CA SER H 169 -9.87 45.49 14.95
C SER H 169 -10.82 46.02 16.01
N PRO H 170 -11.77 45.22 16.50
CA PRO H 170 -12.63 45.68 17.60
C PRO H 170 -11.88 45.88 18.90
N ASP H 171 -10.74 45.23 19.09
CA ASP H 171 -9.98 45.31 20.33
C ASP H 171 -8.50 45.18 20.01
N ALA H 172 -7.68 45.35 21.04
CA ALA H 172 -6.24 45.21 20.84
C ALA H 172 -5.85 43.76 20.59
N GLY H 173 -6.67 42.82 21.04
CA GLY H 173 -6.33 41.41 20.91
C GLY H 173 -6.31 40.92 19.48
N GLY H 174 -7.23 41.37 18.66
CA GLY H 174 -7.34 40.88 17.30
C GLY H 174 -6.51 41.61 16.27
N ALA H 175 -5.70 42.59 16.68
CA ALA H 175 -4.99 43.44 15.75
C ALA H 175 -4.18 42.62 14.74
N LYS H 176 -3.45 41.61 15.22
CA LYS H 176 -2.69 40.75 14.34
C LYS H 176 -3.53 40.31 13.15
N ARG H 177 -4.69 39.73 13.43
CA ARG H 177 -5.57 39.27 12.36
C ARG H 177 -5.84 40.37 11.35
N VAL H 178 -6.27 41.54 11.83
CA VAL H 178 -6.64 42.58 10.88
C VAL H 178 -5.42 43.03 10.10
N THR H 179 -4.25 43.09 10.75
CA THR H 179 -3.05 43.49 10.02
C THR H 179 -2.79 42.50 8.88
N SER H 180 -2.93 41.21 9.16
CA SER H 180 -2.77 40.22 8.10
C SER H 180 -3.68 40.56 6.94
N ILE H 181 -4.96 40.80 7.21
CA ILE H 181 -5.89 41.12 6.14
C ILE H 181 -5.48 42.42 5.47
N ALA H 182 -5.10 43.42 6.27
CA ALA H 182 -4.69 44.69 5.70
C ALA H 182 -3.49 44.51 4.80
N ASP H 183 -2.61 43.56 5.14
CA ASP H 183 -1.45 43.32 4.28
C ASP H 183 -1.87 42.67 2.97
N ARG H 184 -2.85 41.79 2.99
CA ARG H 184 -3.23 41.07 1.79
C ARG H 184 -4.08 41.91 0.85
N LEU H 185 -4.71 42.97 1.35
CA LEU H 185 -5.52 43.85 0.53
C LEU H 185 -4.83 45.15 0.17
N ASN H 186 -3.73 45.50 0.85
CA ASN H 186 -3.05 46.78 0.69
C ASN H 186 -4.00 47.94 1.00
N VAL H 187 -4.47 47.94 2.25
CA VAL H 187 -5.36 48.97 2.76
C VAL H 187 -4.90 49.36 4.16
N ASP H 188 -5.51 50.41 4.69
CA ASP H 188 -5.19 50.86 6.03
C ASP H 188 -5.83 49.94 7.07
N PHE H 189 -5.24 49.92 8.26
CA PHE H 189 -5.80 49.17 9.38
C PHE H 189 -5.85 50.07 10.61
N ALA H 190 -6.98 50.01 11.30
CA ALA H 190 -7.26 50.79 12.49
C ALA H 190 -7.50 49.88 13.69
N LEU H 191 -7.21 50.41 14.87
CA LEU H 191 -7.49 49.74 16.11
C LEU H 191 -8.49 50.54 16.92
N ILE H 192 -9.25 49.82 17.76
CA ILE H 192 -10.22 50.42 18.67
C ILE H 192 -10.05 49.74 20.01
N HIS H 193 -9.89 50.53 21.08
CA HIS H 193 -9.79 49.96 22.45
C HIS H 193 -10.60 50.81 23.42
N LYS H 194 -11.18 50.21 24.46
CA LYS H 194 -11.92 50.95 25.47
C LYS H 194 -10.99 51.43 26.57
N GLU H 195 -11.27 52.62 27.08
CA GLU H 195 -10.45 53.24 28.11
C GLU H 195 -10.87 52.79 29.50
N ASP H 203 -16.22 53.02 29.48
CA ASP H 203 -17.32 52.80 28.55
C ASP H 203 -17.05 53.51 27.23
N ARG H 204 -16.00 54.32 27.20
CA ARG H 204 -15.62 55.03 25.99
C ARG H 204 -14.59 54.22 25.21
N MET H 205 -14.61 54.38 23.88
CA MET H 205 -13.67 53.72 22.99
C MET H 205 -12.83 54.78 22.27
N VAL H 206 -11.57 54.44 22.03
CA VAL H 206 -10.65 55.29 21.30
C VAL H 206 -10.21 54.56 20.05
N LEU H 207 -10.20 55.29 18.93
CA LEU H 207 -9.92 54.79 17.59
C LEU H 207 -8.68 55.48 17.03
N VAL H 208 -7.76 54.68 16.50
CA VAL H 208 -6.58 55.20 15.85
C VAL H 208 -6.65 54.83 14.38
N GLY H 209 -6.45 55.82 13.50
CA GLY H 209 -6.54 55.58 12.08
C GLY H 209 -7.67 56.32 11.43
N ASP H 210 -7.39 57.00 10.33
CA ASP H 210 -8.42 57.75 9.61
C ASP H 210 -9.44 56.80 9.01
N VAL H 211 -10.72 57.06 9.29
CA VAL H 211 -11.82 56.28 8.74
C VAL H 211 -12.87 57.14 8.06
N LYS H 212 -12.67 58.46 8.00
CA LYS H 212 -13.67 59.34 7.42
C LYS H 212 -13.79 59.11 5.91
N ASP H 213 -15.03 59.08 5.42
CA ASP H 213 -15.38 58.91 4.01
C ASP H 213 -14.89 57.58 3.45
N ARG H 214 -14.50 56.65 4.30
CA ARG H 214 -13.99 55.35 3.88
C ARG H 214 -14.86 54.24 4.47
N VAL H 215 -14.97 53.14 3.75
CA VAL H 215 -15.68 51.98 4.27
C VAL H 215 -14.80 51.30 5.32
N ALA H 216 -15.39 50.99 6.46
CA ALA H 216 -14.68 50.31 7.53
C ALA H 216 -15.17 48.86 7.62
N ILE H 217 -14.24 47.95 7.88
CA ILE H 217 -14.54 46.53 7.96
C ILE H 217 -13.98 46.02 9.28
N LEU H 218 -14.84 45.87 10.29
CA LEU H 218 -14.44 45.18 11.52
C LEU H 218 -14.19 43.71 11.21
N VAL H 219 -13.11 43.16 11.76
CA VAL H 219 -12.79 41.75 11.55
C VAL H 219 -12.56 41.06 12.88
N ASP H 220 -13.11 39.85 13.02
CA ASP H 220 -12.96 39.12 14.27
C ASP H 220 -13.19 37.62 14.09
N ASP H 221 -12.73 36.89 15.11
CA ASP H 221 -12.88 35.44 15.10
C ASP H 221 -14.31 35.03 15.43
N MET H 222 -14.92 35.73 16.40
CA MET H 222 -16.26 35.26 16.85
C MET H 222 -17.15 36.37 17.40
N ALA H 223 -18.43 36.30 17.08
CA ALA H 223 -19.43 37.21 17.63
C ALA H 223 -20.39 36.41 18.49
N ASP H 224 -20.28 36.53 19.81
CA ASP H 224 -21.17 35.81 20.69
C ASP H 224 -22.38 36.65 21.07
N THR H 225 -22.16 37.72 21.82
CA THR H 225 -23.24 38.62 22.18
C THR H 225 -23.22 39.89 21.36
N CYS H 226 -22.15 40.12 20.62
CA CYS H 226 -21.98 41.22 19.69
C CYS H 226 -21.94 42.57 20.37
N GLY H 227 -21.72 42.62 21.68
CA GLY H 227 -21.50 43.90 22.32
C GLY H 227 -20.25 44.59 21.82
N THR H 228 -19.18 43.81 21.65
CA THR H 228 -17.91 44.37 21.19
C THR H 228 -18.05 45.01 19.82
N ILE H 229 -18.58 44.26 18.85
CA ILE H 229 -18.65 44.79 17.49
C ILE H 229 -19.68 45.89 17.38
N CYS H 230 -20.76 45.84 18.17
CA CYS H 230 -21.75 46.91 18.09
C CYS H 230 -21.19 48.21 18.66
N HIS H 231 -20.46 48.14 19.77
CA HIS H 231 -19.81 49.33 20.29
C HIS H 231 -18.78 49.88 19.31
N ALA H 232 -17.99 48.97 18.71
CA ALA H 232 -17.01 49.39 17.72
C ALA H 232 -17.67 50.07 16.53
N ALA H 233 -18.79 49.52 16.07
CA ALA H 233 -19.48 50.11 14.93
C ALA H 233 -20.05 51.48 15.26
N ASP H 234 -20.58 51.64 16.47
CA ASP H 234 -21.04 52.96 16.90
C ASP H 234 -19.90 53.96 16.87
N LYS H 235 -18.74 53.57 17.39
CA LYS H 235 -17.59 54.45 17.37
C LYS H 235 -17.14 54.77 15.94
N LEU H 236 -17.17 53.77 15.06
CA LEU H 236 -16.76 54.00 13.67
C LEU H 236 -17.68 54.99 12.97
N LEU H 237 -18.99 54.87 13.21
CA LEU H 237 -19.90 55.87 12.65
C LEU H 237 -19.69 57.24 13.28
N SER H 238 -19.32 57.29 14.56
CA SER H 238 -18.99 58.57 15.18
C SER H 238 -17.82 59.23 14.49
N ALA H 239 -16.83 58.44 14.07
CA ALA H 239 -15.63 58.97 13.44
C ALA H 239 -15.77 59.16 11.94
N GLY H 240 -16.99 59.28 11.42
CA GLY H 240 -17.17 59.70 10.05
C GLY H 240 -17.06 58.63 8.99
N ALA H 241 -17.10 57.35 9.39
CA ALA H 241 -17.06 56.28 8.42
C ALA H 241 -18.31 56.29 7.54
N THR H 242 -18.15 55.83 6.30
CA THR H 242 -19.29 55.84 5.39
C THR H 242 -20.21 54.65 5.62
N ARG H 243 -19.67 53.43 5.55
CA ARG H 243 -20.40 52.23 5.91
C ARG H 243 -19.48 51.38 6.78
N VAL H 244 -20.09 50.60 7.67
CA VAL H 244 -19.36 49.70 8.54
C VAL H 244 -19.84 48.29 8.29
N TYR H 245 -18.90 47.40 7.98
CA TYR H 245 -19.12 45.97 7.85
C TYR H 245 -18.52 45.27 9.05
N ALA H 246 -19.01 44.08 9.35
CA ALA H 246 -18.39 43.20 10.33
C ALA H 246 -18.22 41.83 9.70
N ILE H 247 -17.03 41.26 9.80
CA ILE H 247 -16.74 39.94 9.24
C ILE H 247 -16.14 39.10 10.36
N LEU H 248 -16.80 37.99 10.65
CA LEU H 248 -16.40 37.09 11.73
C LEU H 248 -16.36 35.67 11.20
N THR H 249 -15.38 34.90 11.66
CA THR H 249 -15.36 33.51 11.21
C THR H 249 -16.41 32.67 11.94
N HIS H 250 -16.69 32.97 13.21
CA HIS H 250 -17.65 32.19 13.98
C HIS H 250 -18.83 33.06 14.41
N GLY H 251 -20.00 32.81 13.82
CA GLY H 251 -21.22 33.50 14.19
C GLY H 251 -22.04 32.82 15.26
N ILE H 252 -21.62 32.89 16.52
CA ILE H 252 -22.36 32.20 17.58
C ILE H 252 -23.70 32.87 17.83
N PHE H 253 -23.72 34.19 17.96
CA PHE H 253 -24.95 34.99 18.04
C PHE H 253 -25.86 34.55 19.17
N SER H 254 -25.30 34.38 20.36
CA SER H 254 -26.12 33.98 21.49
C SER H 254 -26.63 35.20 22.25
N GLY H 255 -27.62 34.96 23.11
CA GLY H 255 -28.19 36.00 23.93
C GLY H 255 -28.87 37.09 23.13
N PRO H 256 -28.51 38.34 23.40
CA PRO H 256 -29.14 39.49 22.73
C PRO H 256 -28.47 39.89 21.42
N ALA H 257 -27.64 39.03 20.84
CA ALA H 257 -26.84 39.44 19.68
C ALA H 257 -27.72 39.86 18.51
N ILE H 258 -28.80 39.12 18.26
CA ILE H 258 -29.62 39.41 17.08
C ILE H 258 -30.31 40.76 17.22
N SER H 259 -30.85 41.06 18.41
CA SER H 259 -31.47 42.36 18.62
C SER H 259 -30.47 43.49 18.48
N ARG H 260 -29.26 43.33 19.04
CA ARG H 260 -28.26 44.37 18.95
C ARG H 260 -27.83 44.60 17.51
N ILE H 261 -27.64 43.52 16.75
CA ILE H 261 -27.27 43.68 15.35
C ILE H 261 -28.40 44.36 14.58
N ASN H 262 -29.65 43.97 14.84
CA ASN H 262 -30.77 44.62 14.18
C ASN H 262 -30.82 46.11 14.50
N ASN H 263 -30.44 46.50 15.72
CA ASN H 263 -30.42 47.90 16.08
C ASN H 263 -29.10 48.59 15.74
N ALA H 264 -28.13 47.86 15.20
CA ALA H 264 -26.84 48.45 14.87
C ALA H 264 -26.82 48.99 13.45
N CYS H 265 -25.74 49.67 13.12
CA CYS H 265 -25.61 50.37 11.84
C CYS H 265 -24.89 49.55 10.78
N PHE H 266 -24.60 48.28 11.04
CA PHE H 266 -23.87 47.47 10.08
C PHE H 266 -24.59 47.42 8.74
N GLU H 267 -23.81 47.57 7.67
CA GLU H 267 -24.33 47.26 6.35
C GLU H 267 -24.58 45.77 6.22
N ALA H 268 -23.66 44.96 6.73
CA ALA H 268 -23.78 43.52 6.69
C ALA H 268 -22.96 42.94 7.84
N VAL H 269 -23.37 41.77 8.31
CA VAL H 269 -22.59 41.00 9.28
C VAL H 269 -22.31 39.67 8.60
N VAL H 270 -21.10 39.54 8.08
CA VAL H 270 -20.69 38.34 7.36
C VAL H 270 -20.03 37.39 8.34
N VAL H 271 -20.47 36.13 8.35
CA VAL H 271 -19.87 35.11 9.18
C VAL H 271 -19.64 33.89 8.30
N THR H 272 -18.67 33.08 8.71
CA THR H 272 -18.56 31.82 7.98
C THR H 272 -19.61 30.82 8.46
N ASN H 273 -19.75 29.71 7.72
CA ASN H 273 -20.67 28.68 8.17
C ASN H 273 -19.96 27.57 8.96
N THR H 274 -19.10 27.94 9.91
CA THR H 274 -18.61 26.95 10.86
C THR H 274 -19.69 26.56 11.86
N ILE H 275 -20.71 27.40 11.98
CA ILE H 275 -21.84 27.21 12.87
C ILE H 275 -23.08 27.39 11.99
N PRO H 276 -24.11 26.56 12.11
CA PRO H 276 -25.30 26.74 11.27
C PRO H 276 -25.95 28.09 11.55
N GLN H 277 -26.42 28.74 10.49
CA GLN H 277 -26.90 30.10 10.58
C GLN H 277 -28.33 30.31 10.10
N GLU H 278 -29.02 29.26 9.66
CA GLU H 278 -30.32 29.44 9.02
C GLU H 278 -31.33 30.10 9.96
N ASP H 279 -31.34 29.68 11.22
CA ASP H 279 -32.29 30.25 12.17
C ASP H 279 -32.01 31.73 12.42
N LYS H 280 -30.74 32.09 12.57
CA LYS H 280 -30.39 33.48 12.80
C LYS H 280 -30.70 34.35 11.59
N MET H 281 -30.49 33.83 10.38
CA MET H 281 -30.80 34.60 9.17
C MET H 281 -32.29 34.91 9.08
N LYS H 282 -33.14 34.06 9.65
CA LYS H 282 -34.57 34.33 9.64
C LYS H 282 -34.90 35.61 10.39
N HIS H 283 -34.26 35.82 11.54
CA HIS H 283 -34.55 36.97 12.38
C HIS H 283 -33.60 38.13 12.18
N CYS H 284 -32.61 38.01 11.30
CA CYS H 284 -31.65 39.09 11.10
C CYS H 284 -31.35 39.19 9.61
N SER H 285 -31.78 40.29 9.00
CA SER H 285 -31.65 40.43 7.55
C SER H 285 -30.21 40.61 7.11
N LYS H 286 -29.40 41.26 7.92
CA LYS H 286 -28.07 41.68 7.50
C LYS H 286 -26.98 40.65 7.76
N ILE H 287 -27.34 39.47 8.25
CA ILE H 287 -26.37 38.39 8.36
C ILE H 287 -26.17 37.75 6.99
N GLN H 288 -24.92 37.54 6.60
CA GLN H 288 -24.58 36.85 5.38
C GLN H 288 -23.56 35.76 5.69
N VAL H 289 -23.52 34.72 4.87
CA VAL H 289 -22.65 33.54 5.18
C VAL H 289 -21.58 33.30 4.12
N ILE H 290 -20.32 33.08 4.53
CA ILE H 290 -19.26 32.69 3.55
C ILE H 290 -19.02 31.19 3.71
N ASP H 291 -19.20 30.42 2.63
CA ASP H 291 -18.97 28.99 2.68
C ASP H 291 -17.49 28.72 2.85
N ILE H 292 -17.12 27.94 3.85
CA ILE H 292 -15.75 27.46 4.01
C ILE H 292 -15.68 25.95 3.89
N SER H 293 -16.74 25.31 3.41
CA SER H 293 -16.73 23.86 3.24
C SER H 293 -15.69 23.40 2.23
N MET H 294 -15.34 24.25 1.26
CA MET H 294 -14.28 23.86 0.33
C MET H 294 -12.94 23.77 1.03
N ILE H 295 -12.65 24.70 1.95
CA ILE H 295 -11.39 24.64 2.69
C ILE H 295 -11.34 23.39 3.55
N LEU H 296 -12.43 23.09 4.25
CA LEU H 296 -12.46 21.91 5.11
C LEU H 296 -12.34 20.62 4.30
N ALA H 297 -13.06 20.56 3.18
CA ALA H 297 -13.00 19.38 2.32
C ALA H 297 -11.59 19.19 1.76
N GLU H 298 -10.96 20.27 1.31
CA GLU H 298 -9.61 20.17 0.78
C GLU H 298 -8.62 19.77 1.88
N ALA H 299 -8.82 20.28 3.10
CA ALA H 299 -7.94 19.87 4.19
C ALA H 299 -8.10 18.39 4.49
N ILE H 300 -9.33 17.89 4.50
CA ILE H 300 -9.56 16.47 4.75
C ILE H 300 -8.87 15.65 3.66
N ARG H 301 -9.07 16.04 2.41
CA ARG H 301 -8.55 15.28 1.29
C ARG H 301 -7.02 15.32 1.26
N ARG H 302 -6.42 16.45 1.66
CA ARG H 302 -4.97 16.55 1.68
C ARG H 302 -4.36 15.79 2.84
N THR H 303 -5.00 15.79 4.01
CA THR H 303 -4.50 14.95 5.10
C THR H 303 -4.61 13.48 4.73
N HIS H 304 -5.69 13.10 4.04
CA HIS H 304 -5.82 11.70 3.64
C HIS H 304 -4.76 11.31 2.61
N ASN H 305 -4.50 12.16 1.63
CA ASN H 305 -3.58 11.81 0.56
C ASN H 305 -2.14 12.17 0.87
N GLY H 306 -1.86 12.74 2.05
CA GLY H 306 -0.51 13.15 2.36
C GLY H 306 -0.01 14.34 1.58
N GLU H 307 -0.91 15.17 1.06
CA GLU H 307 -0.47 16.41 0.43
C GLU H 307 -0.36 17.53 1.46
N SER H 308 0.21 18.65 1.03
CA SER H 308 0.42 19.77 1.93
C SER H 308 -0.89 20.43 2.31
N VAL H 309 -1.13 20.59 3.60
CA VAL H 309 -2.31 21.31 4.08
C VAL H 309 -2.04 22.81 4.12
N SER H 310 -0.82 23.20 4.49
CA SER H 310 -0.49 24.61 4.65
C SER H 310 -0.60 25.37 3.34
N TYR H 311 -0.64 24.66 2.22
CA TYR H 311 -0.92 25.25 0.92
C TYR H 311 -2.22 26.04 0.96
N LEU H 312 -3.17 25.59 1.78
CA LEU H 312 -4.47 26.23 1.91
C LEU H 312 -4.42 27.53 2.71
N PHE H 313 -3.32 27.83 3.41
CA PHE H 313 -3.26 29.06 4.19
C PHE H 313 -3.36 30.28 3.29
N SER H 314 -2.98 30.16 2.02
CA SER H 314 -2.95 31.28 1.11
C SER H 314 -3.70 31.06 -0.19
N HIS H 315 -4.28 29.87 -0.42
CA HIS H 315 -4.88 29.54 -1.70
C HIS H 315 -6.33 29.10 -1.50
N VAL H 316 -7.24 29.73 -2.22
CA VAL H 316 -8.64 29.28 -2.23
C VAL H 316 -8.77 28.11 -3.22
N PRO H 317 -9.24 26.94 -2.78
CA PRO H 317 -9.39 25.79 -3.67
C PRO H 317 -10.73 25.78 -4.40
N PRO I 2 -4.33 19.44 55.90
CA PRO I 2 -5.33 19.31 54.82
C PRO I 2 -6.74 19.10 55.36
N ASN I 3 -7.61 20.05 55.06
CA ASN I 3 -8.98 20.04 55.54
C ASN I 3 -9.95 19.60 54.46
N ILE I 4 -11.15 19.21 54.88
CA ILE I 4 -12.19 18.85 53.94
C ILE I 4 -12.81 20.10 53.36
N LYS I 5 -12.92 20.14 52.04
CA LYS I 5 -13.68 21.17 51.34
C LYS I 5 -14.73 20.46 50.49
N ILE I 6 -16.00 20.80 50.71
CA ILE I 6 -17.10 20.20 49.98
C ILE I 6 -17.61 21.25 48.99
N PHE I 7 -17.64 20.89 47.72
CA PHE I 7 -18.17 21.77 46.68
C PHE I 7 -19.37 21.10 46.02
N SER I 8 -20.37 21.89 45.69
CA SER I 8 -21.57 21.40 45.06
C SER I 8 -21.60 21.78 43.59
N GLY I 9 -21.88 20.81 42.74
CA GLY I 9 -22.33 21.12 41.41
C GLY I 9 -23.79 21.53 41.43
N SER I 10 -24.27 21.97 40.27
CA SER I 10 -25.64 22.44 40.20
C SER I 10 -26.67 21.32 40.16
N SER I 11 -26.25 20.07 39.97
CA SER I 11 -27.21 18.98 39.79
C SER I 11 -28.03 18.74 41.05
N HIS I 12 -27.37 18.55 42.19
CA HIS I 12 -28.08 18.14 43.41
C HIS I 12 -27.54 18.97 44.58
N GLN I 13 -28.09 20.18 44.74
CA GLN I 13 -27.57 21.08 45.76
C GLN I 13 -28.10 20.74 47.15
N ASP I 14 -29.31 20.20 47.23
CA ASP I 14 -29.86 19.80 48.52
C ASP I 14 -29.04 18.67 49.14
N LEU I 15 -28.65 17.69 48.32
CA LEU I 15 -27.81 16.60 48.84
C LEU I 15 -26.46 17.11 49.31
N SER I 16 -25.85 18.02 48.55
CA SER I 16 -24.58 18.58 48.96
C SER I 16 -24.70 19.33 50.28
N GLN I 17 -25.79 20.08 50.44
CA GLN I 17 -26.01 20.79 51.69
C GLN I 17 -26.19 19.82 52.86
N LYS I 18 -26.97 18.76 52.65
CA LYS I 18 -27.15 17.77 53.72
C LYS I 18 -25.82 17.14 54.12
N ILE I 19 -24.99 16.80 53.12
CA ILE I 19 -23.69 16.22 53.41
C ILE I 19 -22.82 17.22 54.18
N ALA I 20 -22.84 18.49 53.76
CA ALA I 20 -22.04 19.51 54.42
C ALA I 20 -22.47 19.70 55.87
N ASP I 21 -23.78 19.72 56.13
CA ASP I 21 -24.25 19.81 57.51
C ASP I 21 -23.82 18.61 58.34
N ARG I 22 -23.92 17.41 57.78
CA ARG I 22 -23.49 16.24 58.54
C ARG I 22 -21.99 16.28 58.81
N LEU I 23 -21.21 16.90 57.93
CA LEU I 23 -19.79 17.04 58.18
C LEU I 23 -19.46 18.23 59.08
N GLY I 24 -20.44 19.06 59.42
CA GLY I 24 -20.17 20.25 60.19
C GLY I 24 -19.44 21.33 59.42
N LEU I 25 -19.63 21.39 58.11
CA LEU I 25 -18.92 22.31 57.25
C LEU I 25 -19.90 23.16 56.45
N GLU I 26 -19.40 24.28 55.95
CA GLU I 26 -20.14 25.05 54.96
C GLU I 26 -19.68 24.67 53.56
N LEU I 27 -20.69 24.52 52.68
CA LEU I 27 -20.42 24.09 51.29
C LEU I 27 -19.37 25.02 50.69
N GLY I 28 -18.37 24.46 49.99
CA GLY I 28 -17.35 25.37 49.52
C GLY I 28 -17.92 26.40 48.56
N LYS I 29 -17.36 27.60 48.60
CA LYS I 29 -17.82 28.66 47.72
C LYS I 29 -17.38 28.37 46.29
N VAL I 30 -18.35 28.16 45.42
CA VAL I 30 -18.10 27.97 43.99
C VAL I 30 -19.24 28.58 43.21
N VAL I 31 -18.90 29.22 42.09
CA VAL I 31 -19.88 29.71 41.14
C VAL I 31 -19.90 28.76 39.95
N THR I 32 -21.07 28.17 39.72
CA THR I 32 -21.23 27.17 38.63
C THR I 32 -22.48 27.54 37.83
N LYS I 33 -22.30 28.23 36.70
CA LYS I 33 -23.40 28.70 35.88
C LYS I 33 -23.04 28.46 34.42
N LYS I 34 -23.81 29.05 33.51
CA LYS I 34 -23.52 28.96 32.10
C LYS I 34 -23.33 30.35 31.51
N PHE I 35 -22.32 30.50 30.67
CA PHE I 35 -22.21 31.67 29.84
C PHE I 35 -23.39 31.73 28.87
N SER I 36 -23.51 32.87 28.18
CA SER I 36 -24.62 33.05 27.25
C SER I 36 -24.64 31.98 26.16
N ASN I 37 -23.48 31.65 25.61
CA ASN I 37 -23.38 30.63 24.57
C ASN I 37 -23.42 29.20 25.13
N GLN I 38 -23.79 29.04 26.40
CA GLN I 38 -24.02 27.78 27.09
C GLN I 38 -22.75 27.03 27.44
N GLU I 39 -21.59 27.70 27.43
CA GLU I 39 -20.40 27.10 27.97
C GLU I 39 -20.43 27.17 29.49
N THR I 40 -19.97 26.08 30.13
CA THR I 40 -20.01 26.00 31.61
C THR I 40 -18.97 26.93 32.23
N CYS I 41 -19.41 27.86 33.06
CA CYS I 41 -18.53 28.78 33.75
C CYS I 41 -18.38 28.32 35.20
N VAL I 42 -17.14 28.13 35.63
CA VAL I 42 -16.83 27.67 36.98
C VAL I 42 -15.80 28.61 37.58
N GLU I 43 -16.04 29.06 38.80
CA GLU I 43 -15.08 29.86 39.55
C GLU I 43 -15.04 29.36 40.99
N ILE I 44 -13.89 28.88 41.43
CA ILE I 44 -13.73 28.44 42.81
C ILE I 44 -13.54 29.69 43.67
N GLY I 45 -14.47 29.92 44.58
CA GLY I 45 -14.53 31.12 45.38
C GLY I 45 -13.69 31.12 46.64
N GLU I 46 -12.91 30.07 46.86
CA GLU I 46 -12.03 29.99 48.02
C GLU I 46 -10.81 29.18 47.64
N SER I 47 -9.74 29.38 48.40
CA SER I 47 -8.52 28.62 48.16
C SER I 47 -8.74 27.16 48.55
N VAL I 48 -8.34 26.25 47.67
CA VAL I 48 -8.36 24.82 47.95
C VAL I 48 -6.95 24.26 48.02
N ARG I 49 -5.94 25.08 48.31
CA ARG I 49 -4.51 24.59 48.33
C ARG I 49 -4.28 23.59 49.47
N GLY I 50 -3.66 22.45 49.13
CA GLY I 50 -3.35 21.44 50.15
C GLY I 50 -4.60 21.02 50.89
N GLU I 51 -5.76 21.10 50.23
CA GLU I 51 -6.96 20.61 50.91
C GLU I 51 -7.42 19.30 50.29
N ASP I 52 -8.25 18.59 51.05
CA ASP I 52 -8.90 17.37 50.59
C ASP I 52 -10.28 17.77 50.06
N VAL I 53 -10.42 17.82 48.74
CA VAL I 53 -11.59 18.40 48.08
C VAL I 53 -12.54 17.28 47.67
N TYR I 54 -13.82 17.46 48.00
CA TYR I 54 -14.86 16.53 47.57
C TYR I 54 -15.89 17.31 46.78
N ILE I 55 -16.13 16.89 45.54
CA ILE I 55 -17.07 17.55 44.66
C ILE I 55 -18.26 16.61 44.46
N VAL I 56 -19.45 17.07 44.86
CA VAL I 56 -20.66 16.26 44.82
C VAL I 56 -21.44 16.63 43.56
N GLN I 57 -21.69 15.63 42.71
CA GLN I 57 -22.40 15.82 41.46
C GLN I 57 -22.95 14.47 41.02
N SER I 58 -24.25 14.37 40.83
CA SER I 58 -24.85 13.12 40.41
C SER I 58 -25.15 13.14 38.92
N GLY I 59 -25.23 11.95 38.33
CA GLY I 59 -25.58 11.80 36.93
C GLY I 59 -27.07 11.84 36.73
N CYS I 60 -27.65 13.04 36.81
CA CYS I 60 -29.08 13.22 36.77
C CYS I 60 -29.40 14.52 36.04
N GLY I 61 -30.67 14.70 35.72
CA GLY I 61 -31.10 15.90 35.03
C GLY I 61 -30.43 16.02 33.68
N GLU I 62 -29.89 17.19 33.39
CA GLU I 62 -29.12 17.43 32.16
C GLU I 62 -27.75 16.78 32.32
N ILE I 63 -27.66 15.52 31.90
CA ILE I 63 -26.55 14.67 32.30
C ILE I 63 -25.23 15.17 31.72
N ASN I 64 -25.23 15.54 30.44
CA ASN I 64 -23.97 15.97 29.84
C ASN I 64 -23.50 17.29 30.40
N ASP I 65 -24.42 18.21 30.68
CA ASP I 65 -24.07 19.47 31.33
C ASP I 65 -23.48 19.22 32.72
N ASN I 66 -24.11 18.35 33.51
CA ASN I 66 -23.62 18.07 34.85
C ASN I 66 -22.26 17.38 34.81
N LEU I 67 -22.08 16.46 33.87
CA LEU I 67 -20.80 15.76 33.76
C LEU I 67 -19.69 16.73 33.37
N MET I 68 -19.96 17.63 32.42
CA MET I 68 -18.96 18.62 32.06
C MET I 68 -18.67 19.56 33.21
N GLU I 69 -19.71 19.98 33.94
CA GLU I 69 -19.50 20.78 35.15
C GLU I 69 -18.57 20.08 36.13
N LEU I 70 -18.81 18.79 36.36
CA LEU I 70 -17.98 18.04 37.29
C LEU I 70 -16.54 17.98 36.81
N LEU I 71 -16.34 17.69 35.53
CA LEU I 71 -14.97 17.60 35.00
C LEU I 71 -14.26 18.95 35.10
N ILE I 72 -14.97 20.03 34.78
CA ILE I 72 -14.37 21.36 34.85
C ILE I 72 -14.03 21.73 36.28
N MET I 73 -14.91 21.41 37.23
CA MET I 73 -14.63 21.70 38.64
C MET I 73 -13.44 20.89 39.15
N ILE I 74 -13.36 19.62 38.76
CA ILE I 74 -12.21 18.80 39.13
C ILE I 74 -10.93 19.41 38.60
N ASN I 75 -10.95 19.83 37.33
CA ASN I 75 -9.77 20.43 36.73
C ASN I 75 -9.37 21.71 37.45
N ALA I 76 -10.36 22.55 37.77
CA ALA I 76 -10.08 23.81 38.44
C ALA I 76 -9.45 23.57 39.80
N CYS I 77 -9.97 22.60 40.56
CA CYS I 77 -9.40 22.30 41.86
C CYS I 77 -8.01 21.69 41.74
N LYS I 78 -7.79 20.86 40.71
CA LYS I 78 -6.50 20.19 40.57
C LYS I 78 -5.41 21.19 40.18
N ILE I 79 -5.69 22.10 39.24
CA ILE I 79 -4.66 23.08 38.91
C ILE I 79 -4.59 24.21 39.94
N ALA I 80 -5.52 24.26 40.89
CA ALA I 80 -5.42 25.15 42.03
C ALA I 80 -4.65 24.52 43.19
N SER I 81 -3.99 23.38 42.95
CA SER I 81 -3.06 22.77 43.91
C SER I 81 -3.78 22.18 45.11
N ALA I 82 -4.96 21.61 44.91
CA ALA I 82 -5.58 20.81 45.94
C ALA I 82 -4.75 19.57 46.20
N SER I 83 -4.63 19.18 47.46
CA SER I 83 -3.82 18.01 47.78
C SER I 83 -4.45 16.75 47.21
N ARG I 84 -5.77 16.65 47.23
CA ARG I 84 -6.47 15.48 46.73
C ARG I 84 -7.86 15.92 46.30
N VAL I 85 -8.33 15.37 45.18
CA VAL I 85 -9.65 15.70 44.64
C VAL I 85 -10.44 14.40 44.52
N THR I 86 -11.62 14.38 45.12
CA THR I 86 -12.49 13.21 45.08
C THR I 86 -13.82 13.60 44.43
N ALA I 87 -14.27 12.78 43.51
CA ALA I 87 -15.58 12.95 42.90
C ALA I 87 -16.59 12.09 43.63
N VAL I 88 -17.60 12.73 44.21
CA VAL I 88 -18.68 12.05 44.90
C VAL I 88 -19.85 12.04 43.92
N ILE I 89 -20.08 10.89 43.29
CA ILE I 89 -21.05 10.79 42.20
C ILE I 89 -22.11 9.78 42.62
N PRO I 90 -23.17 10.21 43.32
CA PRO I 90 -24.13 9.24 43.85
C PRO I 90 -24.75 8.34 42.79
N CYS I 91 -25.10 8.88 41.64
CA CYS I 91 -25.58 8.09 40.51
C CYS I 91 -24.61 8.28 39.36
N PHE I 92 -23.94 7.21 38.97
CA PHE I 92 -22.86 7.30 37.99
C PHE I 92 -23.42 7.42 36.59
N PRO I 93 -23.08 8.46 35.84
CA PRO I 93 -23.63 8.63 34.49
C PRO I 93 -23.04 7.62 33.51
N TYR I 94 -23.87 7.25 32.53
CA TYR I 94 -23.53 6.29 31.48
C TYR I 94 -23.19 4.92 32.03
N ALA I 95 -23.62 4.61 33.26
CA ALA I 95 -23.28 3.34 33.87
C ALA I 95 -23.89 2.16 33.10
N ARG I 96 -25.03 2.36 32.46
CA ARG I 96 -25.67 1.29 31.72
C ARG I 96 -25.00 1.00 30.39
N GLN I 97 -24.09 1.88 29.95
CA GLN I 97 -23.29 1.63 28.72
C GLN I 97 -21.94 1.07 29.15
N ASP I 98 -21.95 -0.10 29.80
CA ASP I 98 -20.75 -0.71 30.35
C ASP I 98 -20.17 -1.81 29.48
N LYS I 99 -20.71 -2.03 28.28
CA LYS I 99 -20.24 -3.08 27.39
C LYS I 99 -20.78 -2.85 25.99
N LYS I 100 -20.20 -3.57 25.03
CA LYS I 100 -20.59 -3.45 23.63
C LYS I 100 -21.65 -4.48 23.24
N ASP I 101 -21.37 -5.76 23.48
CA ASP I 101 -22.34 -6.83 23.28
C ASP I 101 -22.87 -6.94 21.86
N LYS I 102 -22.00 -7.29 20.91
CA LYS I 102 -22.38 -7.56 19.53
C LYS I 102 -22.92 -6.32 18.82
N SER I 103 -22.46 -5.16 19.27
CA SER I 103 -22.89 -3.92 18.66
C SER I 103 -21.68 -3.02 18.48
N ARG I 104 -21.67 -2.24 17.41
CA ARG I 104 -20.61 -1.24 17.21
C ARG I 104 -20.98 0.01 18.01
N ALA I 105 -20.92 -0.16 19.31
CA ALA I 105 -21.32 0.83 20.28
C ALA I 105 -20.13 1.29 21.09
N PRO I 106 -20.20 2.48 21.69
CA PRO I 106 -19.15 2.88 22.63
C PRO I 106 -19.33 2.16 23.95
N ILE I 107 -18.24 2.06 24.71
CA ILE I 107 -18.34 1.74 26.14
C ILE I 107 -18.27 3.09 26.86
N SER I 108 -19.43 3.73 26.99
CA SER I 108 -19.48 5.10 27.46
C SER I 108 -19.05 5.22 28.92
N ALA I 109 -19.35 4.20 29.73
CA ALA I 109 -18.92 4.22 31.12
C ALA I 109 -17.40 4.27 31.23
N LYS I 110 -16.71 3.51 30.39
CA LYS I 110 -15.25 3.56 30.39
C LYS I 110 -14.75 4.92 29.94
N LEU I 111 -15.41 5.52 28.94
CA LEU I 111 -15.02 6.86 28.50
C LEU I 111 -15.18 7.86 29.63
N VAL I 112 -16.29 7.78 30.38
CA VAL I 112 -16.51 8.68 31.50
C VAL I 112 -15.43 8.48 32.56
N ALA I 113 -15.09 7.22 32.84
CA ALA I 113 -14.03 6.95 33.81
C ALA I 113 -12.70 7.55 33.36
N ASN I 114 -12.37 7.39 32.09
CA ASN I 114 -11.14 7.97 31.55
C ASN I 114 -11.15 9.49 31.65
N MET I 115 -12.29 10.11 31.35
CA MET I 115 -12.39 11.56 31.43
C MET I 115 -12.24 12.04 32.86
N LEU I 116 -12.83 11.33 33.82
CA LEU I 116 -12.67 11.70 35.23
C LEU I 116 -11.22 11.58 35.66
N SER I 117 -10.54 10.52 35.22
CA SER I 117 -9.13 10.36 35.57
C SER I 117 -8.27 11.46 34.95
N VAL I 118 -8.54 11.81 33.70
CA VAL I 118 -7.70 12.80 33.02
C VAL I 118 -8.00 14.20 33.52
N ALA I 119 -9.20 14.44 34.03
CA ALA I 119 -9.50 15.73 34.64
C ALA I 119 -8.72 15.91 35.94
N GLY I 120 -8.35 14.82 36.59
CA GLY I 120 -7.50 14.90 37.76
C GLY I 120 -8.10 14.30 39.02
N ALA I 121 -9.16 13.51 38.88
CA ALA I 121 -9.74 12.87 40.06
C ALA I 121 -8.77 11.83 40.61
N ASP I 122 -8.59 11.88 41.92
CA ASP I 122 -7.76 10.90 42.61
C ASP I 122 -8.56 9.75 43.21
N HIS I 123 -9.88 9.94 43.35
CA HIS I 123 -10.71 9.01 44.08
C HIS I 123 -12.16 9.23 43.67
N ILE I 124 -12.93 8.15 43.64
CA ILE I 124 -14.34 8.18 43.30
C ILE I 124 -15.14 7.56 44.42
N ILE I 125 -16.19 8.25 44.86
CA ILE I 125 -17.19 7.70 45.76
C ILE I 125 -18.52 7.69 45.02
N THR I 126 -19.15 6.53 44.95
CA THR I 126 -20.42 6.38 44.26
C THR I 126 -21.28 5.38 45.03
N MET I 127 -22.54 5.28 44.63
CA MET I 127 -23.51 4.40 45.29
C MET I 127 -24.18 3.49 44.27
N ASP I 128 -24.14 2.19 44.54
CA ASP I 128 -24.81 1.16 43.74
C ASP I 128 -24.56 1.36 42.24
N LEU I 129 -23.30 1.15 41.87
CA LEU I 129 -22.95 1.11 40.45
C LEU I 129 -23.80 0.08 39.73
N HIS I 130 -24.25 0.43 38.53
CA HIS I 130 -25.09 -0.48 37.75
C HIS I 130 -24.43 -1.84 37.59
N ALA I 131 -23.14 -1.86 37.27
CA ALA I 131 -22.32 -3.06 37.29
C ALA I 131 -21.05 -2.75 38.05
N SER I 132 -20.70 -3.61 39.01
CA SER I 132 -19.52 -3.35 39.82
C SER I 132 -18.24 -3.48 39.02
N GLN I 133 -18.30 -4.10 37.84
CA GLN I 133 -17.16 -4.10 36.93
C GLN I 133 -16.73 -2.70 36.54
N ILE I 134 -17.61 -1.70 36.67
CA ILE I 134 -17.24 -0.33 36.37
C ILE I 134 -16.08 0.12 37.27
N GLN I 135 -15.96 -0.49 38.45
CA GLN I 135 -14.80 -0.21 39.30
C GLN I 135 -13.50 -0.49 38.57
N GLY I 136 -13.46 -1.54 37.76
CA GLY I 136 -12.28 -1.85 36.98
C GLY I 136 -12.02 -0.92 35.82
N PHE I 137 -13.00 -0.09 35.45
CA PHE I 137 -12.77 0.90 34.43
C PHE I 137 -11.82 2.00 34.89
N PHE I 138 -11.58 2.10 36.20
CA PHE I 138 -10.69 3.10 36.75
C PHE I 138 -9.35 2.49 37.12
N ASP I 139 -8.33 3.35 37.19
CA ASP I 139 -7.10 2.98 37.86
C ASP I 139 -6.96 3.61 39.24
N ILE I 140 -7.75 4.64 39.54
CA ILE I 140 -7.82 5.24 40.87
C ILE I 140 -8.77 4.42 41.74
N PRO I 141 -8.66 4.48 43.06
CA PRO I 141 -9.62 3.75 43.91
C PRO I 141 -11.04 4.25 43.72
N VAL I 142 -11.98 3.32 43.76
CA VAL I 142 -13.41 3.63 43.67
C VAL I 142 -14.09 2.96 44.86
N ASP I 143 -14.79 3.74 45.66
CA ASP I 143 -15.61 3.20 46.74
C ASP I 143 -17.06 3.20 46.28
N ASN I 144 -17.58 2.00 46.06
CA ASN I 144 -18.97 1.80 45.64
C ASN I 144 -19.80 1.47 46.87
N LEU I 145 -20.51 2.48 47.39
CA LEU I 145 -21.33 2.28 48.57
C LEU I 145 -22.63 1.57 48.20
N TYR I 146 -23.31 1.07 49.22
CA TYR I 146 -24.55 0.32 49.05
C TYR I 146 -25.66 0.99 49.84
N ALA I 147 -26.81 1.14 49.18
CA ALA I 147 -27.99 1.64 49.87
C ALA I 147 -28.69 0.57 50.70
N GLU I 148 -28.21 -0.68 50.63
CA GLU I 148 -28.89 -1.79 51.28
C GLU I 148 -29.11 -1.61 52.77
N PRO I 149 -28.11 -1.19 53.60
CA PRO I 149 -28.39 -0.89 55.02
C PRO I 149 -29.66 -0.04 55.14
N ALA I 150 -29.79 0.98 54.28
CA ALA I 150 -30.96 1.90 54.36
C ALA I 150 -32.22 1.25 53.77
N VAL I 151 -32.09 0.44 52.71
CA VAL I 151 -33.27 -0.23 52.18
C VAL I 151 -33.82 -1.22 53.19
N LEU I 152 -32.94 -2.00 53.83
CA LEU I 152 -33.36 -2.95 54.85
C LEU I 152 -34.01 -2.22 56.02
N LYS I 153 -33.43 -1.11 56.43
CA LYS I 153 -34.03 -0.31 57.49
C LYS I 153 -35.43 0.15 57.10
N TRP I 154 -35.58 0.67 55.87
CA TRP I 154 -36.89 1.13 55.43
C TRP I 154 -37.89 -0.01 55.41
N ILE I 155 -37.48 -1.18 54.91
CA ILE I 155 -38.39 -2.31 54.80
C ILE I 155 -38.88 -2.71 56.19
N ARG I 156 -37.96 -2.80 57.15
CA ARG I 156 -38.38 -3.21 58.49
C ARG I 156 -39.29 -2.18 59.14
N GLU I 157 -39.01 -0.88 58.97
CA GLU I 157 -39.83 0.11 59.65
C GLU I 157 -41.07 0.54 58.87
N ASN I 158 -41.28 0.06 57.65
CA ASN I 158 -42.43 0.51 56.88
C ASN I 158 -43.35 -0.60 56.40
N ILE I 159 -42.87 -1.82 56.27
CA ILE I 159 -43.69 -2.94 55.82
C ILE I 159 -43.91 -3.84 57.02
N SER I 160 -45.14 -3.85 57.53
CA SER I 160 -45.43 -4.59 58.76
C SER I 160 -45.29 -6.09 58.57
N GLU I 161 -45.53 -6.58 57.36
CA GLU I 161 -45.46 -8.01 57.06
C GLU I 161 -44.12 -8.43 56.49
N TRP I 162 -43.05 -7.70 56.81
CA TRP I 162 -41.79 -7.90 56.10
C TRP I 162 -41.19 -9.27 56.36
N ARG I 163 -41.56 -9.91 57.46
CA ARG I 163 -41.02 -11.24 57.76
C ARG I 163 -41.63 -12.31 56.86
N ASN I 164 -42.80 -12.05 56.28
CA ASN I 164 -43.44 -12.99 55.36
C ASN I 164 -43.43 -12.51 53.92
N CYS I 165 -42.63 -11.50 53.60
CA CYS I 165 -42.63 -10.93 52.26
C CYS I 165 -41.74 -11.75 51.33
N THR I 166 -41.86 -11.48 50.04
CA THR I 166 -41.00 -12.04 49.02
C THR I 166 -40.27 -10.92 48.30
N ILE I 167 -38.95 -11.00 48.27
CA ILE I 167 -38.13 -10.05 47.52
C ILE I 167 -38.03 -10.55 46.08
N VAL I 168 -38.36 -9.68 45.13
CA VAL I 168 -38.52 -10.08 43.73
C VAL I 168 -37.55 -9.28 42.88
N SER I 169 -36.83 -9.97 42.03
CA SER I 169 -36.04 -9.32 41.01
C SER I 169 -36.91 -9.07 39.77
N PRO I 170 -36.88 -7.87 39.20
CA PRO I 170 -37.62 -7.64 37.95
C PRO I 170 -37.06 -8.40 36.77
N ASP I 171 -35.79 -8.79 36.80
CA ASP I 171 -35.16 -9.48 35.68
C ASP I 171 -34.11 -10.44 36.24
N ALA I 172 -33.52 -11.23 35.35
CA ALA I 172 -32.48 -12.16 35.78
C ALA I 172 -31.22 -11.42 36.18
N GLY I 173 -31.01 -10.21 35.67
CA GLY I 173 -29.79 -9.49 35.95
C GLY I 173 -29.63 -9.07 37.38
N GLY I 174 -30.72 -8.65 38.02
CA GLY I 174 -30.65 -8.16 39.38
C GLY I 174 -30.77 -9.18 40.49
N ALA I 175 -30.87 -10.47 40.13
CA ALA I 175 -31.15 -11.51 41.11
C ALA I 175 -30.18 -11.46 42.28
N LYS I 176 -28.88 -11.34 41.98
CA LYS I 176 -27.88 -11.23 43.03
C LYS I 176 -28.32 -10.25 44.10
N ARG I 177 -28.63 -9.02 43.70
CA ARG I 177 -29.05 -8.00 44.65
C ARG I 177 -30.19 -8.49 45.52
N VAL I 178 -31.25 -9.02 44.90
CA VAL I 178 -32.40 -9.40 45.71
C VAL I 178 -32.02 -10.54 46.65
N THR I 179 -31.19 -11.47 46.18
CA THR I 179 -30.77 -12.55 47.06
C THR I 179 -30.07 -12.00 48.28
N SER I 180 -29.18 -11.03 48.07
CA SER I 180 -28.52 -10.40 49.21
C SER I 180 -29.56 -9.89 50.20
N ILE I 181 -30.55 -9.14 49.70
CA ILE I 181 -31.58 -8.62 50.59
C ILE I 181 -32.35 -9.76 51.23
N ALA I 182 -32.69 -10.77 50.44
CA ALA I 182 -33.43 -11.90 50.97
C ALA I 182 -32.62 -12.60 52.06
N ASP I 183 -31.30 -12.61 51.93
CA ASP I 183 -30.48 -13.21 52.96
C ASP I 183 -30.49 -12.39 54.24
N ARG I 184 -30.51 -11.07 54.12
CA ARG I 184 -30.42 -10.22 55.29
C ARG I 184 -31.75 -10.12 56.04
N LEU I 185 -32.86 -10.42 55.38
CA LEU I 185 -34.18 -10.38 56.00
C LEU I 185 -34.71 -11.75 56.36
N ASN I 186 -34.11 -12.83 55.85
CA ASN I 186 -34.61 -14.20 56.02
C ASN I 186 -36.04 -14.32 55.49
N VAL I 187 -36.17 -14.07 54.20
CA VAL I 187 -37.44 -14.16 53.47
C VAL I 187 -37.18 -14.85 52.15
N ASP I 188 -38.27 -15.17 51.46
CA ASP I 188 -38.17 -15.80 50.15
C ASP I 188 -37.77 -14.77 49.09
N PHE I 189 -37.19 -15.27 48.01
CA PHE I 189 -36.84 -14.43 46.87
C PHE I 189 -37.33 -15.08 45.60
N ALA I 190 -37.94 -14.27 44.74
CA ALA I 190 -38.51 -14.69 43.47
C ALA I 190 -37.83 -13.97 42.31
N LEU I 191 -37.84 -14.62 41.16
CA LEU I 191 -37.34 -14.04 39.93
C LEU I 191 -38.47 -13.92 38.92
N ILE I 192 -38.33 -12.94 38.03
CA ILE I 192 -39.27 -12.70 36.95
C ILE I 192 -38.45 -12.45 35.69
N HIS I 193 -38.77 -13.18 34.62
CA HIS I 193 -38.06 -12.96 33.32
C HIS I 193 -39.07 -13.02 32.18
N LYS I 194 -38.87 -12.26 31.11
CA LYS I 194 -39.74 -12.29 29.95
C LYS I 194 -39.28 -13.37 28.98
N GLU I 195 -40.27 -14.01 28.35
CA GLU I 195 -40.01 -15.11 27.42
C GLU I 195 -39.75 -14.58 26.01
N ASP I 203 -43.50 -10.87 25.18
CA ASP I 203 -44.23 -9.86 25.94
C ASP I 203 -44.77 -10.45 27.24
N ARG I 204 -44.67 -11.76 27.38
CA ARG I 204 -45.10 -12.44 28.59
C ARG I 204 -43.94 -12.57 29.57
N MET I 205 -44.27 -12.59 30.85
CA MET I 205 -43.30 -12.76 31.93
C MET I 205 -43.62 -14.04 32.69
N VAL I 206 -42.56 -14.71 33.15
CA VAL I 206 -42.68 -15.92 33.96
C VAL I 206 -42.05 -15.64 35.31
N LEU I 207 -42.74 -16.07 36.36
CA LEU I 207 -42.40 -15.85 37.76
C LEU I 207 -42.16 -17.18 38.46
N VAL I 208 -41.05 -17.25 39.18
CA VAL I 208 -40.73 -18.44 39.96
C VAL I 208 -40.75 -18.03 41.43
N GLY I 209 -41.46 -18.79 42.25
CA GLY I 209 -41.56 -18.47 43.66
C GLY I 209 -42.97 -18.11 44.08
N ASP I 210 -43.44 -18.70 45.17
CA ASP I 210 -44.78 -18.43 45.65
C ASP I 210 -44.88 -16.98 46.16
N VAL I 211 -45.89 -16.27 45.66
CA VAL I 211 -46.14 -14.90 46.08
C VAL I 211 -47.58 -14.69 46.53
N LYS I 212 -48.40 -15.73 46.54
CA LYS I 212 -49.80 -15.57 46.90
C LYS I 212 -49.95 -15.22 48.38
N ASP I 213 -50.83 -14.28 48.67
CA ASP I 213 -51.17 -13.81 50.01
C ASP I 213 -49.97 -13.20 50.74
N ARG I 214 -48.89 -12.91 50.01
CA ARG I 214 -47.67 -12.36 50.60
C ARG I 214 -47.37 -11.02 49.95
N VAL I 215 -46.75 -10.13 50.73
CA VAL I 215 -46.30 -8.85 50.19
C VAL I 215 -45.07 -9.09 49.34
N ALA I 216 -45.06 -8.52 48.14
CA ALA I 216 -43.91 -8.64 47.24
C ALA I 216 -43.19 -7.31 47.18
N ILE I 217 -41.86 -7.36 47.12
CA ILE I 217 -41.02 -6.18 47.09
C ILE I 217 -40.07 -6.33 45.91
N LEU I 218 -40.37 -5.66 44.79
CA LEU I 218 -39.42 -5.58 43.69
C LEU I 218 -38.23 -4.73 44.13
N VAL I 219 -37.03 -5.17 43.79
CA VAL I 219 -35.83 -4.42 44.16
C VAL I 219 -34.97 -4.19 42.92
N ASP I 220 -34.44 -2.98 42.78
CA ASP I 220 -33.61 -2.67 41.62
C ASP I 220 -32.70 -1.47 41.86
N ASP I 221 -31.70 -1.37 40.99
CA ASP I 221 -30.76 -0.26 41.06
C ASP I 221 -31.37 1.03 40.54
N MET I 222 -32.13 0.93 39.45
CA MET I 222 -32.63 2.19 38.83
C MET I 222 -33.95 2.04 38.07
N ALA I 223 -34.81 3.05 38.18
CA ALA I 223 -36.05 3.09 37.43
C ALA I 223 -35.97 4.29 36.49
N ASP I 224 -35.78 4.03 35.21
CA ASP I 224 -35.73 5.12 34.23
C ASP I 224 -37.09 5.39 33.62
N THR I 225 -37.61 4.45 32.84
CA THR I 225 -38.92 4.59 32.26
C THR I 225 -39.96 3.76 32.98
N CYS I 226 -39.52 2.88 33.87
CA CYS I 226 -40.35 2.06 34.74
C CYS I 226 -41.20 1.06 33.98
N GLY I 227 -40.87 0.78 32.72
CA GLY I 227 -41.56 -0.31 32.03
C GLY I 227 -41.30 -1.65 32.69
N THR I 228 -40.04 -1.88 33.05
CA THR I 228 -39.66 -3.15 33.67
C THR I 228 -40.44 -3.39 34.96
N ILE I 229 -40.40 -2.43 35.89
CA ILE I 229 -41.03 -2.65 37.18
C ILE I 229 -42.54 -2.66 37.05
N CYS I 230 -43.11 -1.89 36.12
CA CYS I 230 -44.56 -1.90 35.96
C CYS I 230 -45.05 -3.24 35.40
N HIS I 231 -44.33 -3.80 34.42
CA HIS I 231 -44.68 -5.12 33.93
C HIS I 231 -44.52 -6.17 35.02
N ALA I 232 -43.44 -6.08 35.79
CA ALA I 232 -43.23 -7.02 36.89
C ALA I 232 -44.35 -6.92 37.92
N ALA I 233 -44.78 -5.70 38.24
CA ALA I 233 -45.85 -5.53 39.22
C ALA I 233 -47.17 -6.08 38.71
N ASP I 234 -47.47 -5.88 37.42
CA ASP I 234 -48.66 -6.49 36.84
C ASP I 234 -48.62 -8.00 36.98
N LYS I 235 -47.46 -8.60 36.67
CA LYS I 235 -47.34 -10.05 36.82
C LYS I 235 -47.49 -10.49 38.26
N LEU I 236 -46.93 -9.73 39.21
CA LEU I 236 -47.03 -10.09 40.61
C LEU I 236 -48.48 -10.05 41.08
N LEU I 237 -49.24 -9.04 40.66
CA LEU I 237 -50.65 -9.02 41.01
C LEU I 237 -51.41 -10.16 40.33
N SER I 238 -51.00 -10.54 39.12
CA SER I 238 -51.61 -11.69 38.47
C SER I 238 -51.41 -12.96 39.29
N ALA I 239 -50.23 -13.11 39.91
CA ALA I 239 -49.91 -14.30 40.68
C ALA I 239 -50.37 -14.23 42.13
N GLY I 240 -51.36 -13.39 42.44
CA GLY I 240 -52.00 -13.46 43.74
C GLY I 240 -51.31 -12.73 44.87
N ALA I 241 -50.36 -11.85 44.55
CA ALA I 241 -49.70 -11.07 45.60
C ALA I 241 -50.69 -10.12 46.25
N THR I 242 -50.44 -9.83 47.53
CA THR I 242 -51.35 -8.96 48.27
C THR I 242 -51.07 -7.49 47.96
N ARG I 243 -49.84 -7.04 48.21
CA ARG I 243 -49.40 -5.72 47.82
C ARG I 243 -48.03 -5.85 47.17
N VAL I 244 -47.74 -4.94 46.24
CA VAL I 244 -46.47 -4.91 45.56
C VAL I 244 -45.80 -3.57 45.83
N TYR I 245 -44.57 -3.62 46.33
CA TYR I 245 -43.70 -2.47 46.52
C TYR I 245 -42.61 -2.51 45.48
N ALA I 246 -42.02 -1.36 45.20
CA ALA I 246 -40.82 -1.27 44.38
C ALA I 246 -39.82 -0.41 45.13
N ILE I 247 -38.59 -0.90 45.26
CA ILE I 247 -37.52 -0.16 45.93
C ILE I 247 -36.33 -0.09 44.99
N LEU I 248 -35.93 1.13 44.66
CA LEU I 248 -34.85 1.39 43.73
C LEU I 248 -33.87 2.38 44.35
N THR I 249 -32.59 2.15 44.10
CA THR I 249 -31.63 3.12 44.64
C THR I 249 -31.61 4.40 43.81
N HIS I 250 -31.82 4.32 42.50
CA HIS I 250 -31.78 5.51 41.65
C HIS I 250 -33.14 5.74 40.98
N GLY I 251 -33.84 6.78 41.39
CA GLY I 251 -35.09 7.17 40.79
C GLY I 251 -34.98 8.17 39.66
N ILE I 252 -34.57 7.73 38.47
CA ILE I 252 -34.39 8.66 37.36
C ILE I 252 -35.74 9.17 36.87
N PHE I 253 -36.70 8.25 36.64
CA PHE I 253 -38.09 8.59 36.32
C PHE I 253 -38.20 9.48 35.08
N SER I 254 -37.52 9.11 34.02
CA SER I 254 -37.59 9.90 32.81
C SER I 254 -38.71 9.39 31.90
N GLY I 255 -39.06 10.21 30.91
CA GLY I 255 -40.07 9.86 29.95
C GLY I 255 -41.44 9.65 30.55
N PRO I 256 -42.07 8.51 30.25
CA PRO I 256 -43.42 8.23 30.75
C PRO I 256 -43.47 7.57 32.11
N ALA I 257 -42.37 7.59 32.88
CA ALA I 257 -42.33 6.81 34.11
C ALA I 257 -43.40 7.24 35.10
N ILE I 258 -43.63 8.54 35.23
CA ILE I 258 -44.58 9.01 36.24
C ILE I 258 -45.99 8.58 35.91
N SER I 259 -46.38 8.68 34.63
CA SER I 259 -47.71 8.23 34.24
C SER I 259 -47.88 6.73 34.46
N ARG I 260 -46.87 5.94 34.09
CA ARG I 260 -46.96 4.49 34.28
C ARG I 260 -47.07 4.12 35.75
N ILE I 261 -46.28 4.77 36.59
CA ILE I 261 -46.35 4.50 38.03
C ILE I 261 -47.72 4.89 38.57
N ASN I 262 -48.24 6.05 38.14
CA ASN I 262 -49.56 6.47 38.56
C ASN I 262 -50.63 5.46 38.15
N ASN I 263 -50.47 4.84 36.98
CA ASN I 263 -51.42 3.83 36.53
C ASN I 263 -51.08 2.43 37.03
N ALA I 264 -49.98 2.27 37.76
CA ALA I 264 -49.60 0.94 38.24
C ALA I 264 -50.20 0.66 39.60
N CYS I 265 -50.02 -0.57 40.07
CA CYS I 265 -50.63 -1.07 41.28
C CYS I 265 -49.72 -0.95 42.51
N PHE I 266 -48.57 -0.30 42.37
CA PHE I 266 -47.64 -0.21 43.48
C PHE I 266 -48.29 0.42 44.70
N GLU I 267 -48.05 -0.16 45.87
CA GLU I 267 -48.38 0.51 47.11
C GLU I 267 -47.48 1.72 47.31
N ALA I 268 -46.20 1.58 47.01
CA ALA I 268 -45.24 2.67 47.11
C ALA I 268 -44.09 2.39 46.15
N VAL I 269 -43.45 3.45 45.70
CA VAL I 269 -42.22 3.35 44.91
C VAL I 269 -41.16 4.11 45.72
N VAL I 270 -40.34 3.36 46.43
CA VAL I 270 -39.31 3.93 47.28
C VAL I 270 -38.03 4.04 46.48
N VAL I 271 -37.41 5.21 46.49
CA VAL I 271 -36.14 5.43 45.84
C VAL I 271 -35.23 6.16 46.81
N THR I 272 -33.92 5.99 46.62
CA THR I 272 -33.05 6.82 47.44
C THR I 272 -32.97 8.23 46.88
N ASN I 273 -32.38 9.14 47.65
CA ASN I 273 -32.16 10.48 47.13
C ASN I 273 -30.78 10.68 46.54
N THR I 274 -30.32 9.74 45.72
CA THR I 274 -29.11 10.00 44.92
C THR I 274 -29.41 10.98 43.80
N ILE I 275 -30.68 11.14 43.46
CA ILE I 275 -31.17 12.03 42.42
C ILE I 275 -32.26 12.85 43.08
N PRO I 276 -32.33 14.17 42.86
CA PRO I 276 -33.40 14.96 43.49
C PRO I 276 -34.76 14.49 43.03
N GLN I 277 -35.71 14.46 43.96
CA GLN I 277 -37.02 13.86 43.70
C GLN I 277 -38.20 14.79 43.93
N GLU I 278 -37.96 16.03 44.34
CA GLU I 278 -39.07 16.90 44.75
C GLU I 278 -40.08 17.11 43.63
N ASP I 279 -39.59 17.33 42.40
CA ASP I 279 -40.49 17.57 41.28
C ASP I 279 -41.33 16.33 40.98
N LYS I 280 -40.72 15.15 41.01
CA LYS I 280 -41.46 13.92 40.74
C LYS I 280 -42.49 13.63 41.83
N MET I 281 -42.16 13.91 43.09
CA MET I 281 -43.11 13.71 44.18
C MET I 281 -44.35 14.56 44.02
N LYS I 282 -44.21 15.73 43.38
CA LYS I 282 -45.36 16.58 43.14
C LYS I 282 -46.40 15.89 42.27
N HIS I 283 -45.95 15.21 41.23
CA HIS I 283 -46.85 14.58 40.28
C HIS I 283 -47.07 13.10 40.53
N CYS I 284 -46.47 12.52 41.57
CA CYS I 284 -46.64 11.10 41.84
C CYS I 284 -46.73 10.91 43.35
N SER I 285 -47.91 10.52 43.82
CA SER I 285 -48.15 10.43 45.25
C SER I 285 -47.39 9.29 45.89
N LYS I 286 -47.18 8.19 45.17
CA LYS I 286 -46.67 6.98 45.78
C LYS I 286 -45.15 6.88 45.76
N ILE I 287 -44.45 7.92 45.30
CA ILE I 287 -43.00 7.94 45.41
C ILE I 287 -42.61 8.34 46.83
N GLN I 288 -41.69 7.60 47.43
CA GLN I 288 -41.14 7.90 48.73
C GLN I 288 -39.63 7.89 48.65
N VAL I 289 -38.97 8.63 49.54
CA VAL I 289 -37.49 8.78 49.44
C VAL I 289 -36.76 8.24 50.68
N ILE I 290 -35.69 7.47 50.49
CA ILE I 290 -34.85 7.02 51.64
C ILE I 290 -33.57 7.87 51.62
N ASP I 291 -33.31 8.61 52.71
CA ASP I 291 -32.11 9.42 52.79
C ASP I 291 -30.89 8.50 52.87
N ILE I 292 -29.91 8.72 51.99
CA ILE I 292 -28.63 8.04 52.09
C ILE I 292 -27.50 9.03 52.31
N SER I 293 -27.82 10.28 52.67
CA SER I 293 -26.80 11.26 52.93
C SER I 293 -25.93 10.90 54.12
N MET I 294 -26.45 10.13 55.07
CA MET I 294 -25.61 9.69 56.18
C MET I 294 -24.53 8.73 55.70
N ILE I 295 -24.86 7.83 54.78
CA ILE I 295 -23.86 6.90 54.25
C ILE I 295 -22.79 7.66 53.49
N LEU I 296 -23.19 8.62 52.65
CA LEU I 296 -22.23 9.39 51.88
C LEU I 296 -21.35 10.23 52.79
N ALA I 297 -21.94 10.88 53.79
CA ALA I 297 -21.19 11.70 54.72
C ALA I 297 -20.19 10.85 55.51
N GLU I 298 -20.62 9.68 55.98
CA GLU I 298 -19.72 8.81 56.71
C GLU I 298 -18.61 8.29 55.82
N ALA I 299 -18.91 8.00 54.55
CA ALA I 299 -17.86 7.57 53.63
C ALA I 299 -16.84 8.68 53.41
N ILE I 300 -17.31 9.92 53.23
CA ILE I 300 -16.39 11.04 53.07
C ILE I 300 -15.50 11.18 54.29
N ARG I 301 -16.12 11.14 55.46
CA ARG I 301 -15.39 11.35 56.70
C ARG I 301 -14.40 10.22 56.98
N ARG I 302 -14.75 9.00 56.59
CA ARG I 302 -13.85 7.87 56.80
C ARG I 302 -12.70 7.87 55.79
N THR I 303 -12.96 8.26 54.54
CA THR I 303 -11.85 8.39 53.60
C THR I 303 -10.91 9.51 54.05
N HIS I 304 -11.46 10.60 54.58
CA HIS I 304 -10.60 11.68 55.05
C HIS I 304 -9.77 11.26 56.25
N ASN I 305 -10.36 10.55 57.21
CA ASN I 305 -9.65 10.18 58.43
C ASN I 305 -8.90 8.87 58.32
N GLY I 306 -8.94 8.21 57.17
CA GLY I 306 -8.28 6.93 57.04
C GLY I 306 -8.93 5.80 57.81
N GLU I 307 -10.22 5.90 58.12
CA GLU I 307 -10.92 4.79 58.73
C GLU I 307 -11.50 3.87 57.65
N SER I 308 -11.99 2.73 58.10
CA SER I 308 -12.52 1.73 57.16
C SER I 308 -13.83 2.22 56.55
N VAL I 309 -13.90 2.18 55.22
CA VAL I 309 -15.14 2.51 54.52
C VAL I 309 -16.04 1.29 54.41
N SER I 310 -15.43 0.11 54.22
CA SER I 310 -16.22 -1.11 54.02
C SER I 310 -17.05 -1.47 55.23
N TYR I 311 -16.73 -0.87 56.38
CA TYR I 311 -17.55 -0.98 57.59
C TYR I 311 -18.99 -0.58 57.29
N LEU I 312 -19.17 0.35 56.36
CA LEU I 312 -20.49 0.85 55.98
C LEU I 312 -21.28 -0.13 55.12
N PHE I 313 -20.64 -1.18 54.58
CA PHE I 313 -21.38 -2.12 53.73
C PHE I 313 -22.47 -2.83 54.52
N SER I 314 -22.32 -2.93 55.84
CA SER I 314 -23.26 -3.66 56.67
C SER I 314 -23.80 -2.88 57.85
N HIS I 315 -23.36 -1.64 58.07
CA HIS I 315 -23.73 -0.88 59.25
C HIS I 315 -24.34 0.46 58.87
N VAL I 316 -25.52 0.73 59.39
CA VAL I 316 -26.14 2.06 59.21
C VAL I 316 -25.54 3.02 60.24
N PRO I 317 -24.94 4.13 59.82
CA PRO I 317 -24.34 5.09 60.76
C PRO I 317 -25.35 6.12 61.27
N PRO J 2 2.92 -5.73 5.03
CA PRO J 2 2.78 -6.38 6.33
C PRO J 2 2.03 -7.69 6.23
N ASN J 3 2.71 -8.78 6.57
CA ASN J 3 2.15 -10.12 6.47
C ASN J 3 1.74 -10.64 7.84
N ILE J 4 0.90 -11.68 7.83
CA ILE J 4 0.51 -12.33 9.06
C ILE J 4 1.62 -13.24 9.56
N LYS J 5 1.98 -13.11 10.83
CA LYS J 5 2.87 -14.04 11.49
C LYS J 5 2.13 -14.59 12.71
N ILE J 6 1.99 -15.90 12.77
CA ILE J 6 1.31 -16.57 13.87
C ILE J 6 2.38 -17.22 14.75
N PHE J 7 2.38 -16.89 16.03
CA PHE J 7 3.29 -17.49 16.98
C PHE J 7 2.50 -18.22 18.05
N SER J 8 3.01 -19.35 18.49
CA SER J 8 2.35 -20.18 19.49
C SER J 8 3.09 -20.05 20.82
N GLY J 9 2.35 -19.81 21.88
CA GLY J 9 2.84 -20.08 23.21
C GLY J 9 2.77 -21.56 23.50
N SER J 10 3.33 -21.94 24.64
CA SER J 10 3.37 -23.36 24.98
C SER J 10 2.03 -23.89 25.50
N SER J 11 1.07 -23.02 25.80
CA SER J 11 -0.16 -23.47 26.43
C SER J 11 -0.98 -24.37 25.51
N HIS J 12 -1.25 -23.91 24.28
CA HIS J 12 -2.16 -24.64 23.39
C HIS J 12 -1.55 -24.67 21.99
N GLN J 13 -0.66 -25.63 21.76
CA GLN J 13 0.05 -25.67 20.49
C GLN J 13 -0.79 -26.29 19.39
N ASP J 14 -1.67 -27.23 19.73
CA ASP J 14 -2.56 -27.82 18.73
C ASP J 14 -3.49 -26.78 18.13
N LEU J 15 -4.07 -25.92 18.98
CA LEU J 15 -4.94 -24.86 18.48
C LEU J 15 -4.19 -23.90 17.57
N SER J 16 -2.97 -23.52 17.96
CA SER J 16 -2.17 -22.63 17.13
C SER J 16 -1.88 -23.26 15.78
N GLN J 17 -1.57 -24.56 15.77
CA GLN J 17 -1.32 -25.24 14.52
C GLN J 17 -2.57 -25.29 13.65
N LYS J 18 -3.72 -25.57 14.24
CA LYS J 18 -4.96 -25.59 13.47
C LYS J 18 -5.24 -24.22 12.85
N ILE J 19 -5.04 -23.15 13.63
CA ILE J 19 -5.25 -21.81 13.12
C ILE J 19 -4.28 -21.51 11.98
N ALA J 20 -3.02 -21.91 12.15
CA ALA J 20 -2.01 -21.67 11.12
C ALA J 20 -2.35 -22.40 9.82
N ASP J 21 -2.80 -23.65 9.92
CA ASP J 21 -3.23 -24.37 8.72
C ASP J 21 -4.41 -23.70 8.06
N ARG J 22 -5.39 -23.26 8.84
CA ARG J 22 -6.54 -22.59 8.22
C ARG J 22 -6.12 -21.29 7.56
N LEU J 23 -5.09 -20.63 8.07
CA LEU J 23 -4.59 -19.42 7.42
C LEU J 23 -3.64 -19.72 6.27
N GLY J 24 -3.27 -20.97 6.05
CA GLY J 24 -2.30 -21.30 5.03
C GLY J 24 -0.89 -20.88 5.36
N LEU J 25 -0.55 -20.83 6.64
CA LEU J 25 0.75 -20.35 7.09
C LEU J 25 1.44 -21.39 7.94
N GLU J 26 2.74 -21.24 8.08
CA GLU J 26 3.48 -22.02 9.06
C GLU J 26 3.65 -21.20 10.33
N LEU J 27 3.45 -21.90 11.46
CA LEU J 27 3.51 -21.24 12.80
C LEU J 27 4.83 -20.50 12.90
N GLY J 28 4.81 -19.26 13.41
CA GLY J 28 6.08 -18.56 13.40
C GLY J 28 7.10 -19.28 14.28
N LYS J 29 8.36 -19.19 13.87
CA LYS J 29 9.43 -19.83 14.62
C LYS J 29 9.67 -19.07 15.92
N VAL J 30 9.43 -19.71 17.04
CA VAL J 30 9.70 -19.15 18.34
C VAL J 30 10.13 -20.26 19.28
N VAL J 31 11.11 -19.97 20.13
CA VAL J 31 11.52 -20.86 21.20
C VAL J 31 10.96 -20.32 22.50
N THR J 32 10.12 -21.13 23.14
CA THR J 32 9.45 -20.73 24.40
C THR J 32 9.62 -21.85 25.43
N LYS J 33 10.60 -21.72 26.31
CA LYS J 33 10.92 -22.75 27.31
C LYS J 33 11.20 -22.06 28.63
N LYS J 34 11.74 -22.80 29.57
CA LYS J 34 12.13 -22.23 30.85
C LYS J 34 13.61 -22.45 31.10
N PHE J 35 14.28 -21.42 31.60
CA PHE J 35 15.61 -21.59 32.14
C PHE J 35 15.56 -22.51 33.35
N SER J 36 16.74 -22.90 33.83
CA SER J 36 16.83 -23.82 34.96
C SER J 36 16.13 -23.24 36.21
N ASN J 37 16.33 -21.95 36.47
CA ASN J 37 15.70 -21.31 37.61
C ASN J 37 14.25 -20.93 37.36
N GLN J 38 13.65 -21.46 36.29
CA GLN J 38 12.23 -21.34 35.95
C GLN J 38 11.85 -19.97 35.41
N GLU J 39 12.81 -19.16 34.99
CA GLU J 39 12.47 -17.95 34.27
C GLU J 39 12.12 -18.29 32.84
N THR J 40 11.10 -17.59 32.32
CA THR J 40 10.62 -17.88 30.93
C THR J 40 11.62 -17.37 29.90
N CYS J 41 12.11 -18.26 29.05
CA CYS J 41 13.05 -17.92 27.99
C CYS J 41 12.29 -17.89 26.67
N VAL J 42 12.37 -16.76 25.97
CA VAL J 42 11.69 -16.57 24.70
C VAL J 42 12.71 -16.08 23.68
N GLU J 43 12.70 -16.68 22.50
CA GLU J 43 13.54 -16.23 21.39
C GLU J 43 12.71 -16.29 20.12
N ILE J 44 12.50 -15.14 19.48
CA ILE J 44 11.78 -15.10 18.21
C ILE J 44 12.75 -15.54 17.12
N GLY J 45 12.44 -16.64 16.46
CA GLY J 45 13.31 -17.27 15.49
C GLY J 45 13.22 -16.74 14.09
N GLU J 46 12.44 -15.69 13.85
CA GLU J 46 12.33 -15.08 12.54
C GLU J 46 12.06 -13.60 12.73
N SER J 47 12.36 -12.83 11.70
CA SER J 47 12.09 -11.40 11.73
C SER J 47 10.59 -11.15 11.69
N VAL J 48 10.12 -10.29 12.60
CA VAL J 48 8.73 -9.85 12.59
C VAL J 48 8.63 -8.37 12.25
N ARG J 49 9.62 -7.79 11.56
CA ARG J 49 9.59 -6.33 11.27
C ARG J 49 8.45 -5.96 10.31
N GLY J 50 7.68 -4.93 10.67
CA GLY J 50 6.58 -4.47 9.81
C GLY J 50 5.63 -5.60 9.52
N GLU J 51 5.51 -6.56 10.45
CA GLU J 51 4.52 -7.60 10.22
C GLU J 51 3.34 -7.46 11.17
N ASP J 52 2.25 -8.10 10.81
CA ASP J 52 1.05 -8.17 11.65
C ASP J 52 1.14 -9.47 12.44
N VAL J 53 1.49 -9.37 13.71
CA VAL J 53 1.84 -10.52 14.54
C VAL J 53 0.64 -10.91 15.38
N TYR J 54 0.33 -12.20 15.39
CA TYR J 54 -0.72 -12.75 16.24
C TYR J 54 -0.12 -13.83 17.12
N ILE J 55 -0.25 -13.67 18.42
CA ILE J 55 0.30 -14.61 19.40
C ILE J 55 -0.86 -15.31 20.06
N VAL J 56 -0.91 -16.64 19.92
CA VAL J 56 -2.00 -17.44 20.45
C VAL J 56 -1.57 -18.05 21.77
N GLN J 57 -2.33 -17.76 22.82
CA GLN J 57 -2.05 -18.25 24.16
C GLN J 57 -3.33 -18.18 24.97
N SER J 58 -3.76 -19.31 25.51
CA SER J 58 -4.98 -19.33 26.31
C SER J 58 -4.65 -19.33 27.80
N GLY J 59 -5.60 -18.87 28.60
CA GLY J 59 -5.48 -18.88 30.04
C GLY J 59 -5.84 -20.22 30.62
N CYS J 60 -4.95 -21.18 30.48
CA CYS J 60 -5.20 -22.56 30.86
C CYS J 60 -3.91 -23.17 31.39
N GLY J 61 -4.05 -24.34 32.00
CA GLY J 61 -2.90 -25.04 32.55
C GLY J 61 -2.23 -24.21 33.62
N GLU J 62 -0.91 -24.08 33.52
CA GLU J 62 -0.14 -23.24 34.43
C GLU J 62 -0.36 -21.78 34.04
N ILE J 63 -1.36 -21.18 34.66
CA ILE J 63 -1.91 -19.93 34.15
C ILE J 63 -0.90 -18.79 34.24
N ASN J 64 -0.22 -18.68 35.39
CA ASN J 64 0.72 -17.57 35.54
C ASN J 64 1.93 -17.71 34.63
N ASP J 65 2.41 -18.95 34.45
CA ASP J 65 3.48 -19.19 33.49
C ASP J 65 3.06 -18.82 32.07
N ASN J 66 1.86 -19.23 31.67
CA ASN J 66 1.40 -18.94 30.31
C ASN J 66 1.20 -17.45 30.11
N LEU J 67 0.66 -16.76 31.13
CA LEU J 67 0.45 -15.33 31.03
C LEU J 67 1.77 -14.59 30.92
N MET J 68 2.75 -14.98 31.72
CA MET J 68 4.06 -14.35 31.61
C MET J 68 4.72 -14.65 30.27
N GLU J 69 4.59 -15.87 29.77
CA GLU J 69 5.06 -16.19 28.43
C GLU J 69 4.43 -15.29 27.39
N LEU J 70 3.12 -15.08 27.47
CA LEU J 70 2.44 -14.23 26.51
C LEU J 70 2.96 -12.80 26.59
N LEU J 71 3.09 -12.27 27.80
CA LEU J 71 3.57 -10.89 27.95
C LEU J 71 4.99 -10.74 27.41
N ILE J 72 5.85 -11.71 27.71
CA ILE J 72 7.23 -11.66 27.24
C ILE J 72 7.29 -11.75 25.71
N MET J 73 6.48 -12.62 25.11
CA MET J 73 6.46 -12.73 23.66
C MET J 73 5.94 -11.45 23.02
N ILE J 74 4.91 -10.84 23.60
CA ILE J 74 4.40 -9.57 23.08
C ILE J 74 5.49 -8.51 23.14
N ASN J 75 6.21 -8.45 24.27
CA ASN J 75 7.28 -7.47 24.40
C ASN J 75 8.38 -7.70 23.38
N ALA J 76 8.76 -8.96 23.18
CA ALA J 76 9.82 -9.29 22.24
C ALA J 76 9.42 -8.88 20.83
N CYS J 77 8.18 -9.15 20.43
CA CYS J 77 7.73 -8.75 19.10
C CYS J 77 7.62 -7.25 18.97
N LYS J 78 7.21 -6.56 20.03
CA LYS J 78 7.04 -5.11 19.95
C LYS J 78 8.37 -4.40 19.83
N ILE J 79 9.38 -4.80 20.63
CA ILE J 79 10.68 -4.16 20.48
C ILE J 79 11.44 -4.69 19.28
N ALA J 80 10.96 -5.74 18.63
CA ALA J 80 11.50 -6.17 17.35
C ALA J 80 10.85 -5.46 16.17
N SER J 81 10.08 -4.41 16.43
CA SER J 81 9.54 -3.52 15.39
C SER J 81 8.47 -4.18 14.54
N ALA J 82 7.64 -5.02 15.17
CA ALA J 82 6.45 -5.50 14.51
C ALA J 82 5.49 -4.34 14.28
N SER J 83 4.84 -4.33 13.11
CA SER J 83 3.92 -3.23 12.82
C SER J 83 2.73 -3.24 13.77
N ARG J 84 2.24 -4.42 14.12
CA ARG J 84 1.10 -4.55 14.99
C ARG J 84 1.19 -5.89 15.69
N VAL J 85 0.83 -5.92 16.98
CA VAL J 85 0.87 -7.14 17.77
C VAL J 85 -0.51 -7.37 18.35
N THR J 86 -1.06 -8.55 18.10
CA THR J 86 -2.38 -8.93 18.58
C THR J 86 -2.25 -10.16 19.48
N ALA J 87 -2.91 -10.11 20.63
CA ALA J 87 -2.97 -11.25 21.52
C ALA J 87 -4.27 -12.01 21.26
N VAL J 88 -4.14 -13.27 20.86
CA VAL J 88 -5.28 -14.14 20.62
C VAL J 88 -5.38 -15.02 21.86
N ILE J 89 -6.32 -14.69 22.74
CA ILE J 89 -6.43 -15.35 24.03
C ILE J 89 -7.79 -16.04 24.11
N PRO J 90 -7.89 -17.29 23.65
CA PRO J 90 -9.22 -17.93 23.59
C PRO J 90 -9.94 -17.97 24.92
N CYS J 91 -9.26 -18.27 26.01
CA CYS J 91 -9.82 -18.22 27.35
C CYS J 91 -9.04 -17.17 28.14
N PHE J 92 -9.72 -16.10 28.53
CA PHE J 92 -9.05 -14.96 29.15
C PHE J 92 -8.73 -15.26 30.62
N PRO J 93 -7.47 -15.19 31.02
CA PRO J 93 -7.13 -15.49 32.42
C PRO J 93 -7.62 -14.42 33.38
N TYR J 94 -7.95 -14.85 34.60
CA TYR J 94 -8.45 -14.00 35.68
C TYR J 94 -9.74 -13.30 35.32
N ALA J 95 -10.48 -13.81 34.33
CA ALA J 95 -11.70 -13.17 33.90
C ALA J 95 -12.76 -13.16 35.01
N ARG J 96 -12.75 -14.15 35.89
CA ARG J 96 -13.72 -14.21 36.96
C ARG J 96 -13.44 -13.25 38.10
N GLN J 97 -12.24 -12.65 38.09
CA GLN J 97 -11.89 -11.60 39.10
C GLN J 97 -12.11 -10.24 38.43
N ASP J 98 -13.35 -9.95 38.04
CA ASP J 98 -13.69 -8.74 37.31
C ASP J 98 -14.30 -7.65 38.19
N LYS J 99 -14.34 -7.85 39.51
CA LYS J 99 -14.91 -6.86 40.41
C LYS J 99 -14.50 -7.18 41.84
N LYS J 100 -14.72 -6.21 42.73
CA LYS J 100 -14.36 -6.36 44.14
C LYS J 100 -15.52 -6.89 44.98
N ASP J 101 -16.67 -6.21 44.93
CA ASP J 101 -17.90 -6.68 45.57
C ASP J 101 -17.78 -6.86 47.07
N LYS J 102 -17.58 -5.76 47.81
CA LYS J 102 -17.58 -5.75 49.27
C LYS J 102 -16.42 -6.56 49.84
N SER J 103 -15.33 -6.64 49.08
CA SER J 103 -14.17 -7.36 49.54
C SER J 103 -12.94 -6.54 49.21
N ARG J 104 -11.93 -6.61 50.08
CA ARG J 104 -10.63 -5.97 49.81
C ARG J 104 -9.81 -6.89 48.91
N ALA J 105 -10.31 -7.03 47.69
CA ALA J 105 -9.78 -7.94 46.71
C ALA J 105 -9.22 -7.16 45.52
N PRO J 106 -8.31 -7.76 44.77
CA PRO J 106 -7.87 -7.13 43.52
C PRO J 106 -8.95 -7.28 42.44
N ILE J 107 -8.89 -6.39 41.46
CA ILE J 107 -9.60 -6.63 40.19
C ILE J 107 -8.53 -7.18 39.25
N SER J 108 -8.34 -8.50 39.32
CA SER J 108 -7.22 -9.12 38.62
C SER J 108 -7.38 -9.04 37.11
N ALA J 109 -8.62 -9.10 36.61
CA ALA J 109 -8.84 -8.98 35.17
C ALA J 109 -8.36 -7.63 34.66
N LYS J 110 -8.62 -6.56 35.41
CA LYS J 110 -8.13 -5.24 35.01
C LYS J 110 -6.61 -5.19 35.06
N LEU J 111 -5.99 -5.82 36.06
CA LEU J 111 -4.54 -5.86 36.12
C LEU J 111 -3.96 -6.59 34.91
N VAL J 112 -4.57 -7.70 34.52
CA VAL J 112 -4.12 -8.44 33.35
C VAL J 112 -4.27 -7.58 32.09
N ALA J 113 -5.39 -6.87 31.96
CA ALA J 113 -5.57 -5.98 30.82
C ALA J 113 -4.50 -4.90 30.77
N ASN J 114 -4.20 -4.30 31.92
CA ASN J 114 -3.16 -3.29 31.99
C ASN J 114 -1.80 -3.86 31.62
N MET J 115 -1.50 -5.07 32.09
CA MET J 115 -0.22 -5.70 31.77
C MET J 115 -0.11 -5.99 30.28
N LEU J 116 -1.20 -6.47 29.68
CA LEU J 116 -1.19 -6.72 28.23
C LEU J 116 -0.98 -5.43 27.46
N SER J 117 -1.61 -4.34 27.89
CA SER J 117 -1.43 -3.06 27.21
C SER J 117 0.01 -2.56 27.37
N VAL J 118 0.58 -2.68 28.56
CA VAL J 118 1.92 -2.14 28.79
C VAL J 118 2.98 -3.02 28.13
N ALA J 119 2.68 -4.30 27.92
CA ALA J 119 3.62 -5.14 27.18
C ALA J 119 3.67 -4.75 25.72
N GLY J 120 2.62 -4.13 25.21
CA GLY J 120 2.63 -3.60 23.86
C GLY J 120 1.57 -4.16 22.94
N ALA J 121 0.56 -4.83 23.49
CA ALA J 121 -0.51 -5.35 22.67
C ALA J 121 -1.32 -4.21 22.07
N ASP J 122 -1.57 -4.29 20.77
CA ASP J 122 -2.39 -3.31 20.08
C ASP J 122 -3.84 -3.75 19.95
N HIS J 123 -4.12 -5.04 20.14
CA HIS J 123 -5.41 -5.61 19.83
C HIS J 123 -5.55 -6.93 20.57
N ILE J 124 -6.76 -7.24 21.00
CA ILE J 124 -7.06 -8.48 21.70
C ILE J 124 -8.17 -9.21 20.96
N ILE J 125 -7.98 -10.49 20.71
CA ILE J 125 -9.03 -11.38 20.23
C ILE J 125 -9.24 -12.45 21.29
N THR J 126 -10.48 -12.59 21.73
CA THR J 126 -10.82 -13.59 22.74
C THR J 126 -12.20 -14.15 22.44
N MET J 127 -12.57 -15.19 23.16
CA MET J 127 -13.84 -15.89 22.96
C MET J 127 -14.60 -15.98 24.27
N ASP J 128 -15.86 -15.53 24.25
CA ASP J 128 -16.79 -15.63 25.39
C ASP J 128 -16.14 -15.18 26.69
N LEU J 129 -15.85 -13.89 26.76
CA LEU J 129 -15.39 -13.29 28.00
C LEU J 129 -16.41 -13.56 29.11
N HIS J 130 -15.90 -13.88 30.31
CA HIS J 130 -16.78 -14.17 31.43
C HIS J 130 -17.78 -13.05 31.66
N ALA J 131 -17.32 -11.81 31.62
CA ALA J 131 -18.17 -10.63 31.62
C ALA J 131 -17.71 -9.72 30.49
N SER J 132 -18.65 -9.27 29.66
CA SER J 132 -18.26 -8.44 28.53
C SER J 132 -17.77 -7.06 28.97
N GLN J 133 -18.04 -6.68 30.22
CA GLN J 133 -17.46 -5.47 30.77
C GLN J 133 -15.94 -5.51 30.77
N ILE J 134 -15.34 -6.69 30.68
CA ILE J 134 -13.88 -6.79 30.61
C ILE J 134 -13.36 -6.06 29.38
N GLN J 135 -14.20 -5.95 28.34
CA GLN J 135 -13.81 -5.15 27.18
C GLN J 135 -13.47 -3.72 27.56
N GLY J 136 -14.21 -3.16 28.53
CA GLY J 136 -13.94 -1.82 29.00
C GLY J 136 -12.69 -1.70 29.85
N PHE J 137 -12.14 -2.82 30.30
CA PHE J 137 -10.88 -2.78 31.03
C PHE J 137 -9.71 -2.39 30.13
N PHE J 138 -9.90 -2.45 28.82
CA PHE J 138 -8.85 -2.10 27.86
C PHE J 138 -9.11 -0.72 27.28
N ASP J 139 -8.04 -0.12 26.77
CA ASP J 139 -8.17 1.02 25.89
C ASP J 139 -7.93 0.66 24.43
N ILE J 140 -7.30 -0.48 24.16
CA ILE J 140 -7.12 -1.01 22.81
C ILE J 140 -8.38 -1.75 22.40
N PRO J 141 -8.66 -1.92 21.10
CA PRO J 141 -9.85 -2.69 20.70
C PRO J 141 -9.77 -4.13 21.16
N VAL J 142 -10.92 -4.67 21.55
CA VAL J 142 -11.05 -6.07 21.95
C VAL J 142 -12.18 -6.67 21.14
N ASP J 143 -11.89 -7.75 20.42
CA ASP J 143 -12.92 -8.51 19.71
C ASP J 143 -13.24 -9.74 20.54
N ASN J 144 -14.45 -9.75 21.10
CA ASN J 144 -14.93 -10.86 21.91
C ASN J 144 -15.81 -11.73 21.03
N LEU J 145 -15.25 -12.83 20.54
CA LEU J 145 -16.00 -13.75 19.69
C LEU J 145 -16.95 -14.61 20.51
N TYR J 146 -17.88 -15.23 19.82
CA TYR J 146 -18.88 -16.07 20.45
C TYR J 146 -18.83 -17.47 19.88
N ALA J 147 -18.86 -18.46 20.78
CA ALA J 147 -18.95 -19.85 20.35
C ALA J 147 -20.36 -20.25 19.95
N GLU J 148 -21.34 -19.37 20.13
CA GLU J 148 -22.74 -19.71 19.90
C GLU J 148 -23.04 -20.26 18.51
N PRO J 149 -22.57 -19.64 17.37
CA PRO J 149 -22.75 -20.26 16.06
C PRO J 149 -22.39 -21.75 16.12
N ALA J 150 -21.28 -22.09 16.77
CA ALA J 150 -20.82 -23.50 16.84
C ALA J 150 -21.64 -24.31 17.85
N VAL J 151 -22.05 -23.69 18.98
CA VAL J 151 -22.89 -24.44 19.92
C VAL J 151 -24.23 -24.77 19.29
N LEU J 152 -24.84 -23.81 18.60
CA LEU J 152 -26.11 -24.06 17.92
C LEU J 152 -25.96 -25.13 16.86
N LYS J 153 -24.86 -25.06 16.10
CA LYS J 153 -24.59 -26.10 15.11
C LYS J 153 -24.50 -27.47 15.78
N TRP J 154 -23.75 -27.56 16.87
CA TRP J 154 -23.61 -28.85 17.56
C TRP J 154 -24.96 -29.35 18.06
N ILE J 155 -25.75 -28.46 18.64
CA ILE J 155 -27.04 -28.86 19.19
C ILE J 155 -27.93 -29.43 18.09
N ARG J 156 -27.99 -28.73 16.95
CA ARG J 156 -28.84 -29.22 15.87
C ARG J 156 -28.36 -30.55 15.31
N GLU J 157 -27.04 -30.73 15.15
CA GLU J 157 -26.56 -31.96 14.54
C GLU J 157 -26.33 -33.10 15.53
N ASN J 158 -26.52 -32.89 16.82
CA ASN J 158 -26.24 -33.95 17.79
C ASN J 158 -27.41 -34.32 18.68
N ILE J 159 -28.34 -33.42 18.90
CA ILE J 159 -29.50 -33.68 19.76
C ILE J 159 -30.71 -33.78 18.85
N SER J 160 -31.23 -35.00 18.70
CA SER J 160 -32.32 -35.23 17.75
C SER J 160 -33.60 -34.52 18.18
N GLU J 161 -33.80 -34.35 19.48
CA GLU J 161 -35.01 -33.72 20.00
C GLU J 161 -34.83 -32.23 20.26
N TRP J 162 -33.92 -31.57 19.54
CA TRP J 162 -33.53 -30.22 19.91
C TRP J 162 -34.67 -29.22 19.76
N ARG J 163 -35.66 -29.54 18.94
CA ARG J 163 -36.79 -28.63 18.78
C ARG J 163 -37.72 -28.63 19.98
N ASN J 164 -37.69 -29.69 20.79
CA ASN J 164 -38.49 -29.76 22.00
C ASN J 164 -37.66 -29.66 23.27
N CYS J 165 -36.41 -29.23 23.17
CA CYS J 165 -35.54 -29.17 24.33
C CYS J 165 -35.76 -27.89 25.12
N THR J 166 -35.21 -27.87 26.34
CA THR J 166 -35.19 -26.68 27.17
C THR J 166 -33.76 -26.28 27.45
N ILE J 167 -33.41 -25.04 27.14
CA ILE J 167 -32.10 -24.50 27.45
C ILE J 167 -32.13 -23.96 28.88
N VAL J 168 -31.20 -24.39 29.71
CA VAL J 168 -31.23 -24.14 31.14
C VAL J 168 -29.97 -23.38 31.55
N SER J 169 -30.17 -22.31 32.29
CA SER J 169 -29.06 -21.63 32.92
C SER J 169 -28.78 -22.28 34.27
N PRO J 170 -27.51 -22.58 34.58
CA PRO J 170 -27.19 -23.10 35.92
C PRO J 170 -27.40 -22.10 37.03
N ASP J 171 -27.39 -20.81 36.73
CA ASP J 171 -27.53 -19.77 37.74
C ASP J 171 -28.23 -18.57 37.12
N ALA J 172 -28.53 -17.58 37.96
CA ALA J 172 -29.18 -16.38 37.45
C ALA J 172 -28.24 -15.55 36.59
N GLY J 173 -26.93 -15.71 36.80
CA GLY J 173 -25.97 -14.90 36.07
C GLY J 173 -25.92 -15.18 34.58
N GLY J 174 -26.04 -16.44 34.19
CA GLY J 174 -25.93 -16.81 32.79
C GLY J 174 -27.19 -16.76 31.98
N ALA J 175 -28.31 -16.33 32.58
CA ALA J 175 -29.60 -16.39 31.92
C ALA J 175 -29.58 -15.73 30.55
N LYS J 176 -28.98 -14.54 30.46
CA LYS J 176 -28.86 -13.85 29.19
C LYS J 176 -28.39 -14.81 28.10
N ARG J 177 -27.25 -15.46 28.35
CA ARG J 177 -26.70 -16.38 27.37
C ARG J 177 -27.73 -17.41 26.95
N VAL J 178 -28.37 -18.08 27.91
CA VAL J 178 -29.28 -19.15 27.52
C VAL J 178 -30.45 -18.57 26.75
N THR J 179 -30.92 -17.38 27.13
CA THR J 179 -32.03 -16.79 26.40
C THR J 179 -31.63 -16.57 24.95
N SER J 180 -30.42 -16.06 24.73
CA SER J 180 -29.94 -15.90 23.37
C SER J 180 -30.06 -17.22 22.62
N ILE J 181 -29.55 -18.29 23.21
CA ILE J 181 -29.62 -19.59 22.53
C ILE J 181 -31.07 -20.00 22.35
N ALA J 182 -31.89 -19.80 23.38
CA ALA J 182 -33.29 -20.18 23.28
C ALA J 182 -33.97 -19.39 22.17
N ASP J 183 -33.54 -18.15 21.95
CA ASP J 183 -34.12 -17.37 20.86
C ASP J 183 -33.70 -17.92 19.50
N ARG J 184 -32.47 -18.39 19.37
CA ARG J 184 -31.98 -18.83 18.08
C ARG J 184 -32.48 -20.22 17.71
N LEU J 185 -32.93 -21.01 18.69
CA LEU J 185 -33.46 -22.34 18.45
C LEU J 185 -34.97 -22.42 18.50
N ASN J 186 -35.64 -21.38 19.02
CA ASN J 186 -37.09 -21.38 19.25
C ASN J 186 -37.50 -22.54 20.15
N VAL J 187 -36.95 -22.51 21.37
CA VAL J 187 -37.23 -23.50 22.40
C VAL J 187 -37.44 -22.77 23.73
N ASP J 188 -37.88 -23.52 24.73
CA ASP J 188 -38.07 -22.96 26.05
C ASP J 188 -36.74 -22.77 26.76
N PHE J 189 -36.72 -21.85 27.72
CA PHE J 189 -35.54 -21.62 28.54
C PHE J 189 -35.95 -21.60 30.00
N ALA J 190 -35.16 -22.28 30.82
CA ALA J 190 -35.38 -22.43 32.25
C ALA J 190 -34.22 -21.84 33.03
N LEU J 191 -34.51 -21.40 34.24
CA LEU J 191 -33.49 -20.92 35.17
C LEU J 191 -33.45 -21.82 36.40
N ILE J 192 -32.27 -21.87 37.02
CA ILE J 192 -32.06 -22.61 38.25
C ILE J 192 -31.24 -21.73 39.17
N HIS J 193 -31.71 -21.54 40.41
CA HIS J 193 -30.96 -20.74 41.41
C HIS J 193 -31.02 -21.43 42.78
N LYS J 194 -29.96 -21.32 43.58
CA LYS J 194 -29.95 -21.88 44.92
C LYS J 194 -30.55 -20.89 45.92
N GLU J 195 -31.26 -21.44 46.90
CA GLU J 195 -31.94 -20.64 47.91
C GLU J 195 -31.01 -20.32 49.07
N ASP J 203 -28.53 -24.94 50.17
CA ASP J 203 -28.03 -26.10 49.45
C ASP J 203 -29.08 -26.64 48.47
N ARG J 204 -30.28 -26.10 48.55
CA ARG J 204 -31.37 -26.47 47.66
C ARG J 204 -31.39 -25.55 46.45
N MET J 205 -31.86 -26.09 45.32
CA MET J 205 -32.00 -25.34 44.09
C MET J 205 -33.47 -25.31 43.68
N VAL J 206 -33.88 -24.19 43.09
CA VAL J 206 -35.24 -24.01 42.59
C VAL J 206 -35.16 -23.78 41.09
N LEU J 207 -36.03 -24.47 40.35
CA LEU J 207 -36.10 -24.50 38.91
C LEU J 207 -37.43 -23.92 38.43
N VAL J 208 -37.36 -23.02 37.46
CA VAL J 208 -38.55 -22.45 36.86
C VAL J 208 -38.58 -22.88 35.40
N GLY J 209 -39.71 -23.42 34.95
CA GLY J 209 -39.82 -23.89 33.59
C GLY J 209 -40.03 -25.39 33.50
N ASP J 210 -41.00 -25.81 32.71
CA ASP J 210 -41.28 -27.23 32.56
C ASP J 210 -40.14 -27.92 31.84
N VAL J 211 -39.65 -29.01 32.44
CA VAL J 211 -38.58 -29.82 31.85
C VAL J 211 -38.95 -31.29 31.78
N LYS J 212 -40.16 -31.67 32.17
CA LYS J 212 -40.54 -33.08 32.19
C LYS J 212 -40.65 -33.61 30.76
N ASP J 213 -40.13 -34.81 30.54
CA ASP J 213 -40.16 -35.54 29.27
C ASP J 213 -39.44 -34.78 28.16
N ARG J 214 -38.65 -33.77 28.49
CA ARG J 214 -37.93 -32.97 27.52
C ARG J 214 -36.44 -33.06 27.79
N VAL J 215 -35.65 -32.95 26.73
CA VAL J 215 -34.20 -32.90 26.88
C VAL J 215 -33.82 -31.52 27.41
N ALA J 216 -32.98 -31.49 28.44
CA ALA J 216 -32.50 -30.23 29.00
C ALA J 216 -31.04 -30.04 28.62
N ILE J 217 -30.68 -28.79 28.32
CA ILE J 217 -29.32 -28.44 27.91
C ILE J 217 -28.86 -27.30 28.80
N LEU J 218 -28.05 -27.60 29.81
CA LEU J 218 -27.38 -26.56 30.57
C LEU J 218 -26.37 -25.86 29.70
N VAL J 219 -26.31 -24.54 29.77
CA VAL J 219 -25.35 -23.78 28.97
C VAL J 219 -24.56 -22.84 29.87
N ASP J 220 -23.25 -22.76 29.63
CA ASP J 220 -22.40 -21.90 30.46
C ASP J 220 -21.10 -21.55 29.76
N ASP J 221 -20.46 -20.51 30.30
CA ASP J 221 -19.18 -20.06 29.77
C ASP J 221 -18.05 -20.98 30.18
N MET J 222 -18.07 -21.44 31.44
CA MET J 222 -16.91 -22.23 31.91
C MET J 222 -17.25 -23.23 33.01
N ALA J 223 -16.62 -24.41 32.95
CA ALA J 223 -16.75 -25.42 33.98
C ALA J 223 -15.39 -25.61 34.63
N ASP J 224 -15.23 -25.10 35.85
CA ASP J 224 -13.96 -25.25 36.54
C ASP J 224 -13.96 -26.48 37.43
N THR J 225 -14.76 -26.48 38.48
CA THR J 225 -14.88 -27.62 39.36
C THR J 225 -16.15 -28.40 39.11
N CYS J 226 -17.06 -27.84 38.31
CA CYS J 226 -18.30 -28.47 37.86
C CYS J 226 -19.27 -28.76 39.00
N GLY J 227 -19.09 -28.12 40.16
CA GLY J 227 -20.10 -28.23 41.20
C GLY J 227 -21.43 -27.63 40.75
N THR J 228 -21.36 -26.46 40.12
CA THR J 228 -22.56 -25.78 39.67
C THR J 228 -23.36 -26.64 38.70
N ILE J 229 -22.72 -27.13 37.63
CA ILE J 229 -23.46 -27.87 36.62
C ILE J 229 -23.89 -29.23 37.15
N CYS J 230 -23.11 -29.84 38.04
CA CYS J 230 -23.52 -31.14 38.58
C CYS J 230 -24.74 -30.99 39.48
N HIS J 231 -24.77 -29.95 40.32
CA HIS J 231 -25.97 -29.70 41.13
C HIS J 231 -27.16 -29.40 40.25
N ALA J 232 -26.96 -28.58 39.21
CA ALA J 232 -28.05 -28.26 38.30
C ALA J 232 -28.57 -29.51 37.60
N ALA J 233 -27.67 -30.41 37.19
CA ALA J 233 -28.10 -31.63 36.52
C ALA J 233 -28.88 -32.54 37.46
N ASP J 234 -28.43 -32.64 38.71
CA ASP J 234 -29.19 -33.41 39.68
C ASP J 234 -30.61 -32.85 39.83
N LYS J 235 -30.73 -31.53 39.93
CA LYS J 235 -32.04 -30.92 40.03
C LYS J 235 -32.88 -31.17 38.78
N LEU J 236 -32.26 -31.10 37.60
CA LEU J 236 -33.00 -31.33 36.37
C LEU J 236 -33.53 -32.76 36.30
N LEU J 237 -32.72 -33.74 36.71
CA LEU J 237 -33.24 -35.10 36.76
C LEU J 237 -34.32 -35.26 37.81
N SER J 238 -34.23 -34.51 38.92
CA SER J 238 -35.30 -34.54 39.91
C SER J 238 -36.62 -34.07 39.31
N ALA J 239 -36.55 -33.05 38.45
CA ALA J 239 -37.75 -32.47 37.85
C ALA J 239 -38.21 -33.18 36.59
N GLY J 240 -37.83 -34.45 36.41
CA GLY J 240 -38.43 -35.25 35.36
C GLY J 240 -37.84 -35.10 33.97
N ALA J 241 -36.68 -34.48 33.86
CA ALA J 241 -36.05 -34.35 32.55
C ALA J 241 -35.64 -35.71 32.01
N THR J 242 -35.64 -35.83 30.68
CA THR J 242 -35.32 -37.11 30.07
C THR J 242 -33.81 -37.33 30.01
N ARG J 243 -33.10 -36.41 29.36
CA ARG J 243 -31.64 -36.41 29.36
C ARG J 243 -31.18 -35.00 29.65
N VAL J 244 -30.01 -34.88 30.27
CA VAL J 244 -29.41 -33.59 30.57
C VAL J 244 -28.05 -33.51 29.89
N TYR J 245 -27.87 -32.47 29.09
CA TYR J 245 -26.60 -32.12 28.47
C TYR J 245 -26.02 -30.91 29.16
N ALA J 246 -24.72 -30.73 29.07
CA ALA J 246 -24.06 -29.52 29.50
C ALA J 246 -23.16 -29.04 28.36
N ILE J 247 -23.26 -27.78 28.01
CA ILE J 247 -22.45 -27.19 26.96
C ILE J 247 -21.77 -25.95 27.52
N LEU J 248 -20.44 -25.96 27.48
CA LEU J 248 -19.64 -24.88 28.02
C LEU J 248 -18.60 -24.46 26.99
N THR J 249 -18.35 -23.16 26.94
CA THR J 249 -17.32 -22.74 25.99
C THR J 249 -15.91 -23.02 26.52
N HIS J 250 -15.70 -22.94 27.84
CA HIS J 250 -14.38 -23.17 28.41
C HIS J 250 -14.40 -24.36 29.37
N GLY J 251 -13.77 -25.46 28.95
CA GLY J 251 -13.64 -26.64 29.79
C GLY J 251 -12.39 -26.68 30.64
N ILE J 252 -12.34 -25.92 31.73
CA ILE J 252 -11.14 -25.89 32.56
C ILE J 252 -10.96 -27.21 33.31
N PHE J 253 -12.02 -27.71 33.93
CA PHE J 253 -12.05 -29.05 34.54
C PHE J 253 -10.95 -29.24 35.58
N SER J 254 -10.79 -28.28 36.48
CA SER J 254 -9.76 -28.41 37.50
C SER J 254 -10.34 -29.07 38.75
N GLY J 255 -9.42 -29.51 39.62
CA GLY J 255 -9.80 -30.13 40.87
C GLY J 255 -10.56 -31.42 40.70
N PRO J 256 -11.72 -31.53 41.36
CA PRO J 256 -12.52 -32.75 41.31
C PRO J 256 -13.50 -32.82 40.16
N ALA J 257 -13.36 -31.97 39.14
CA ALA J 257 -14.38 -31.87 38.10
C ALA J 257 -14.59 -33.19 37.37
N ILE J 258 -13.50 -33.89 37.07
CA ILE J 258 -13.62 -35.12 36.27
C ILE J 258 -14.35 -36.19 37.05
N SER J 259 -14.04 -36.34 38.34
CA SER J 259 -14.76 -37.33 39.15
C SER J 259 -16.24 -36.98 39.27
N ARG J 260 -16.56 -35.71 39.48
CA ARG J 260 -17.96 -35.31 39.61
C ARG J 260 -18.72 -35.54 38.32
N ILE J 261 -18.11 -35.22 37.19
CA ILE J 261 -18.77 -35.46 35.90
C ILE J 261 -18.96 -36.95 35.68
N ASN J 262 -17.95 -37.76 36.01
CA ASN J 262 -18.09 -39.20 35.88
C ASN J 262 -19.22 -39.73 36.75
N ASN J 263 -19.43 -39.14 37.92
CA ASN J 263 -20.52 -39.57 38.79
C ASN J 263 -21.83 -38.86 38.49
N ALA J 264 -21.85 -37.92 37.54
CA ALA J 264 -23.06 -37.19 37.23
C ALA J 264 -23.87 -37.89 36.14
N CYS J 265 -25.06 -37.37 35.90
CA CYS J 265 -26.02 -37.98 35.00
C CYS J 265 -25.97 -37.42 33.59
N PHE J 266 -24.99 -36.58 33.27
CA PHE J 266 -24.92 -35.96 31.96
C PHE J 266 -24.86 -37.01 30.87
N GLU J 267 -25.64 -36.80 29.81
CA GLU J 267 -25.45 -37.58 28.60
C GLU J 267 -24.12 -37.22 27.94
N ALA J 268 -23.78 -35.94 27.92
CA ALA J 268 -22.53 -35.47 27.37
C ALA J 268 -22.17 -34.15 28.02
N VAL J 269 -20.88 -33.86 28.07
CA VAL J 269 -20.39 -32.55 28.50
C VAL J 269 -19.59 -32.01 27.32
N VAL J 270 -20.22 -31.12 26.57
CA VAL J 270 -19.60 -30.54 25.39
C VAL J 270 -18.91 -29.26 25.78
N VAL J 271 -17.65 -29.12 25.37
CA VAL J 271 -16.88 -27.91 25.62
C VAL J 271 -16.20 -27.52 24.32
N THR J 272 -15.92 -26.23 24.19
CA THR J 272 -15.11 -25.89 23.02
C THR J 272 -13.63 -26.20 23.27
N ASN J 273 -12.83 -26.14 22.20
CA ASN J 273 -11.41 -26.33 22.39
C ASN J 273 -10.64 -25.01 22.54
N THR J 274 -11.14 -24.10 23.38
CA THR J 274 -10.33 -22.96 23.76
C THR J 274 -9.23 -23.37 24.71
N ILE J 275 -9.37 -24.52 25.35
CA ILE J 275 -8.43 -25.09 26.30
C ILE J 275 -8.18 -26.52 25.81
N PRO J 276 -6.94 -27.00 25.78
CA PRO J 276 -6.71 -28.38 25.33
C PRO J 276 -7.44 -29.38 26.22
N GLN J 277 -8.00 -30.41 25.60
CA GLN J 277 -8.88 -31.33 26.30
C GLN J 277 -8.45 -32.79 26.23
N GLU J 278 -7.34 -33.10 25.55
CA GLU J 278 -7.00 -34.50 25.28
C GLU J 278 -6.81 -35.28 26.58
N ASP J 279 -6.14 -34.69 27.57
CA ASP J 279 -5.90 -35.39 28.82
C ASP J 279 -7.20 -35.66 29.56
N LYS J 280 -8.11 -34.68 29.58
CA LYS J 280 -9.38 -34.87 30.27
C LYS J 280 -10.25 -35.90 29.57
N MET J 281 -10.23 -35.94 28.24
CA MET J 281 -11.00 -36.94 27.50
C MET J 281 -10.54 -38.36 27.83
N LYS J 282 -9.27 -38.52 28.17
CA LYS J 282 -8.77 -39.85 28.54
C LYS J 282 -9.49 -40.38 29.77
N HIS J 283 -9.70 -39.53 30.77
CA HIS J 283 -10.29 -39.94 32.03
C HIS J 283 -11.78 -39.67 32.12
N CYS J 284 -12.40 -39.10 31.09
CA CYS J 284 -13.83 -38.79 31.15
C CYS J 284 -14.44 -39.09 29.77
N SER J 285 -15.27 -40.12 29.72
CA SER J 285 -15.82 -40.58 28.44
C SER J 285 -16.80 -39.59 27.85
N LYS J 286 -17.55 -38.88 28.68
CA LYS J 286 -18.66 -38.08 28.20
C LYS J 286 -18.28 -36.66 27.83
N ILE J 287 -17.00 -36.30 27.88
CA ILE J 287 -16.56 -35.01 27.38
C ILE J 287 -16.47 -35.06 25.86
N GLN J 288 -17.02 -34.06 25.20
CA GLN J 288 -16.92 -33.91 23.75
C GLN J 288 -16.45 -32.51 23.43
N VAL J 289 -15.81 -32.34 22.27
CA VAL J 289 -15.19 -31.02 21.95
C VAL J 289 -15.79 -30.39 20.68
N ILE J 290 -16.13 -29.09 20.72
CA ILE J 290 -16.59 -28.38 19.50
C ILE J 290 -15.41 -27.52 19.01
N ASP J 291 -14.95 -27.74 17.78
CA ASP J 291 -13.86 -26.95 17.23
C ASP J 291 -14.35 -25.53 17.00
N ILE J 292 -13.63 -24.55 17.53
CA ILE J 292 -13.88 -23.15 17.22
C ILE J 292 -12.70 -22.51 16.52
N SER J 293 -11.75 -23.32 16.05
CA SER J 293 -10.60 -22.78 15.34
C SER J 293 -11.00 -22.08 14.05
N MET J 294 -12.11 -22.46 13.43
CA MET J 294 -12.54 -21.74 12.24
C MET J 294 -12.97 -20.32 12.58
N ILE J 295 -13.65 -20.13 13.71
CA ILE J 295 -14.05 -18.78 14.11
C ILE J 295 -12.83 -17.93 14.41
N LEU J 296 -11.86 -18.48 15.13
CA LEU J 296 -10.64 -17.74 15.46
C LEU J 296 -9.85 -17.40 14.21
N ALA J 297 -9.70 -18.37 13.30
CA ALA J 297 -8.97 -18.14 12.07
C ALA J 297 -9.66 -17.08 11.21
N GLU J 298 -10.99 -17.14 11.11
CA GLU J 298 -11.70 -16.14 10.34
C GLU J 298 -11.59 -14.77 10.99
N ALA J 299 -11.62 -14.70 12.31
CA ALA J 299 -11.45 -13.41 12.98
C ALA J 299 -10.06 -12.84 12.71
N ILE J 300 -9.02 -13.67 12.77
CA ILE J 300 -7.68 -13.21 12.48
C ILE J 300 -7.60 -12.68 11.06
N ARG J 301 -8.14 -13.45 10.11
CA ARG J 301 -8.05 -13.08 8.71
C ARG J 301 -8.85 -11.83 8.40
N ARG J 302 -9.99 -11.64 9.09
CA ARG J 302 -10.79 -10.44 8.86
C ARG J 302 -10.18 -9.21 9.51
N THR J 303 -9.58 -9.35 10.69
CA THR J 303 -8.86 -8.21 11.25
C THR J 303 -7.67 -7.83 10.37
N HIS J 304 -6.99 -8.82 9.81
CA HIS J 304 -5.86 -8.52 8.93
C HIS J 304 -6.32 -7.82 7.66
N ASN J 305 -7.40 -8.29 7.04
CA ASN J 305 -7.84 -7.74 5.77
C ASN J 305 -8.79 -6.56 5.92
N GLY J 306 -9.09 -6.15 7.14
CA GLY J 306 -10.02 -5.07 7.33
C GLY J 306 -11.46 -5.40 6.99
N GLU J 307 -11.84 -6.66 7.01
CA GLU J 307 -13.24 -7.02 6.84
C GLU J 307 -13.97 -7.02 8.18
N SER J 308 -15.29 -7.14 8.10
CA SER J 308 -16.10 -7.10 9.31
C SER J 308 -15.90 -8.35 10.15
N VAL J 309 -15.59 -8.16 11.43
CA VAL J 309 -15.49 -9.28 12.35
C VAL J 309 -16.85 -9.63 12.93
N SER J 310 -17.69 -8.63 13.17
CA SER J 310 -18.99 -8.87 13.80
C SER J 310 -19.89 -9.74 12.93
N TYR J 311 -19.56 -9.87 11.66
CA TYR J 311 -20.22 -10.81 10.76
C TYR J 311 -20.22 -12.21 11.35
N LEU J 312 -19.17 -12.54 12.10
CA LEU J 312 -19.03 -13.85 12.71
C LEU J 312 -19.93 -14.06 13.93
N PHE J 313 -20.55 -12.99 14.47
CA PHE J 313 -21.40 -13.18 15.63
C PHE J 313 -22.60 -14.07 15.31
N SER J 314 -22.99 -14.14 14.05
CA SER J 314 -24.16 -14.89 13.65
C SER J 314 -23.93 -15.89 12.52
N HIS J 315 -22.72 -15.97 11.98
CA HIS J 315 -22.46 -16.81 10.80
C HIS J 315 -21.33 -17.77 11.09
N VAL J 316 -21.57 -19.05 10.85
CA VAL J 316 -20.50 -20.04 10.94
C VAL J 316 -19.71 -20.04 9.63
N PRO J 317 -18.39 -19.81 9.65
CA PRO J 317 -17.59 -19.79 8.43
C PRO J 317 -17.09 -21.17 8.02
N PRO K 2 -0.06 7.91 58.82
CA PRO K 2 0.28 6.75 57.99
C PRO K 2 1.29 5.84 58.67
N ASN K 3 0.87 4.60 58.92
CA ASN K 3 1.68 3.63 59.63
C ASN K 3 2.26 2.60 58.66
N ILE K 4 3.29 1.90 59.12
CA ILE K 4 3.88 0.82 58.33
C ILE K 4 3.01 -0.41 58.40
N LYS K 5 2.70 -0.98 57.24
CA LYS K 5 2.06 -2.28 57.15
C LYS K 5 2.96 -3.18 56.32
N ILE K 6 3.36 -4.31 56.90
CA ILE K 6 4.22 -5.27 56.21
C ILE K 6 3.36 -6.45 55.81
N PHE K 7 3.36 -6.79 54.54
CA PHE K 7 2.64 -7.95 54.04
C PHE K 7 3.63 -8.92 53.41
N SER K 8 3.39 -10.20 53.60
CA SER K 8 4.24 -11.25 53.08
C SER K 8 3.58 -11.94 51.90
N GLY K 9 4.31 -12.08 50.82
CA GLY K 9 3.96 -13.05 49.82
C GLY K 9 4.34 -14.45 50.26
N SER K 10 3.94 -15.43 49.48
CA SER K 10 4.21 -16.81 49.86
C SER K 10 5.65 -17.24 49.59
N SER K 11 6.43 -16.44 48.86
CA SER K 11 7.76 -16.87 48.46
C SER K 11 8.69 -17.03 49.66
N HIS K 12 8.80 -15.99 50.49
CA HIS K 12 9.79 -16.00 51.57
C HIS K 12 9.12 -15.48 52.84
N GLN K 13 8.44 -16.37 53.56
CA GLN K 13 7.68 -15.94 54.72
C GLN K 13 8.58 -15.76 55.95
N ASP K 14 9.65 -16.54 56.04
CA ASP K 14 10.58 -16.38 57.16
C ASP K 14 11.25 -15.02 57.13
N LEU K 15 11.68 -14.57 55.95
CA LEU K 15 12.29 -13.26 55.83
C LEU K 15 11.30 -12.16 56.21
N SER K 16 10.06 -12.28 55.74
CA SER K 16 9.06 -11.28 56.08
C SER K 16 8.83 -11.22 57.58
N GLN K 17 8.78 -12.40 58.23
CA GLN K 17 8.61 -12.42 59.68
C GLN K 17 9.80 -11.78 60.39
N LYS K 18 11.02 -12.07 59.94
CA LYS K 18 12.19 -11.46 60.56
C LYS K 18 12.15 -9.94 60.43
N ILE K 19 11.78 -9.45 59.24
CA ILE K 19 11.67 -8.01 59.03
C ILE K 19 10.61 -7.42 59.94
N ALA K 20 9.46 -8.09 60.05
CA ALA K 20 8.38 -7.60 60.90
C ALA K 20 8.78 -7.53 62.36
N ASP K 21 9.49 -8.55 62.85
CA ASP K 21 9.99 -8.51 64.23
C ASP K 21 10.97 -7.36 64.42
N ARG K 22 11.89 -7.15 63.47
CA ARG K 22 12.83 -6.06 63.63
C ARG K 22 12.12 -4.71 63.60
N LEU K 23 11.00 -4.61 62.90
CA LEU K 23 10.23 -3.38 62.91
C LEU K 23 9.31 -3.26 64.11
N GLY K 24 9.19 -4.31 64.93
CA GLY K 24 8.26 -4.30 66.03
C GLY K 24 6.81 -4.39 65.61
N LEU K 25 6.52 -5.03 64.49
CA LEU K 25 5.19 -5.11 63.93
C LEU K 25 4.77 -6.55 63.72
N GLU K 26 3.47 -6.76 63.60
CA GLU K 26 2.96 -8.04 63.15
C GLU K 26 2.70 -7.98 61.65
N LEU K 27 3.10 -9.08 60.99
CA LEU K 27 2.99 -9.17 59.52
C LEU K 27 1.54 -8.87 59.13
N GLY K 28 1.33 -8.05 58.09
CA GLY K 28 -0.05 -7.73 57.82
C GLY K 28 -0.85 -8.96 57.46
N LYS K 29 -2.12 -8.95 57.85
CA LYS K 29 -3.00 -10.08 57.55
C LYS K 29 -3.32 -10.10 56.07
N VAL K 30 -2.89 -11.14 55.38
CA VAL K 30 -3.20 -11.33 53.97
C VAL K 30 -3.34 -12.82 53.73
N VAL K 31 -4.31 -13.18 52.89
CA VAL K 31 -4.46 -14.54 52.41
C VAL K 31 -3.96 -14.59 50.98
N THR K 32 -2.95 -15.43 50.76
CA THR K 32 -2.31 -15.54 49.43
C THR K 32 -2.19 -17.02 49.08
N LYS K 33 -3.12 -17.56 48.30
CA LYS K 33 -3.17 -18.97 47.94
C LYS K 33 -3.53 -19.07 46.47
N LYS K 34 -3.85 -20.27 46.01
CA LYS K 34 -4.27 -20.48 44.65
C LYS K 34 -5.65 -21.10 44.62
N PHE K 35 -6.49 -20.59 43.72
CA PHE K 35 -7.74 -21.26 43.39
C PHE K 35 -7.43 -22.63 42.77
N SER K 36 -8.48 -23.43 42.61
CA SER K 36 -8.32 -24.76 42.06
C SER K 36 -7.69 -24.73 40.67
N ASN K 37 -8.13 -23.81 39.82
CA ASN K 37 -7.58 -23.68 38.47
C ASN K 37 -6.25 -22.94 38.43
N GLN K 38 -5.62 -22.75 39.59
CA GLN K 38 -4.28 -22.19 39.76
C GLN K 38 -4.21 -20.68 39.56
N GLU K 39 -5.34 -19.99 39.59
CA GLU K 39 -5.30 -18.54 39.61
C GLU K 39 -4.97 -18.07 41.02
N THR K 40 -4.15 -17.02 41.09
CA THR K 40 -3.68 -16.50 42.40
C THR K 40 -4.82 -15.77 43.12
N CYS K 41 -5.16 -16.23 44.32
CA CYS K 41 -6.20 -15.61 45.12
C CYS K 41 -5.54 -14.80 46.23
N VAL K 42 -5.89 -13.52 46.31
CA VAL K 42 -5.34 -12.60 47.28
C VAL K 42 -6.49 -11.90 48.00
N GLU K 43 -6.41 -11.85 49.32
CA GLU K 43 -7.38 -11.11 50.11
C GLU K 43 -6.64 -10.37 51.22
N ILE K 44 -6.71 -9.05 51.21
CA ILE K 44 -6.08 -8.25 52.26
C ILE K 44 -6.99 -8.30 53.48
N GLY K 45 -6.49 -8.86 54.57
CA GLY K 45 -7.26 -9.11 55.76
C GLY K 45 -7.37 -7.96 56.74
N GLU K 46 -6.83 -6.80 56.39
CA GLU K 46 -6.92 -5.63 57.23
C GLU K 46 -6.95 -4.39 56.36
N SER K 47 -7.47 -3.30 56.91
CA SER K 47 -7.49 -2.05 56.17
C SER K 47 -6.08 -1.51 56.00
N VAL K 48 -5.74 -1.11 54.78
CA VAL K 48 -4.48 -0.45 54.49
C VAL K 48 -4.69 1.00 54.07
N ARG K 49 -5.82 1.62 54.45
CA ARG K 49 -6.11 3.02 54.00
C ARG K 49 -5.12 4.03 54.61
N GLY K 50 -4.56 4.89 53.75
CA GLY K 50 -3.64 5.92 54.22
C GLY K 50 -2.49 5.29 54.96
N GLU K 51 -2.12 4.05 54.62
CA GLU K 51 -0.96 3.47 55.27
C GLU K 51 0.22 3.39 54.30
N ASP K 52 1.41 3.24 54.86
CA ASP K 52 2.63 3.01 54.11
C ASP K 52 2.85 1.51 54.04
N VAL K 53 2.55 0.91 52.90
CA VAL K 53 2.50 -0.53 52.75
C VAL K 53 3.80 -1.03 52.14
N TYR K 54 4.37 -2.07 52.73
CA TYR K 54 5.56 -2.72 52.20
C TYR K 54 5.23 -4.19 51.97
N ILE K 55 5.39 -4.66 50.74
CA ILE K 55 5.10 -6.03 50.37
C ILE K 55 6.42 -6.72 50.07
N VAL K 56 6.73 -7.78 50.82
CA VAL K 56 8.00 -8.48 50.70
C VAL K 56 7.77 -9.73 49.86
N GLN K 57 8.51 -9.83 48.76
CA GLN K 57 8.40 -10.95 47.84
C GLN K 57 9.69 -11.02 47.03
N SER K 58 10.37 -12.15 47.07
CA SER K 58 11.60 -12.29 46.31
C SER K 58 11.37 -13.08 45.03
N GLY K 59 12.25 -12.88 44.05
CA GLY K 59 12.20 -13.60 42.81
C GLY K 59 12.87 -14.95 42.93
N CYS K 60 12.18 -15.89 43.56
CA CYS K 60 12.73 -17.20 43.88
C CYS K 60 11.63 -18.23 43.77
N GLY K 61 12.04 -19.49 43.80
CA GLY K 61 11.09 -20.59 43.72
C GLY K 61 10.32 -20.54 42.41
N GLU K 62 9.00 -20.66 42.51
CA GLU K 62 8.12 -20.53 41.34
C GLU K 62 8.00 -19.06 40.97
N ILE K 63 8.91 -18.63 40.09
CA ILE K 63 9.16 -17.20 39.91
C ILE K 63 7.94 -16.49 39.33
N ASN K 64 7.31 -17.08 38.31
CA ASN K 64 6.18 -16.41 37.69
C ASN K 64 4.97 -16.35 38.63
N ASP K 65 4.74 -17.40 39.40
CA ASP K 65 3.70 -17.39 40.41
C ASP K 65 3.95 -16.30 41.45
N ASN K 66 5.19 -16.21 41.95
CA ASN K 66 5.51 -15.21 42.96
C ASN K 66 5.38 -13.79 42.41
N LEU K 67 5.83 -13.58 41.17
CA LEU K 67 5.73 -12.28 40.55
C LEU K 67 4.29 -11.86 40.36
N MET K 68 3.44 -12.78 39.90
CA MET K 68 2.02 -12.47 39.76
C MET K 68 1.38 -12.21 41.12
N GLU K 69 1.74 -12.99 42.13
CA GLU K 69 1.27 -12.71 43.48
C GLU K 69 1.63 -11.31 43.93
N LEU K 70 2.88 -10.91 43.69
CA LEU K 70 3.31 -9.57 44.09
C LEU K 70 2.52 -8.50 43.35
N LEU K 71 2.34 -8.66 42.04
CA LEU K 71 1.60 -7.66 41.28
C LEU K 71 0.16 -7.57 41.76
N ILE K 72 -0.48 -8.71 42.00
CA ILE K 72 -1.85 -8.72 42.46
C ILE K 72 -1.97 -8.07 43.84
N MET K 73 -1.03 -8.36 44.75
CA MET K 73 -1.06 -7.75 46.07
C MET K 73 -0.86 -6.24 45.99
N ILE K 74 0.06 -5.79 45.14
CA ILE K 74 0.26 -4.36 44.95
C ILE K 74 -1.03 -3.72 44.45
N ASN K 75 -1.67 -4.34 43.47
CA ASN K 75 -2.91 -3.79 42.93
C ASN K 75 -4.00 -3.73 43.99
N ALA K 76 -4.13 -4.79 44.79
CA ALA K 76 -5.14 -4.83 45.83
C ALA K 76 -4.91 -3.72 46.85
N CYS K 77 -3.66 -3.51 47.26
CA CYS K 77 -3.38 -2.45 48.21
C CYS K 77 -3.59 -1.07 47.60
N LYS K 78 -3.26 -0.90 46.32
CA LYS K 78 -3.40 0.41 45.68
C LYS K 78 -4.86 0.79 45.51
N ILE K 79 -5.71 -0.14 45.07
CA ILE K 79 -7.12 0.20 44.95
C ILE K 79 -7.84 0.18 46.30
N ALA K 80 -7.17 -0.31 47.35
CA ALA K 80 -7.69 -0.17 48.71
C ALA K 80 -7.26 1.14 49.37
N SER K 81 -6.71 2.07 48.59
CA SER K 81 -6.42 3.44 49.03
C SER K 81 -5.28 3.50 50.03
N ALA K 82 -4.27 2.66 49.85
CA ALA K 82 -3.04 2.81 50.61
C ALA K 82 -2.36 4.11 50.19
N SER K 83 -1.78 4.81 51.16
CA SER K 83 -1.13 6.07 50.85
C SER K 83 0.09 5.86 49.96
N ARG K 84 0.83 4.79 50.20
CA ARG K 84 2.03 4.49 49.43
C ARG K 84 2.24 2.99 49.47
N VAL K 85 2.67 2.42 48.35
CA VAL K 85 2.92 1.00 48.24
C VAL K 85 4.35 0.80 47.77
N THR K 86 5.12 0.03 48.53
CA THR K 86 6.51 -0.26 48.22
C THR K 86 6.69 -1.75 48.03
N ALA K 87 7.37 -2.13 46.97
CA ALA K 87 7.72 -3.53 46.73
C ALA K 87 9.14 -3.77 47.26
N VAL K 88 9.25 -4.68 48.22
CA VAL K 88 10.52 -5.07 48.78
C VAL K 88 10.87 -6.41 48.11
N ILE K 89 11.77 -6.36 47.14
CA ILE K 89 12.09 -7.51 46.31
C ILE K 89 13.56 -7.86 46.50
N PRO K 90 13.89 -8.68 47.50
CA PRO K 90 15.32 -8.92 47.80
C PRO K 90 16.11 -9.45 46.62
N CYS K 91 15.55 -10.37 45.85
CA CYS K 91 16.16 -10.85 44.61
C CYS K 91 15.23 -10.50 43.46
N PHE K 92 15.69 -9.64 42.56
CA PHE K 92 14.84 -9.11 41.51
C PHE K 92 14.67 -10.12 40.40
N PRO K 93 13.44 -10.52 40.06
CA PRO K 93 13.24 -11.52 39.01
C PRO K 93 13.56 -10.96 37.62
N TYR K 94 14.03 -11.86 36.75
CA TYR K 94 14.40 -11.56 35.37
C TYR K 94 15.50 -10.51 35.28
N ALA K 95 16.27 -10.32 36.35
CA ALA K 95 17.32 -9.31 36.35
C ALA K 95 18.40 -9.62 35.32
N ARG K 96 18.65 -10.89 35.03
CA ARG K 96 19.67 -11.26 34.07
C ARG K 96 19.25 -11.04 32.62
N GLN K 97 17.95 -10.77 32.40
CA GLN K 97 17.46 -10.44 31.04
C GLN K 97 17.36 -8.92 30.96
N ASP K 98 18.49 -8.22 31.09
CA ASP K 98 18.53 -6.76 31.13
C ASP K 98 18.95 -6.14 29.81
N LYS K 99 19.09 -6.93 28.75
CA LYS K 99 19.51 -6.41 27.45
C LYS K 99 19.24 -7.45 26.38
N LYS K 100 19.31 -7.01 25.11
CA LYS K 100 19.06 -7.89 23.97
C LYS K 100 20.36 -8.49 23.43
N ASP K 101 21.33 -7.66 23.10
CA ASP K 101 22.67 -8.11 22.69
C ASP K 101 22.65 -9.02 21.46
N LYS K 102 22.28 -8.47 20.31
CA LYS K 102 22.35 -9.17 19.02
C LYS K 102 21.42 -10.37 18.98
N SER K 103 20.34 -10.30 19.73
CA SER K 103 19.36 -11.37 19.74
C SER K 103 17.97 -10.77 19.69
N ARG K 104 17.05 -11.46 19.03
CA ARG K 104 15.65 -11.04 19.02
C ARG K 104 14.99 -11.57 20.30
N ALA K 105 15.43 -11.00 21.40
CA ALA K 105 15.05 -11.40 22.74
C ALA K 105 14.27 -10.30 23.42
N PRO K 106 13.46 -10.62 24.42
CA PRO K 106 12.84 -9.57 25.24
C PRO K 106 13.86 -8.97 26.18
N ILE K 107 13.58 -7.75 26.62
CA ILE K 107 14.25 -7.20 27.81
C ILE K 107 13.27 -7.42 28.96
N SER K 108 13.36 -8.63 29.55
CA SER K 108 12.36 -9.05 30.52
C SER K 108 12.42 -8.23 31.79
N ALA K 109 13.60 -7.79 32.18
CA ALA K 109 13.72 -6.95 33.37
C ALA K 109 12.95 -5.65 33.20
N LYS K 110 13.03 -5.04 32.02
CA LYS K 110 12.26 -3.83 31.75
C LYS K 110 10.76 -4.12 31.78
N LEU K 111 10.35 -5.26 31.24
CA LEU K 111 8.94 -5.63 31.28
C LEU K 111 8.45 -5.78 32.72
N VAL K 112 9.26 -6.42 33.56
CA VAL K 112 8.91 -6.57 34.97
C VAL K 112 8.80 -5.21 35.64
N ALA K 113 9.74 -4.31 35.36
CA ALA K 113 9.68 -2.97 35.92
C ALA K 113 8.41 -2.25 35.50
N ASN K 114 8.05 -2.35 34.22
CA ASN K 114 6.83 -1.73 33.73
C ASN K 114 5.60 -2.32 34.40
N MET K 115 5.58 -3.64 34.59
CA MET K 115 4.45 -4.28 35.23
C MET K 115 4.32 -3.85 36.68
N LEU K 116 5.45 -3.73 37.39
CA LEU K 116 5.40 -3.25 38.77
C LEU K 116 4.89 -1.82 38.84
N SER K 117 5.31 -0.98 37.91
CA SER K 117 4.84 0.40 37.89
C SER K 117 3.33 0.46 37.60
N VAL K 118 2.87 -0.34 36.64
CA VAL K 118 1.47 -0.26 36.25
C VAL K 118 0.57 -0.91 37.29
N ALA K 119 1.10 -1.84 38.09
CA ALA K 119 0.33 -2.40 39.18
C ALA K 119 0.11 -1.36 40.28
N GLY K 120 1.00 -0.38 40.38
CA GLY K 120 0.80 0.72 41.30
C GLY K 120 1.91 0.90 42.32
N ALA K 121 3.05 0.27 42.10
CA ALA K 121 4.16 0.45 43.02
C ALA K 121 4.69 1.87 42.94
N ASP K 122 4.88 2.48 44.11
CA ASP K 122 5.45 3.82 44.20
C ASP K 122 6.95 3.80 44.45
N HIS K 123 7.49 2.67 44.90
CA HIS K 123 8.86 2.60 45.36
C HIS K 123 9.30 1.14 45.35
N ILE K 124 10.57 0.92 45.05
CA ILE K 124 11.16 -0.41 45.03
C ILE K 124 12.36 -0.44 45.96
N ILE K 125 12.42 -1.45 46.81
CA ILE K 125 13.60 -1.76 47.60
C ILE K 125 14.08 -3.14 47.18
N THR K 126 15.35 -3.22 46.79
CA THR K 126 15.94 -4.48 46.36
C THR K 126 17.38 -4.54 46.83
N MET K 127 18.01 -5.70 46.67
CA MET K 127 19.37 -5.93 47.12
C MET K 127 20.21 -6.48 45.98
N ASP K 128 21.34 -5.83 45.71
CA ASP K 128 22.34 -6.27 44.72
C ASP K 128 21.68 -6.65 43.39
N LEU K 129 21.13 -5.64 42.73
CA LEU K 129 20.63 -5.82 41.37
C LEU K 129 21.73 -6.38 40.48
N HIS K 130 21.37 -7.32 39.62
CA HIS K 130 22.35 -7.93 38.73
C HIS K 130 23.10 -6.87 37.93
N ALA K 131 22.39 -5.89 37.39
CA ALA K 131 22.99 -4.72 36.78
C ALA K 131 22.29 -3.50 37.36
N SER K 132 23.07 -2.51 37.81
CA SER K 132 22.45 -1.35 38.43
C SER K 132 21.72 -0.49 37.41
N GLN K 133 21.98 -0.70 36.12
CA GLN K 133 21.18 -0.05 35.08
C GLN K 133 19.70 -0.40 35.19
N ILE K 134 19.36 -1.50 35.85
CA ILE K 134 17.95 -1.84 36.05
C ILE K 134 17.23 -0.73 36.81
N GLN K 135 17.96 0.03 37.62
CA GLN K 135 17.37 1.18 38.27
C GLN K 135 16.77 2.15 37.25
N GLY K 136 17.42 2.31 36.11
CA GLY K 136 16.90 3.18 35.06
C GLY K 136 15.70 2.61 34.33
N PHE K 137 15.42 1.33 34.50
CA PHE K 137 14.21 0.75 33.91
C PHE K 137 12.95 1.28 34.57
N PHE K 138 13.07 1.89 35.74
CA PHE K 138 11.93 2.44 36.46
C PHE K 138 11.86 3.94 36.30
N ASP K 139 10.67 4.48 36.51
CA ASP K 139 10.51 5.91 36.73
C ASP K 139 10.27 6.25 38.20
N ILE K 140 9.88 5.27 39.01
CA ILE K 140 9.74 5.44 40.46
C ILE K 140 11.11 5.27 41.10
N PRO K 141 11.34 5.80 42.30
CA PRO K 141 12.63 5.59 42.97
C PRO K 141 12.88 4.12 43.26
N VAL K 142 14.13 3.71 43.12
CA VAL K 142 14.58 2.35 43.43
C VAL K 142 15.76 2.45 44.37
N ASP K 143 15.66 1.83 45.54
CA ASP K 143 16.78 1.74 46.46
C ASP K 143 17.40 0.36 46.32
N ASN K 144 18.60 0.32 45.75
CA ASN K 144 19.35 -0.92 45.56
C ASN K 144 20.34 -1.05 46.71
N LEU K 145 20.00 -1.88 47.69
CA LEU K 145 20.86 -2.08 48.84
C LEU K 145 22.01 -3.02 48.48
N TYR K 146 23.02 -3.03 49.34
CA TYR K 146 24.21 -3.84 49.14
C TYR K 146 24.41 -4.78 50.32
N ALA K 147 24.70 -6.03 50.00
CA ALA K 147 25.05 -7.00 51.04
C ALA K 147 26.49 -6.86 51.51
N GLU K 148 27.26 -5.99 50.88
CA GLU K 148 28.70 -5.88 51.16
C GLU K 148 29.03 -5.62 52.62
N PRO K 149 28.38 -4.65 53.35
CA PRO K 149 28.62 -4.50 54.79
C PRO K 149 28.57 -5.87 55.47
N ALA K 150 27.59 -6.71 55.11
CA ALA K 150 27.43 -8.03 55.77
C ALA K 150 28.45 -9.04 55.21
N VAL K 151 28.78 -8.98 53.92
CA VAL K 151 29.81 -9.88 53.41
C VAL K 151 31.16 -9.60 54.06
N LEU K 152 31.52 -8.32 54.16
CA LEU K 152 32.77 -7.93 54.80
C LEU K 152 32.79 -8.37 56.25
N LYS K 153 31.67 -8.18 56.95
CA LYS K 153 31.56 -8.65 58.33
C LYS K 153 31.79 -10.15 58.41
N TRP K 154 31.13 -10.92 57.53
CA TRP K 154 31.30 -12.37 57.56
C TRP K 154 32.75 -12.76 57.30
N ILE K 155 33.38 -12.11 56.32
CA ILE K 155 34.75 -12.45 55.96
C ILE K 155 35.67 -12.23 57.14
N ARG K 156 35.52 -11.08 57.81
CA ARG K 156 36.39 -10.79 58.94
C ARG K 156 36.16 -11.75 60.09
N GLU K 157 34.91 -12.09 60.38
CA GLU K 157 34.67 -12.95 61.54
C GLU K 157 34.72 -14.45 61.24
N ASN K 158 34.93 -14.86 59.99
CA ASN K 158 34.94 -16.28 59.68
C ASN K 158 36.20 -16.79 59.01
N ILE K 159 36.94 -15.93 58.33
CA ILE K 159 38.17 -16.33 57.64
C ILE K 159 39.32 -15.72 58.42
N SER K 160 40.08 -16.58 59.12
CA SER K 160 41.14 -16.09 59.99
C SER K 160 42.26 -15.44 59.22
N GLU K 161 42.50 -15.87 57.98
CA GLU K 161 43.57 -15.34 57.15
C GLU K 161 43.11 -14.23 56.22
N TRP K 162 42.04 -13.51 56.58
CA TRP K 162 41.40 -12.62 55.63
C TRP K 162 42.31 -11.47 55.22
N ARG K 163 43.30 -11.13 56.04
CA ARG K 163 44.20 -10.05 55.69
C ARG K 163 45.17 -10.43 54.59
N ASN K 164 45.41 -11.73 54.38
CA ASN K 164 46.27 -12.20 53.32
C ASN K 164 45.50 -12.90 52.20
N CYS K 165 44.18 -12.75 52.14
CA CYS K 165 43.39 -13.44 51.15
C CYS K 165 43.40 -12.69 49.83
N THR K 166 42.91 -13.36 48.80
CA THR K 166 42.69 -12.75 47.49
C THR K 166 41.21 -12.83 47.13
N ILE K 167 40.61 -11.71 46.82
CA ILE K 167 39.23 -11.67 46.35
C ILE K 167 39.23 -11.88 44.85
N VAL K 168 38.46 -12.85 44.38
CA VAL K 168 38.51 -13.30 43.00
C VAL K 168 37.14 -13.12 42.34
N SER K 169 37.15 -12.52 41.17
CA SER K 169 35.96 -12.48 40.35
C SER K 169 35.88 -13.74 39.49
N PRO K 170 34.73 -14.41 39.44
CA PRO K 170 34.59 -15.56 38.54
C PRO K 170 34.66 -15.19 37.07
N ASP K 171 34.36 -13.95 36.71
CA ASP K 171 34.34 -13.53 35.32
C ASP K 171 34.75 -12.06 35.26
N ALA K 172 34.89 -11.55 34.03
CA ALA K 172 35.25 -10.15 33.86
C ALA K 172 34.11 -9.23 34.27
N GLY K 173 32.87 -9.73 34.23
CA GLY K 173 31.73 -8.89 34.52
C GLY K 173 31.66 -8.43 35.96
N GLY K 174 32.01 -9.29 36.90
CA GLY K 174 31.91 -8.95 38.31
C GLY K 174 33.09 -8.26 38.94
N ALA K 175 34.11 -7.95 38.14
CA ALA K 175 35.36 -7.42 38.68
C ALA K 175 35.13 -6.20 39.56
N LYS K 176 34.31 -5.27 39.09
CA LYS K 176 33.97 -4.10 39.89
C LYS K 176 33.65 -4.49 41.32
N ARG K 177 32.68 -5.40 41.49
CA ARG K 177 32.28 -5.82 42.82
C ARG K 177 33.48 -6.28 43.63
N VAL K 178 34.29 -7.19 43.07
CA VAL K 178 35.38 -7.72 43.88
C VAL K 178 36.36 -6.62 44.21
N THR K 179 36.60 -5.69 43.27
CA THR K 179 37.52 -4.60 43.57
C THR K 179 37.01 -3.80 44.75
N SER K 180 35.71 -3.51 44.77
CA SER K 180 35.14 -2.81 45.92
C SER K 180 35.49 -3.55 47.20
N ILE K 181 35.23 -4.86 47.23
CA ILE K 181 35.53 -5.63 48.43
C ILE K 181 37.02 -5.58 48.71
N ALA K 182 37.83 -5.75 47.67
CA ALA K 182 39.28 -5.72 47.87
C ALA K 182 39.72 -4.39 48.42
N ASP K 183 39.04 -3.32 48.05
CA ASP K 183 39.38 -2.00 48.60
C ASP K 183 39.02 -1.91 50.07
N ARG K 184 37.91 -2.50 50.47
CA ARG K 184 37.45 -2.35 51.85
C ARG K 184 38.21 -3.26 52.80
N LEU K 185 38.86 -4.31 52.30
CA LEU K 185 39.64 -5.21 53.13
C LEU K 185 41.13 -4.99 53.04
N ASN K 186 41.60 -4.23 52.04
CA ASN K 186 43.02 -4.04 51.77
C ASN K 186 43.71 -5.38 51.52
N VAL K 187 43.24 -6.04 50.46
CA VAL K 187 43.77 -7.32 50.02
C VAL K 187 43.90 -7.30 48.50
N ASP K 188 44.53 -8.34 47.97
CA ASP K 188 44.68 -8.45 46.53
C ASP K 188 43.36 -8.90 45.89
N PHE K 189 43.22 -8.58 44.61
CA PHE K 189 42.06 -9.03 43.83
C PHE K 189 42.53 -9.63 42.52
N ALA K 190 41.95 -10.76 42.18
CA ALA K 190 42.27 -11.54 40.99
C ALA K 190 41.05 -11.65 40.08
N LEU K 191 41.30 -11.80 38.79
CA LEU K 191 40.27 -12.04 37.82
C LEU K 191 40.48 -13.40 37.16
N ILE K 192 39.38 -13.98 36.71
CA ILE K 192 39.38 -15.25 36.01
C ILE K 192 38.45 -15.12 34.81
N HIS K 193 38.94 -15.45 33.62
CA HIS K 193 38.10 -15.40 32.39
C HIS K 193 38.37 -16.64 31.53
N LYS K 194 37.35 -17.14 30.83
CA LYS K 194 37.53 -18.27 29.93
C LYS K 194 37.96 -17.80 28.55
N GLU K 195 38.83 -18.58 27.91
CA GLU K 195 39.37 -18.25 26.61
C GLU K 195 38.47 -18.73 25.49
N ASP K 203 37.05 -23.69 26.89
CA ASP K 203 36.77 -24.45 28.10
C ASP K 203 37.85 -24.22 29.15
N ARG K 204 38.93 -23.54 28.75
CA ARG K 204 40.01 -23.21 29.66
C ARG K 204 39.77 -21.84 30.27
N MET K 205 40.28 -21.67 31.50
CA MET K 205 40.21 -20.40 32.21
C MET K 205 41.61 -19.88 32.47
N VAL K 206 41.75 -18.56 32.43
CA VAL K 206 43.01 -17.88 32.71
C VAL K 206 42.80 -16.99 33.92
N LEU K 207 43.76 -17.03 34.84
CA LEU K 207 43.77 -16.34 36.12
C LEU K 207 44.92 -15.36 36.19
N VAL K 208 44.60 -14.14 36.61
CA VAL K 208 45.62 -13.11 36.81
C VAL K 208 45.65 -12.78 38.28
N GLY K 209 46.85 -12.78 38.87
CA GLY K 209 46.97 -12.51 40.28
C GLY K 209 47.48 -13.70 41.06
N ASP K 210 48.49 -13.48 41.91
CA ASP K 210 49.05 -14.55 42.71
C ASP K 210 48.03 -15.03 43.73
N VAL K 211 47.80 -16.35 43.76
CA VAL K 211 46.90 -16.98 44.72
C VAL K 211 47.55 -18.12 45.48
N LYS K 212 48.83 -18.39 45.24
CA LYS K 212 49.49 -19.52 45.89
C LYS K 212 49.65 -19.26 47.39
N ASP K 213 49.37 -20.29 48.19
CA ASP K 213 49.48 -20.29 49.65
C ASP K 213 48.56 -19.27 50.29
N ARG K 214 47.59 -18.72 49.56
CA ARG K 214 46.69 -17.71 50.06
C ARG K 214 45.25 -18.23 49.94
N VAL K 215 44.40 -17.79 50.86
CA VAL K 215 42.99 -18.12 50.78
C VAL K 215 42.35 -17.27 49.69
N ALA K 216 41.59 -17.92 48.82
CA ALA K 216 40.88 -17.22 47.74
C ALA K 216 39.40 -17.17 48.06
N ILE K 217 38.78 -16.04 47.74
CA ILE K 217 37.36 -15.81 48.00
C ILE K 217 36.72 -15.37 46.69
N LEU K 218 36.04 -16.28 46.00
CA LEU K 218 35.21 -15.90 44.87
C LEU K 218 34.03 -15.09 45.35
N VAL K 219 33.70 -14.01 44.66
CA VAL K 219 32.57 -13.18 45.05
C VAL K 219 31.65 -12.97 43.85
N ASP K 220 30.34 -13.06 44.08
CA ASP K 220 29.38 -12.90 43.00
C ASP K 220 27.99 -12.53 43.51
N ASP K 221 27.19 -12.03 42.56
CA ASP K 221 25.82 -11.65 42.88
C ASP K 221 24.93 -12.87 43.02
N MET K 222 25.11 -13.87 42.15
CA MET K 222 24.16 -15.00 42.17
C MET K 222 24.76 -16.31 41.67
N ALA K 223 24.39 -17.42 42.33
CA ALA K 223 24.77 -18.75 41.90
C ALA K 223 23.52 -19.50 41.50
N ASP K 224 23.32 -19.69 40.19
CA ASP K 224 22.15 -20.41 39.72
C ASP K 224 22.45 -21.90 39.55
N THR K 225 23.29 -22.22 38.58
CA THR K 225 23.69 -23.60 38.35
C THR K 225 25.08 -23.88 38.88
N CYS K 226 25.81 -22.84 39.26
CA CYS K 226 27.13 -22.90 39.89
C CYS K 226 28.20 -23.49 38.98
N GLY K 227 27.95 -23.54 37.67
CA GLY K 227 29.01 -23.92 36.76
C GLY K 227 30.16 -22.93 36.79
N THR K 228 29.82 -21.64 36.79
CA THR K 228 30.84 -20.59 36.79
C THR K 228 31.75 -20.70 38.01
N ILE K 229 31.15 -20.73 39.21
CA ILE K 229 31.98 -20.73 40.41
C ILE K 229 32.71 -22.05 40.58
N CYS K 230 32.11 -23.16 40.14
CA CYS K 230 32.82 -24.44 40.26
C CYS K 230 34.03 -24.50 39.34
N HIS K 231 33.89 -24.01 38.11
CA HIS K 231 35.04 -23.94 37.22
C HIS K 231 36.10 -23.01 37.77
N ALA K 232 35.68 -21.85 38.29
CA ALA K 232 36.63 -20.92 38.89
C ALA K 232 37.36 -21.55 40.07
N ALA K 233 36.65 -22.29 40.91
CA ALA K 233 37.28 -22.92 42.06
C ALA K 233 38.27 -23.98 41.64
N ASP K 234 37.92 -24.77 40.61
CA ASP K 234 38.89 -25.74 40.09
C ASP K 234 40.16 -25.05 39.62
N LYS K 235 40.01 -23.94 38.89
CA LYS K 235 41.18 -23.19 38.44
C LYS K 235 41.98 -22.64 39.61
N LEU K 236 41.29 -22.14 40.64
CA LEU K 236 42.01 -21.58 41.79
C LEU K 236 42.81 -22.65 42.52
N LEU K 237 42.25 -23.85 42.67
CA LEU K 237 43.03 -24.94 43.25
C LEU K 237 44.18 -25.35 42.34
N SER K 238 43.99 -25.27 41.02
CA SER K 238 45.09 -25.56 40.11
C SER K 238 46.25 -24.59 40.34
N ALA K 239 45.94 -23.33 40.61
CA ALA K 239 46.95 -22.29 40.79
C ALA K 239 47.49 -22.21 42.21
N GLY K 240 47.36 -23.27 43.00
CA GLY K 240 48.05 -23.33 44.27
C GLY K 240 47.38 -22.65 45.43
N ALA K 241 46.10 -22.31 45.31
CA ALA K 241 45.39 -21.70 46.42
C ALA K 241 45.25 -22.68 47.58
N THR K 242 45.20 -22.15 48.79
CA THR K 242 45.12 -23.02 49.96
C THR K 242 43.69 -23.48 50.20
N ARG K 243 42.76 -22.52 50.36
CA ARG K 243 41.34 -22.83 50.43
C ARG K 243 40.61 -21.86 49.53
N VAL K 244 39.48 -22.30 48.99
CA VAL K 244 38.64 -21.47 48.14
C VAL K 244 37.26 -21.35 48.77
N TYR K 245 36.83 -20.12 48.98
CA TYR K 245 35.48 -19.78 49.43
C TYR K 245 34.71 -19.20 48.26
N ALA K 246 33.39 -19.28 48.34
CA ALA K 246 32.52 -18.58 47.41
C ALA K 246 31.48 -17.83 48.22
N ILE K 247 31.30 -16.55 47.92
CA ILE K 247 30.33 -15.70 48.60
C ILE K 247 29.43 -15.06 47.55
N LEU K 248 28.14 -15.33 47.65
CA LEU K 248 27.16 -14.83 46.71
C LEU K 248 26.00 -14.20 47.47
N THR K 249 25.49 -13.11 46.90
CA THR K 249 24.35 -12.51 47.58
C THR K 249 23.06 -13.30 47.33
N HIS K 250 22.91 -13.90 46.15
CA HIS K 250 21.70 -14.65 45.82
C HIS K 250 22.02 -16.11 45.56
N GLY K 251 21.60 -16.98 46.48
CA GLY K 251 21.76 -18.42 46.33
C GLY K 251 20.59 -19.12 45.67
N ILE K 252 20.45 -19.00 44.35
CA ILE K 252 19.32 -19.62 43.67
C ILE K 252 19.45 -21.14 43.67
N PHE K 253 20.63 -21.66 43.30
CA PHE K 253 20.95 -23.08 43.40
C PHE K 253 19.97 -23.98 42.66
N SER K 254 19.67 -23.62 41.41
CA SER K 254 18.76 -24.43 40.64
C SER K 254 19.51 -25.48 39.83
N GLY K 255 18.76 -26.46 39.32
CA GLY K 255 19.33 -27.50 38.50
C GLY K 255 20.33 -28.37 39.24
N PRO K 256 21.50 -28.54 38.65
CA PRO K 256 22.54 -29.40 39.25
C PRO K 256 23.45 -28.69 40.23
N ALA K 257 23.08 -27.51 40.73
CA ALA K 257 24.01 -26.72 41.52
C ALA K 257 24.44 -27.44 42.79
N ILE K 258 23.51 -28.13 43.45
CA ILE K 258 23.83 -28.76 44.73
C ILE K 258 24.82 -29.91 44.53
N SER K 259 24.61 -30.72 43.49
CA SER K 259 25.56 -31.79 43.21
C SER K 259 26.94 -31.26 42.87
N ARG K 260 27.00 -30.21 42.04
CA ARG K 260 28.29 -29.64 41.67
C ARG K 260 29.01 -29.07 42.87
N ILE K 261 28.29 -28.37 43.75
CA ILE K 261 28.91 -27.82 44.94
C ILE K 261 29.40 -28.94 45.85
N ASN K 262 28.59 -30.00 46.00
CA ASN K 262 29.02 -31.14 46.80
C ASN K 262 30.28 -31.78 46.23
N ASN K 263 30.43 -31.79 44.91
CA ASN K 263 31.63 -32.35 44.30
C ASN K 263 32.75 -31.32 44.15
N ALA K 264 32.52 -30.07 44.53
CA ALA K 264 33.53 -29.04 44.38
C ALA K 264 34.41 -28.96 45.62
N CYS K 265 35.46 -28.15 45.53
CA CYS K 265 36.47 -28.04 46.57
C CYS K 265 36.23 -26.89 47.53
N PHE K 266 35.09 -26.23 47.45
CA PHE K 266 34.82 -25.08 48.30
C PHE K 266 34.92 -25.46 49.77
N GLU K 267 35.58 -24.61 50.55
CA GLU K 267 35.48 -24.74 51.99
C GLU K 267 34.08 -24.39 52.47
N ALA K 268 33.48 -23.36 51.89
CA ALA K 268 32.13 -22.95 52.22
C ALA K 268 31.54 -22.21 51.03
N VAL K 269 30.23 -22.25 50.91
CA VAL K 269 29.50 -21.44 49.94
C VAL K 269 28.55 -20.57 50.74
N VAL K 270 28.93 -19.33 50.95
CA VAL K 270 28.16 -18.39 51.73
C VAL K 270 27.23 -17.63 50.81
N VAL K 271 25.95 -17.58 51.16
CA VAL K 271 24.97 -16.82 50.42
C VAL K 271 24.16 -16.00 51.40
N THR K 272 23.60 -14.91 50.91
CA THR K 272 22.68 -14.21 51.80
C THR K 272 21.32 -14.91 51.82
N ASN K 273 20.46 -14.51 52.76
CA ASN K 273 19.11 -15.06 52.77
C ASN K 273 18.12 -14.17 52.04
N THR K 274 18.45 -13.69 50.84
CA THR K 274 17.45 -13.06 50.01
C THR K 274 16.50 -14.10 49.43
N ILE K 275 16.92 -15.35 49.42
CA ILE K 275 16.17 -16.49 48.92
C ILE K 275 16.19 -17.52 50.04
N PRO K 276 15.08 -18.18 50.36
CA PRO K 276 15.11 -19.18 51.43
C PRO K 276 16.07 -20.31 51.09
N GLN K 277 16.80 -20.77 52.11
CA GLN K 277 17.89 -21.71 51.89
C GLN K 277 17.77 -23.01 52.68
N GLU K 278 16.71 -23.19 53.48
CA GLU K 278 16.65 -24.31 54.40
C GLU K 278 16.70 -25.65 53.66
N ASP K 279 15.97 -25.75 52.54
CA ASP K 279 15.94 -27.00 51.79
C ASP K 279 17.32 -27.32 51.21
N LYS K 280 18.00 -26.31 50.67
CA LYS K 280 19.33 -26.54 50.09
C LYS K 280 20.35 -26.91 51.15
N MET K 281 20.26 -26.30 52.34
CA MET K 281 21.19 -26.64 53.42
C MET K 281 21.04 -28.09 53.84
N LYS K 282 19.86 -28.67 53.69
CA LYS K 282 19.66 -30.07 54.03
C LYS K 282 20.54 -30.97 53.17
N HIS K 283 20.61 -30.68 51.87
CA HIS K 283 21.36 -31.52 50.94
C HIS K 283 22.76 -31.03 50.65
N CYS K 284 23.19 -29.92 51.24
CA CYS K 284 24.53 -29.39 50.97
C CYS K 284 25.09 -28.86 52.29
N SER K 285 26.13 -29.53 52.78
CA SER K 285 26.68 -29.20 54.09
C SER K 285 27.42 -27.87 54.09
N LYS K 286 28.04 -27.51 52.98
CA LYS K 286 28.95 -26.36 52.96
C LYS K 286 28.25 -25.05 52.61
N ILE K 287 26.93 -25.05 52.46
CA ILE K 287 26.21 -23.79 52.30
C ILE K 287 26.04 -23.13 53.66
N GLN K 288 26.35 -21.83 53.73
CA GLN K 288 26.14 -21.04 54.93
C GLN K 288 25.38 -19.79 54.56
N VAL K 289 24.65 -19.22 55.53
CA VAL K 289 23.76 -18.06 55.21
C VAL K 289 24.15 -16.79 55.99
N ILE K 290 24.21 -15.64 55.30
CA ILE K 290 24.44 -14.34 56.01
C ILE K 290 23.10 -13.62 56.08
N ASP K 291 22.63 -13.31 57.30
CA ASP K 291 21.37 -12.60 57.45
C ASP K 291 21.55 -11.17 56.95
N ILE K 292 20.66 -10.74 56.05
CA ILE K 292 20.61 -9.35 55.63
C ILE K 292 19.28 -8.71 56.00
N SER K 293 18.50 -9.37 56.86
CA SER K 293 17.22 -8.81 57.28
C SER K 293 17.40 -7.50 58.04
N MET K 294 18.53 -7.30 58.72
CA MET K 294 18.74 -6.03 59.38
C MET K 294 18.88 -4.90 58.38
N ILE K 295 19.57 -5.13 57.26
CA ILE K 295 19.71 -4.10 56.24
C ILE K 295 18.35 -3.76 55.64
N LEU K 296 17.55 -4.78 55.32
CA LEU K 296 16.24 -4.55 54.74
C LEU K 296 15.32 -3.83 55.73
N ALA K 297 15.33 -4.25 56.98
CA ALA K 297 14.50 -3.61 57.99
C ALA K 297 14.90 -2.15 58.19
N GLU K 298 16.21 -1.88 58.25
CA GLU K 298 16.66 -0.52 58.40
C GLU K 298 16.30 0.32 57.18
N ALA K 299 16.39 -0.25 55.99
CA ALA K 299 15.99 0.48 54.79
C ALA K 299 14.51 0.82 54.82
N ILE K 300 13.67 -0.13 55.23
CA ILE K 300 12.24 0.13 55.33
C ILE K 300 11.98 1.25 56.33
N ARG K 301 12.62 1.15 57.50
CA ARG K 301 12.37 2.12 58.55
C ARG K 301 12.89 3.51 58.17
N ARG K 302 13.99 3.57 57.42
CA ARG K 302 14.53 4.86 57.00
C ARG K 302 13.71 5.48 55.88
N THR K 303 13.20 4.67 54.94
CA THR K 303 12.30 5.23 53.94
C THR K 303 11.02 5.72 54.59
N HIS K 304 10.52 5.00 55.60
CA HIS K 304 9.31 5.45 56.28
C HIS K 304 9.55 6.76 57.04
N ASN K 305 10.67 6.87 57.74
CA ASN K 305 10.91 8.05 58.56
C ASN K 305 11.60 9.17 57.82
N GLY K 306 11.88 9.00 56.53
CA GLY K 306 12.58 10.03 55.81
C GLY K 306 14.04 10.20 56.18
N GLU K 307 14.67 9.19 56.75
CA GLU K 307 16.10 9.25 57.00
C GLU K 307 16.88 8.76 55.79
N SER K 308 18.19 8.97 55.84
CA SER K 308 19.04 8.60 54.72
C SER K 308 19.15 7.08 54.60
N VAL K 309 18.88 6.56 53.39
CA VAL K 309 19.06 5.14 53.13
C VAL K 309 20.49 4.84 52.73
N SER K 310 21.12 5.76 51.99
CA SER K 310 22.48 5.52 51.49
C SER K 310 23.48 5.38 52.61
N TYR K 311 23.12 5.81 53.81
CA TYR K 311 23.91 5.59 55.01
C TYR K 311 24.23 4.11 55.17
N LEU K 312 23.32 3.25 54.73
CA LEU K 312 23.48 1.81 54.83
C LEU K 312 24.46 1.24 53.82
N PHE K 313 24.87 2.00 52.81
CA PHE K 313 25.82 1.47 51.83
C PHE K 313 27.15 1.10 52.48
N SER K 314 27.48 1.74 53.60
CA SER K 314 28.77 1.53 54.24
C SER K 314 28.68 1.16 55.71
N HIS K 315 27.49 1.11 56.30
CA HIS K 315 27.34 0.91 57.74
C HIS K 315 26.44 -0.28 58.02
N VAL K 316 26.93 -1.22 58.82
CA VAL K 316 26.09 -2.33 59.29
C VAL K 316 25.26 -1.85 60.47
N PRO K 317 23.92 -1.93 60.40
CA PRO K 317 23.07 -1.49 61.50
C PRO K 317 22.83 -2.59 62.55
N PRO L 2 4.32 6.82 1.90
CA PRO L 2 5.28 7.41 2.84
C PRO L 2 6.72 7.26 2.37
N ASN L 3 7.37 8.40 2.14
CA ASN L 3 8.72 8.43 1.62
C ASN L 3 9.72 8.75 2.73
N ILE L 4 10.99 8.46 2.46
CA ILE L 4 12.05 8.80 3.39
C ILE L 4 12.38 10.27 3.28
N LYS L 5 12.43 10.95 4.42
CA LYS L 5 12.94 12.31 4.51
C LYS L 5 14.08 12.31 5.51
N ILE L 6 15.25 12.74 5.08
CA ILE L 6 16.43 12.81 5.94
C ILE L 6 16.67 14.27 6.30
N PHE L 7 16.73 14.56 7.58
CA PHE L 7 17.03 15.91 8.05
C PHE L 7 18.30 15.88 8.88
N SER L 8 19.11 16.93 8.73
CA SER L 8 20.37 17.03 9.43
C SER L 8 20.26 18.06 10.55
N GLY L 9 20.70 17.68 11.73
CA GLY L 9 21.03 18.66 12.74
C GLY L 9 22.37 19.30 12.44
N SER L 10 22.71 20.31 13.23
CA SER L 10 23.95 21.03 12.98
C SER L 10 25.18 20.28 13.47
N SER L 11 25.03 19.21 14.25
CA SER L 11 26.18 18.55 14.85
C SER L 11 27.08 17.92 13.80
N HIS L 12 26.51 17.09 12.91
CA HIS L 12 27.33 16.31 11.99
C HIS L 12 26.69 16.37 10.61
N GLN L 13 26.98 17.44 9.87
CA GLN L 13 26.32 17.63 8.58
C GLN L 13 26.96 16.79 7.48
N ASP L 14 28.26 16.54 7.58
CA ASP L 14 28.93 15.69 6.60
C ASP L 14 28.38 14.28 6.63
N LEU L 15 28.18 13.72 7.82
CA LEU L 15 27.61 12.39 7.93
C LEU L 15 26.20 12.33 7.36
N SER L 16 25.38 13.35 7.66
CA SER L 16 24.03 13.38 7.11
C SER L 16 24.05 13.44 5.60
N GLN L 17 24.97 14.22 5.02
CA GLN L 17 25.08 14.29 3.58
C GLN L 17 25.50 12.95 2.99
N LYS L 18 26.47 12.28 3.62
CA LYS L 18 26.90 10.97 3.13
C LYS L 18 25.74 9.98 3.15
N ILE L 19 24.97 9.98 4.24
CA ILE L 19 23.82 9.08 4.34
C ILE L 19 22.80 9.41 3.26
N ALA L 20 22.54 10.70 3.03
CA ALA L 20 21.57 11.11 2.03
C ALA L 20 22.00 10.68 0.63
N ASP L 21 23.29 10.84 0.30
CA ASP L 21 23.78 10.36 -0.99
C ASP L 21 23.64 8.86 -1.13
N ARG L 22 23.97 8.11 -0.08
CA ARG L 22 23.81 6.66 -0.18
C ARG L 22 22.36 6.26 -0.34
N LEU L 23 21.43 7.06 0.19
CA LEU L 23 20.02 6.77 0.00
C LEU L 23 19.49 7.31 -1.32
N GLY L 24 20.28 8.06 -2.07
CA GLY L 24 19.80 8.67 -3.29
C GLY L 24 18.84 9.82 -3.06
N LEU L 25 18.97 10.53 -1.95
CA LEU L 25 18.05 11.57 -1.57
C LEU L 25 18.79 12.87 -1.33
N GLU L 26 18.06 13.97 -1.37
CA GLU L 26 18.59 15.25 -0.92
C GLU L 26 18.17 15.47 0.53
N LEU L 27 19.14 15.97 1.31
CA LEU L 27 18.92 16.20 2.76
C LEU L 27 17.67 17.06 2.92
N GLY L 28 16.79 16.72 3.87
CA GLY L 28 15.59 17.52 3.92
C GLY L 28 15.90 18.96 4.25
N LYS L 29 15.11 19.86 3.70
CA LYS L 29 15.30 21.29 3.95
C LYS L 29 14.87 21.62 5.37
N VAL L 30 15.83 22.04 6.18
CA VAL L 30 15.57 22.49 7.54
C VAL L 30 16.53 23.62 7.87
N VAL L 31 16.03 24.62 8.59
CA VAL L 31 16.85 25.69 9.14
C VAL L 31 17.01 25.43 10.62
N THR L 32 18.28 25.25 11.03
CA THR L 32 18.60 24.95 12.44
C THR L 32 19.71 25.89 12.91
N LYS L 33 19.36 26.98 13.58
CA LYS L 33 20.31 27.99 14.02
C LYS L 33 19.94 28.40 15.44
N LYS L 34 20.54 29.47 15.91
CA LYS L 34 20.22 30.00 17.23
C LYS L 34 19.73 31.43 17.11
N PHE L 35 18.67 31.75 17.85
CA PHE L 35 18.29 33.14 18.05
C PHE L 35 19.40 33.87 18.79
N SER L 36 19.26 35.20 18.87
CA SER L 36 20.27 36.01 19.53
C SER L 36 20.46 35.62 20.98
N ASN L 37 19.38 35.35 21.70
CA ASN L 37 19.46 34.93 23.09
C ASN L 37 19.80 33.46 23.26
N GLN L 38 20.26 32.80 22.19
CA GLN L 38 20.77 31.44 22.17
C GLN L 38 19.69 30.38 22.28
N GLU L 39 18.42 30.73 22.05
CA GLU L 39 17.40 29.70 21.94
C GLU L 39 17.48 29.07 20.56
N THR L 40 17.27 27.75 20.53
CA THR L 40 17.39 26.99 19.27
C THR L 40 16.19 27.29 18.36
N CYS L 41 16.46 27.78 17.15
CA CYS L 41 15.44 28.07 16.16
C CYS L 41 15.44 26.97 15.12
N VAL L 42 14.28 26.36 14.91
CA VAL L 42 14.13 25.28 13.95
C VAL L 42 12.95 25.60 13.05
N GLU L 43 13.14 25.44 11.74
CA GLU L 43 12.07 25.60 10.78
C GLU L 43 12.19 24.50 9.74
N ILE L 44 11.17 23.64 9.65
CA ILE L 44 11.16 22.58 8.65
C ILE L 44 10.75 23.22 7.32
N GLY L 45 11.65 23.18 6.34
CA GLY L 45 11.48 23.84 5.08
C GLY L 45 10.71 23.08 4.02
N GLU L 46 10.17 21.92 4.37
CA GLU L 46 9.38 21.14 3.43
C GLU L 46 8.34 20.37 4.22
N SER L 47 7.27 19.97 3.53
CA SER L 47 6.24 19.18 4.17
C SER L 47 6.77 17.79 4.50
N VAL L 48 6.53 17.34 5.73
CA VAL L 48 6.85 15.98 6.13
C VAL L 48 5.59 15.18 6.42
N ARG L 49 4.44 15.55 5.86
CA ARG L 49 3.16 14.85 6.16
C ARG L 49 3.17 13.40 5.64
N GLY L 50 2.80 12.45 6.51
CA GLY L 50 2.72 11.04 6.09
C GLY L 50 4.06 10.59 5.56
N GLU L 51 5.17 11.19 6.03
CA GLU L 51 6.46 10.70 5.59
C GLU L 51 7.17 9.95 6.71
N ASP L 52 8.15 9.16 6.32
CA ASP L 52 9.02 8.45 7.25
C ASP L 52 10.27 9.31 7.44
N VAL L 53 10.34 10.00 8.57
CA VAL L 53 11.34 11.04 8.81
C VAL L 53 12.48 10.46 9.63
N TYR L 54 13.71 10.71 9.18
CA TYR L 54 14.90 10.33 9.92
C TYR L 54 15.72 11.58 10.19
N ILE L 55 16.00 11.84 11.46
CA ILE L 55 16.76 13.01 11.87
C ILE L 55 18.10 12.53 12.40
N VAL L 56 19.17 12.98 11.77
CA VAL L 56 20.53 12.54 12.11
C VAL L 56 21.17 13.60 12.99
N GLN L 57 21.58 13.20 14.19
CA GLN L 57 22.20 14.08 15.16
C GLN L 57 22.99 13.24 16.14
N SER L 58 24.28 13.51 16.27
CA SER L 58 25.10 12.75 17.19
C SER L 58 25.34 13.53 18.48
N GLY L 59 25.64 12.79 19.54
CA GLY L 59 25.97 13.39 20.83
C GLY L 59 27.42 13.82 20.89
N CYS L 60 27.73 14.92 20.22
CA CYS L 60 29.09 15.39 20.07
C CYS L 60 29.10 16.91 20.10
N GLY L 61 30.30 17.47 20.21
CA GLY L 61 30.43 18.92 20.24
C GLY L 61 29.71 19.51 21.42
N GLU L 62 28.92 20.54 21.16
CA GLU L 62 28.08 21.17 22.17
C GLU L 62 26.87 20.26 22.43
N ILE L 63 27.04 19.36 23.39
CA ILE L 63 26.15 18.22 23.51
C ILE L 63 24.73 18.66 23.88
N ASN L 64 24.60 19.58 24.83
CA ASN L 64 23.26 19.98 25.25
C ASN L 64 22.54 20.76 24.16
N ASP L 65 23.26 21.61 23.43
CA ASP L 65 22.69 22.31 22.29
C ASP L 65 22.22 21.32 21.22
N ASN L 66 23.05 20.33 20.89
CA ASN L 66 22.68 19.36 19.86
C ASN L 66 21.48 18.52 20.31
N LEU L 67 21.46 18.13 21.58
CA LEU L 67 20.35 17.33 22.09
C LEU L 67 19.05 18.11 22.05
N MET L 68 19.09 19.39 22.45
CA MET L 68 17.90 20.22 22.37
C MET L 68 17.47 20.43 20.93
N GLU L 69 18.42 20.65 20.03
CA GLU L 69 18.09 20.74 18.60
C GLU L 69 17.37 19.48 18.13
N LEU L 70 17.88 18.31 18.51
CA LEU L 70 17.26 17.07 18.08
C LEU L 70 15.84 16.95 18.63
N LEU L 71 15.65 17.26 19.92
CA LEU L 71 14.32 17.17 20.50
C LEU L 71 13.35 18.13 19.84
N ILE L 72 13.80 19.36 19.57
CA ILE L 72 12.95 20.34 18.93
C ILE L 72 12.60 19.92 17.50
N MET L 73 13.56 19.38 16.77
CA MET L 73 13.28 18.91 15.41
C MET L 73 12.30 17.75 15.41
N ILE L 74 12.47 16.81 16.35
CA ILE L 74 11.52 15.70 16.48
C ILE L 74 10.13 16.23 16.74
N ASN L 75 10.01 17.19 17.67
CA ASN L 75 8.71 17.73 18.00
C ASN L 75 8.09 18.43 16.80
N ALA L 76 8.88 19.20 16.06
CA ALA L 76 8.38 19.91 14.90
C ALA L 76 7.87 18.94 13.85
N CYS L 77 8.61 17.86 13.61
CA CYS L 77 8.16 16.87 12.62
C CYS L 77 6.92 16.12 13.11
N LYS L 78 6.84 15.85 14.41
CA LYS L 78 5.71 15.10 14.93
C LYS L 78 4.42 15.91 14.88
N ILE L 79 4.47 17.19 15.26
CA ILE L 79 3.25 17.99 15.16
C ILE L 79 2.99 18.45 13.73
N ALA L 80 3.93 18.23 12.82
CA ALA L 80 3.68 18.45 11.40
C ALA L 80 3.11 17.21 10.71
N SER L 81 2.69 16.21 11.50
CA SER L 81 1.94 15.05 11.01
C SER L 81 2.82 14.12 10.16
N ALA L 82 4.08 13.97 10.55
CA ALA L 82 4.90 12.92 9.95
C ALA L 82 4.35 11.56 10.37
N SER L 83 4.35 10.62 9.44
CA SER L 83 3.82 9.29 9.75
C SER L 83 4.67 8.60 10.82
N ARG L 84 5.98 8.78 10.75
CA ARG L 84 6.89 8.14 11.69
C ARG L 84 8.14 9.00 11.78
N VAL L 85 8.67 9.15 12.99
CA VAL L 85 9.87 9.94 13.23
C VAL L 85 10.90 9.05 13.90
N THR L 86 12.08 8.97 13.30
CA THR L 86 13.18 8.17 13.80
C THR L 86 14.37 9.06 14.12
N ALA L 87 14.95 8.88 15.29
CA ALA L 87 16.17 9.58 15.66
C ALA L 87 17.37 8.70 15.35
N VAL L 88 18.24 9.19 14.48
CA VAL L 88 19.47 8.49 14.13
C VAL L 88 20.58 9.17 14.92
N ILE L 89 21.00 8.53 15.99
CA ILE L 89 21.94 9.13 16.94
C ILE L 89 23.20 8.29 16.97
N PRO L 90 24.17 8.55 16.08
CA PRO L 90 25.34 7.66 16.00
C PRO L 90 26.09 7.50 17.30
N CYS L 91 26.28 8.58 18.06
CA CYS L 91 26.87 8.52 19.39
C CYS L 91 25.82 9.03 20.38
N PHE L 92 25.38 8.15 21.27
CA PHE L 92 24.27 8.47 22.16
C PHE L 92 24.74 9.35 23.31
N PRO L 93 24.16 10.53 23.50
CA PRO L 93 24.62 11.42 24.59
C PRO L 93 24.22 10.89 25.95
N TYR L 94 25.06 11.19 26.94
CA TYR L 94 24.89 10.80 28.33
C TYR L 94 24.86 9.28 28.51
N ALA L 95 25.39 8.53 27.54
CA ALA L 95 25.35 7.07 27.61
C ALA L 95 26.16 6.55 28.80
N ARG L 96 27.21 7.26 29.20
CA ARG L 96 28.03 6.81 30.32
C ARG L 96 27.38 7.04 31.67
N GLN L 97 26.29 7.82 31.70
CA GLN L 97 25.52 8.03 32.95
C GLN L 97 24.33 7.07 32.92
N ASP L 98 24.60 5.76 32.90
CA ASP L 98 23.58 4.75 32.76
C ASP L 98 23.21 4.09 34.09
N LYS L 99 23.73 4.58 35.21
CA LYS L 99 23.45 3.98 36.51
C LYS L 99 23.88 4.95 37.61
N LYS L 100 23.42 4.67 38.84
CA LYS L 100 23.74 5.51 39.99
C LYS L 100 24.97 5.01 40.74
N ASP L 101 24.97 3.75 41.15
CA ASP L 101 26.13 3.10 41.76
C ASP L 101 26.62 3.79 43.03
N LYS L 102 25.80 3.75 44.09
CA LYS L 102 26.17 4.25 45.42
C LYS L 102 26.42 5.76 45.42
N SER L 103 25.75 6.46 44.51
CA SER L 103 25.89 7.90 44.44
C SER L 103 24.51 8.51 44.26
N ARG L 104 24.30 9.68 44.85
CA ARG L 104 23.06 10.43 44.63
C ARG L 104 23.18 11.19 43.31
N ALA L 105 23.22 10.43 42.25
CA ALA L 105 23.44 10.90 40.90
C ALA L 105 22.21 10.68 40.05
N PRO L 106 22.04 11.44 38.96
CA PRO L 106 20.98 11.13 38.01
C PRO L 106 21.36 9.93 37.17
N ILE L 107 20.34 9.27 36.62
CA ILE L 107 20.55 8.35 35.49
C ILE L 107 20.23 9.16 34.24
N SER L 108 21.24 9.88 33.76
CA SER L 108 21.02 10.85 32.69
C SER L 108 20.64 10.17 31.39
N ALA L 109 21.17 8.99 31.13
CA ALA L 109 20.80 8.25 29.91
C ALA L 109 19.31 7.95 29.89
N LYS L 110 18.75 7.55 31.03
CA LYS L 110 17.32 7.30 31.11
C LYS L 110 16.52 8.58 30.90
N LEU L 111 17.01 9.70 31.45
CA LEU L 111 16.34 10.97 31.25
C LEU L 111 16.34 11.35 29.77
N VAL L 112 17.46 11.14 29.09
CA VAL L 112 17.53 11.43 27.66
C VAL L 112 16.56 10.55 26.88
N ALA L 113 16.49 9.27 27.24
CA ALA L 113 15.55 8.37 26.59
C ALA L 113 14.11 8.83 26.78
N ASN L 114 13.77 9.22 28.00
CA ASN L 114 12.43 9.72 28.28
C ASN L 114 12.13 10.99 27.48
N MET L 115 13.11 11.89 27.38
CA MET L 115 12.91 13.13 26.64
C MET L 115 12.71 12.84 25.16
N LEU L 116 13.48 11.90 24.61
CA LEU L 116 13.30 11.52 23.20
C LEU L 116 11.93 10.92 22.97
N SER L 117 11.46 10.09 23.90
CA SER L 117 10.13 9.50 23.76
C SER L 117 9.04 10.56 23.84
N VAL L 118 9.17 11.51 24.78
CA VAL L 118 8.13 12.50 24.97
C VAL L 118 8.15 13.54 23.86
N ALA L 119 9.29 13.74 23.20
CA ALA L 119 9.34 14.63 22.05
C ALA L 119 8.59 14.02 20.87
N GLY L 120 8.47 12.70 20.83
CA GLY L 120 7.68 12.05 19.81
C GLY L 120 8.43 11.07 18.94
N ALA L 121 9.63 10.66 19.36
CA ALA L 121 10.37 9.68 18.59
C ALA L 121 9.67 8.33 18.64
N ASP L 122 9.52 7.71 17.47
CA ASP L 122 8.94 6.38 17.37
C ASP L 122 9.98 5.29 17.34
N HIS L 123 11.23 5.64 17.04
CA HIS L 123 12.27 4.66 16.76
C HIS L 123 13.62 5.33 16.93
N ILE L 124 14.60 4.57 17.42
CA ILE L 124 15.96 5.04 17.61
C ILE L 124 16.91 4.13 16.85
N ILE L 125 17.82 4.74 16.08
CA ILE L 125 18.94 4.05 15.48
C ILE L 125 20.21 4.65 16.06
N THR L 126 21.06 3.81 16.62
CA THR L 126 22.32 4.25 17.21
C THR L 126 23.39 3.21 16.94
N MET L 127 24.63 3.56 17.26
CA MET L 127 25.78 2.69 17.02
C MET L 127 26.58 2.51 18.30
N ASP L 128 26.83 1.27 18.67
CA ASP L 128 27.66 0.89 19.82
C ASP L 128 27.33 1.71 21.07
N LEU L 129 26.13 1.45 21.58
CA LEU L 129 25.73 2.01 22.87
C LEU L 129 26.75 1.64 23.92
N HIS L 130 27.08 2.59 24.79
CA HIS L 130 28.04 2.33 25.85
C HIS L 130 27.68 1.11 26.67
N ALA L 131 26.40 0.99 27.03
CA ALA L 131 25.86 -0.22 27.64
C ALA L 131 24.58 -0.57 26.90
N SER L 132 24.46 -1.83 26.49
CA SER L 132 23.28 -2.20 25.72
C SER L 132 22.02 -2.20 26.57
N GLN L 133 22.16 -2.17 27.90
CA GLN L 133 21.02 -1.98 28.78
C GLN L 133 20.30 -0.67 28.50
N ILE L 134 20.95 0.29 27.86
CA ILE L 134 20.28 1.54 27.50
C ILE L 134 19.11 1.28 26.58
N GLN L 135 19.15 0.19 25.83
CA GLN L 135 18.00 -0.20 25.02
C GLN L 135 16.74 -0.37 25.88
N GLY L 136 16.91 -0.89 27.09
CA GLY L 136 15.78 -1.05 28.00
C GLY L 136 15.29 0.26 28.59
N PHE L 137 16.07 1.33 28.47
CA PHE L 137 15.59 2.63 28.93
C PHE L 137 14.46 3.16 28.07
N PHE L 138 14.25 2.59 26.89
CA PHE L 138 13.20 3.01 25.99
C PHE L 138 12.03 2.05 26.04
N ASP L 139 10.86 2.54 25.64
CA ASP L 139 9.75 1.67 25.30
C ASP L 139 9.54 1.53 23.80
N ILE L 140 10.11 2.44 23.00
CA ILE L 140 10.10 2.35 21.55
C ILE L 140 11.23 1.43 21.10
N PRO L 141 11.16 0.83 19.92
CA PRO L 141 12.28 0.01 19.44
C PRO L 141 13.56 0.80 19.29
N VAL L 142 14.68 0.17 19.63
CA VAL L 142 16.00 0.76 19.46
C VAL L 142 16.85 -0.23 18.69
N ASP L 143 17.41 0.21 17.57
CA ASP L 143 18.37 -0.60 16.81
C ASP L 143 19.76 -0.11 17.13
N ASN L 144 20.51 -0.93 17.85
CA ASN L 144 21.90 -0.62 18.22
C ASN L 144 22.81 -1.31 17.23
N LEU L 145 23.32 -0.55 16.27
CA LEU L 145 24.21 -1.10 15.27
C LEU L 145 25.61 -1.29 15.83
N TYR L 146 26.42 -2.07 15.13
CA TYR L 146 27.78 -2.37 15.55
C TYR L 146 28.76 -1.95 14.46
N ALA L 147 29.83 -1.28 14.90
CA ALA L 147 30.91 -0.93 13.99
C ALA L 147 31.83 -2.11 13.71
N GLU L 148 31.63 -3.24 14.39
CA GLU L 148 32.55 -4.37 14.29
C GLU L 148 32.79 -4.87 12.86
N PRO L 149 31.75 -5.10 11.99
CA PRO L 149 32.01 -5.45 10.60
C PRO L 149 33.08 -4.52 10.01
N ALA L 150 32.98 -3.21 10.27
CA ALA L 150 33.93 -2.23 9.71
C ALA L 150 35.26 -2.26 10.45
N VAL L 151 35.26 -2.48 11.78
CA VAL L 151 36.53 -2.57 12.48
C VAL L 151 37.33 -3.79 12.00
N LEU L 152 36.64 -4.94 11.87
CA LEU L 152 37.30 -6.15 11.37
C LEU L 152 37.83 -5.94 9.98
N LYS L 153 37.04 -5.30 9.12
CA LYS L 153 37.50 -4.98 7.78
C LYS L 153 38.76 -4.11 7.81
N TRP L 154 38.75 -3.07 8.65
CA TRP L 154 39.93 -2.21 8.75
C TRP L 154 41.14 -2.97 9.23
N ILE L 155 40.96 -3.82 10.24
CA ILE L 155 42.08 -4.57 10.79
C ILE L 155 42.69 -5.46 9.73
N ARG L 156 41.85 -6.18 8.99
CA ARG L 156 42.38 -7.07 7.97
C ARG L 156 43.09 -6.31 6.86
N GLU L 157 42.55 -5.17 6.42
CA GLU L 157 43.17 -4.48 5.31
C GLU L 157 44.25 -3.49 5.71
N ASN L 158 44.52 -3.29 6.99
CA ASN L 158 45.51 -2.31 7.40
C ASN L 158 46.63 -2.85 8.27
N ILE L 159 46.41 -3.94 8.99
CA ILE L 159 47.43 -4.52 9.85
C ILE L 159 47.87 -5.83 9.20
N SER L 160 49.10 -5.83 8.67
CA SER L 160 49.58 -6.98 7.92
C SER L 160 49.74 -8.20 8.80
N GLU L 161 50.04 -8.02 10.08
CA GLU L 161 50.26 -9.12 11.00
C GLU L 161 49.01 -9.49 11.78
N TRP L 162 47.82 -9.21 11.24
CA TRP L 162 46.60 -9.30 12.04
C TRP L 162 46.32 -10.73 12.49
N ARG L 163 46.85 -11.73 11.78
CA ARG L 163 46.61 -13.11 12.19
C ARG L 163 47.39 -13.48 13.43
N ASN L 164 48.45 -12.76 13.76
CA ASN L 164 49.23 -13.01 14.96
C ASN L 164 49.07 -11.92 16.00
N CYS L 165 48.07 -11.06 15.86
CA CYS L 165 47.91 -9.95 16.79
C CYS L 165 47.17 -10.39 18.05
N THR L 166 47.19 -9.53 19.05
CA THR L 166 46.41 -9.71 20.27
C THR L 166 45.44 -8.56 20.43
N ILE L 167 44.16 -8.87 20.58
CA ILE L 167 43.15 -7.87 20.85
C ILE L 167 43.10 -7.63 22.35
N VAL L 168 43.22 -6.38 22.77
CA VAL L 168 43.39 -6.04 24.18
C VAL L 168 42.25 -5.14 24.62
N SER L 169 41.66 -5.49 25.74
CA SER L 169 40.71 -4.60 26.40
C SER L 169 41.46 -3.64 27.31
N PRO L 170 41.16 -2.33 27.26
CA PRO L 170 41.79 -1.40 28.21
C PRO L 170 41.35 -1.61 29.64
N ASP L 171 40.20 -2.22 29.87
CA ASP L 171 39.67 -2.43 31.22
C ASP L 171 38.87 -3.71 31.24
N ALA L 172 38.42 -4.10 32.44
CA ALA L 172 37.62 -5.31 32.57
C ALA L 172 36.24 -5.12 31.94
N GLY L 173 35.77 -3.88 31.84
CA GLY L 173 34.43 -3.63 31.34
C GLY L 173 34.25 -3.98 29.89
N GLY L 174 35.25 -3.70 29.06
CA GLY L 174 35.13 -3.92 27.63
C GLY L 174 35.50 -5.29 27.13
N ALA L 175 35.86 -6.21 28.02
CA ALA L 175 36.39 -7.51 27.63
C ALA L 175 35.47 -8.21 26.64
N LYS L 176 34.16 -8.23 26.93
CA LYS L 176 33.20 -8.83 26.02
C LYS L 176 33.47 -8.40 24.59
N ARG L 177 33.50 -7.08 24.36
CA ARG L 177 33.73 -6.56 23.02
C ARG L 177 34.98 -7.17 22.40
N VAL L 178 36.11 -7.12 23.13
CA VAL L 178 37.34 -7.60 22.51
C VAL L 178 37.25 -9.09 22.24
N THR L 179 36.60 -9.84 23.14
CA THR L 179 36.46 -11.27 22.90
C THR L 179 35.70 -11.52 21.61
N SER L 180 34.61 -10.76 21.39
CA SER L 180 33.89 -10.87 20.15
C SER L 180 34.84 -10.70 18.97
N ILE L 181 35.63 -9.62 18.99
CA ILE L 181 36.56 -9.39 17.89
C ILE L 181 37.56 -10.51 17.81
N ALA L 182 38.08 -10.95 18.96
CA ALA L 182 39.06 -12.02 18.96
C ALA L 182 38.46 -13.29 18.39
N ASP L 183 37.16 -13.50 18.59
CA ASP L 183 36.53 -14.67 18.02
C ASP L 183 36.42 -14.56 16.50
N ARG L 184 36.16 -13.36 15.99
CA ARG L 184 35.94 -13.20 14.56
C ARG L 184 37.24 -13.19 13.77
N LEU L 185 38.37 -12.92 14.43
CA LEU L 185 39.67 -12.92 13.78
C LEU L 185 40.49 -14.16 14.06
N ASN L 186 40.11 -14.97 15.06
CA ASN L 186 40.89 -16.12 15.49
C ASN L 186 42.29 -15.69 15.94
N VAL L 187 42.31 -14.85 16.96
CA VAL L 187 43.54 -14.34 17.55
C VAL L 187 43.39 -14.36 19.06
N ASP L 188 44.49 -14.08 19.75
CA ASP L 188 44.47 -14.04 21.21
C ASP L 188 43.84 -12.74 21.69
N PHE L 189 43.32 -12.78 22.91
CA PHE L 189 42.77 -11.59 23.54
C PHE L 189 43.34 -11.45 24.94
N ALA L 190 43.73 -10.23 25.29
CA ALA L 190 44.33 -9.88 26.56
C ALA L 190 43.47 -8.86 27.29
N LEU L 191 43.57 -8.89 28.61
CA LEU L 191 42.92 -7.90 29.45
C LEU L 191 43.95 -7.10 30.21
N ILE L 192 43.58 -5.87 30.55
CA ILE L 192 44.41 -4.97 31.34
C ILE L 192 43.52 -4.32 32.38
N HIS L 193 43.92 -4.38 33.66
CA HIS L 193 43.15 -3.73 34.74
C HIS L 193 44.11 -3.04 35.71
N LYS L 194 43.70 -1.92 36.31
CA LYS L 194 44.52 -1.23 37.30
C LYS L 194 44.26 -1.80 38.68
N GLU L 195 45.32 -1.86 39.48
CA GLU L 195 45.26 -2.42 40.83
C GLU L 195 44.86 -1.37 41.85
N ASP L 203 47.73 2.98 40.60
CA ASP L 203 48.26 3.63 39.41
C ASP L 203 48.95 2.63 38.50
N ARG L 204 49.13 1.41 39.00
CA ARG L 204 49.74 0.34 38.23
C ARG L 204 48.67 -0.47 37.49
N MET L 205 49.05 -1.01 36.35
CA MET L 205 48.18 -1.85 35.54
C MET L 205 48.78 -3.25 35.44
N VAL L 206 47.91 -4.25 35.41
CA VAL L 206 48.30 -5.65 35.27
C VAL L 206 47.67 -6.17 33.98
N LEU L 207 48.48 -6.89 33.21
CA LEU L 207 48.15 -7.43 31.90
C LEU L 207 48.22 -8.94 31.91
N VAL L 208 47.17 -9.57 31.37
CA VAL L 208 47.13 -11.02 31.25
C VAL L 208 47.12 -11.36 29.77
N GLY L 209 48.01 -12.25 29.35
CA GLY L 209 48.10 -12.61 27.96
C GLY L 209 49.41 -12.22 27.33
N ASP L 210 50.04 -13.15 26.62
CA ASP L 210 51.31 -12.87 25.97
C ASP L 210 51.13 -11.85 24.85
N VAL L 211 51.94 -10.80 24.89
CA VAL L 211 51.93 -9.76 23.86
C VAL L 211 53.30 -9.49 23.27
N LYS L 212 54.33 -10.23 23.69
CA LYS L 212 55.68 -9.99 23.22
C LYS L 212 55.80 -10.36 21.74
N ASP L 213 56.48 -9.50 20.98
CA ASP L 213 56.77 -9.65 19.56
C ASP L 213 55.49 -9.72 18.72
N ARG L 214 54.35 -9.34 19.28
CA ARG L 214 53.07 -9.39 18.60
C ARG L 214 52.47 -7.99 18.55
N VAL L 215 51.71 -7.72 17.50
CA VAL L 215 51.00 -6.45 17.41
C VAL L 215 49.80 -6.50 18.36
N ALA L 216 49.63 -5.46 19.16
CA ALA L 216 48.50 -5.36 20.06
C ALA L 216 47.51 -4.33 19.55
N ILE L 217 46.23 -4.62 19.71
CA ILE L 217 45.15 -3.76 19.25
C ILE L 217 44.22 -3.52 20.42
N LEU L 218 44.33 -2.37 21.06
CA LEU L 218 43.34 -1.96 22.05
C LEU L 218 42.02 -1.68 21.36
N VAL L 219 40.92 -2.14 21.94
CA VAL L 219 39.61 -1.90 21.34
C VAL L 219 38.67 -1.31 22.38
N ASP L 220 37.89 -0.30 21.98
CA ASP L 220 36.98 0.35 22.91
C ASP L 220 35.86 1.09 22.20
N ASP L 221 34.82 1.39 22.99
CA ASP L 221 33.67 2.11 22.46
C ASP L 221 33.98 3.59 22.28
N MET L 222 34.71 4.18 23.25
CA MET L 222 34.90 5.64 23.17
C MET L 222 36.20 6.12 23.82
N ALA L 223 36.84 7.12 23.21
CA ALA L 223 38.01 7.76 23.77
C ALA L 223 37.65 9.21 24.04
N ASP L 224 37.47 9.55 25.31
CA ASP L 224 37.16 10.93 25.67
C ASP L 224 38.42 11.73 25.99
N THR L 225 39.08 11.38 27.08
CA THR L 225 40.32 12.05 27.44
C THR L 225 41.53 11.20 27.13
N CYS L 226 41.32 9.93 26.78
CA CYS L 226 42.33 8.99 26.35
C CYS L 226 43.35 8.65 27.43
N GLY L 227 43.04 8.93 28.69
CA GLY L 227 43.90 8.46 29.77
C GLY L 227 43.94 6.95 29.83
N THR L 228 42.78 6.31 29.69
CA THR L 228 42.70 4.86 29.76
C THR L 228 43.55 4.21 28.68
N ILE L 229 43.35 4.60 27.43
CA ILE L 229 44.06 3.92 26.35
C ILE L 229 45.55 4.29 26.36
N CYS L 230 45.90 5.50 26.79
CA CYS L 230 47.32 5.85 26.84
C CYS L 230 48.03 5.05 27.92
N HIS L 231 47.42 4.89 29.10
CA HIS L 231 48.02 4.06 30.13
C HIS L 231 48.12 2.61 29.66
N ALA L 232 47.07 2.10 29.00
CA ALA L 232 47.11 0.74 28.49
C ALA L 232 48.22 0.57 27.47
N ALA L 233 48.40 1.56 26.58
CA ALA L 233 49.45 1.46 25.57
C ALA L 233 50.84 1.48 26.20
N ASP L 234 51.03 2.32 27.22
CA ASP L 234 52.30 2.32 27.93
C ASP L 234 52.58 0.94 28.52
N LYS L 235 51.56 0.33 29.15
CA LYS L 235 51.75 -1.01 29.70
C LYS L 235 52.05 -2.03 28.62
N LEU L 236 51.37 -1.93 27.47
CA LEU L 236 51.60 -2.89 26.40
C LEU L 236 53.02 -2.78 25.86
N LEU L 237 53.54 -1.56 25.71
CA LEU L 237 54.94 -1.43 25.31
C LEU L 237 55.88 -1.93 26.39
N SER L 238 55.51 -1.78 27.66
CA SER L 238 56.33 -2.34 28.73
C SER L 238 56.42 -3.86 28.60
N ALA L 239 55.33 -4.51 28.21
CA ALA L 239 55.29 -5.96 28.10
C ALA L 239 55.78 -6.49 26.77
N GLY L 240 56.58 -5.72 26.04
CA GLY L 240 57.27 -6.26 24.88
C GLY L 240 56.49 -6.29 23.60
N ALA L 241 55.36 -5.58 23.52
CA ALA L 241 54.59 -5.53 22.29
C ALA L 241 55.39 -4.82 21.19
N THR L 242 55.14 -5.22 19.94
CA THR L 242 55.88 -4.63 18.84
C THR L 242 55.28 -3.28 18.44
N ARG L 243 54.00 -3.27 18.09
CA ARG L 243 53.28 -2.02 17.85
C ARG L 243 51.95 -2.10 18.57
N VAL L 244 51.44 -0.95 18.97
CA VAL L 244 50.15 -0.86 19.65
C VAL L 244 49.24 0.04 18.83
N TYR L 245 48.08 -0.49 18.48
CA TYR L 245 46.99 0.24 17.84
C TYR L 245 45.88 0.47 18.85
N ALA L 246 45.07 1.48 18.61
CA ALA L 246 43.84 1.70 19.35
C ALA L 246 42.71 1.89 18.36
N ILE L 247 41.61 1.17 18.55
CA ILE L 247 40.45 1.27 17.69
C ILE L 247 39.24 1.54 18.56
N LEU L 248 38.58 2.66 18.30
CA LEU L 248 37.43 3.10 19.07
C LEU L 248 36.29 3.45 18.13
N THR L 249 35.08 3.12 18.54
CA THR L 249 33.97 3.51 17.68
C THR L 249 33.65 5.00 17.80
N HIS L 250 33.82 5.59 18.99
CA HIS L 250 33.51 7.00 19.20
C HIS L 250 34.75 7.78 19.59
N GLY L 251 35.24 8.63 18.69
CA GLY L 251 36.37 9.49 18.96
C GLY L 251 36.00 10.87 19.50
N ILE L 252 35.64 10.96 20.77
CA ILE L 252 35.25 12.25 21.34
C ILE L 252 36.44 13.18 21.45
N PHE L 253 37.55 12.69 22.02
CA PHE L 253 38.83 13.42 22.05
C PHE L 253 38.72 14.78 22.72
N SER L 254 38.08 14.83 23.88
CA SER L 254 37.95 16.10 24.57
C SER L 254 39.10 16.30 25.54
N GLY L 255 39.24 17.53 26.01
CA GLY L 255 40.27 17.88 26.96
C GLY L 255 41.68 17.71 26.43
N PRO L 256 42.51 16.99 27.18
CA PRO L 256 43.91 16.79 26.79
C PRO L 256 44.15 15.59 25.90
N ALA L 257 43.11 15.02 25.29
CA ALA L 257 43.25 13.77 24.56
C ALA L 257 44.26 13.88 23.42
N ILE L 258 44.22 14.99 22.68
CA ILE L 258 45.08 15.11 21.51
C ILE L 258 46.54 15.18 21.92
N SER L 259 46.85 15.94 22.97
CA SER L 259 48.23 16.00 23.44
C SER L 259 48.72 14.65 23.93
N ARG L 260 47.88 13.93 24.68
CA ARG L 260 48.27 12.62 25.19
C ARG L 260 48.50 11.63 24.06
N ILE L 261 47.64 11.64 23.05
CA ILE L 261 47.82 10.75 21.92
C ILE L 261 49.10 11.11 21.18
N ASN L 262 49.35 12.40 20.98
CA ASN L 262 50.58 12.83 20.32
C ASN L 262 51.81 12.37 21.10
N ASN L 263 51.73 12.36 22.41
CA ASN L 263 52.85 11.88 23.22
C ASN L 263 52.83 10.38 23.45
N ALA L 264 51.82 9.67 22.97
CA ALA L 264 51.74 8.24 23.19
C ALA L 264 52.43 7.48 22.06
N CYS L 265 52.53 6.17 22.25
CA CYS L 265 53.27 5.29 21.36
C CYS L 265 52.41 4.63 20.30
N PHE L 266 51.14 5.02 20.17
CA PHE L 266 50.25 4.39 19.21
C PHE L 266 50.81 4.50 17.80
N GLU L 267 50.74 3.40 17.07
CA GLU L 267 50.96 3.47 15.63
C GLU L 267 49.84 4.24 14.95
N ALA L 268 48.61 3.99 15.37
CA ALA L 268 47.45 4.69 14.83
C ALA L 268 46.35 4.67 15.89
N VAL L 269 45.49 5.67 15.82
CA VAL L 269 44.28 5.71 16.63
C VAL L 269 43.11 5.76 15.65
N VAL L 270 42.49 4.63 15.43
CA VAL L 270 41.40 4.51 14.47
C VAL L 270 40.10 4.72 15.21
N VAL L 271 39.26 5.60 14.69
CA VAL L 271 37.93 5.85 15.24
C VAL L 271 36.93 5.83 14.11
N THR L 272 35.69 5.52 14.44
CA THR L 272 34.69 5.66 13.39
C THR L 272 34.30 7.13 13.23
N ASN L 273 33.56 7.43 12.16
CA ASN L 273 33.05 8.79 12.00
C ASN L 273 31.64 8.96 12.53
N THR L 274 31.35 8.45 13.72
CA THR L 274 30.10 8.80 14.38
C THR L 274 30.13 10.23 14.89
N ILE L 275 31.33 10.78 15.04
CA ILE L 275 31.59 12.13 15.51
C ILE L 275 32.50 12.75 14.47
N PRO L 276 32.29 13.99 14.05
CA PRO L 276 33.20 14.59 13.06
C PRO L 276 34.61 14.68 13.60
N GLN L 277 35.59 14.41 12.74
CA GLN L 277 36.97 14.27 13.15
C GLN L 277 37.94 15.20 12.44
N GLU L 278 37.47 16.04 11.51
CA GLU L 278 38.39 16.81 10.67
C GLU L 278 39.29 17.72 11.51
N ASP L 279 38.73 18.38 12.52
CA ASP L 279 39.51 19.29 13.34
C ASP L 279 40.58 18.54 14.13
N LYS L 280 40.23 17.38 14.69
CA LYS L 280 41.19 16.61 15.45
C LYS L 280 42.30 16.05 14.55
N MET L 281 41.97 15.64 13.34
CA MET L 281 42.98 15.13 12.41
C MET L 281 44.01 16.20 12.07
N LYS L 282 43.61 17.47 12.10
CA LYS L 282 44.55 18.55 11.84
C LYS L 282 45.68 18.57 12.86
N HIS L 283 45.34 18.38 14.14
CA HIS L 283 46.31 18.47 15.21
C HIS L 283 46.84 17.12 15.65
N CYS L 284 46.41 16.01 15.05
CA CYS L 284 46.87 14.69 15.46
C CYS L 284 47.07 13.84 14.22
N SER L 285 48.31 13.53 13.91
CA SER L 285 48.63 12.82 12.67
C SER L 285 48.15 11.38 12.68
N LYS L 286 48.15 10.74 13.84
CA LYS L 286 47.91 9.31 13.91
C LYS L 286 46.44 8.94 14.07
N ILE L 287 45.53 9.90 14.04
CA ILE L 287 44.12 9.58 14.02
C ILE L 287 43.70 9.17 12.60
N GLN L 288 42.98 8.07 12.48
CA GLN L 288 42.43 7.62 11.22
C GLN L 288 40.95 7.34 11.40
N VAL L 289 40.19 7.43 10.31
CA VAL L 289 38.70 7.31 10.42
C VAL L 289 38.15 6.12 9.63
N ILE L 290 37.25 5.32 10.23
CA ILE L 290 36.57 4.23 9.47
C ILE L 290 35.14 4.72 9.17
N ASP L 291 34.77 4.79 7.89
CA ASP L 291 33.43 5.21 7.52
C ASP L 291 32.44 4.14 7.95
N ILE L 292 31.41 4.54 8.69
CA ILE L 292 30.30 3.66 9.00
C ILE L 292 28.99 4.17 8.41
N SER L 293 29.07 5.15 7.50
CA SER L 293 27.87 5.67 6.88
C SER L 293 27.14 4.62 6.05
N MET L 294 27.85 3.61 5.53
CA MET L 294 27.15 2.55 4.81
C MET L 294 26.27 1.74 5.76
N ILE L 295 26.75 1.46 6.97
CA ILE L 295 25.95 0.71 7.92
C ILE L 295 24.71 1.51 8.31
N LEU L 296 24.88 2.80 8.59
CA LEU L 296 23.75 3.63 8.97
C LEU L 296 22.74 3.76 7.83
N ALA L 297 23.24 3.97 6.61
CA ALA L 297 22.35 4.08 5.45
C ALA L 297 21.59 2.79 5.22
N GLU L 298 22.28 1.64 5.32
CA GLU L 298 21.61 0.37 5.14
C GLU L 298 20.57 0.13 6.24
N ALA L 299 20.89 0.52 7.48
CA ALA L 299 19.92 0.38 8.55
C ALA L 299 18.68 1.23 8.29
N ILE L 300 18.87 2.47 7.84
CA ILE L 300 17.74 3.33 7.53
C ILE L 300 16.90 2.70 6.44
N ARG L 301 17.55 2.26 5.37
CA ARG L 301 16.81 1.71 4.21
C ARG L 301 16.06 0.44 4.65
N ARG L 302 16.70 -0.41 5.48
CA ARG L 302 16.05 -1.65 5.88
C ARG L 302 14.89 -1.42 6.84
N THR L 303 15.01 -0.44 7.75
CA THR L 303 13.86 -0.10 8.58
C THR L 303 12.74 0.46 7.73
N HIS L 304 13.07 1.25 6.72
CA HIS L 304 12.03 1.79 5.85
C HIS L 304 11.35 0.69 5.04
N ASN L 305 12.11 -0.24 4.49
CA ASN L 305 11.54 -1.26 3.64
C ASN L 305 11.07 -2.49 4.39
N GLY L 306 11.20 -2.51 5.71
CA GLY L 306 10.82 -3.69 6.46
C GLY L 306 11.71 -4.89 6.27
N GLU L 307 12.96 -4.69 5.86
CA GLU L 307 13.89 -5.79 5.80
C GLU L 307 14.61 -5.97 7.13
N SER L 308 15.35 -7.06 7.25
CA SER L 308 16.03 -7.37 8.49
C SER L 308 17.19 -6.41 8.74
N VAL L 309 17.22 -5.80 9.92
CA VAL L 309 18.33 -4.93 10.29
C VAL L 309 19.46 -5.77 10.90
N SER L 310 19.12 -6.80 11.67
CA SER L 310 20.11 -7.60 12.37
C SER L 310 21.06 -8.31 11.40
N TYR L 311 20.67 -8.40 10.14
CA TYR L 311 21.53 -8.89 9.07
C TYR L 311 22.84 -8.12 9.05
N LEU L 312 22.80 -6.84 9.41
CA LEU L 312 23.96 -5.99 9.44
C LEU L 312 24.90 -6.27 10.61
N PHE L 313 24.48 -7.04 11.62
CA PHE L 313 25.36 -7.31 12.74
C PHE L 313 26.61 -8.06 12.31
N SER L 314 26.53 -8.80 11.21
CA SER L 314 27.63 -9.63 10.75
C SER L 314 28.04 -9.40 9.31
N HIS L 315 27.37 -8.51 8.58
CA HIS L 315 27.62 -8.36 7.15
C HIS L 315 27.93 -6.91 6.83
N VAL L 316 29.04 -6.67 6.16
CA VAL L 316 29.37 -5.33 5.66
C VAL L 316 28.63 -5.11 4.34
N PRO L 317 27.78 -4.08 4.24
CA PRO L 317 27.04 -3.81 3.01
C PRO L 317 27.83 -2.96 2.01
P PO4 M . -9.84 28.06 -39.00
O1 PO4 M . -9.56 28.71 -37.66
O2 PO4 M . -10.94 27.03 -38.85
O3 PO4 M . -8.56 27.37 -39.50
O4 PO4 M . -10.25 29.12 -40.01
P PO4 N . -14.63 9.22 -13.05
O1 PO4 N . -15.61 10.05 -12.26
O2 PO4 N . -13.76 10.12 -13.87
O3 PO4 N . -13.77 8.43 -12.10
O4 PO4 N . -15.39 8.31 -13.95
P PO4 O . -34.73 8.83 -33.95
O1 PO4 O . -35.87 9.68 -33.41
O2 PO4 O . -35.09 8.31 -35.33
O3 PO4 O . -34.46 7.67 -33.01
O4 PO4 O . -33.46 9.68 -34.05
P PO4 P . -9.82 3.23 -53.95
O1 PO4 P . -8.99 4.06 -53.02
O2 PO4 P . -11.05 2.77 -53.23
O3 PO4 P . -9.04 2.03 -54.40
O4 PO4 P . -10.21 4.06 -55.14
P PO4 Q . -28.12 -33.24 -22.68
O1 PO4 Q . -28.46 -32.81 -21.27
O2 PO4 Q . -26.67 -33.70 -22.73
O3 PO4 Q . -28.31 -32.05 -23.63
O4 PO4 Q . -29.04 -34.37 -23.11
P PO4 R . -3.65 -20.65 -5.52
O1 PO4 R . -3.65 -21.54 -4.31
O2 PO4 R . -5.03 -20.55 -6.09
O3 PO4 R . -3.18 -19.28 -5.14
O4 PO4 R . -2.73 -21.23 -6.55
P PO4 S . 1.53 -44.73 -20.75
O1 PO4 S . 1.53 -45.85 -19.72
O2 PO4 S . 1.82 -45.31 -22.13
O3 PO4 S . 2.60 -43.71 -20.39
O4 PO4 S . 0.16 -44.05 -20.75
P PO4 T . -11.22 -28.38 -45.68
O1 PO4 T . -12.09 -27.70 -44.69
O2 PO4 T . -10.04 -28.98 -44.98
O3 PO4 T . -10.73 -27.39 -46.70
O4 PO4 T . -12.01 -29.46 -46.37
P PO4 U . 35.95 -18.19 -27.92
O1 PO4 U . 36.11 -18.16 -26.41
O2 PO4 U . 35.59 -16.79 -28.42
O3 PO4 U . 34.82 -19.15 -28.29
O4 PO4 U . 37.24 -18.66 -28.57
P PO4 V . 17.51 3.37 -12.21
O1 PO4 V . 18.54 4.16 -11.45
O2 PO4 V . 17.98 1.97 -12.43
O3 PO4 V . 16.22 3.34 -11.43
O4 PO4 V . 17.28 4.02 -13.54
P PO4 W . 31.30 12.11 -36.60
O1 PO4 W . 32.51 12.92 -36.11
O2 PO4 W . 31.28 12.11 -38.12
O3 PO4 W . 30.03 12.74 -36.06
O4 PO4 W . 31.41 10.68 -36.09
P PO4 X . 17.46 -13.81 -50.31
O1 PO4 X . 17.60 -14.49 -48.97
O2 PO4 X . 17.56 -12.33 -50.11
O3 PO4 X . 16.13 -14.15 -50.91
O4 PO4 X . 18.56 -14.30 -51.21
P PO4 Y . 12.83 42.78 21.01
O1 PO4 Y . 13.22 43.27 22.40
O2 PO4 Y . 11.34 42.49 20.98
O3 PO4 Y . 13.61 41.51 20.67
O4 PO4 Y . 13.16 43.85 19.98
P PO4 Z . -4.46 30.50 45.54
O1 PO4 Z . -4.95 31.75 46.21
O2 PO4 Z . -3.14 30.76 44.87
O3 PO4 Z . -4.27 29.43 46.58
O4 PO4 Z . -5.45 30.07 44.52
P PO4 AA . -18.84 39.54 22.05
O1 PO4 AA . -19.43 40.88 22.44
O2 PO4 AA . -19.24 39.21 20.61
O3 PO4 AA . -19.35 38.45 22.98
O4 PO4 AA . -17.33 39.61 22.14
P PO4 BA . 1.90 20.83 5.56
O1 PO4 BA . 2.91 21.16 6.62
O2 PO4 BA . 0.53 21.11 6.10
O3 PO4 BA . 2.00 19.38 5.19
O4 PO4 BA . 2.17 21.68 4.35
P PO4 CA . -36.66 0.78 33.01
O1 PO4 CA . -36.91 1.40 34.38
O2 PO4 CA . -35.67 -0.38 33.16
O3 PO4 CA . -36.07 1.83 32.09
O4 PO4 CA . -37.97 0.26 32.43
P PO4 DA . -11.73 -0.32 53.74
O1 PO4 DA . -12.36 -1.01 54.92
O2 PO4 DA . -12.77 0.46 52.98
O3 PO4 DA . -10.67 0.63 54.22
O4 PO4 DA . -11.13 -1.34 52.83
P PO4 EA . -17.88 -24.31 38.75
O1 PO4 EA . -18.60 -25.22 39.74
O2 PO4 EA . -17.76 -25.02 37.42
O3 PO4 EA . -16.50 -23.99 39.28
O4 PO4 EA . -18.68 -23.03 38.57
P PO4 FA . -16.82 -5.01 12.72
O1 PO4 FA . -17.33 -3.92 13.61
O2 PO4 FA . -16.23 -6.09 13.57
O3 PO4 FA . -15.76 -4.47 11.81
O4 PO4 FA . -17.96 -5.55 11.90
P PO4 GA . 25.91 -19.87 37.13
O1 PO4 GA . 25.87 -19.86 38.66
O2 PO4 GA . 26.41 -18.52 36.63
O3 PO4 GA . 24.51 -20.14 36.59
O4 PO4 GA . 26.85 -20.97 36.66
P PO4 HA . 19.50 8.89 50.68
O1 PO4 HA . 20.68 9.05 51.61
O2 PO4 HA . 19.20 7.43 50.49
O3 PO4 HA . 18.31 9.56 51.28
O4 PO4 HA . 19.82 9.49 49.36
P PO4 IA . 38.92 7.96 28.70
O1 PO4 IA . 40.28 8.05 29.37
O2 PO4 IA . 39.09 7.89 27.19
O3 PO4 IA . 38.09 9.18 29.07
O4 PO4 IA . 38.20 6.70 29.18
P PO4 JA . 15.57 -7.68 12.53
O1 PO4 JA . 15.15 -8.26 13.84
O2 PO4 JA . 16.39 -6.46 12.77
O3 PO4 JA . 14.35 -7.31 11.73
O4 PO4 JA . 16.36 -8.70 11.77
#